data_2CR9
#
_entry.id   2CR9
#
_entity_poly.entity_id   1
_entity_poly.type   'polypeptide(L)'
_entity_poly.pdbx_seq_one_letter_code
;GSSGSSGKSEKRMKLTLKGGAAVDPDSGLEHSAHVLEKGGKVFSATLGLVDIVKGTNSYYKLQLLEDDKENRYWIFRSWG
RVGTVIGSNKLEQMPSKEDAIEHFMKLYEEKTGNAWHSKNFTKYPKKFYPLEISGPSSG
;
_entity_poly.pdbx_strand_id   A
#
# COMPACT_ATOMS: atom_id res chain seq x y z
N GLY A 1 -16.93 -0.02 -47.94
CA GLY A 1 -17.28 -1.05 -46.98
C GLY A 1 -17.79 -0.44 -45.69
N SER A 2 -18.41 -1.29 -44.88
CA SER A 2 -18.96 -0.84 -43.60
C SER A 2 -19.65 -2.01 -42.90
N SER A 3 -19.68 -1.92 -41.57
CA SER A 3 -20.32 -2.95 -40.77
C SER A 3 -20.31 -2.55 -39.29
N GLY A 4 -21.03 -3.32 -38.50
CA GLY A 4 -21.13 -3.05 -37.08
C GLY A 4 -21.96 -4.12 -36.36
N SER A 5 -21.82 -4.16 -35.05
CA SER A 5 -22.55 -5.12 -34.25
C SER A 5 -22.27 -4.89 -32.76
N SER A 6 -23.08 -5.54 -31.93
CA SER A 6 -22.92 -5.41 -30.49
C SER A 6 -23.82 -6.43 -29.78
N GLY A 7 -23.62 -6.53 -28.47
CA GLY A 7 -24.40 -7.46 -27.67
C GLY A 7 -24.14 -7.24 -26.17
N LYS A 8 -25.02 -7.80 -25.37
CA LYS A 8 -24.91 -7.68 -23.93
C LYS A 8 -25.71 -8.80 -23.25
N SER A 9 -24.98 -9.69 -22.60
CA SER A 9 -25.61 -10.81 -21.92
C SER A 9 -24.57 -11.55 -21.08
N GLU A 10 -24.87 -11.66 -19.79
CA GLU A 10 -23.99 -12.34 -18.86
C GLU A 10 -24.75 -12.79 -17.62
N LYS A 11 -24.17 -13.76 -16.93
CA LYS A 11 -24.80 -14.29 -15.72
C LYS A 11 -23.82 -14.14 -14.55
N ARG A 12 -24.14 -13.19 -13.68
CA ARG A 12 -23.31 -12.93 -12.51
C ARG A 12 -23.34 -14.13 -11.57
N MET A 13 -22.25 -14.87 -11.56
CA MET A 13 -22.13 -16.03 -10.70
C MET A 13 -20.86 -15.97 -9.86
N LYS A 14 -20.97 -15.29 -8.73
CA LYS A 14 -19.84 -15.14 -7.82
C LYS A 14 -18.71 -14.41 -8.54
N LEU A 15 -18.84 -13.09 -8.58
CA LEU A 15 -17.83 -12.26 -9.23
C LEU A 15 -17.94 -10.83 -8.70
N THR A 16 -16.79 -10.28 -8.32
CA THR A 16 -16.74 -8.93 -7.80
C THR A 16 -15.82 -8.06 -8.66
N LEU A 17 -16.40 -7.55 -9.75
CA LEU A 17 -15.66 -6.70 -10.67
C LEU A 17 -15.76 -5.25 -10.19
N LYS A 18 -14.67 -4.77 -9.63
CA LYS A 18 -14.62 -3.40 -9.14
C LYS A 18 -13.19 -3.07 -8.72
N GLY A 19 -12.97 -1.79 -8.46
CA GLY A 19 -11.65 -1.32 -8.06
C GLY A 19 -11.76 -0.24 -6.97
N GLY A 20 -10.68 0.51 -6.82
CA GLY A 20 -10.65 1.58 -5.83
C GLY A 20 -9.52 2.57 -6.14
N ALA A 21 -8.34 2.24 -5.63
CA ALA A 21 -7.18 3.08 -5.84
C ALA A 21 -6.52 2.73 -7.18
N ALA A 22 -5.65 3.62 -7.62
CA ALA A 22 -4.96 3.43 -8.88
C ALA A 22 -3.66 2.66 -8.64
N VAL A 23 -3.31 1.82 -9.60
CA VAL A 23 -2.10 1.01 -9.51
C VAL A 23 -0.97 1.72 -10.26
N ASP A 24 0.25 1.40 -9.87
CA ASP A 24 1.42 1.98 -10.51
C ASP A 24 1.67 1.28 -11.83
N PRO A 25 2.07 2.11 -12.85
CA PRO A 25 2.33 1.59 -14.18
C PRO A 25 3.67 0.84 -14.22
N ASP A 26 4.51 1.16 -13.24
CA ASP A 26 5.82 0.54 -13.14
C ASP A 26 5.66 -0.91 -12.69
N SER A 27 4.52 -1.19 -12.09
CA SER A 27 4.23 -2.52 -11.59
C SER A 27 3.80 -3.43 -12.76
N GLY A 28 3.19 -2.80 -13.76
CA GLY A 28 2.73 -3.52 -14.93
C GLY A 28 1.46 -4.31 -14.61
N LEU A 29 0.87 -3.99 -13.47
CA LEU A 29 -0.35 -4.66 -13.05
C LEU A 29 -1.50 -3.64 -13.01
N GLU A 30 -1.22 -2.47 -13.54
CA GLU A 30 -2.22 -1.40 -13.58
C GLU A 30 -3.27 -1.69 -14.65
N HIS A 31 -2.90 -2.57 -15.57
CA HIS A 31 -3.79 -2.94 -16.66
C HIS A 31 -4.13 -4.42 -16.55
N SER A 32 -3.75 -5.01 -15.43
CA SER A 32 -4.00 -6.42 -15.19
C SER A 32 -4.59 -6.62 -13.79
N ALA A 33 -3.86 -6.12 -12.81
CA ALA A 33 -4.30 -6.23 -11.42
C ALA A 33 -4.83 -4.87 -10.94
N HIS A 34 -5.25 -4.85 -9.69
CA HIS A 34 -5.78 -3.63 -9.11
C HIS A 34 -5.48 -3.61 -7.60
N VAL A 35 -5.52 -2.41 -7.04
CA VAL A 35 -5.25 -2.25 -5.62
C VAL A 35 -6.13 -3.20 -4.82
N LEU A 36 -5.50 -3.89 -3.88
CA LEU A 36 -6.21 -4.84 -3.05
C LEU A 36 -7.04 -4.08 -2.01
N GLU A 37 -8.36 -4.20 -2.15
CA GLU A 37 -9.27 -3.53 -1.24
C GLU A 37 -9.83 -4.53 -0.22
N LYS A 38 -9.87 -4.11 1.03
CA LYS A 38 -10.38 -4.94 2.09
C LYS A 38 -11.09 -4.07 3.13
N GLY A 39 -12.10 -4.67 3.76
CA GLY A 39 -12.86 -3.96 4.77
C GLY A 39 -13.19 -2.54 4.32
N GLY A 40 -13.68 -2.45 3.08
CA GLY A 40 -14.03 -1.15 2.51
C GLY A 40 -12.86 -0.17 2.63
N LYS A 41 -11.66 -0.71 2.57
CA LYS A 41 -10.46 0.10 2.66
C LYS A 41 -9.58 -0.16 1.44
N VAL A 42 -8.52 0.64 1.34
CA VAL A 42 -7.59 0.51 0.23
C VAL A 42 -6.19 0.24 0.77
N PHE A 43 -5.48 -0.64 0.09
CA PHE A 43 -4.12 -0.98 0.49
C PHE A 43 -3.10 -0.08 -0.20
N SER A 44 -3.35 1.22 -0.11
CA SER A 44 -2.46 2.19 -0.72
C SER A 44 -2.06 3.25 0.31
N ALA A 45 -0.85 3.09 0.85
CA ALA A 45 -0.34 4.03 1.84
C ALA A 45 0.93 4.67 1.30
N THR A 46 1.06 5.97 1.58
CA THR A 46 2.22 6.72 1.15
C THR A 46 2.97 7.29 2.35
N LEU A 47 4.11 6.68 2.64
CA LEU A 47 4.93 7.10 3.76
C LEU A 47 6.06 7.99 3.24
N GLY A 48 6.65 8.75 4.16
CA GLY A 48 7.74 9.64 3.80
C GLY A 48 8.61 9.95 5.02
N LEU A 49 9.92 9.96 4.79
CA LEU A 49 10.86 10.23 5.86
C LEU A 49 12.04 11.04 5.29
N VAL A 50 12.42 12.06 6.05
CA VAL A 50 13.52 12.92 5.64
C VAL A 50 14.30 13.38 6.87
N ASP A 51 15.59 13.09 6.86
CA ASP A 51 16.46 13.46 7.96
C ASP A 51 16.76 14.95 7.90
N ILE A 52 16.93 15.55 9.06
CA ILE A 52 17.22 16.97 9.14
C ILE A 52 18.74 17.17 9.14
N VAL A 53 19.43 16.22 9.74
CA VAL A 53 20.89 16.28 9.81
C VAL A 53 21.47 15.80 8.48
N LYS A 54 21.16 14.56 8.14
CA LYS A 54 21.66 13.98 6.90
C LYS A 54 21.08 14.75 5.72
N GLY A 55 20.08 15.56 6.02
CA GLY A 55 19.44 16.35 4.98
C GLY A 55 18.94 15.47 3.83
N THR A 56 18.83 14.18 4.13
CA THR A 56 18.37 13.23 3.13
C THR A 56 16.87 13.02 3.25
N ASN A 57 16.20 13.07 2.10
CA ASN A 57 14.76 12.90 2.05
C ASN A 57 14.44 11.55 1.39
N SER A 58 13.62 10.78 2.08
CA SER A 58 13.23 9.46 1.57
C SER A 58 11.71 9.38 1.47
N TYR A 59 11.26 8.41 0.70
CA TYR A 59 9.83 8.21 0.50
C TYR A 59 9.51 6.73 0.21
N TYR A 60 8.70 6.16 1.09
CA TYR A 60 8.31 4.77 0.95
C TYR A 60 6.84 4.65 0.55
N LYS A 61 6.60 3.84 -0.47
CA LYS A 61 5.25 3.63 -0.96
C LYS A 61 4.91 2.14 -0.89
N LEU A 62 3.70 1.86 -0.44
CA LEU A 62 3.25 0.48 -0.32
C LEU A 62 1.90 0.33 -1.02
N GLN A 63 1.79 -0.72 -1.81
CA GLN A 63 0.56 -0.99 -2.54
C GLN A 63 0.40 -2.50 -2.77
N LEU A 64 -0.71 -3.02 -2.27
CA LEU A 64 -1.00 -4.44 -2.40
C LEU A 64 -1.92 -4.65 -3.60
N LEU A 65 -1.34 -5.10 -4.70
CA LEU A 65 -2.09 -5.34 -5.92
C LEU A 65 -2.68 -6.76 -5.87
N GLU A 66 -3.87 -6.88 -6.43
CA GLU A 66 -4.55 -8.17 -6.45
C GLU A 66 -4.83 -8.59 -7.89
N ASP A 67 -4.45 -9.82 -8.21
CA ASP A 67 -4.66 -10.35 -9.55
C ASP A 67 -6.15 -10.56 -9.78
N ASP A 68 -6.62 -10.02 -10.90
CA ASP A 68 -8.03 -10.14 -11.24
C ASP A 68 -8.17 -11.11 -12.43
N LYS A 69 -7.46 -12.22 -12.35
CA LYS A 69 -7.50 -13.22 -13.40
C LYS A 69 -8.14 -14.50 -12.85
N GLU A 70 -7.42 -15.13 -11.93
CA GLU A 70 -7.89 -16.36 -11.32
C GLU A 70 -7.83 -16.26 -9.79
N ASN A 71 -6.65 -15.93 -9.30
CA ASN A 71 -6.44 -15.80 -7.87
C ASN A 71 -4.95 -15.65 -7.59
N ARG A 72 -4.49 -14.42 -7.65
CA ARG A 72 -3.09 -14.13 -7.40
C ARG A 72 -2.92 -12.71 -6.87
N TYR A 73 -1.73 -12.44 -6.35
CA TYR A 73 -1.44 -11.12 -5.80
C TYR A 73 0.06 -10.83 -5.86
N TRP A 74 0.38 -9.53 -5.85
CA TRP A 74 1.76 -9.10 -5.92
C TRP A 74 2.00 -8.13 -4.77
N ILE A 75 3.28 -7.87 -4.51
CA ILE A 75 3.66 -6.96 -3.44
C ILE A 75 4.61 -5.90 -4.00
N PHE A 76 4.05 -4.72 -4.21
CA PHE A 76 4.84 -3.61 -4.74
C PHE A 76 5.44 -2.77 -3.60
N ARG A 77 6.71 -2.44 -3.77
CA ARG A 77 7.42 -1.66 -2.77
C ARG A 77 8.37 -0.67 -3.45
N SER A 78 8.08 0.61 -3.28
CA SER A 78 8.89 1.65 -3.87
C SER A 78 9.68 2.38 -2.77
N TRP A 79 10.91 2.74 -3.11
CA TRP A 79 11.78 3.43 -2.17
C TRP A 79 12.81 4.22 -2.98
N GLY A 80 13.48 5.13 -2.29
CA GLY A 80 14.50 5.95 -2.92
C GLY A 80 14.36 7.41 -2.49
N ARG A 81 15.45 8.16 -2.67
CA ARG A 81 15.46 9.56 -2.31
C ARG A 81 14.39 10.32 -3.10
N VAL A 82 14.22 11.59 -2.74
CA VAL A 82 13.23 12.42 -3.40
C VAL A 82 13.91 13.20 -4.53
N GLY A 83 13.48 12.90 -5.75
CA GLY A 83 14.03 13.57 -6.92
C GLY A 83 15.56 13.46 -6.93
N THR A 84 16.04 12.29 -7.30
CA THR A 84 17.47 12.06 -7.37
C THR A 84 17.78 10.95 -8.37
N VAL A 85 19.01 10.44 -8.29
CA VAL A 85 19.45 9.39 -9.18
C VAL A 85 18.89 8.05 -8.69
N ILE A 86 18.41 8.06 -7.45
CA ILE A 86 17.85 6.87 -6.85
C ILE A 86 16.45 6.62 -7.42
N GLY A 87 15.95 5.42 -7.19
CA GLY A 87 14.63 5.06 -7.67
C GLY A 87 14.57 3.57 -8.04
N SER A 88 14.01 2.78 -7.13
CA SER A 88 13.89 1.36 -7.34
C SER A 88 12.58 0.84 -6.76
N ASN A 89 12.08 -0.24 -7.34
CA ASN A 89 10.84 -0.83 -6.88
C ASN A 89 11.00 -2.35 -6.80
N LYS A 90 10.10 -2.98 -6.08
CA LYS A 90 10.12 -4.43 -5.91
C LYS A 90 8.75 -5.01 -6.26
N LEU A 91 8.78 -6.09 -7.01
CA LEU A 91 7.54 -6.74 -7.42
C LEU A 91 7.69 -8.26 -7.24
N GLU A 92 6.88 -8.81 -6.36
CA GLU A 92 6.91 -10.24 -6.09
C GLU A 92 5.49 -10.79 -5.99
N GLN A 93 5.31 -11.99 -6.51
CA GLN A 93 4.01 -12.64 -6.48
C GLN A 93 3.81 -13.38 -5.16
N MET A 94 2.61 -13.23 -4.62
CA MET A 94 2.27 -13.87 -3.36
C MET A 94 1.54 -15.19 -3.60
N PRO A 95 1.71 -16.13 -2.62
CA PRO A 95 1.08 -17.43 -2.70
C PRO A 95 -0.42 -17.33 -2.40
N SER A 96 -0.72 -16.74 -1.26
CA SER A 96 -2.11 -16.57 -0.84
C SER A 96 -2.40 -15.09 -0.58
N LYS A 97 -3.65 -14.72 -0.83
CA LYS A 97 -4.07 -13.35 -0.62
C LYS A 97 -3.56 -12.86 0.73
N GLU A 98 -3.72 -13.71 1.74
CA GLU A 98 -3.28 -13.36 3.07
C GLU A 98 -1.77 -13.07 3.08
N ASP A 99 -1.01 -14.04 2.61
CA ASP A 99 0.43 -13.91 2.55
C ASP A 99 0.79 -12.54 1.97
N ALA A 100 -0.12 -12.04 1.14
CA ALA A 100 0.09 -10.74 0.51
C ALA A 100 -0.30 -9.63 1.49
N ILE A 101 -1.39 -9.87 2.20
CA ILE A 101 -1.88 -8.91 3.17
C ILE A 101 -0.90 -8.83 4.34
N GLU A 102 -0.58 -10.01 4.88
CA GLU A 102 0.34 -10.09 6.01
C GLU A 102 1.60 -9.28 5.72
N HIS A 103 2.19 -9.57 4.57
CA HIS A 103 3.41 -8.87 4.16
C HIS A 103 3.14 -7.37 4.06
N PHE A 104 2.06 -7.05 3.37
CA PHE A 104 1.67 -5.66 3.19
C PHE A 104 1.36 -4.99 4.53
N MET A 105 0.93 -5.82 5.47
CA MET A 105 0.59 -5.33 6.80
C MET A 105 1.84 -5.22 7.68
N LYS A 106 2.74 -6.16 7.48
CA LYS A 106 3.99 -6.18 8.23
C LYS A 106 4.95 -5.15 7.65
N LEU A 107 5.02 -5.12 6.33
CA LEU A 107 5.90 -4.20 5.65
C LEU A 107 5.64 -2.78 6.16
N TYR A 108 4.39 -2.35 6.03
CA TYR A 108 4.00 -1.02 6.48
C TYR A 108 4.15 -0.89 7.99
N GLU A 109 4.39 -2.03 8.63
CA GLU A 109 4.56 -2.05 10.07
C GLU A 109 6.05 -1.94 10.44
N GLU A 110 6.89 -2.25 9.47
CA GLU A 110 8.33 -2.20 9.67
C GLU A 110 8.82 -0.76 9.49
N LYS A 111 8.32 -0.12 8.44
CA LYS A 111 8.71 1.25 8.14
C LYS A 111 8.24 2.16 9.28
N THR A 112 6.93 2.24 9.43
CA THR A 112 6.34 3.08 10.47
C THR A 112 6.66 2.50 11.85
N GLY A 113 6.67 1.18 11.91
CA GLY A 113 6.97 0.49 13.16
C GLY A 113 5.67 0.08 13.86
N ASN A 114 4.59 0.77 13.51
CA ASN A 114 3.29 0.47 14.09
C ASN A 114 2.49 -0.40 13.13
N ALA A 115 1.64 -1.24 13.71
CA ALA A 115 0.81 -2.12 12.92
C ALA A 115 -0.10 -1.30 12.00
N TRP A 116 -0.39 -1.86 10.84
CA TRP A 116 -1.25 -1.20 9.88
C TRP A 116 -2.57 -0.88 10.56
N HIS A 117 -3.22 -1.94 11.05
CA HIS A 117 -4.50 -1.79 11.72
C HIS A 117 -4.27 -1.53 13.21
N SER A 118 -3.70 -0.38 13.51
CA SER A 118 -3.42 -0.01 14.89
C SER A 118 -3.89 1.42 15.16
N LYS A 119 -4.14 1.70 16.42
CA LYS A 119 -4.60 3.02 16.83
C LYS A 119 -3.43 3.79 17.44
N ASN A 120 -3.54 5.11 17.39
CA ASN A 120 -2.50 5.98 17.93
C ASN A 120 -1.20 5.74 17.16
N PHE A 121 -0.62 6.84 16.69
CA PHE A 121 0.62 6.76 15.95
C PHE A 121 1.73 7.55 16.65
N THR A 122 2.80 6.84 16.96
CA THR A 122 3.94 7.46 17.64
C THR A 122 5.07 7.73 16.65
N LYS A 123 5.36 9.02 16.47
CA LYS A 123 6.42 9.42 15.56
C LYS A 123 7.77 8.99 16.12
N TYR A 124 8.21 7.82 15.71
CA TYR A 124 9.48 7.29 16.16
C TYR A 124 10.63 7.80 15.30
N PRO A 125 11.88 7.57 15.80
CA PRO A 125 13.06 8.00 15.08
C PRO A 125 13.33 7.10 13.88
N LYS A 126 13.39 7.71 12.71
CA LYS A 126 13.64 6.98 11.48
C LYS A 126 12.32 6.44 10.93
N LYS A 127 11.49 5.93 11.84
CA LYS A 127 10.21 5.39 11.46
C LYS A 127 9.53 6.33 10.48
N PHE A 128 8.97 5.75 9.44
CA PHE A 128 8.28 6.53 8.42
C PHE A 128 6.84 6.84 8.84
N TYR A 129 6.34 7.97 8.35
CA TYR A 129 4.99 8.39 8.67
C TYR A 129 4.17 8.62 7.39
N PRO A 130 2.83 8.70 7.58
CA PRO A 130 1.93 8.92 6.47
C PRO A 130 1.99 10.37 5.99
N LEU A 131 2.31 10.52 4.72
CA LEU A 131 2.40 11.84 4.12
C LEU A 131 0.99 12.42 3.95
N GLU A 132 0.34 12.00 2.87
CA GLU A 132 -0.99 12.46 2.58
C GLU A 132 -2.01 11.75 3.49
N ILE A 133 -2.45 12.46 4.51
CA ILE A 133 -3.41 11.92 5.45
C ILE A 133 -4.82 12.38 5.06
N SER A 134 -5.73 11.43 5.02
CA SER A 134 -7.11 11.73 4.66
C SER A 134 -8.04 10.63 5.18
N GLY A 135 -9.18 11.05 5.69
CA GLY A 135 -10.15 10.12 6.23
C GLY A 135 -10.21 10.20 7.76
N PRO A 136 -11.08 9.34 8.35
CA PRO A 136 -11.24 9.31 9.79
C PRO A 136 -10.04 8.63 10.46
N SER A 137 -9.93 8.86 11.76
CA SER A 137 -8.84 8.27 12.53
C SER A 137 -7.51 8.91 12.11
N SER A 138 -6.66 9.12 13.11
CA SER A 138 -5.36 9.71 12.86
C SER A 138 -5.52 11.08 12.20
N GLY A 139 -4.46 11.87 12.27
CA GLY A 139 -4.48 13.19 11.68
C GLY A 139 -5.28 14.17 12.54
N GLY A 1 -29.70 -14.71 -52.74
CA GLY A 1 -29.02 -14.46 -51.48
C GLY A 1 -29.81 -13.45 -50.63
N SER A 2 -29.28 -13.17 -49.44
CA SER A 2 -29.91 -12.23 -48.54
C SER A 2 -28.86 -11.55 -47.67
N SER A 3 -28.13 -12.37 -46.93
CA SER A 3 -27.09 -11.85 -46.06
C SER A 3 -27.69 -10.86 -45.07
N GLY A 4 -26.89 -10.52 -44.06
CA GLY A 4 -27.33 -9.58 -43.04
C GLY A 4 -26.19 -9.25 -42.08
N SER A 5 -26.40 -8.19 -41.31
CA SER A 5 -25.40 -7.75 -40.34
C SER A 5 -25.92 -6.57 -39.55
N SER A 6 -25.18 -6.21 -38.50
CA SER A 6 -25.56 -5.10 -37.65
C SER A 6 -24.38 -4.68 -36.78
N GLY A 7 -24.53 -3.54 -36.13
CA GLY A 7 -23.49 -3.02 -35.27
C GLY A 7 -23.92 -1.70 -34.63
N LYS A 8 -23.22 -1.33 -33.55
CA LYS A 8 -23.52 -0.11 -32.84
C LYS A 8 -22.37 0.21 -31.88
N SER A 9 -22.33 1.47 -31.45
CA SER A 9 -21.30 1.91 -30.53
C SER A 9 -21.93 2.68 -29.37
N GLU A 10 -21.84 2.10 -28.19
CA GLU A 10 -22.39 2.72 -27.00
C GLU A 10 -22.07 1.88 -25.76
N LYS A 11 -22.05 2.55 -24.62
CA LYS A 11 -21.77 1.88 -23.37
C LYS A 11 -22.29 2.74 -22.21
N ARG A 12 -22.70 2.05 -21.14
CA ARG A 12 -23.21 2.74 -19.97
C ARG A 12 -23.00 1.88 -18.72
N MET A 13 -21.83 2.02 -18.13
CA MET A 13 -21.50 1.27 -16.93
C MET A 13 -20.72 2.14 -15.93
N LYS A 14 -20.99 1.90 -14.65
CA LYS A 14 -20.33 2.64 -13.60
C LYS A 14 -18.81 2.44 -13.71
N LEU A 15 -18.10 3.15 -12.85
CA LEU A 15 -16.65 3.06 -12.83
C LEU A 15 -16.23 1.69 -12.29
N THR A 16 -16.30 0.70 -13.18
CA THR A 16 -15.93 -0.66 -12.81
C THR A 16 -14.46 -0.92 -13.13
N LEU A 17 -13.96 -0.21 -14.13
CA LEU A 17 -12.58 -0.35 -14.55
C LEU A 17 -11.66 0.08 -13.41
N LYS A 18 -11.63 1.39 -13.18
CA LYS A 18 -10.79 1.94 -12.12
C LYS A 18 -10.93 1.08 -10.87
N GLY A 19 -12.08 1.21 -10.22
CA GLY A 19 -12.36 0.45 -9.01
C GLY A 19 -11.80 1.17 -7.79
N GLY A 20 -10.90 0.48 -7.10
CA GLY A 20 -10.29 1.04 -5.90
C GLY A 20 -9.18 2.03 -6.27
N ALA A 21 -8.02 1.81 -5.67
CA ALA A 21 -6.88 2.67 -5.92
C ALA A 21 -6.26 2.32 -7.28
N ALA A 22 -5.43 3.22 -7.78
CA ALA A 22 -4.78 3.01 -9.06
C ALA A 22 -3.49 2.23 -8.86
N VAL A 23 -3.19 1.38 -9.82
CA VAL A 23 -2.00 0.56 -9.76
C VAL A 23 -0.86 1.26 -10.52
N ASP A 24 0.36 0.94 -10.11
CA ASP A 24 1.53 1.53 -10.75
C ASP A 24 1.82 0.80 -12.06
N PRO A 25 2.29 1.60 -13.06
CA PRO A 25 2.61 1.05 -14.37
C PRO A 25 3.91 0.25 -14.33
N ASP A 26 4.71 0.53 -13.31
CA ASP A 26 5.98 -0.15 -13.14
C ASP A 26 5.73 -1.58 -12.69
N SER A 27 4.53 -1.81 -12.19
CA SER A 27 4.15 -3.13 -11.71
C SER A 27 3.76 -4.02 -12.89
N GLY A 28 3.24 -3.39 -13.93
CA GLY A 28 2.83 -4.12 -15.12
C GLY A 28 1.51 -4.84 -14.90
N LEU A 29 0.91 -4.57 -13.74
CA LEU A 29 -0.36 -5.19 -13.39
C LEU A 29 -1.47 -4.15 -13.49
N GLU A 30 -1.06 -2.91 -13.79
CA GLU A 30 -2.01 -1.82 -13.91
C GLU A 30 -3.06 -2.14 -14.99
N HIS A 31 -2.71 -3.11 -15.83
CA HIS A 31 -3.60 -3.52 -16.90
C HIS A 31 -3.96 -4.99 -16.74
N SER A 32 -3.63 -5.52 -15.57
CA SER A 32 -3.91 -6.91 -15.27
C SER A 32 -4.54 -7.04 -13.89
N ALA A 33 -3.79 -6.60 -12.89
CA ALA A 33 -4.26 -6.66 -11.51
C ALA A 33 -4.67 -5.26 -11.06
N HIS A 34 -5.18 -5.19 -9.83
CA HIS A 34 -5.62 -3.92 -9.28
C HIS A 34 -5.32 -3.90 -7.78
N VAL A 35 -5.35 -2.70 -7.23
CA VAL A 35 -5.09 -2.52 -5.80
C VAL A 35 -6.00 -3.45 -5.01
N LEU A 36 -5.41 -4.09 -4.01
CA LEU A 36 -6.17 -5.00 -3.17
C LEU A 36 -6.97 -4.20 -2.14
N GLU A 37 -8.26 -4.48 -2.10
CA GLU A 37 -9.15 -3.79 -1.18
C GLU A 37 -9.69 -4.77 -0.14
N LYS A 38 -9.82 -4.27 1.09
CA LYS A 38 -10.33 -5.08 2.18
C LYS A 38 -11.05 -4.19 3.19
N GLY A 39 -12.07 -4.76 3.81
CA GLY A 39 -12.85 -4.03 4.79
C GLY A 39 -13.14 -2.60 4.32
N GLY A 40 -13.49 -2.50 3.04
CA GLY A 40 -13.79 -1.21 2.45
C GLY A 40 -12.60 -0.26 2.56
N LYS A 41 -11.41 -0.84 2.49
CA LYS A 41 -10.19 -0.06 2.59
C LYS A 41 -9.28 -0.40 1.41
N VAL A 42 -8.35 0.50 1.14
CA VAL A 42 -7.41 0.31 0.04
C VAL A 42 -6.02 0.03 0.62
N PHE A 43 -5.32 -0.90 -0.03
CA PHE A 43 -3.98 -1.25 0.41
C PHE A 43 -2.93 -0.37 -0.27
N SER A 44 -3.17 0.93 -0.20
CA SER A 44 -2.27 1.89 -0.80
C SER A 44 -1.97 3.02 0.19
N ALA A 45 -0.84 2.89 0.88
CA ALA A 45 -0.43 3.87 1.86
C ALA A 45 0.88 4.51 1.41
N THR A 46 0.96 5.83 1.59
CA THR A 46 2.14 6.57 1.21
C THR A 46 2.86 7.12 2.45
N LEU A 47 4.10 6.68 2.62
CA LEU A 47 4.89 7.11 3.75
C LEU A 47 6.00 8.05 3.27
N GLY A 48 6.62 8.72 4.23
CA GLY A 48 7.70 9.64 3.91
C GLY A 48 8.63 9.83 5.11
N LEU A 49 9.92 9.64 4.84
CA LEU A 49 10.92 9.77 5.88
C LEU A 49 12.02 10.72 5.40
N VAL A 50 12.51 11.53 6.33
CA VAL A 50 13.56 12.49 6.02
C VAL A 50 14.60 12.47 7.13
N ASP A 51 15.85 12.30 6.73
CA ASP A 51 16.95 12.26 7.69
C ASP A 51 17.44 13.69 7.95
N ILE A 52 17.30 14.12 9.19
CA ILE A 52 17.72 15.46 9.58
C ILE A 52 19.23 15.45 9.84
N VAL A 53 19.72 14.32 10.33
CA VAL A 53 21.13 14.18 10.63
C VAL A 53 21.90 13.95 9.33
N LYS A 54 21.46 12.95 8.58
CA LYS A 54 22.10 12.63 7.32
C LYS A 54 21.70 13.67 6.27
N GLY A 55 20.72 14.48 6.63
CA GLY A 55 20.24 15.52 5.73
C GLY A 55 19.78 14.93 4.40
N THR A 56 19.12 13.79 4.49
CA THR A 56 18.63 13.11 3.31
C THR A 56 17.10 12.99 3.36
N ASN A 57 16.50 12.83 2.18
CA ASN A 57 15.06 12.70 2.08
C ASN A 57 14.72 11.31 1.51
N SER A 58 13.73 10.69 2.12
CA SER A 58 13.30 9.38 1.68
C SER A 58 11.77 9.32 1.64
N TYR A 59 11.27 8.42 0.80
CA TYR A 59 9.83 8.25 0.65
C TYR A 59 9.48 6.81 0.25
N TYR A 60 8.54 6.24 0.98
CA TYR A 60 8.11 4.88 0.72
C TYR A 60 6.66 4.85 0.24
N LYS A 61 6.32 3.79 -0.47
CA LYS A 61 4.98 3.63 -1.00
C LYS A 61 4.57 2.15 -0.91
N LEU A 62 3.40 1.93 -0.35
CA LEU A 62 2.88 0.58 -0.20
C LEU A 62 1.72 0.37 -1.18
N GLN A 63 1.68 -0.84 -1.73
CA GLN A 63 0.63 -1.19 -2.68
C GLN A 63 0.52 -2.70 -2.82
N LEU A 64 -0.67 -3.21 -2.56
CA LEU A 64 -0.92 -4.64 -2.65
C LEU A 64 -1.82 -4.92 -3.86
N LEU A 65 -1.18 -5.33 -4.95
CA LEU A 65 -1.91 -5.63 -6.17
C LEU A 65 -2.56 -7.00 -6.06
N GLU A 66 -3.81 -7.07 -6.49
CA GLU A 66 -4.55 -8.33 -6.43
C GLU A 66 -5.04 -8.72 -7.83
N ASP A 67 -4.94 -10.01 -8.12
CA ASP A 67 -5.37 -10.52 -9.41
C ASP A 67 -6.86 -10.25 -9.59
N ASP A 68 -7.20 -9.80 -10.79
CA ASP A 68 -8.59 -9.50 -11.12
C ASP A 68 -9.44 -10.75 -10.89
N LYS A 69 -8.87 -11.89 -11.26
CA LYS A 69 -9.57 -13.16 -11.10
C LYS A 69 -9.64 -13.52 -9.62
N GLU A 70 -8.97 -12.71 -8.82
CA GLU A 70 -8.94 -12.94 -7.38
C GLU A 70 -8.34 -14.32 -7.07
N ASN A 71 -7.01 -14.37 -7.13
CA ASN A 71 -6.31 -15.60 -6.86
C ASN A 71 -4.83 -15.31 -6.64
N ARG A 72 -4.24 -14.62 -7.62
CA ARG A 72 -2.83 -14.27 -7.54
C ARG A 72 -2.69 -12.81 -7.11
N TYR A 73 -1.68 -12.58 -6.28
CA TYR A 73 -1.41 -11.24 -5.78
C TYR A 73 0.08 -10.92 -5.85
N TRP A 74 0.39 -9.63 -5.72
CA TRP A 74 1.76 -9.18 -5.76
C TRP A 74 1.97 -8.15 -4.64
N ILE A 75 3.23 -7.94 -4.30
CA ILE A 75 3.57 -7.00 -3.25
C ILE A 75 4.46 -5.90 -3.82
N PHE A 76 3.87 -4.75 -4.05
CA PHE A 76 4.60 -3.61 -4.59
C PHE A 76 5.17 -2.74 -3.48
N ARG A 77 6.41 -2.32 -3.68
CA ARG A 77 7.09 -1.48 -2.70
C ARG A 77 8.06 -0.53 -3.40
N SER A 78 7.76 0.76 -3.28
CA SER A 78 8.60 1.78 -3.88
C SER A 78 9.35 2.55 -2.81
N TRP A 79 10.59 2.92 -3.13
CA TRP A 79 11.41 3.67 -2.21
C TRP A 79 12.40 4.51 -3.02
N GLY A 80 13.20 5.28 -2.31
CA GLY A 80 14.18 6.14 -2.94
C GLY A 80 14.19 7.53 -2.32
N ARG A 81 15.08 8.37 -2.82
CA ARG A 81 15.21 9.73 -2.33
C ARG A 81 14.11 10.62 -2.93
N VAL A 82 14.04 11.84 -2.43
CA VAL A 82 13.05 12.78 -2.92
C VAL A 82 13.71 13.75 -3.91
N GLY A 83 13.25 13.67 -5.15
CA GLY A 83 13.78 14.52 -6.20
C GLY A 83 15.27 14.28 -6.40
N THR A 84 15.62 13.01 -6.49
CA THR A 84 17.02 12.62 -6.68
C THR A 84 17.14 11.57 -7.78
N VAL A 85 18.36 11.09 -7.97
CA VAL A 85 18.62 10.08 -8.98
C VAL A 85 18.17 8.71 -8.45
N ILE A 86 18.31 8.55 -7.14
CA ILE A 86 17.92 7.30 -6.49
C ILE A 86 16.43 7.05 -6.74
N GLY A 87 16.04 5.79 -6.60
CA GLY A 87 14.66 5.40 -6.80
C GLY A 87 14.55 3.99 -7.36
N SER A 88 13.93 3.12 -6.58
CA SER A 88 13.76 1.74 -6.98
C SER A 88 12.42 1.20 -6.45
N ASN A 89 12.05 0.03 -6.96
CA ASN A 89 10.82 -0.60 -6.55
C ASN A 89 11.04 -2.10 -6.39
N LYS A 90 9.97 -2.80 -6.00
CA LYS A 90 10.05 -4.23 -5.82
C LYS A 90 8.66 -4.84 -6.04
N LEU A 91 8.63 -5.83 -6.92
CA LEU A 91 7.37 -6.51 -7.24
C LEU A 91 7.54 -8.01 -7.02
N GLU A 92 6.89 -8.50 -5.97
CA GLU A 92 6.95 -9.91 -5.65
C GLU A 92 5.55 -10.52 -5.65
N GLN A 93 5.46 -11.71 -6.24
CA GLN A 93 4.19 -12.40 -6.31
C GLN A 93 3.94 -13.21 -5.04
N MET A 94 2.82 -12.92 -4.39
CA MET A 94 2.46 -13.60 -3.17
C MET A 94 1.75 -14.93 -3.46
N PRO A 95 1.87 -15.87 -2.51
CA PRO A 95 1.26 -17.18 -2.65
C PRO A 95 -0.25 -17.11 -2.42
N SER A 96 -0.62 -16.59 -1.26
CA SER A 96 -2.02 -16.45 -0.90
C SER A 96 -2.36 -14.97 -0.66
N LYS A 97 -3.63 -14.67 -0.80
CA LYS A 97 -4.10 -13.30 -0.60
C LYS A 97 -3.66 -12.82 0.78
N GLU A 98 -3.89 -13.67 1.77
CA GLU A 98 -3.53 -13.34 3.14
C GLU A 98 -2.02 -13.08 3.24
N ASP A 99 -1.25 -14.06 2.81
CA ASP A 99 0.20 -13.95 2.83
C ASP A 99 0.61 -12.62 2.21
N ALA A 100 -0.25 -12.11 1.34
CA ALA A 100 0.02 -10.85 0.67
C ALA A 100 -0.35 -9.69 1.60
N ILE A 101 -1.49 -9.85 2.26
CA ILE A 101 -1.96 -8.83 3.19
C ILE A 101 -0.98 -8.72 4.36
N GLU A 102 -0.69 -9.86 4.96
CA GLU A 102 0.21 -9.90 6.10
C GLU A 102 1.51 -9.14 5.76
N HIS A 103 2.03 -9.42 4.58
CA HIS A 103 3.25 -8.77 4.14
C HIS A 103 3.02 -7.26 3.99
N PHE A 104 1.86 -6.93 3.43
CA PHE A 104 1.51 -5.53 3.24
C PHE A 104 1.24 -4.84 4.58
N MET A 105 0.74 -5.62 5.52
CA MET A 105 0.43 -5.10 6.84
C MET A 105 1.71 -4.91 7.67
N LYS A 106 2.65 -5.83 7.46
CA LYS A 106 3.92 -5.77 8.17
C LYS A 106 4.84 -4.77 7.47
N LEU A 107 4.85 -4.84 6.15
CA LEU A 107 5.67 -3.94 5.35
C LEU A 107 5.48 -2.51 5.83
N TYR A 108 4.22 -2.07 5.79
CA TYR A 108 3.88 -0.73 6.21
C TYR A 108 4.20 -0.53 7.70
N GLU A 109 4.47 -1.63 8.37
CA GLU A 109 4.79 -1.58 9.78
C GLU A 109 6.30 -1.60 9.99
N GLU A 110 7.00 -2.17 9.02
CA GLU A 110 8.45 -2.27 9.08
C GLU A 110 9.07 -0.88 8.91
N LYS A 111 8.35 -0.02 8.20
CA LYS A 111 8.82 1.33 7.96
C LYS A 111 8.38 2.23 9.12
N THR A 112 7.08 2.38 9.24
CA THR A 112 6.52 3.21 10.31
C THR A 112 6.86 2.62 11.68
N GLY A 113 6.81 1.30 11.74
CA GLY A 113 7.10 0.60 12.98
C GLY A 113 5.82 0.16 13.68
N ASN A 114 4.72 0.80 13.30
CA ASN A 114 3.43 0.49 13.89
C ASN A 114 2.65 -0.43 12.94
N ALA A 115 1.74 -1.19 13.52
CA ALA A 115 0.93 -2.11 12.74
C ALA A 115 -0.03 -1.31 11.86
N TRP A 116 -0.16 -1.76 10.62
CA TRP A 116 -1.04 -1.10 9.67
C TRP A 116 -2.34 -0.74 10.40
N HIS A 117 -2.72 -1.62 11.32
CA HIS A 117 -3.94 -1.41 12.09
C HIS A 117 -3.65 -1.62 13.58
N SER A 118 -3.30 -0.52 14.24
CA SER A 118 -2.99 -0.58 15.65
C SER A 118 -3.24 0.80 16.30
N LYS A 119 -4.52 1.15 16.37
CA LYS A 119 -4.90 2.42 16.95
C LYS A 119 -4.10 3.55 16.29
N ASN A 120 -4.32 4.75 16.79
CA ASN A 120 -3.63 5.92 16.26
C ASN A 120 -2.16 5.57 16.01
N PHE A 121 -1.56 6.31 15.10
CA PHE A 121 -0.15 6.08 14.76
C PHE A 121 0.76 7.05 15.53
N THR A 122 1.86 6.50 16.01
CA THR A 122 2.82 7.30 16.75
C THR A 122 4.01 7.67 15.87
N LYS A 123 4.12 8.96 15.59
CA LYS A 123 5.20 9.46 14.76
C LYS A 123 6.53 9.29 15.50
N TYR A 124 7.19 8.17 15.24
CA TYR A 124 8.46 7.88 15.87
C TYR A 124 9.62 8.45 15.05
N PRO A 125 10.80 8.54 15.73
CA PRO A 125 11.99 9.06 15.07
C PRO A 125 12.58 8.04 14.10
N LYS A 126 12.75 8.48 12.86
CA LYS A 126 13.29 7.62 11.83
C LYS A 126 12.19 6.67 11.32
N LYS A 127 11.02 6.80 11.92
CA LYS A 127 9.89 5.97 11.55
C LYS A 127 9.13 6.64 10.40
N PHE A 128 8.86 5.85 9.38
CA PHE A 128 8.14 6.34 8.22
C PHE A 128 6.68 6.67 8.57
N TYR A 129 6.31 7.92 8.34
CA TYR A 129 4.97 8.37 8.62
C TYR A 129 4.18 8.59 7.33
N PRO A 130 2.82 8.67 7.48
CA PRO A 130 1.95 8.90 6.34
C PRO A 130 2.02 10.35 5.88
N LEU A 131 2.43 10.52 4.62
CA LEU A 131 2.54 11.85 4.05
C LEU A 131 1.14 12.45 3.88
N GLU A 132 0.45 11.97 2.85
CA GLU A 132 -0.90 12.44 2.57
C GLU A 132 -1.83 12.11 3.74
N ILE A 133 -1.92 13.03 4.67
CA ILE A 133 -2.76 12.86 5.84
C ILE A 133 -4.18 12.49 5.38
N SER A 134 -4.74 11.49 6.04
CA SER A 134 -6.08 11.03 5.72
C SER A 134 -6.43 9.79 6.53
N GLY A 135 -7.20 10.01 7.58
CA GLY A 135 -7.62 8.92 8.45
C GLY A 135 -8.29 9.45 9.72
N PRO A 136 -9.26 8.65 10.24
CA PRO A 136 -9.98 9.03 11.44
C PRO A 136 -9.11 8.83 12.68
N SER A 137 -9.73 9.05 13.83
CA SER A 137 -9.04 8.90 15.10
C SER A 137 -9.33 7.53 15.70
N SER A 138 -10.62 7.26 15.86
CA SER A 138 -11.05 5.99 16.42
C SER A 138 -12.58 5.95 16.52
N GLY A 139 -13.12 6.89 17.28
CA GLY A 139 -14.55 6.97 17.45
C GLY A 139 -14.94 6.77 18.93
N GLY A 1 9.82 -39.39 14.80
CA GLY A 1 8.38 -39.27 14.72
C GLY A 1 7.90 -39.35 13.26
N SER A 2 6.76 -38.71 13.02
CA SER A 2 6.20 -38.69 11.67
C SER A 2 5.45 -37.37 11.44
N SER A 3 5.06 -37.17 10.20
CA SER A 3 4.34 -35.96 9.83
C SER A 3 3.99 -36.00 8.34
N GLY A 4 2.72 -36.29 8.07
CA GLY A 4 2.24 -36.36 6.71
C GLY A 4 2.04 -34.95 6.12
N SER A 5 1.00 -34.84 5.31
CA SER A 5 0.68 -33.56 4.68
C SER A 5 -0.55 -33.71 3.79
N SER A 6 -1.44 -32.73 3.89
CA SER A 6 -2.65 -32.73 3.10
C SER A 6 -3.36 -31.39 3.23
N GLY A 7 -4.36 -31.20 2.38
CA GLY A 7 -5.13 -29.97 2.38
C GLY A 7 -5.85 -29.76 1.05
N LYS A 8 -6.27 -28.53 0.83
CA LYS A 8 -6.97 -28.18 -0.40
C LYS A 8 -8.30 -28.93 -0.44
N SER A 9 -9.37 -28.16 -0.62
CA SER A 9 -10.70 -28.74 -0.68
C SER A 9 -11.76 -27.64 -0.61
N GLU A 10 -12.37 -27.36 -1.75
CA GLU A 10 -13.39 -26.33 -1.83
C GLU A 10 -12.82 -24.97 -1.41
N LYS A 11 -13.39 -23.92 -1.96
CA LYS A 11 -12.94 -22.58 -1.66
C LYS A 11 -14.04 -21.57 -2.05
N ARG A 12 -13.78 -20.32 -1.73
CA ARG A 12 -14.75 -19.27 -2.03
C ARG A 12 -14.01 -17.94 -2.27
N MET A 13 -14.65 -17.07 -3.04
CA MET A 13 -14.07 -15.78 -3.34
C MET A 13 -15.17 -14.75 -3.63
N LYS A 14 -15.45 -13.93 -2.63
CA LYS A 14 -16.46 -12.89 -2.76
C LYS A 14 -15.79 -11.55 -3.02
N LEU A 15 -15.91 -11.09 -4.26
CA LEU A 15 -15.32 -9.83 -4.65
C LEU A 15 -15.74 -9.49 -6.08
N THR A 16 -16.35 -8.32 -6.23
CA THR A 16 -16.81 -7.87 -7.54
C THR A 16 -17.40 -6.46 -7.44
N LEU A 17 -17.49 -5.81 -8.59
CA LEU A 17 -18.04 -4.47 -8.65
C LEU A 17 -17.03 -3.49 -8.05
N LYS A 18 -16.80 -3.64 -6.75
CA LYS A 18 -15.87 -2.77 -6.05
C LYS A 18 -14.65 -2.52 -6.94
N GLY A 19 -14.50 -1.25 -7.33
CA GLY A 19 -13.38 -0.86 -8.18
C GLY A 19 -12.05 -1.16 -7.51
N GLY A 20 -11.28 -0.11 -7.29
CA GLY A 20 -9.97 -0.25 -6.67
C GLY A 20 -9.10 0.98 -6.92
N ALA A 21 -8.03 1.08 -6.15
CA ALA A 21 -7.11 2.19 -6.28
C ALA A 21 -6.28 2.02 -7.56
N ALA A 22 -5.64 3.10 -7.97
CA ALA A 22 -4.81 3.08 -9.16
C ALA A 22 -3.56 2.25 -8.89
N VAL A 23 -3.10 1.57 -9.94
CA VAL A 23 -1.91 0.75 -9.82
C VAL A 23 -0.75 1.41 -10.56
N ASP A 24 0.46 0.99 -10.22
CA ASP A 24 1.66 1.54 -10.84
C ASP A 24 1.89 0.85 -12.19
N PRO A 25 2.32 1.66 -13.18
CA PRO A 25 2.59 1.14 -14.52
C PRO A 25 3.90 0.36 -14.54
N ASP A 26 4.72 0.61 -13.54
CA ASP A 26 6.01 -0.06 -13.44
C ASP A 26 5.79 -1.48 -12.92
N SER A 27 4.61 -1.70 -12.36
CA SER A 27 4.27 -3.01 -11.82
C SER A 27 3.81 -3.94 -12.95
N GLY A 28 3.23 -3.33 -13.98
CA GLY A 28 2.75 -4.09 -15.11
C GLY A 28 1.47 -4.84 -14.77
N LEU A 29 0.96 -4.57 -13.58
CA LEU A 29 -0.26 -5.21 -13.12
C LEU A 29 -1.40 -4.20 -13.13
N GLU A 30 -1.11 -3.03 -13.68
CA GLU A 30 -2.10 -1.97 -13.76
C GLU A 30 -3.12 -2.27 -14.87
N HIS A 31 -2.78 -3.26 -15.68
CA HIS A 31 -3.65 -3.65 -16.78
C HIS A 31 -4.08 -5.10 -16.59
N SER A 32 -3.80 -5.62 -15.40
CA SER A 32 -4.15 -7.00 -15.09
C SER A 32 -4.69 -7.08 -13.66
N ALA A 33 -3.90 -6.60 -12.73
CA ALA A 33 -4.29 -6.61 -11.33
C ALA A 33 -4.72 -5.20 -10.91
N HIS A 34 -5.11 -5.09 -9.65
CA HIS A 34 -5.55 -3.82 -9.11
C HIS A 34 -5.30 -3.78 -7.60
N VAL A 35 -5.26 -2.57 -7.07
CA VAL A 35 -5.01 -2.38 -5.65
C VAL A 35 -6.00 -3.24 -4.85
N LEU A 36 -5.47 -3.95 -3.88
CA LEU A 36 -6.27 -4.82 -3.04
C LEU A 36 -7.20 -3.96 -2.18
N GLU A 37 -8.30 -4.57 -1.75
CA GLU A 37 -9.26 -3.88 -0.91
C GLU A 37 -9.81 -4.83 0.16
N LYS A 38 -9.86 -4.32 1.38
CA LYS A 38 -10.37 -5.10 2.50
C LYS A 38 -11.00 -4.17 3.53
N GLY A 39 -11.98 -4.70 4.24
CA GLY A 39 -12.68 -3.93 5.25
C GLY A 39 -13.01 -2.52 4.74
N GLY A 40 -13.57 -2.47 3.54
CA GLY A 40 -13.93 -1.21 2.94
C GLY A 40 -12.75 -0.23 2.96
N LYS A 41 -11.58 -0.76 2.68
CA LYS A 41 -10.37 0.04 2.67
C LYS A 41 -9.55 -0.27 1.42
N VAL A 42 -8.53 0.52 1.20
CA VAL A 42 -7.65 0.34 0.04
C VAL A 42 -6.22 0.15 0.52
N PHE A 43 -5.56 -0.85 -0.06
CA PHE A 43 -4.18 -1.14 0.29
C PHE A 43 -3.21 -0.23 -0.48
N SER A 44 -3.42 1.06 -0.31
CA SER A 44 -2.58 2.05 -0.97
C SER A 44 -2.20 3.17 0.00
N ALA A 45 -1.02 3.04 0.58
CA ALA A 45 -0.54 4.03 1.52
C ALA A 45 0.77 4.62 1.02
N THR A 46 0.89 5.93 1.16
CA THR A 46 2.09 6.63 0.71
C THR A 46 2.86 7.17 1.92
N LEU A 47 3.89 6.43 2.30
CA LEU A 47 4.72 6.82 3.43
C LEU A 47 5.83 7.75 2.94
N GLY A 48 6.44 8.44 3.90
CA GLY A 48 7.50 9.37 3.58
C GLY A 48 8.41 9.61 4.80
N LEU A 49 9.68 9.31 4.61
CA LEU A 49 10.65 9.47 5.69
C LEU A 49 11.82 10.31 5.17
N VAL A 50 12.30 11.20 6.04
CA VAL A 50 13.41 12.05 5.69
C VAL A 50 14.36 12.17 6.89
N ASP A 51 15.64 12.01 6.61
CA ASP A 51 16.65 12.10 7.66
C ASP A 51 17.02 13.56 7.88
N ILE A 52 17.18 13.91 9.15
CA ILE A 52 17.54 15.27 9.51
C ILE A 52 19.05 15.38 9.69
N VAL A 53 19.64 14.26 10.12
CA VAL A 53 21.08 14.22 10.33
C VAL A 53 21.79 14.08 8.98
N LYS A 54 21.39 13.06 8.24
CA LYS A 54 21.97 12.82 6.93
C LYS A 54 21.34 13.75 5.90
N GLY A 55 20.28 14.41 6.34
CA GLY A 55 19.57 15.34 5.47
C GLY A 55 19.17 14.67 4.16
N THR A 56 18.87 13.38 4.26
CA THR A 56 18.47 12.62 3.10
C THR A 56 16.99 12.23 3.19
N ASN A 57 16.21 12.73 2.23
CA ASN A 57 14.78 12.45 2.20
C ASN A 57 14.57 11.04 1.67
N SER A 58 13.38 10.51 1.95
CA SER A 58 13.04 9.16 1.52
C SER A 58 11.52 9.04 1.39
N TYR A 59 11.10 8.27 0.40
CA TYR A 59 9.68 8.06 0.16
C TYR A 59 9.39 6.58 -0.13
N TYR A 60 8.58 5.99 0.74
CA TYR A 60 8.22 4.59 0.58
C TYR A 60 6.73 4.44 0.26
N LYS A 61 6.46 3.79 -0.86
CA LYS A 61 5.10 3.57 -1.30
C LYS A 61 4.76 2.09 -1.16
N LEU A 62 3.57 1.83 -0.64
CA LEU A 62 3.11 0.47 -0.45
C LEU A 62 1.77 0.29 -1.16
N GLN A 63 1.70 -0.77 -1.96
CA GLN A 63 0.48 -1.08 -2.69
C GLN A 63 0.37 -2.58 -2.93
N LEU A 64 -0.71 -3.15 -2.42
CA LEU A 64 -0.95 -4.58 -2.58
C LEU A 64 -1.88 -4.81 -3.76
N LEU A 65 -1.28 -5.13 -4.90
CA LEU A 65 -2.03 -5.38 -6.12
C LEU A 65 -2.61 -6.79 -6.07
N GLU A 66 -3.90 -6.88 -6.36
CA GLU A 66 -4.59 -8.16 -6.36
C GLU A 66 -5.13 -8.48 -7.76
N ASP A 67 -5.36 -9.76 -7.99
CA ASP A 67 -5.87 -10.21 -9.26
C ASP A 67 -7.24 -9.58 -9.52
N ASP A 68 -7.50 -9.28 -10.78
CA ASP A 68 -8.77 -8.67 -11.16
C ASP A 68 -9.90 -9.67 -10.92
N LYS A 69 -9.71 -10.87 -11.44
CA LYS A 69 -10.71 -11.92 -11.29
C LYS A 69 -10.05 -13.28 -11.50
N GLU A 70 -8.99 -13.52 -10.73
CA GLU A 70 -8.26 -14.78 -10.82
C GLU A 70 -7.99 -15.33 -9.43
N ASN A 71 -6.71 -15.30 -9.06
CA ASN A 71 -6.29 -15.79 -7.75
C ASN A 71 -4.79 -15.60 -7.59
N ARG A 72 -4.36 -14.35 -7.69
CA ARG A 72 -2.96 -14.03 -7.56
C ARG A 72 -2.79 -12.61 -7.00
N TYR A 73 -1.63 -12.38 -6.40
CA TYR A 73 -1.34 -11.08 -5.82
C TYR A 73 0.15 -10.74 -5.96
N TRP A 74 0.45 -9.47 -5.75
CA TRP A 74 1.83 -9.01 -5.85
C TRP A 74 2.07 -8.00 -4.72
N ILE A 75 3.34 -7.83 -4.37
CA ILE A 75 3.71 -6.91 -3.32
C ILE A 75 4.68 -5.87 -3.88
N PHE A 76 4.13 -4.70 -4.17
CA PHE A 76 4.93 -3.61 -4.72
C PHE A 76 5.48 -2.72 -3.61
N ARG A 77 6.73 -2.32 -3.77
CA ARG A 77 7.38 -1.47 -2.80
C ARG A 77 8.30 -0.46 -3.49
N SER A 78 8.23 0.78 -3.03
CA SER A 78 9.05 1.83 -3.59
C SER A 78 9.91 2.49 -2.50
N TRP A 79 11.01 3.08 -2.92
CA TRP A 79 11.91 3.73 -1.99
C TRP A 79 12.93 4.54 -2.81
N GLY A 80 13.21 5.74 -2.34
CA GLY A 80 14.15 6.61 -3.01
C GLY A 80 14.72 7.66 -2.05
N ARG A 81 15.12 8.79 -2.63
CA ARG A 81 15.67 9.87 -1.83
C ARG A 81 14.85 11.14 -2.02
N VAL A 82 13.81 11.01 -2.82
CA VAL A 82 12.93 12.15 -3.11
C VAL A 82 13.68 13.16 -3.98
N GLY A 83 14.52 13.95 -3.32
CA GLY A 83 15.30 14.96 -4.02
C GLY A 83 15.83 14.41 -5.34
N THR A 84 16.74 13.45 -5.23
CA THR A 84 17.33 12.84 -6.41
C THR A 84 16.24 12.36 -7.37
N VAL A 85 16.69 11.78 -8.48
CA VAL A 85 15.77 11.29 -9.48
C VAL A 85 15.65 9.76 -9.36
N ILE A 86 16.60 9.19 -8.63
CA ILE A 86 16.61 7.76 -8.43
C ILE A 86 15.19 7.27 -8.14
N GLY A 87 14.97 5.99 -8.44
CA GLY A 87 13.66 5.40 -8.22
C GLY A 87 13.75 3.87 -8.26
N SER A 88 13.83 3.27 -7.08
CA SER A 88 13.92 1.83 -6.97
C SER A 88 12.59 1.26 -6.44
N ASN A 89 12.14 0.20 -7.08
CA ASN A 89 10.90 -0.44 -6.67
C ASN A 89 11.09 -1.96 -6.67
N LYS A 90 10.21 -2.64 -5.96
CA LYS A 90 10.26 -4.09 -5.87
C LYS A 90 8.89 -4.67 -6.20
N LEU A 91 8.91 -5.83 -6.84
CA LEU A 91 7.67 -6.50 -7.21
C LEU A 91 7.81 -8.00 -6.95
N GLU A 92 7.02 -8.48 -5.99
CA GLU A 92 7.05 -9.89 -5.64
C GLU A 92 5.64 -10.49 -5.73
N GLN A 93 5.59 -11.73 -6.17
CA GLN A 93 4.33 -12.43 -6.31
C GLN A 93 4.00 -13.22 -5.04
N MET A 94 2.79 -13.04 -4.56
CA MET A 94 2.35 -13.73 -3.36
C MET A 94 1.58 -15.00 -3.70
N PRO A 95 1.72 -16.03 -2.82
CA PRO A 95 1.05 -17.29 -3.02
C PRO A 95 -0.44 -17.18 -2.69
N SER A 96 -0.71 -16.62 -1.53
CA SER A 96 -2.09 -16.44 -1.08
C SER A 96 -2.39 -14.96 -0.89
N LYS A 97 -3.68 -14.66 -0.75
CA LYS A 97 -4.12 -13.29 -0.57
C LYS A 97 -3.66 -12.81 0.81
N GLU A 98 -3.79 -13.69 1.78
CA GLU A 98 -3.40 -13.36 3.15
C GLU A 98 -1.89 -13.10 3.22
N ASP A 99 -1.14 -14.04 2.68
CA ASP A 99 0.31 -13.93 2.67
C ASP A 99 0.71 -12.56 2.10
N ALA A 100 -0.17 -12.03 1.26
CA ALA A 100 0.08 -10.73 0.63
C ALA A 100 -0.29 -9.63 1.62
N ILE A 101 -1.45 -9.80 2.25
CA ILE A 101 -1.92 -8.82 3.22
C ILE A 101 -0.93 -8.72 4.37
N GLU A 102 -0.57 -9.88 4.91
CA GLU A 102 0.36 -9.94 6.01
C GLU A 102 1.63 -9.15 5.68
N HIS A 103 2.26 -9.54 4.59
CA HIS A 103 3.48 -8.87 4.15
C HIS A 103 3.22 -7.37 4.01
N PHE A 104 2.04 -7.06 3.48
CA PHE A 104 1.66 -5.67 3.29
C PHE A 104 1.36 -4.99 4.63
N MET A 105 0.96 -5.80 5.59
CA MET A 105 0.63 -5.29 6.91
C MET A 105 1.89 -5.16 7.77
N LYS A 106 2.82 -6.07 7.55
CA LYS A 106 4.07 -6.07 8.29
C LYS A 106 5.01 -5.02 7.69
N LEU A 107 5.03 -4.98 6.37
CA LEU A 107 5.89 -4.03 5.66
C LEU A 107 5.62 -2.62 6.20
N TYR A 108 4.37 -2.21 6.08
CA TYR A 108 3.97 -0.88 6.55
C TYR A 108 4.15 -0.77 8.07
N GLU A 109 4.42 -1.91 8.68
CA GLU A 109 4.62 -1.94 10.12
C GLU A 109 6.11 -1.82 10.47
N GLU A 110 6.93 -2.13 9.48
CA GLU A 110 8.37 -2.07 9.66
C GLU A 110 8.88 -0.65 9.37
N LYS A 111 8.34 -0.06 8.32
CA LYS A 111 8.72 1.29 7.93
C LYS A 111 8.29 2.27 9.02
N THR A 112 6.98 2.34 9.24
CA THR A 112 6.44 3.24 10.24
C THR A 112 6.76 2.72 11.64
N GLY A 113 6.68 1.40 11.79
CA GLY A 113 6.96 0.77 13.07
C GLY A 113 5.66 0.42 13.80
N ASN A 114 4.59 1.08 13.39
CA ASN A 114 3.29 0.84 14.00
C ASN A 114 2.47 -0.07 13.08
N ALA A 115 1.55 -0.81 13.71
CA ALA A 115 0.69 -1.72 12.97
C ALA A 115 -0.18 -0.92 11.99
N TRP A 116 -0.52 -1.57 10.89
CA TRP A 116 -1.35 -0.93 9.88
C TRP A 116 -2.72 -0.66 10.49
N HIS A 117 -3.22 -1.66 11.23
CA HIS A 117 -4.51 -1.54 11.86
C HIS A 117 -4.37 -1.83 13.35
N SER A 118 -4.25 -0.75 14.13
CA SER A 118 -4.11 -0.88 15.57
C SER A 118 -5.03 0.13 16.28
N LYS A 119 -4.95 1.37 15.83
CA LYS A 119 -5.76 2.43 16.40
C LYS A 119 -5.19 3.79 15.99
N ASN A 120 -4.28 4.28 16.82
CA ASN A 120 -3.65 5.57 16.54
C ASN A 120 -2.16 5.35 16.23
N PHE A 121 -1.63 6.25 15.42
CA PHE A 121 -0.23 6.17 15.03
C PHE A 121 0.63 7.11 15.87
N THR A 122 1.92 6.84 15.88
CA THR A 122 2.86 7.66 16.64
C THR A 122 4.08 7.99 15.79
N LYS A 123 4.28 9.29 15.59
CA LYS A 123 5.41 9.75 14.79
C LYS A 123 6.71 9.44 15.53
N TYR A 124 7.48 8.53 14.95
CA TYR A 124 8.75 8.12 15.54
C TYR A 124 9.92 8.56 14.67
N PRO A 125 11.12 8.59 15.29
CA PRO A 125 12.34 8.98 14.59
C PRO A 125 12.81 7.87 13.64
N LYS A 126 12.99 8.24 12.39
CA LYS A 126 13.43 7.29 11.38
C LYS A 126 12.26 6.40 10.97
N LYS A 127 11.12 6.67 11.58
CA LYS A 127 9.92 5.90 11.28
C LYS A 127 9.18 6.55 10.12
N PHE A 128 8.68 5.72 9.22
CA PHE A 128 7.96 6.19 8.06
C PHE A 128 6.50 6.51 8.42
N TYR A 129 6.10 7.73 8.10
CA TYR A 129 4.74 8.16 8.39
C TYR A 129 3.96 8.39 7.09
N PRO A 130 2.60 8.45 7.24
CA PRO A 130 1.74 8.66 6.10
C PRO A 130 1.79 10.11 5.62
N LEU A 131 2.16 10.27 4.36
CA LEU A 131 2.25 11.60 3.76
C LEU A 131 0.85 12.15 3.51
N GLU A 132 0.26 11.70 2.42
CA GLU A 132 -1.07 12.13 2.05
C GLU A 132 -2.11 11.54 3.01
N ILE A 133 -2.44 12.32 4.03
CA ILE A 133 -3.40 11.88 5.03
C ILE A 133 -4.82 12.16 4.51
N SER A 134 -5.14 13.44 4.44
CA SER A 134 -6.47 13.84 3.96
C SER A 134 -6.41 15.29 3.46
N GLY A 135 -7.50 15.70 2.82
CA GLY A 135 -7.59 17.04 2.28
C GLY A 135 -8.56 17.89 3.09
N PRO A 136 -8.95 19.05 2.50
CA PRO A 136 -9.88 19.96 3.16
C PRO A 136 -11.31 19.41 3.11
N SER A 137 -11.89 19.29 4.30
CA SER A 137 -13.25 18.79 4.40
C SER A 137 -13.45 17.61 3.45
N SER A 138 -13.16 16.42 3.94
CA SER A 138 -13.29 15.22 3.14
C SER A 138 -14.50 14.41 3.63
N GLY A 139 -15.68 14.84 3.19
CA GLY A 139 -16.91 14.17 3.58
C GLY A 139 -16.89 13.79 5.06
N GLY A 1 -12.98 -27.92 -14.10
CA GLY A 1 -12.52 -26.62 -14.59
C GLY A 1 -13.67 -25.87 -15.27
N SER A 2 -13.58 -24.54 -15.22
CA SER A 2 -14.59 -23.69 -15.82
C SER A 2 -14.20 -22.23 -15.68
N SER A 3 -14.46 -21.48 -16.75
CA SER A 3 -14.14 -20.06 -16.75
C SER A 3 -15.06 -19.32 -17.74
N GLY A 4 -15.03 -18.00 -17.64
CA GLY A 4 -15.85 -17.18 -18.51
C GLY A 4 -15.91 -15.73 -17.99
N SER A 5 -15.26 -14.84 -18.73
CA SER A 5 -15.24 -13.44 -18.36
C SER A 5 -15.61 -12.58 -19.56
N SER A 6 -15.93 -11.32 -19.27
CA SER A 6 -16.31 -10.39 -20.33
C SER A 6 -16.01 -8.95 -19.87
N GLY A 7 -16.02 -8.05 -20.84
CA GLY A 7 -15.75 -6.64 -20.56
C GLY A 7 -17.01 -5.95 -20.03
N LYS A 8 -16.82 -5.17 -18.98
CA LYS A 8 -17.92 -4.45 -18.38
C LYS A 8 -17.38 -3.19 -17.69
N SER A 9 -18.29 -2.24 -17.48
CA SER A 9 -17.92 -0.99 -16.85
C SER A 9 -16.90 -0.23 -17.71
N GLU A 10 -16.66 1.01 -17.32
CA GLU A 10 -15.71 1.85 -18.05
C GLU A 10 -15.47 3.15 -17.30
N LYS A 11 -14.42 3.84 -17.71
CA LYS A 11 -14.08 5.11 -17.09
C LYS A 11 -14.74 6.25 -17.86
N ARG A 12 -16.04 6.39 -17.65
CA ARG A 12 -16.80 7.43 -18.31
C ARG A 12 -17.76 8.11 -17.32
N MET A 13 -17.32 9.26 -16.82
CA MET A 13 -18.12 10.01 -15.87
C MET A 13 -18.42 9.17 -14.62
N LYS A 14 -18.64 9.86 -13.51
CA LYS A 14 -18.94 9.21 -12.25
C LYS A 14 -19.97 8.10 -12.50
N LEU A 15 -19.77 6.98 -11.82
CA LEU A 15 -20.67 5.85 -11.96
C LEU A 15 -20.75 5.11 -10.62
N THR A 16 -21.57 5.65 -9.72
CA THR A 16 -21.74 5.06 -8.41
C THR A 16 -20.39 4.72 -7.79
N LEU A 17 -20.44 4.06 -6.64
CA LEU A 17 -19.23 3.68 -5.95
C LEU A 17 -18.80 2.29 -6.40
N LYS A 18 -17.75 2.27 -7.21
CA LYS A 18 -17.21 1.02 -7.73
C LYS A 18 -15.76 1.22 -8.16
N GLY A 19 -14.89 0.39 -7.61
CA GLY A 19 -13.47 0.46 -7.94
C GLY A 19 -12.67 0.96 -6.74
N GLY A 20 -11.40 0.55 -6.72
CA GLY A 20 -10.51 0.94 -5.63
C GLY A 20 -9.48 1.97 -6.11
N ALA A 21 -8.33 1.94 -5.48
CA ALA A 21 -7.25 2.85 -5.83
C ALA A 21 -6.64 2.42 -7.16
N ALA A 22 -5.87 3.33 -7.74
CA ALA A 22 -5.22 3.06 -9.01
C ALA A 22 -3.97 2.21 -8.76
N VAL A 23 -3.70 1.31 -9.71
CA VAL A 23 -2.54 0.44 -9.60
C VAL A 23 -1.39 1.05 -10.37
N ASP A 24 -0.17 0.67 -9.97
CA ASP A 24 1.02 1.17 -10.63
C ASP A 24 1.25 0.39 -11.92
N PRO A 25 1.72 1.14 -12.95
CA PRO A 25 1.99 0.54 -14.26
C PRO A 25 3.29 -0.28 -14.22
N ASP A 26 4.12 0.02 -13.23
CA ASP A 26 5.38 -0.67 -13.08
C ASP A 26 5.11 -2.07 -12.54
N SER A 27 3.92 -2.26 -12.01
CA SER A 27 3.52 -3.55 -11.46
C SER A 27 3.11 -4.49 -12.58
N GLY A 28 2.56 -3.91 -13.63
CA GLY A 28 2.12 -4.69 -14.77
C GLY A 28 0.67 -5.14 -14.60
N LEU A 29 0.21 -5.08 -13.37
CA LEU A 29 -1.16 -5.47 -13.05
C LEU A 29 -2.05 -4.23 -13.00
N GLU A 30 -1.53 -3.15 -13.58
CA GLU A 30 -2.26 -1.89 -13.61
C GLU A 30 -3.57 -2.06 -14.40
N HIS A 31 -3.53 -2.98 -15.35
CA HIS A 31 -4.70 -3.25 -16.18
C HIS A 31 -5.13 -4.70 -16.00
N SER A 32 -4.56 -5.33 -14.99
CA SER A 32 -4.89 -6.73 -14.69
C SER A 32 -5.43 -6.85 -13.27
N ALA A 33 -4.61 -6.40 -12.32
CA ALA A 33 -5.00 -6.46 -10.92
C ALA A 33 -5.38 -5.05 -10.44
N HIS A 34 -5.97 -5.01 -9.26
CA HIS A 34 -6.38 -3.74 -8.68
C HIS A 34 -5.96 -3.67 -7.22
N VAL A 35 -5.86 -2.45 -6.71
CA VAL A 35 -5.46 -2.24 -5.33
C VAL A 35 -6.34 -3.09 -4.41
N LEU A 36 -5.69 -3.99 -3.70
CA LEU A 36 -6.40 -4.87 -2.78
C LEU A 36 -7.25 -4.02 -1.84
N GLU A 37 -8.56 -4.24 -1.93
CA GLU A 37 -9.49 -3.51 -1.09
C GLU A 37 -10.10 -4.43 -0.04
N LYS A 38 -10.04 -3.98 1.21
CA LYS A 38 -10.56 -4.75 2.32
C LYS A 38 -11.28 -3.82 3.30
N GLY A 39 -12.37 -4.32 3.86
CA GLY A 39 -13.15 -3.54 4.80
C GLY A 39 -13.29 -2.09 4.34
N GLY A 40 -13.66 -1.94 3.08
CA GLY A 40 -13.83 -0.63 2.49
C GLY A 40 -12.59 0.25 2.72
N LYS A 41 -11.43 -0.41 2.67
CA LYS A 41 -10.18 0.28 2.87
C LYS A 41 -9.18 -0.15 1.79
N VAL A 42 -8.59 0.84 1.14
CA VAL A 42 -7.63 0.57 0.08
C VAL A 42 -6.24 0.40 0.71
N PHE A 43 -5.51 -0.58 0.19
CA PHE A 43 -4.17 -0.85 0.67
C PHE A 43 -3.12 -0.05 -0.09
N SER A 44 -3.33 1.27 -0.09
CA SER A 44 -2.41 2.16 -0.77
C SER A 44 -2.01 3.31 0.16
N ALA A 45 -0.86 3.15 0.78
CA ALA A 45 -0.35 4.16 1.70
C ALA A 45 0.96 4.73 1.15
N THR A 46 1.12 6.04 1.32
CA THR A 46 2.31 6.71 0.85
C THR A 46 3.10 7.29 2.03
N LEU A 47 4.11 6.54 2.45
CA LEU A 47 4.94 6.96 3.56
C LEU A 47 6.03 7.89 3.04
N GLY A 48 6.61 8.65 3.97
CA GLY A 48 7.66 9.59 3.63
C GLY A 48 8.46 9.98 4.87
N LEU A 49 9.78 10.02 4.69
CA LEU A 49 10.67 10.39 5.78
C LEU A 49 11.68 11.42 5.29
N VAL A 50 12.10 12.28 6.20
CA VAL A 50 13.06 13.31 5.88
C VAL A 50 13.98 13.55 7.08
N ASP A 51 15.28 13.55 6.79
CA ASP A 51 16.27 13.75 7.84
C ASP A 51 16.65 15.23 7.88
N ILE A 52 16.74 15.76 9.09
CA ILE A 52 17.09 17.16 9.29
C ILE A 52 18.62 17.29 9.30
N VAL A 53 19.26 16.28 9.86
CA VAL A 53 20.72 16.27 9.94
C VAL A 53 21.30 15.84 8.60
N LYS A 54 20.85 14.68 8.14
CA LYS A 54 21.31 14.15 6.87
C LYS A 54 20.75 15.00 5.72
N GLY A 55 19.64 15.66 6.01
CA GLY A 55 19.00 16.50 5.02
C GLY A 55 18.58 15.68 3.79
N THR A 56 18.23 14.43 4.05
CA THR A 56 17.80 13.54 2.98
C THR A 56 16.28 13.42 2.96
N ASN A 57 15.77 13.02 1.80
CA ASN A 57 14.34 12.86 1.63
C ASN A 57 14.04 11.45 1.12
N SER A 58 13.51 10.62 2.02
CA SER A 58 13.18 9.26 1.67
C SER A 58 11.67 9.09 1.61
N TYR A 59 11.23 8.16 0.77
CA TYR A 59 9.82 7.89 0.61
C TYR A 59 9.57 6.41 0.32
N TYR A 60 8.67 5.82 1.10
CA TYR A 60 8.34 4.42 0.95
C TYR A 60 6.86 4.25 0.62
N LYS A 61 6.60 3.92 -0.64
CA LYS A 61 5.23 3.72 -1.09
C LYS A 61 4.88 2.23 -1.01
N LEU A 62 3.67 1.97 -0.55
CA LEU A 62 3.20 0.60 -0.41
C LEU A 62 1.87 0.44 -1.16
N GLN A 63 1.75 -0.69 -1.83
CA GLN A 63 0.54 -0.98 -2.60
C GLN A 63 0.36 -2.48 -2.75
N LEU A 64 -0.80 -2.96 -2.30
CA LEU A 64 -1.11 -4.37 -2.37
C LEU A 64 -2.12 -4.61 -3.51
N LEU A 65 -1.60 -5.13 -4.62
CA LEU A 65 -2.43 -5.40 -5.77
C LEU A 65 -3.20 -6.71 -5.55
N GLU A 66 -4.42 -6.74 -6.05
CA GLU A 66 -5.25 -7.92 -5.91
C GLU A 66 -5.72 -8.40 -7.29
N ASP A 67 -5.62 -9.71 -7.48
CA ASP A 67 -6.02 -10.32 -8.74
C ASP A 67 -7.50 -10.01 -9.00
N ASP A 68 -7.82 -9.76 -10.26
CA ASP A 68 -9.18 -9.46 -10.65
C ASP A 68 -10.06 -10.69 -10.38
N LYS A 69 -9.41 -11.83 -10.25
CA LYS A 69 -10.11 -13.07 -9.99
C LYS A 69 -9.70 -13.61 -8.62
N GLU A 70 -9.04 -12.76 -7.86
CA GLU A 70 -8.59 -13.14 -6.52
C GLU A 70 -7.94 -14.52 -6.56
N ASN A 71 -6.62 -14.52 -6.70
CA ASN A 71 -5.87 -15.77 -6.75
C ASN A 71 -4.38 -15.46 -6.76
N ARG A 72 -4.01 -14.52 -7.64
CA ARG A 72 -2.61 -14.12 -7.76
C ARG A 72 -2.44 -12.66 -7.34
N TYR A 73 -1.61 -12.45 -6.35
CA TYR A 73 -1.35 -11.11 -5.85
C TYR A 73 0.14 -10.77 -5.93
N TRP A 74 0.43 -9.48 -5.79
CA TRP A 74 1.81 -9.01 -5.85
C TRP A 74 2.01 -8.00 -4.72
N ILE A 75 3.26 -7.88 -4.29
CA ILE A 75 3.59 -6.96 -3.22
C ILE A 75 4.59 -5.92 -3.75
N PHE A 76 4.08 -4.74 -4.04
CA PHE A 76 4.92 -3.67 -4.56
C PHE A 76 5.49 -2.83 -3.41
N ARG A 77 6.75 -2.46 -3.56
CA ARG A 77 7.42 -1.66 -2.55
C ARG A 77 8.43 -0.72 -3.20
N SER A 78 8.16 0.57 -3.10
CA SER A 78 9.03 1.58 -3.68
C SER A 78 9.84 2.27 -2.56
N TRP A 79 11.12 2.47 -2.85
CA TRP A 79 12.01 3.11 -1.90
C TRP A 79 13.08 3.86 -2.69
N GLY A 80 13.59 4.92 -2.07
CA GLY A 80 14.62 5.73 -2.70
C GLY A 80 14.40 7.21 -2.42
N ARG A 81 15.50 7.96 -2.46
CA ARG A 81 15.43 9.39 -2.22
C ARG A 81 14.36 10.03 -3.10
N VAL A 82 13.80 11.13 -2.60
CA VAL A 82 12.77 11.85 -3.33
C VAL A 82 13.34 12.35 -4.65
N GLY A 83 14.32 13.24 -4.53
CA GLY A 83 14.96 13.82 -5.70
C GLY A 83 16.47 13.60 -5.66
N THR A 84 16.86 12.35 -5.87
CA THR A 84 18.26 11.99 -5.87
C THR A 84 18.53 10.87 -6.88
N VAL A 85 19.73 10.29 -6.77
CA VAL A 85 20.12 9.22 -7.67
C VAL A 85 19.45 7.92 -7.21
N ILE A 86 19.24 7.83 -5.90
CA ILE A 86 18.62 6.65 -5.33
C ILE A 86 17.16 6.55 -5.82
N GLY A 87 16.76 5.32 -6.11
CA GLY A 87 15.40 5.08 -6.58
C GLY A 87 15.27 3.67 -7.17
N SER A 88 14.54 2.83 -6.45
CA SER A 88 14.32 1.46 -6.90
C SER A 88 12.99 0.95 -6.36
N ASN A 89 12.55 -0.18 -6.92
CA ASN A 89 11.31 -0.78 -6.51
C ASN A 89 11.48 -2.30 -6.45
N LYS A 90 10.40 -2.96 -6.05
CA LYS A 90 10.42 -4.41 -5.94
C LYS A 90 9.01 -4.96 -6.22
N LEU A 91 8.97 -6.05 -6.97
CA LEU A 91 7.71 -6.67 -7.30
C LEU A 91 7.83 -8.19 -7.13
N GLU A 92 7.08 -8.71 -6.16
CA GLU A 92 7.09 -10.14 -5.88
C GLU A 92 5.68 -10.70 -5.95
N GLN A 93 5.60 -11.93 -6.43
CA GLN A 93 4.31 -12.61 -6.56
C GLN A 93 4.02 -13.44 -5.30
N MET A 94 2.93 -13.07 -4.64
CA MET A 94 2.53 -13.76 -3.43
C MET A 94 1.81 -15.07 -3.76
N PRO A 95 1.91 -16.04 -2.81
CA PRO A 95 1.27 -17.34 -2.99
C PRO A 95 -0.24 -17.24 -2.79
N SER A 96 -0.60 -16.73 -1.61
CA SER A 96 -2.01 -16.58 -1.27
C SER A 96 -2.34 -15.10 -1.06
N LYS A 97 -3.64 -14.82 -1.06
CA LYS A 97 -4.09 -13.44 -0.87
C LYS A 97 -3.67 -12.95 0.52
N GLU A 98 -3.71 -13.86 1.47
CA GLU A 98 -3.34 -13.54 2.83
C GLU A 98 -1.83 -13.23 2.91
N ASP A 99 -1.05 -14.21 2.47
CA ASP A 99 0.40 -14.06 2.49
C ASP A 99 0.78 -12.67 1.99
N ALA A 100 -0.02 -12.18 1.05
CA ALA A 100 0.21 -10.86 0.48
C ALA A 100 -0.28 -9.79 1.47
N ILE A 101 -1.44 -10.05 2.05
CA ILE A 101 -2.02 -9.11 3.00
C ILE A 101 -1.15 -9.09 4.26
N GLU A 102 -0.87 -10.28 4.78
CA GLU A 102 -0.05 -10.39 5.98
C GLU A 102 1.27 -9.65 5.79
N HIS A 103 1.91 -9.94 4.66
CA HIS A 103 3.20 -9.32 4.36
C HIS A 103 3.03 -7.80 4.34
N PHE A 104 2.08 -7.34 3.54
CA PHE A 104 1.82 -5.91 3.42
C PHE A 104 1.77 -5.26 4.81
N MET A 105 0.92 -5.82 5.65
CA MET A 105 0.76 -5.31 7.01
C MET A 105 2.10 -5.22 7.73
N LYS A 106 2.97 -6.17 7.42
CA LYS A 106 4.29 -6.21 8.02
C LYS A 106 5.17 -5.13 7.38
N LEU A 107 5.11 -5.07 6.07
CA LEU A 107 5.89 -4.10 5.32
C LEU A 107 5.64 -2.70 5.89
N TYR A 108 4.37 -2.32 5.90
CA TYR A 108 3.97 -1.02 6.41
C TYR A 108 4.20 -0.94 7.92
N GLU A 109 4.58 -2.07 8.49
CA GLU A 109 4.84 -2.14 9.92
C GLU A 109 6.34 -2.13 10.19
N GLU A 110 7.09 -2.45 9.15
CA GLU A 110 8.54 -2.50 9.26
C GLU A 110 9.13 -1.09 9.08
N LYS A 111 8.44 -0.30 8.27
CA LYS A 111 8.88 1.06 8.01
C LYS A 111 8.40 1.97 9.14
N THR A 112 7.10 2.17 9.18
CA THR A 112 6.50 3.02 10.20
C THR A 112 6.77 2.45 11.60
N GLY A 113 6.87 1.13 11.64
CA GLY A 113 7.13 0.44 12.90
C GLY A 113 5.82 0.12 13.63
N ASN A 114 4.76 0.80 13.20
CA ASN A 114 3.46 0.60 13.80
C ASN A 114 2.62 -0.32 12.91
N ALA A 115 1.64 -0.96 13.53
CA ALA A 115 0.77 -1.88 12.81
C ALA A 115 -0.17 -1.07 11.91
N TRP A 116 -0.64 -1.73 10.86
CA TRP A 116 -1.55 -1.09 9.92
C TRP A 116 -2.73 -0.52 10.72
N HIS A 117 -3.40 -1.40 11.43
CA HIS A 117 -4.55 -1.00 12.23
C HIS A 117 -4.22 -1.17 13.72
N SER A 118 -3.61 -0.12 14.27
CA SER A 118 -3.24 -0.15 15.67
C SER A 118 -3.81 1.08 16.39
N LYS A 119 -5.12 1.22 16.31
CA LYS A 119 -5.80 2.34 16.93
C LYS A 119 -5.37 3.63 16.25
N ASN A 120 -4.33 4.24 16.80
CA ASN A 120 -3.81 5.49 16.25
C ASN A 120 -2.39 5.26 15.73
N PHE A 121 -1.72 6.37 15.42
CA PHE A 121 -0.36 6.30 14.92
C PHE A 121 0.62 6.92 15.92
N THR A 122 1.83 6.39 15.91
CA THR A 122 2.87 6.88 16.80
C THR A 122 4.10 7.31 16.01
N LYS A 123 4.27 8.61 15.90
CA LYS A 123 5.41 9.17 15.18
C LYS A 123 6.70 8.85 15.94
N TYR A 124 7.59 8.16 15.24
CA TYR A 124 8.87 7.79 15.83
C TYR A 124 10.04 8.32 15.00
N PRO A 125 11.26 8.26 15.60
CA PRO A 125 12.45 8.73 14.94
C PRO A 125 12.91 7.73 13.87
N LYS A 126 13.00 8.23 12.64
CA LYS A 126 13.42 7.40 11.52
C LYS A 126 12.20 6.70 10.93
N LYS A 127 11.32 6.25 11.82
CA LYS A 127 10.11 5.57 11.40
C LYS A 127 9.43 6.38 10.29
N PHE A 128 8.93 5.66 9.30
CA PHE A 128 8.26 6.30 8.19
C PHE A 128 6.79 6.58 8.52
N TYR A 129 6.36 7.79 8.20
CA TYR A 129 4.98 8.19 8.46
C TYR A 129 4.23 8.44 7.16
N PRO A 130 2.87 8.46 7.28
CA PRO A 130 2.02 8.69 6.11
C PRO A 130 2.05 10.16 5.69
N LEU A 131 2.45 10.37 4.45
CA LEU A 131 2.53 11.72 3.90
C LEU A 131 1.12 12.30 3.77
N GLU A 132 0.55 12.10 2.59
CA GLU A 132 -0.80 12.59 2.32
C GLU A 132 -1.73 12.24 3.48
N ILE A 133 -2.49 13.24 3.92
CA ILE A 133 -3.43 13.04 5.01
C ILE A 133 -4.86 13.23 4.48
N SER A 134 -5.68 12.22 4.73
CA SER A 134 -7.07 12.27 4.29
C SER A 134 -7.86 11.12 4.94
N GLY A 135 -9.12 11.40 5.21
CA GLY A 135 -9.99 10.41 5.83
C GLY A 135 -10.98 9.85 4.81
N PRO A 136 -11.47 8.62 5.12
CA PRO A 136 -12.43 7.95 4.24
C PRO A 136 -13.82 8.58 4.37
N SER A 137 -14.20 9.34 3.36
CA SER A 137 -15.49 9.99 3.36
C SER A 137 -15.66 10.82 2.08
N SER A 138 -16.08 10.14 1.02
CA SER A 138 -16.27 10.80 -0.26
C SER A 138 -16.79 9.79 -1.29
N GLY A 139 -17.35 10.32 -2.36
CA GLY A 139 -17.88 9.48 -3.43
C GLY A 139 -17.11 9.71 -4.73
N GLY A 1 -14.48 8.60 -10.31
CA GLY A 1 -13.62 9.77 -10.41
C GLY A 1 -13.96 10.60 -11.65
N SER A 2 -14.02 11.91 -11.45
CA SER A 2 -14.34 12.82 -12.54
C SER A 2 -13.79 14.21 -12.23
N SER A 3 -14.24 14.76 -11.11
CA SER A 3 -13.80 16.08 -10.70
C SER A 3 -13.42 16.07 -9.22
N GLY A 4 -12.71 17.10 -8.81
CA GLY A 4 -12.28 17.22 -7.42
C GLY A 4 -12.87 18.47 -6.78
N SER A 5 -12.64 18.59 -5.48
CA SER A 5 -13.13 19.73 -4.73
C SER A 5 -12.12 20.14 -3.66
N SER A 6 -11.70 21.40 -3.74
CA SER A 6 -10.74 21.93 -2.79
C SER A 6 -11.39 22.11 -1.42
N GLY A 7 -11.44 21.01 -0.68
CA GLY A 7 -12.05 21.03 0.65
C GLY A 7 -11.95 19.65 1.31
N LYS A 8 -10.89 19.48 2.09
CA LYS A 8 -10.67 18.22 2.78
C LYS A 8 -10.34 18.50 4.25
N SER A 9 -9.21 19.17 4.44
CA SER A 9 -8.77 19.51 5.78
C SER A 9 -8.43 18.24 6.56
N GLU A 10 -7.53 18.40 7.53
CA GLU A 10 -7.11 17.27 8.35
C GLU A 10 -6.43 17.77 9.62
N LYS A 11 -6.58 16.99 10.68
CA LYS A 11 -5.98 17.34 11.96
C LYS A 11 -5.38 16.09 12.60
N ARG A 12 -6.26 15.18 12.99
CA ARG A 12 -5.83 13.94 13.60
C ARG A 12 -6.84 12.82 13.32
N MET A 13 -6.31 11.68 12.90
CA MET A 13 -7.15 10.53 12.59
C MET A 13 -8.27 10.92 11.62
N LYS A 14 -8.06 10.60 10.36
CA LYS A 14 -9.03 10.90 9.32
C LYS A 14 -8.93 9.86 8.21
N LEU A 15 -10.09 9.30 7.86
CA LEU A 15 -10.15 8.30 6.82
C LEU A 15 -10.31 8.99 5.46
N THR A 16 -10.16 8.20 4.40
CA THR A 16 -10.29 8.71 3.05
C THR A 16 -11.54 8.17 2.39
N LEU A 17 -11.89 6.94 2.75
CA LEU A 17 -13.05 6.28 2.19
C LEU A 17 -13.14 6.59 0.70
N LYS A 18 -12.06 6.30 0.00
CA LYS A 18 -12.00 6.54 -1.43
C LYS A 18 -12.40 5.27 -2.17
N GLY A 19 -13.04 5.46 -3.32
CA GLY A 19 -13.49 4.35 -4.14
C GLY A 19 -12.31 3.61 -4.75
N GLY A 20 -11.69 2.77 -3.93
CA GLY A 20 -10.53 2.00 -4.38
C GLY A 20 -9.38 2.92 -4.77
N ALA A 21 -8.28 2.30 -5.17
CA ALA A 21 -7.10 3.04 -5.57
C ALA A 21 -6.66 2.59 -6.96
N ALA A 22 -5.85 3.43 -7.59
CA ALA A 22 -5.35 3.13 -8.93
C ALA A 22 -3.98 2.45 -8.82
N VAL A 23 -3.85 1.32 -9.51
CA VAL A 23 -2.60 0.58 -9.49
C VAL A 23 -1.54 1.36 -10.27
N ASP A 24 -0.30 1.16 -9.86
CA ASP A 24 0.82 1.83 -10.52
C ASP A 24 1.14 1.12 -11.84
N PRO A 25 1.58 1.94 -12.84
CA PRO A 25 1.92 1.40 -14.14
C PRO A 25 3.26 0.66 -14.10
N ASP A 26 4.04 0.96 -13.06
CA ASP A 26 5.33 0.34 -12.89
C ASP A 26 5.14 -1.12 -12.49
N SER A 27 3.97 -1.41 -11.97
CA SER A 27 3.65 -2.76 -11.54
C SER A 27 3.26 -3.62 -12.75
N GLY A 28 2.69 -2.96 -13.75
CA GLY A 28 2.27 -3.64 -14.96
C GLY A 28 0.87 -4.22 -14.79
N LEU A 29 0.43 -4.29 -13.55
CA LEU A 29 -0.89 -4.83 -13.25
C LEU A 29 -1.91 -3.69 -13.24
N GLU A 30 -1.46 -2.54 -13.71
CA GLU A 30 -2.32 -1.37 -13.76
C GLU A 30 -3.54 -1.64 -14.64
N HIS A 31 -3.34 -2.52 -15.62
CA HIS A 31 -4.41 -2.90 -16.53
C HIS A 31 -4.70 -4.40 -16.41
N SER A 32 -4.12 -4.99 -15.38
CA SER A 32 -4.30 -6.41 -15.15
C SER A 32 -4.96 -6.65 -13.78
N ALA A 33 -4.31 -6.11 -12.76
CA ALA A 33 -4.82 -6.25 -11.40
C ALA A 33 -5.25 -4.87 -10.89
N HIS A 34 -5.75 -4.87 -9.66
CA HIS A 34 -6.19 -3.64 -9.03
C HIS A 34 -5.75 -3.61 -7.58
N VAL A 35 -5.71 -2.40 -7.02
CA VAL A 35 -5.31 -2.21 -5.64
C VAL A 35 -6.16 -3.11 -4.73
N LEU A 36 -5.48 -4.04 -4.07
CA LEU A 36 -6.17 -4.96 -3.18
C LEU A 36 -6.93 -4.15 -2.11
N GLU A 37 -8.24 -4.34 -2.12
CA GLU A 37 -9.09 -3.64 -1.16
C GLU A 37 -9.66 -4.63 -0.14
N LYS A 38 -9.92 -4.11 1.05
CA LYS A 38 -10.47 -4.93 2.12
C LYS A 38 -11.16 -4.03 3.15
N GLY A 39 -12.16 -4.60 3.80
CA GLY A 39 -12.92 -3.86 4.81
C GLY A 39 -13.21 -2.44 4.33
N GLY A 40 -13.61 -2.34 3.08
CA GLY A 40 -13.93 -1.05 2.49
C GLY A 40 -12.75 -0.09 2.59
N LYS A 41 -11.55 -0.67 2.52
CA LYS A 41 -10.34 0.13 2.60
C LYS A 41 -9.47 -0.13 1.37
N VAL A 42 -8.33 0.54 1.31
CA VAL A 42 -7.42 0.39 0.20
C VAL A 42 -6.00 0.20 0.73
N PHE A 43 -5.30 -0.73 0.10
CA PHE A 43 -3.92 -1.03 0.49
C PHE A 43 -2.94 -0.10 -0.21
N SER A 44 -3.31 1.18 -0.27
CA SER A 44 -2.48 2.17 -0.91
C SER A 44 -2.09 3.26 0.10
N ALA A 45 -0.90 3.12 0.65
CA ALA A 45 -0.41 4.07 1.63
C ALA A 45 0.94 4.64 1.16
N THR A 46 1.03 5.96 1.20
CA THR A 46 2.25 6.63 0.77
C THR A 46 3.01 7.16 1.99
N LEU A 47 4.05 6.42 2.36
CA LEU A 47 4.87 6.80 3.50
C LEU A 47 5.98 7.75 3.03
N GLY A 48 6.47 8.54 3.98
CA GLY A 48 7.53 9.48 3.67
C GLY A 48 8.45 9.67 4.89
N LEU A 49 9.73 9.43 4.66
CA LEU A 49 10.72 9.56 5.71
C LEU A 49 11.84 10.49 5.23
N VAL A 50 12.31 11.33 6.15
CA VAL A 50 13.38 12.27 5.83
C VAL A 50 14.42 12.24 6.96
N ASP A 51 15.66 12.33 6.55
CA ASP A 51 16.77 12.32 7.51
C ASP A 51 17.01 13.74 8.01
N ILE A 52 17.26 13.85 9.31
CA ILE A 52 17.51 15.15 9.92
C ILE A 52 19.01 15.45 9.86
N VAL A 53 19.80 14.39 10.00
CA VAL A 53 21.25 14.54 9.96
C VAL A 53 21.71 14.55 8.50
N LYS A 54 21.41 13.45 7.81
CA LYS A 54 21.79 13.32 6.42
C LYS A 54 21.04 14.37 5.59
N GLY A 55 19.99 14.91 6.18
CA GLY A 55 19.19 15.91 5.51
C GLY A 55 18.70 15.41 4.15
N THR A 56 18.50 14.11 4.07
CA THR A 56 18.03 13.49 2.85
C THR A 56 16.53 13.22 2.92
N ASN A 57 15.95 12.96 1.75
CA ASN A 57 14.53 12.69 1.67
C ASN A 57 14.31 11.24 1.23
N SER A 58 13.31 10.62 1.82
CA SER A 58 12.99 9.24 1.50
C SER A 58 11.46 9.04 1.50
N TYR A 59 11.02 8.20 0.57
CA TYR A 59 9.59 7.92 0.45
C TYR A 59 9.35 6.43 0.19
N TYR A 60 8.59 5.82 1.08
CA TYR A 60 8.27 4.42 0.96
C TYR A 60 6.80 4.21 0.61
N LYS A 61 6.57 3.76 -0.62
CA LYS A 61 5.21 3.51 -1.08
C LYS A 61 4.87 2.04 -0.92
N LEU A 62 3.64 1.78 -0.50
CA LEU A 62 3.18 0.42 -0.30
C LEU A 62 1.84 0.23 -0.99
N GLN A 63 1.82 -0.68 -1.95
CA GLN A 63 0.61 -0.97 -2.70
C GLN A 63 0.46 -2.48 -2.91
N LEU A 64 -0.62 -3.02 -2.36
CA LEU A 64 -0.88 -4.43 -2.48
C LEU A 64 -1.92 -4.66 -3.58
N LEU A 65 -1.43 -5.12 -4.73
CA LEU A 65 -2.30 -5.37 -5.87
C LEU A 65 -3.02 -6.70 -5.66
N GLU A 66 -4.13 -6.86 -6.36
CA GLU A 66 -4.92 -8.07 -6.26
C GLU A 66 -5.66 -8.33 -7.57
N ASP A 67 -5.35 -9.46 -8.19
CA ASP A 67 -5.98 -9.83 -9.45
C ASP A 67 -7.48 -10.05 -9.22
N ASP A 68 -8.26 -9.59 -10.19
CA ASP A 68 -9.70 -9.72 -10.10
C ASP A 68 -10.15 -10.94 -10.92
N LYS A 69 -9.86 -10.89 -12.20
CA LYS A 69 -10.23 -11.96 -13.10
C LYS A 69 -9.84 -13.30 -12.46
N GLU A 70 -8.54 -13.45 -12.22
CA GLU A 70 -8.03 -14.66 -11.61
C GLU A 70 -7.70 -14.43 -10.14
N ASN A 71 -7.01 -15.39 -9.56
CA ASN A 71 -6.62 -15.30 -8.16
C ASN A 71 -5.10 -15.10 -8.06
N ARG A 72 -4.69 -13.86 -8.23
CA ARG A 72 -3.28 -13.52 -8.16
C ARG A 72 -3.08 -12.19 -7.43
N TYR A 73 -1.85 -11.98 -6.99
CA TYR A 73 -1.52 -10.75 -6.29
C TYR A 73 -0.03 -10.41 -6.45
N TRP A 74 0.30 -9.17 -6.11
CA TRP A 74 1.68 -8.71 -6.21
C TRP A 74 1.93 -7.71 -5.08
N ILE A 75 3.19 -7.61 -4.69
CA ILE A 75 3.57 -6.71 -3.63
C ILE A 75 4.53 -5.65 -4.18
N PHE A 76 3.96 -4.49 -4.51
CA PHE A 76 4.74 -3.40 -5.05
C PHE A 76 5.27 -2.49 -3.93
N ARG A 77 6.58 -2.54 -3.74
CA ARG A 77 7.22 -1.74 -2.71
C ARG A 77 8.22 -0.78 -3.33
N SER A 78 7.92 0.51 -3.21
CA SER A 78 8.78 1.53 -3.76
C SER A 78 9.55 2.23 -2.64
N TRP A 79 10.78 2.61 -2.95
CA TRP A 79 11.62 3.28 -1.98
C TRP A 79 12.72 4.05 -2.73
N GLY A 80 13.51 4.79 -1.98
CA GLY A 80 14.58 5.57 -2.57
C GLY A 80 14.38 7.07 -2.33
N ARG A 81 15.39 7.84 -2.70
CA ARG A 81 15.33 9.28 -2.53
C ARG A 81 14.17 9.86 -3.32
N VAL A 82 13.83 11.11 -3.00
CA VAL A 82 12.75 11.79 -3.68
C VAL A 82 13.25 12.36 -5.01
N GLY A 83 14.18 13.30 -4.89
CA GLY A 83 14.75 13.93 -6.08
C GLY A 83 16.25 13.65 -6.17
N THR A 84 16.58 12.37 -6.35
CA THR A 84 17.96 11.96 -6.46
C THR A 84 18.11 10.85 -7.50
N VAL A 85 19.31 10.31 -7.57
CA VAL A 85 19.59 9.24 -8.52
C VAL A 85 18.95 7.95 -8.03
N ILE A 86 18.93 7.80 -6.71
CA ILE A 86 18.34 6.61 -6.10
C ILE A 86 16.87 6.49 -6.52
N GLY A 87 16.32 5.31 -6.28
CA GLY A 87 14.94 5.06 -6.62
C GLY A 87 14.78 3.64 -7.20
N SER A 88 14.05 2.81 -6.45
CA SER A 88 13.81 1.44 -6.88
C SER A 88 12.49 0.94 -6.29
N ASN A 89 12.06 -0.21 -6.77
CA ASN A 89 10.82 -0.81 -6.31
C ASN A 89 11.02 -2.32 -6.15
N LYS A 90 9.94 -2.99 -5.77
CA LYS A 90 9.97 -4.42 -5.58
C LYS A 90 8.61 -5.02 -5.94
N LEU A 91 8.62 -5.85 -6.97
CA LEU A 91 7.40 -6.50 -7.42
C LEU A 91 7.55 -8.01 -7.34
N GLU A 92 6.76 -8.61 -6.46
CA GLU A 92 6.81 -10.05 -6.28
C GLU A 92 5.39 -10.61 -6.14
N GLN A 93 5.15 -11.70 -6.85
CA GLN A 93 3.85 -12.34 -6.81
C GLN A 93 3.69 -13.15 -5.52
N MET A 94 2.66 -12.78 -4.77
CA MET A 94 2.39 -13.46 -3.51
C MET A 94 1.68 -14.79 -3.74
N PRO A 95 1.97 -15.77 -2.85
CA PRO A 95 1.36 -17.09 -2.95
C PRO A 95 -0.09 -17.05 -2.48
N SER A 96 -0.27 -16.65 -1.23
CA SER A 96 -1.61 -16.57 -0.65
C SER A 96 -1.93 -15.12 -0.28
N LYS A 97 -3.15 -14.71 -0.61
CA LYS A 97 -3.59 -13.36 -0.31
C LYS A 97 -3.07 -12.95 1.07
N GLU A 98 -3.42 -13.74 2.07
CA GLU A 98 -3.00 -13.46 3.43
C GLU A 98 -1.50 -13.16 3.47
N ASP A 99 -0.73 -14.02 2.81
CA ASP A 99 0.71 -13.86 2.76
C ASP A 99 1.04 -12.52 2.09
N ALA A 100 0.12 -12.08 1.23
CA ALA A 100 0.30 -10.83 0.52
C ALA A 100 -0.05 -9.66 1.44
N ILE A 101 -1.13 -9.85 2.21
CA ILE A 101 -1.58 -8.83 3.14
C ILE A 101 -0.51 -8.63 4.23
N GLU A 102 -0.12 -9.74 4.83
CA GLU A 102 0.88 -9.69 5.88
C GLU A 102 2.13 -8.94 5.40
N HIS A 103 2.60 -9.31 4.23
CA HIS A 103 3.77 -8.67 3.65
C HIS A 103 3.51 -7.17 3.48
N PHE A 104 2.23 -6.83 3.45
CA PHE A 104 1.83 -5.45 3.30
C PHE A 104 1.47 -4.82 4.64
N MET A 105 1.06 -5.69 5.56
CA MET A 105 0.68 -5.23 6.89
C MET A 105 1.90 -5.13 7.81
N LYS A 106 2.82 -6.08 7.63
CA LYS A 106 4.03 -6.10 8.43
C LYS A 106 5.00 -5.06 7.91
N LEU A 107 5.16 -5.04 6.59
CA LEU A 107 6.07 -4.09 5.96
C LEU A 107 5.74 -2.68 6.45
N TYR A 108 4.47 -2.32 6.28
CA TYR A 108 4.01 -1.01 6.70
C TYR A 108 4.12 -0.84 8.22
N GLU A 109 4.40 -1.95 8.89
CA GLU A 109 4.53 -1.95 10.33
C GLU A 109 6.00 -1.82 10.72
N GLU A 110 6.87 -2.18 9.78
CA GLU A 110 8.30 -2.11 10.02
C GLU A 110 8.82 -0.69 9.75
N LYS A 111 8.30 -0.11 8.68
CA LYS A 111 8.70 1.24 8.30
C LYS A 111 8.24 2.22 9.38
N THR A 112 6.92 2.30 9.53
CA THR A 112 6.34 3.20 10.52
C THR A 112 6.62 2.69 11.93
N GLY A 113 6.55 1.38 12.08
CA GLY A 113 6.80 0.75 13.37
C GLY A 113 5.49 0.36 14.05
N ASN A 114 4.41 1.03 13.62
CA ASN A 114 3.10 0.76 14.18
C ASN A 114 2.31 -0.14 13.22
N ALA A 115 1.40 -0.90 13.80
CA ALA A 115 0.59 -1.81 13.01
C ALA A 115 -0.26 -1.01 12.02
N TRP A 116 -0.64 -1.66 10.94
CA TRP A 116 -1.43 -1.02 9.92
C TRP A 116 -2.88 -0.92 10.43
N HIS A 117 -3.28 -1.95 11.16
CA HIS A 117 -4.63 -2.00 11.71
C HIS A 117 -4.57 -1.65 13.20
N SER A 118 -4.04 -0.47 13.49
CA SER A 118 -3.92 -0.01 14.86
C SER A 118 -4.47 1.42 14.97
N LYS A 119 -4.71 1.83 16.21
CA LYS A 119 -5.23 3.15 16.48
C LYS A 119 -4.12 4.02 17.08
N ASN A 120 -4.27 5.32 16.91
CA ASN A 120 -3.30 6.26 17.43
C ASN A 120 -1.94 6.01 16.77
N PHE A 121 -1.44 7.04 16.10
CA PHE A 121 -0.16 6.93 15.43
C PHE A 121 0.91 7.78 16.13
N THR A 122 2.07 7.17 16.30
CA THR A 122 3.18 7.85 16.96
C THR A 122 4.32 8.08 15.97
N LYS A 123 4.59 9.36 15.72
CA LYS A 123 5.65 9.74 14.80
C LYS A 123 7.01 9.52 15.48
N TYR A 124 7.58 8.34 15.23
CA TYR A 124 8.86 7.99 15.80
C TYR A 124 10.01 8.46 14.90
N PRO A 125 11.22 8.51 15.51
CA PRO A 125 12.40 8.94 14.77
C PRO A 125 12.88 7.85 13.81
N LYS A 126 12.94 8.22 12.54
CA LYS A 126 13.39 7.28 11.52
C LYS A 126 12.19 6.43 11.07
N LYS A 127 11.10 6.56 11.81
CA LYS A 127 9.90 5.81 11.51
C LYS A 127 9.14 6.50 10.37
N PHE A 128 8.72 5.70 9.40
CA PHE A 128 7.99 6.22 8.27
C PHE A 128 6.56 6.59 8.65
N TYR A 129 6.07 7.67 8.05
CA TYR A 129 4.73 8.13 8.33
C TYR A 129 3.97 8.43 7.03
N PRO A 130 2.63 8.55 7.16
CA PRO A 130 1.78 8.84 6.01
C PRO A 130 1.91 10.31 5.60
N LEU A 131 2.31 10.50 4.35
CA LEU A 131 2.47 11.84 3.82
C LEU A 131 1.10 12.50 3.65
N GLU A 132 0.51 12.26 2.49
CA GLU A 132 -0.80 12.82 2.19
C GLU A 132 -1.88 12.13 3.04
N ILE A 133 -2.82 12.93 3.51
CA ILE A 133 -3.89 12.41 4.33
C ILE A 133 -5.21 13.06 3.91
N SER A 134 -6.29 12.34 4.13
CA SER A 134 -7.62 12.83 3.77
C SER A 134 -8.61 12.51 4.90
N GLY A 135 -9.76 13.17 4.83
CA GLY A 135 -10.80 12.96 5.82
C GLY A 135 -12.14 12.64 5.15
N PRO A 136 -13.03 11.99 5.94
CA PRO A 136 -14.34 11.61 5.44
C PRO A 136 -15.26 12.83 5.34
N SER A 137 -16.55 12.55 5.20
CA SER A 137 -17.54 13.61 5.10
C SER A 137 -18.87 13.15 5.71
N SER A 138 -19.38 12.06 5.16
CA SER A 138 -20.64 11.51 5.64
C SER A 138 -20.39 10.13 6.26
N GLY A 139 -21.45 9.61 6.89
CA GLY A 139 -21.37 8.30 7.52
C GLY A 139 -22.76 7.71 7.74
N GLY A 1 -38.78 39.60 35.56
CA GLY A 1 -37.46 39.74 34.97
C GLY A 1 -36.74 38.39 34.92
N SER A 2 -36.21 38.08 33.74
CA SER A 2 -35.50 36.84 33.55
C SER A 2 -34.73 36.87 32.22
N SER A 3 -33.91 35.84 32.03
CA SER A 3 -33.12 35.75 30.81
C SER A 3 -32.54 34.35 30.67
N GLY A 4 -32.09 34.03 29.47
CA GLY A 4 -31.51 32.73 29.20
C GLY A 4 -32.19 32.06 28.00
N SER A 5 -31.38 31.41 27.18
CA SER A 5 -31.89 30.74 26.00
C SER A 5 -30.74 30.10 25.22
N SER A 6 -31.09 29.18 24.34
CA SER A 6 -30.11 28.49 23.54
C SER A 6 -30.80 27.53 22.56
N GLY A 7 -30.03 27.05 21.60
CA GLY A 7 -30.56 26.13 20.60
C GLY A 7 -29.46 25.69 19.64
N LYS A 8 -29.00 24.46 19.82
CA LYS A 8 -27.96 23.91 18.97
C LYS A 8 -28.61 23.09 17.85
N SER A 9 -27.75 22.58 16.97
CA SER A 9 -28.22 21.79 15.85
C SER A 9 -27.35 20.54 15.69
N GLU A 10 -27.84 19.61 14.88
CA GLU A 10 -27.12 18.37 14.64
C GLU A 10 -27.64 17.70 13.37
N LYS A 11 -26.91 16.68 12.94
CA LYS A 11 -27.27 15.95 11.73
C LYS A 11 -26.18 14.92 11.42
N ARG A 12 -26.63 13.81 10.84
CA ARG A 12 -25.70 12.74 10.48
C ARG A 12 -26.32 11.84 9.41
N MET A 13 -25.48 11.02 8.81
CA MET A 13 -25.92 10.11 7.78
C MET A 13 -24.85 9.07 7.46
N LYS A 14 -25.25 8.07 6.69
CA LYS A 14 -24.33 7.00 6.31
C LYS A 14 -24.06 7.08 4.79
N LEU A 15 -22.97 6.47 4.40
CA LEU A 15 -22.58 6.47 3.00
C LEU A 15 -21.36 5.55 2.80
N THR A 16 -21.40 4.80 1.72
CA THR A 16 -20.31 3.88 1.41
C THR A 16 -19.45 4.44 0.28
N LEU A 17 -18.16 4.14 0.35
CA LEU A 17 -17.22 4.61 -0.65
C LEU A 17 -16.58 3.40 -1.35
N LYS A 18 -16.34 3.55 -2.64
CA LYS A 18 -15.73 2.48 -3.41
C LYS A 18 -14.94 3.09 -4.58
N GLY A 19 -14.02 2.30 -5.09
CA GLY A 19 -13.19 2.75 -6.20
C GLY A 19 -11.74 2.31 -6.01
N GLY A 20 -11.44 1.11 -6.48
CA GLY A 20 -10.10 0.57 -6.37
C GLY A 20 -9.05 1.61 -6.76
N ALA A 21 -7.91 1.54 -6.10
CA ALA A 21 -6.83 2.47 -6.36
C ALA A 21 -6.17 2.10 -7.70
N ALA A 22 -5.38 3.04 -8.21
CA ALA A 22 -4.68 2.83 -9.46
C ALA A 22 -3.39 2.05 -9.21
N VAL A 23 -3.09 1.14 -10.12
CA VAL A 23 -1.89 0.33 -10.00
C VAL A 23 -0.78 0.95 -10.85
N ASP A 24 0.45 0.61 -10.50
CA ASP A 24 1.61 1.13 -11.20
C ASP A 24 1.90 0.22 -12.41
N PRO A 25 2.42 0.86 -13.49
CA PRO A 25 2.76 0.13 -14.71
C PRO A 25 4.04 -0.68 -14.52
N ASP A 26 4.81 -0.28 -13.53
CA ASP A 26 6.07 -0.96 -13.24
C ASP A 26 5.77 -2.30 -12.56
N SER A 27 4.54 -2.43 -12.11
CA SER A 27 4.11 -3.64 -11.44
C SER A 27 3.81 -4.74 -12.47
N GLY A 28 3.33 -4.30 -13.62
CA GLY A 28 2.99 -5.22 -14.70
C GLY A 28 1.56 -5.71 -14.57
N LEU A 29 0.98 -5.47 -13.40
CA LEU A 29 -0.39 -5.88 -13.15
C LEU A 29 -1.31 -4.66 -13.25
N GLU A 30 -0.76 -3.60 -13.83
CA GLU A 30 -1.52 -2.37 -13.99
C GLU A 30 -2.77 -2.62 -14.84
N HIS A 31 -2.64 -3.58 -15.75
CA HIS A 31 -3.75 -3.93 -16.63
C HIS A 31 -4.15 -5.39 -16.39
N SER A 32 -3.63 -5.94 -15.31
CA SER A 32 -3.93 -7.32 -14.96
C SER A 32 -4.57 -7.38 -13.57
N ALA A 33 -3.84 -6.84 -12.60
CA ALA A 33 -4.33 -6.83 -11.23
C ALA A 33 -4.71 -5.39 -10.84
N HIS A 34 -5.22 -5.26 -9.63
CA HIS A 34 -5.62 -3.95 -9.12
C HIS A 34 -5.35 -3.87 -7.62
N VAL A 35 -5.24 -2.65 -7.13
CA VAL A 35 -4.98 -2.42 -5.73
C VAL A 35 -5.97 -3.23 -4.89
N LEU A 36 -5.43 -3.95 -3.92
CA LEU A 36 -6.25 -4.76 -3.04
C LEU A 36 -7.16 -3.86 -2.20
N GLU A 37 -8.27 -4.44 -1.76
CA GLU A 37 -9.22 -3.70 -0.97
C GLU A 37 -9.85 -4.61 0.09
N LYS A 38 -9.82 -4.14 1.34
CA LYS A 38 -10.37 -4.89 2.44
C LYS A 38 -10.98 -3.93 3.46
N GLY A 39 -12.07 -4.38 4.07
CA GLY A 39 -12.75 -3.57 5.07
C GLY A 39 -13.01 -2.15 4.54
N GLY A 40 -13.57 -2.09 3.34
CA GLY A 40 -13.87 -0.81 2.73
C GLY A 40 -12.65 0.12 2.77
N LYS A 41 -11.48 -0.46 2.55
CA LYS A 41 -10.25 0.29 2.57
C LYS A 41 -9.40 -0.08 1.36
N VAL A 42 -8.36 0.71 1.13
CA VAL A 42 -7.47 0.46 0.01
C VAL A 42 -6.04 0.26 0.53
N PHE A 43 -5.38 -0.74 -0.02
CA PHE A 43 -4.01 -1.05 0.38
C PHE A 43 -3.01 -0.15 -0.35
N SER A 44 -3.25 1.15 -0.24
CA SER A 44 -2.38 2.13 -0.86
C SER A 44 -1.97 3.20 0.14
N ALA A 45 -0.78 3.03 0.70
CA ALA A 45 -0.27 3.97 1.67
C ALA A 45 1.05 4.56 1.16
N THR A 46 1.11 5.88 1.15
CA THR A 46 2.29 6.58 0.69
C THR A 46 3.14 7.03 1.88
N LEU A 47 4.23 6.30 2.09
CA LEU A 47 5.13 6.61 3.19
C LEU A 47 6.09 7.73 2.76
N GLY A 48 6.61 8.43 3.75
CA GLY A 48 7.54 9.52 3.48
C GLY A 48 8.41 9.80 4.71
N LEU A 49 9.69 9.49 4.57
CA LEU A 49 10.63 9.71 5.65
C LEU A 49 11.72 10.68 5.19
N VAL A 50 12.10 11.57 6.09
CA VAL A 50 13.12 12.55 5.78
C VAL A 50 13.97 12.81 7.03
N ASP A 51 15.27 12.84 6.84
CA ASP A 51 16.19 13.07 7.94
C ASP A 51 16.43 14.58 8.09
N ILE A 52 16.42 15.03 9.34
CA ILE A 52 16.62 16.44 9.62
C ILE A 52 18.12 16.70 9.82
N VAL A 53 18.79 15.70 10.36
CA VAL A 53 20.22 15.80 10.61
C VAL A 53 20.98 15.47 9.32
N LYS A 54 20.78 14.23 8.86
CA LYS A 54 21.44 13.77 7.66
C LYS A 54 20.98 14.62 6.47
N GLY A 55 19.89 15.35 6.70
CA GLY A 55 19.33 16.21 5.66
C GLY A 55 19.03 15.41 4.40
N THR A 56 18.59 14.17 4.61
CA THR A 56 18.25 13.30 3.50
C THR A 56 16.76 12.97 3.52
N ASN A 57 16.10 13.31 2.42
CA ASN A 57 14.67 13.07 2.29
C ASN A 57 14.45 11.72 1.60
N SER A 58 13.40 11.03 2.04
CA SER A 58 13.08 9.73 1.47
C SER A 58 11.56 9.62 1.26
N TYR A 59 11.18 8.67 0.42
CA TYR A 59 9.77 8.45 0.12
C TYR A 59 9.52 7.00 -0.25
N TYR A 60 8.66 6.36 0.52
CA TYR A 60 8.32 4.97 0.28
C TYR A 60 6.85 4.83 -0.14
N LYS A 61 6.58 3.79 -0.90
CA LYS A 61 5.23 3.53 -1.37
C LYS A 61 4.92 2.04 -1.22
N LEU A 62 3.77 1.77 -0.60
CA LEU A 62 3.34 0.39 -0.38
C LEU A 62 1.98 0.19 -1.03
N GLN A 63 1.90 -0.80 -1.90
CA GLN A 63 0.66 -1.11 -2.59
C GLN A 63 0.51 -2.63 -2.75
N LEU A 64 -0.65 -3.12 -2.35
CA LEU A 64 -0.93 -4.54 -2.44
C LEU A 64 -1.83 -4.80 -3.66
N LEU A 65 -1.22 -5.33 -4.71
CA LEU A 65 -1.95 -5.62 -5.93
C LEU A 65 -2.72 -6.94 -5.75
N GLU A 66 -3.97 -6.90 -6.18
CA GLU A 66 -4.83 -8.07 -6.08
C GLU A 66 -5.37 -8.47 -7.46
N ASP A 67 -5.44 -9.77 -7.68
CA ASP A 67 -5.93 -10.29 -8.95
C ASP A 67 -7.36 -9.80 -9.17
N ASP A 68 -7.72 -9.65 -10.44
CA ASP A 68 -9.05 -9.20 -10.80
C ASP A 68 -10.06 -9.78 -9.81
N LYS A 69 -9.97 -11.09 -9.61
CA LYS A 69 -10.86 -11.78 -8.70
C LYS A 69 -10.20 -11.92 -7.33
N GLU A 70 -9.48 -13.02 -7.17
CA GLU A 70 -8.77 -13.28 -5.92
C GLU A 70 -8.07 -14.63 -5.99
N ASN A 71 -6.79 -14.58 -6.37
CA ASN A 71 -6.00 -15.79 -6.47
C ASN A 71 -4.52 -15.40 -6.61
N ARG A 72 -4.28 -14.40 -7.45
CA ARG A 72 -2.92 -13.94 -7.68
C ARG A 72 -2.74 -12.54 -7.11
N TYR A 73 -1.61 -12.34 -6.44
CA TYR A 73 -1.31 -11.06 -5.84
C TYR A 73 0.19 -10.76 -5.90
N TRP A 74 0.51 -9.48 -5.75
CA TRP A 74 1.91 -9.05 -5.79
C TRP A 74 2.12 -8.05 -4.65
N ILE A 75 3.39 -7.85 -4.32
CA ILE A 75 3.75 -6.92 -3.26
C ILE A 75 4.66 -5.84 -3.82
N PHE A 76 4.09 -4.67 -4.04
CA PHE A 76 4.85 -3.55 -4.57
C PHE A 76 5.45 -2.71 -3.44
N ARG A 77 6.72 -2.37 -3.62
CA ARG A 77 7.43 -1.58 -2.62
C ARG A 77 8.40 -0.62 -3.31
N SER A 78 8.14 0.67 -3.13
CA SER A 78 8.99 1.69 -3.72
C SER A 78 9.78 2.42 -2.62
N TRP A 79 10.84 3.07 -3.05
CA TRP A 79 11.70 3.81 -2.12
C TRP A 79 12.73 4.58 -2.93
N GLY A 80 13.22 5.67 -2.34
CA GLY A 80 14.20 6.50 -3.00
C GLY A 80 14.22 7.91 -2.39
N ARG A 81 15.27 8.64 -2.73
CA ARG A 81 15.41 10.00 -2.23
C ARG A 81 14.50 10.95 -3.01
N VAL A 82 14.20 12.09 -2.39
CA VAL A 82 13.35 13.08 -3.00
C VAL A 82 14.19 13.98 -3.92
N GLY A 83 13.54 14.47 -4.97
CA GLY A 83 14.21 15.33 -5.93
C GLY A 83 15.16 14.53 -6.83
N THR A 84 16.09 13.83 -6.18
CA THR A 84 17.05 13.02 -6.90
C THR A 84 16.35 12.17 -7.95
N VAL A 85 17.15 11.46 -8.73
CA VAL A 85 16.62 10.60 -9.78
C VAL A 85 16.51 9.18 -9.25
N ILE A 86 17.17 8.94 -8.13
CA ILE A 86 17.16 7.63 -7.52
C ILE A 86 15.71 7.16 -7.33
N GLY A 87 15.43 5.97 -7.84
CA GLY A 87 14.10 5.40 -7.74
C GLY A 87 14.13 3.90 -7.99
N SER A 88 13.86 3.15 -6.93
CA SER A 88 13.84 1.70 -7.03
C SER A 88 12.55 1.15 -6.42
N ASN A 89 12.07 0.05 -7.00
CA ASN A 89 10.85 -0.58 -6.53
C ASN A 89 11.08 -2.08 -6.41
N LYS A 90 10.18 -2.73 -5.68
CA LYS A 90 10.27 -4.17 -5.49
C LYS A 90 8.90 -4.79 -5.76
N LEU A 91 8.93 -5.91 -6.48
CA LEU A 91 7.71 -6.62 -6.81
C LEU A 91 7.89 -8.11 -6.54
N GLU A 92 6.98 -8.65 -5.74
CA GLU A 92 7.04 -10.06 -5.39
C GLU A 92 5.63 -10.66 -5.39
N GLN A 93 5.45 -11.67 -6.23
CA GLN A 93 4.17 -12.34 -6.33
C GLN A 93 3.88 -13.15 -5.06
N MET A 94 2.65 -13.04 -4.58
CA MET A 94 2.25 -13.76 -3.39
C MET A 94 1.50 -15.04 -3.74
N PRO A 95 1.63 -16.06 -2.85
CA PRO A 95 0.97 -17.33 -3.06
C PRO A 95 -0.52 -17.24 -2.76
N SER A 96 -0.82 -16.64 -1.62
CA SER A 96 -2.20 -16.47 -1.20
C SER A 96 -2.51 -14.98 -1.01
N LYS A 97 -3.80 -14.69 -0.93
CA LYS A 97 -4.25 -13.31 -0.75
C LYS A 97 -3.82 -12.82 0.64
N GLU A 98 -3.98 -13.70 1.62
CA GLU A 98 -3.62 -13.37 2.98
C GLU A 98 -2.12 -13.12 3.10
N ASP A 99 -1.35 -14.08 2.61
CA ASP A 99 0.10 -13.98 2.64
C ASP A 99 0.51 -12.61 2.08
N ALA A 100 -0.34 -12.07 1.23
CA ALA A 100 -0.08 -10.77 0.61
C ALA A 100 -0.46 -9.67 1.60
N ILE A 101 -1.58 -9.87 2.27
CA ILE A 101 -2.06 -8.90 3.24
C ILE A 101 -1.13 -8.90 4.45
N GLU A 102 -0.87 -10.09 4.96
CA GLU A 102 0.00 -10.24 6.12
C GLU A 102 1.34 -9.54 5.87
N HIS A 103 1.89 -9.80 4.69
CA HIS A 103 3.16 -9.21 4.32
C HIS A 103 3.03 -7.69 4.23
N PHE A 104 2.00 -7.26 3.51
CA PHE A 104 1.74 -5.84 3.33
C PHE A 104 1.41 -5.19 4.67
N MET A 105 0.86 -5.99 5.58
CA MET A 105 0.49 -5.50 6.89
C MET A 105 1.71 -5.39 7.80
N LYS A 106 2.59 -6.38 7.69
CA LYS A 106 3.80 -6.41 8.49
C LYS A 106 4.84 -5.47 7.87
N LEU A 107 4.94 -5.53 6.56
CA LEU A 107 5.89 -4.70 5.84
C LEU A 107 5.66 -3.23 6.23
N TYR A 108 4.39 -2.83 6.18
CA TYR A 108 4.03 -1.46 6.52
C TYR A 108 4.24 -1.20 8.02
N GLU A 109 4.54 -2.27 8.74
CA GLU A 109 4.77 -2.16 10.17
C GLU A 109 6.27 -2.10 10.48
N GLU A 110 7.05 -2.61 9.54
CA GLU A 110 8.50 -2.61 9.69
C GLU A 110 9.07 -1.27 9.24
N LYS A 111 8.41 -0.67 8.27
CA LYS A 111 8.85 0.62 7.75
C LYS A 111 8.44 1.73 8.72
N THR A 112 7.13 1.85 8.92
CA THR A 112 6.61 2.86 9.82
C THR A 112 6.88 2.47 11.28
N GLY A 113 6.98 1.17 11.50
CA GLY A 113 7.26 0.66 12.83
C GLY A 113 5.94 0.38 13.58
N ASN A 114 4.89 1.04 13.13
CA ASN A 114 3.59 0.87 13.74
C ASN A 114 2.73 -0.05 12.86
N ALA A 115 1.87 -0.82 13.52
CA ALA A 115 1.00 -1.75 12.83
C ALA A 115 0.13 -0.96 11.84
N TRP A 116 -0.32 -1.67 10.81
CA TRP A 116 -1.16 -1.06 9.80
C TRP A 116 -2.47 -0.62 10.47
N HIS A 117 -3.04 -1.52 11.24
CA HIS A 117 -4.27 -1.24 11.94
C HIS A 117 -3.97 -0.94 13.41
N SER A 118 -3.45 0.25 13.65
CA SER A 118 -3.12 0.67 14.99
C SER A 118 -3.67 2.07 15.26
N LYS A 119 -4.30 2.21 16.41
CA LYS A 119 -4.88 3.49 16.80
C LYS A 119 -3.75 4.44 17.24
N ASN A 120 -4.10 5.71 17.31
CA ASN A 120 -3.14 6.73 17.72
C ASN A 120 -1.79 6.43 17.07
N PHE A 121 -1.60 6.99 15.88
CA PHE A 121 -0.37 6.81 15.15
C PHE A 121 0.75 7.68 15.72
N THR A 122 1.75 7.02 16.29
CA THR A 122 2.88 7.72 16.86
C THR A 122 3.96 7.98 15.80
N LYS A 123 4.16 9.26 15.52
CA LYS A 123 5.15 9.66 14.54
C LYS A 123 6.55 9.32 15.05
N TYR A 124 7.02 8.14 14.68
CA TYR A 124 8.33 7.69 15.10
C TYR A 124 9.44 8.52 14.44
N PRO A 125 10.68 8.31 14.92
CA PRO A 125 11.83 9.03 14.39
C PRO A 125 12.22 8.50 13.01
N LYS A 126 13.18 7.58 13.01
CA LYS A 126 13.66 7.00 11.77
C LYS A 126 12.64 5.97 11.28
N LYS A 127 11.42 6.45 11.06
CA LYS A 127 10.35 5.59 10.59
C LYS A 127 9.64 6.27 9.43
N PHE A 128 8.95 5.46 8.63
CA PHE A 128 8.22 5.97 7.49
C PHE A 128 6.74 6.15 7.82
N TYR A 129 6.31 7.40 7.75
CA TYR A 129 4.91 7.72 8.05
C TYR A 129 4.15 8.03 6.76
N PRO A 130 2.79 8.00 6.88
CA PRO A 130 1.93 8.28 5.74
C PRO A 130 1.91 9.78 5.42
N LEU A 131 2.39 10.11 4.23
CA LEU A 131 2.43 11.48 3.79
C LEU A 131 1.00 12.02 3.66
N GLU A 132 0.37 11.65 2.55
CA GLU A 132 -0.99 12.08 2.29
C GLU A 132 -1.95 11.48 3.33
N ILE A 133 -2.42 12.33 4.22
CA ILE A 133 -3.34 11.89 5.25
C ILE A 133 -4.74 12.42 4.95
N SER A 134 -5.73 11.57 5.14
CA SER A 134 -7.10 11.93 4.90
C SER A 134 -8.04 10.80 5.32
N GLY A 135 -8.44 10.85 6.58
CA GLY A 135 -9.34 9.84 7.12
C GLY A 135 -10.03 10.33 8.40
N PRO A 136 -11.08 9.58 8.80
CA PRO A 136 -11.83 9.93 10.00
C PRO A 136 -11.05 9.58 11.26
N SER A 137 -11.66 9.88 12.40
CA SER A 137 -11.03 9.61 13.68
C SER A 137 -11.96 10.00 14.82
N SER A 138 -11.67 9.47 16.00
CA SER A 138 -12.48 9.76 17.18
C SER A 138 -12.06 11.10 17.78
N GLY A 139 -13.06 11.81 18.29
CA GLY A 139 -12.82 13.11 18.89
C GLY A 139 -13.23 14.24 17.96
N GLY A 1 -19.10 -26.21 -26.78
CA GLY A 1 -18.03 -25.33 -26.33
C GLY A 1 -18.31 -23.87 -26.74
N SER A 2 -17.60 -22.97 -26.10
CA SER A 2 -17.76 -21.55 -26.40
C SER A 2 -16.70 -20.74 -25.63
N SER A 3 -16.46 -19.53 -26.12
CA SER A 3 -15.50 -18.64 -25.50
C SER A 3 -15.46 -17.31 -26.25
N GLY A 4 -14.86 -16.32 -25.60
CA GLY A 4 -14.74 -15.00 -26.18
C GLY A 4 -14.15 -14.00 -25.18
N SER A 5 -14.05 -12.76 -25.63
CA SER A 5 -13.50 -11.72 -24.78
C SER A 5 -14.18 -10.37 -25.10
N SER A 6 -14.00 -9.43 -24.19
CA SER A 6 -14.59 -8.11 -24.36
C SER A 6 -13.87 -7.09 -23.47
N GLY A 7 -13.79 -5.87 -23.97
CA GLY A 7 -13.14 -4.80 -23.23
C GLY A 7 -14.05 -3.58 -23.09
N LYS A 8 -13.56 -2.59 -22.37
CA LYS A 8 -14.32 -1.36 -22.16
C LYS A 8 -13.36 -0.20 -21.93
N SER A 9 -12.96 0.42 -23.03
CA SER A 9 -12.05 1.54 -22.96
C SER A 9 -12.76 2.77 -22.36
N GLU A 10 -12.09 3.37 -21.39
CA GLU A 10 -12.65 4.54 -20.73
C GLU A 10 -11.59 5.20 -19.83
N LYS A 11 -11.92 6.39 -19.35
CA LYS A 11 -11.02 7.12 -18.49
C LYS A 11 -11.78 8.26 -17.81
N ARG A 12 -12.64 7.88 -16.87
CA ARG A 12 -13.42 8.86 -16.14
C ARG A 12 -13.81 8.33 -14.76
N MET A 13 -13.64 9.18 -13.76
CA MET A 13 -13.95 8.80 -12.39
C MET A 13 -14.50 9.99 -11.61
N LYS A 14 -15.82 10.13 -11.65
CA LYS A 14 -16.48 11.21 -10.94
C LYS A 14 -17.26 10.65 -9.76
N LEU A 15 -18.27 9.85 -10.08
CA LEU A 15 -19.09 9.25 -9.05
C LEU A 15 -19.80 8.02 -9.63
N THR A 16 -19.50 6.87 -9.04
CA THR A 16 -20.08 5.62 -9.48
C THR A 16 -19.82 4.51 -8.46
N LEU A 17 -20.59 3.44 -8.60
CA LEU A 17 -20.45 2.31 -7.69
C LEU A 17 -18.98 1.91 -7.60
N LYS A 18 -18.42 1.54 -8.74
CA LYS A 18 -17.02 1.14 -8.80
C LYS A 18 -16.15 2.29 -8.28
N GLY A 19 -14.96 1.92 -7.80
CA GLY A 19 -14.03 2.91 -7.27
C GLY A 19 -12.66 2.29 -7.04
N GLY A 20 -12.28 2.22 -5.77
CA GLY A 20 -11.00 1.64 -5.40
C GLY A 20 -9.85 2.56 -5.82
N ALA A 21 -8.64 2.10 -5.55
CA ALA A 21 -7.45 2.87 -5.89
C ALA A 21 -6.97 2.45 -7.28
N ALA A 22 -6.11 3.29 -7.85
CA ALA A 22 -5.57 3.03 -9.17
C ALA A 22 -4.23 2.29 -9.04
N VAL A 23 -4.08 1.25 -9.86
CA VAL A 23 -2.86 0.46 -9.83
C VAL A 23 -1.83 1.10 -10.75
N ASP A 24 -0.57 0.91 -10.41
CA ASP A 24 0.53 1.46 -11.19
C ASP A 24 0.81 0.55 -12.38
N PRO A 25 1.24 1.17 -13.51
CA PRO A 25 1.55 0.42 -14.71
C PRO A 25 2.89 -0.31 -14.57
N ASP A 26 3.66 0.12 -13.58
CA ASP A 26 4.96 -0.49 -13.33
C ASP A 26 4.76 -1.92 -12.84
N SER A 27 3.61 -2.15 -12.22
CA SER A 27 3.29 -3.47 -11.70
C SER A 27 2.87 -4.39 -12.85
N GLY A 28 2.27 -3.79 -13.87
CA GLY A 28 1.82 -4.55 -15.02
C GLY A 28 0.37 -4.99 -14.85
N LEU A 29 -0.04 -5.08 -13.59
CA LEU A 29 -1.39 -5.50 -13.27
C LEU A 29 -2.30 -4.27 -13.17
N GLU A 30 -1.84 -3.19 -13.80
CA GLU A 30 -2.59 -1.94 -13.78
C GLU A 30 -3.93 -2.13 -14.48
N HIS A 31 -3.95 -3.05 -15.43
CA HIS A 31 -5.16 -3.34 -16.18
C HIS A 31 -5.58 -4.80 -15.95
N SER A 32 -4.91 -5.42 -15.00
CA SER A 32 -5.20 -6.81 -14.68
C SER A 32 -5.67 -6.94 -13.23
N ALA A 33 -4.85 -6.43 -12.33
CA ALA A 33 -5.16 -6.47 -10.92
C ALA A 33 -5.50 -5.05 -10.43
N HIS A 34 -6.19 -5.00 -9.29
CA HIS A 34 -6.57 -3.73 -8.72
C HIS A 34 -6.04 -3.63 -7.29
N VAL A 35 -5.95 -2.39 -6.81
CA VAL A 35 -5.46 -2.15 -5.46
C VAL A 35 -6.24 -3.01 -4.47
N LEU A 36 -5.53 -3.92 -3.83
CA LEU A 36 -6.15 -4.81 -2.86
C LEU A 36 -7.03 -3.99 -1.92
N GLU A 37 -8.31 -4.37 -1.90
CA GLU A 37 -9.28 -3.68 -1.06
C GLU A 37 -9.85 -4.64 -0.02
N LYS A 38 -9.94 -4.16 1.21
CA LYS A 38 -10.48 -4.97 2.29
C LYS A 38 -11.13 -4.06 3.34
N GLY A 39 -12.09 -4.61 4.05
CA GLY A 39 -12.78 -3.86 5.09
C GLY A 39 -13.09 -2.44 4.61
N GLY A 40 -13.56 -2.34 3.37
CA GLY A 40 -13.90 -1.07 2.80
C GLY A 40 -12.71 -0.10 2.86
N LYS A 41 -11.53 -0.66 2.64
CA LYS A 41 -10.31 0.13 2.67
C LYS A 41 -9.48 -0.18 1.42
N VAL A 42 -8.39 0.56 1.28
CA VAL A 42 -7.50 0.38 0.14
C VAL A 42 -6.07 0.19 0.64
N PHE A 43 -5.39 -0.77 0.03
CA PHE A 43 -4.01 -1.06 0.40
C PHE A 43 -3.04 -0.12 -0.31
N SER A 44 -3.33 1.16 -0.22
CA SER A 44 -2.50 2.17 -0.86
C SER A 44 -2.04 3.20 0.18
N ALA A 45 -0.84 3.00 0.68
CA ALA A 45 -0.27 3.89 1.67
C ALA A 45 1.03 4.51 1.13
N THR A 46 1.16 5.81 1.33
CA THR A 46 2.33 6.51 0.87
C THR A 46 3.08 7.14 2.06
N LEU A 47 4.11 6.42 2.51
CA LEU A 47 4.90 6.89 3.63
C LEU A 47 5.97 7.86 3.12
N GLY A 48 6.53 8.61 4.06
CA GLY A 48 7.56 9.58 3.71
C GLY A 48 8.30 10.06 4.96
N LEU A 49 9.61 10.22 4.82
CA LEU A 49 10.43 10.68 5.93
C LEU A 49 11.51 11.63 5.40
N VAL A 50 11.84 12.61 6.21
CA VAL A 50 12.85 13.58 5.84
C VAL A 50 13.82 13.78 7.02
N ASP A 51 15.10 13.68 6.70
CA ASP A 51 16.14 13.84 7.71
C ASP A 51 16.54 15.32 7.79
N ILE A 52 16.23 15.91 8.93
CA ILE A 52 16.56 17.31 9.15
C ILE A 52 18.04 17.43 9.50
N VAL A 53 18.54 16.42 10.18
CA VAL A 53 19.94 16.41 10.58
C VAL A 53 20.81 16.06 9.37
N LYS A 54 20.48 14.94 8.75
CA LYS A 54 21.22 14.48 7.57
C LYS A 54 20.84 15.35 6.37
N GLY A 55 19.81 16.17 6.57
CA GLY A 55 19.36 17.06 5.52
C GLY A 55 19.04 16.27 4.24
N THR A 56 18.45 15.10 4.44
CA THR A 56 18.09 14.24 3.32
C THR A 56 16.59 13.98 3.30
N ASN A 57 16.15 13.26 2.27
CA ASN A 57 14.75 12.94 2.14
C ASN A 57 14.59 11.42 1.98
N SER A 58 13.40 10.94 2.28
CA SER A 58 13.11 9.52 2.18
C SER A 58 11.61 9.30 1.94
N TYR A 59 11.32 8.36 1.05
CA TYR A 59 9.93 8.05 0.73
C TYR A 59 9.75 6.55 0.51
N TYR A 60 8.59 6.07 0.94
CA TYR A 60 8.28 4.65 0.80
C TYR A 60 6.81 4.45 0.42
N LYS A 61 6.61 3.74 -0.69
CA LYS A 61 5.27 3.47 -1.16
C LYS A 61 4.96 1.97 -1.00
N LEU A 62 3.69 1.69 -0.73
CA LEU A 62 3.26 0.31 -0.54
C LEU A 62 1.86 0.15 -1.14
N GLN A 63 1.79 -0.68 -2.17
CA GLN A 63 0.52 -0.94 -2.84
C GLN A 63 0.34 -2.44 -3.06
N LEU A 64 -0.73 -2.97 -2.50
CA LEU A 64 -1.03 -4.38 -2.63
C LEU A 64 -2.03 -4.58 -3.78
N LEU A 65 -1.59 -5.35 -4.77
CA LEU A 65 -2.44 -5.61 -5.92
C LEU A 65 -3.16 -6.96 -5.72
N GLU A 66 -4.37 -7.03 -6.27
CA GLU A 66 -5.16 -8.23 -6.15
C GLU A 66 -5.80 -8.58 -7.50
N ASP A 67 -5.86 -9.87 -7.77
CA ASP A 67 -6.44 -10.35 -9.01
C ASP A 67 -7.97 -10.33 -8.90
N ASP A 68 -8.59 -9.64 -9.85
CA ASP A 68 -10.04 -9.55 -9.87
C ASP A 68 -10.63 -10.80 -10.52
N LYS A 69 -9.91 -11.30 -11.51
CA LYS A 69 -10.35 -12.49 -12.22
C LYS A 69 -9.89 -13.74 -11.46
N GLU A 70 -8.61 -14.05 -11.60
CA GLU A 70 -8.03 -15.20 -10.94
C GLU A 70 -7.72 -14.87 -9.47
N ASN A 71 -6.89 -15.72 -8.88
CA ASN A 71 -6.51 -15.53 -7.49
C ASN A 71 -4.98 -15.37 -7.40
N ARG A 72 -4.54 -14.13 -7.54
CA ARG A 72 -3.12 -13.83 -7.48
C ARG A 72 -2.89 -12.41 -6.99
N TYR A 73 -1.96 -12.27 -6.07
CA TYR A 73 -1.63 -10.97 -5.51
C TYR A 73 -0.14 -10.69 -5.60
N TRP A 74 0.18 -9.46 -5.99
CA TRP A 74 1.56 -9.04 -6.13
C TRP A 74 1.87 -8.05 -5.01
N ILE A 75 3.16 -7.85 -4.77
CA ILE A 75 3.60 -6.93 -3.74
C ILE A 75 4.56 -5.91 -4.34
N PHE A 76 4.00 -4.75 -4.68
CA PHE A 76 4.78 -3.68 -5.28
C PHE A 76 5.35 -2.76 -4.20
N ARG A 77 6.65 -2.89 -3.97
CA ARG A 77 7.33 -2.07 -2.97
C ARG A 77 8.29 -1.10 -3.66
N SER A 78 8.03 0.18 -3.44
CA SER A 78 8.87 1.23 -4.03
C SER A 78 9.63 1.96 -2.92
N TRP A 79 10.90 2.23 -3.20
CA TRP A 79 11.75 2.91 -2.25
C TRP A 79 12.77 3.74 -3.04
N GLY A 80 13.41 4.66 -2.33
CA GLY A 80 14.41 5.52 -2.94
C GLY A 80 14.57 6.82 -2.15
N ARG A 81 15.83 7.16 -1.91
CA ARG A 81 16.14 8.37 -1.16
C ARG A 81 15.93 9.61 -2.05
N VAL A 82 14.85 10.32 -1.77
CA VAL A 82 14.53 11.52 -2.52
C VAL A 82 15.62 12.56 -2.30
N GLY A 83 15.77 13.43 -3.30
CA GLY A 83 16.78 14.48 -3.22
C GLY A 83 18.19 13.90 -3.22
N THR A 84 18.28 12.65 -3.67
CA THR A 84 19.56 11.97 -3.72
C THR A 84 19.71 11.22 -5.04
N VAL A 85 20.06 9.95 -4.93
CA VAL A 85 20.25 9.11 -6.11
C VAL A 85 19.49 7.80 -5.92
N ILE A 86 19.71 7.18 -4.76
CA ILE A 86 19.06 5.92 -4.44
C ILE A 86 17.65 5.92 -5.05
N GLY A 87 17.22 4.73 -5.44
CA GLY A 87 15.90 4.57 -6.04
C GLY A 87 15.75 3.18 -6.66
N SER A 88 14.59 2.58 -6.42
CA SER A 88 14.30 1.26 -6.96
C SER A 88 12.92 0.80 -6.48
N ASN A 89 12.50 -0.34 -7.02
CA ASN A 89 11.21 -0.91 -6.65
C ASN A 89 11.35 -2.42 -6.52
N LYS A 90 10.22 -3.06 -6.24
CA LYS A 90 10.19 -4.50 -6.10
C LYS A 90 8.77 -5.02 -6.36
N LEU A 91 8.70 -6.07 -7.15
CA LEU A 91 7.42 -6.67 -7.49
C LEU A 91 7.52 -8.20 -7.38
N GLU A 92 6.75 -8.75 -6.46
CA GLU A 92 6.75 -10.19 -6.26
C GLU A 92 5.32 -10.73 -6.32
N GLN A 93 5.23 -12.03 -6.55
CA GLN A 93 3.94 -12.69 -6.65
C GLN A 93 3.65 -13.49 -5.37
N MET A 94 2.60 -13.09 -4.69
CA MET A 94 2.20 -13.76 -3.46
C MET A 94 1.39 -15.03 -3.76
N PRO A 95 1.57 -16.04 -2.87
CA PRO A 95 0.88 -17.31 -3.03
C PRO A 95 -0.59 -17.17 -2.62
N SER A 96 -0.80 -16.61 -1.44
CA SER A 96 -2.15 -16.42 -0.93
C SER A 96 -2.43 -14.93 -0.76
N LYS A 97 -3.72 -14.61 -0.62
CA LYS A 97 -4.13 -13.22 -0.45
C LYS A 97 -3.57 -12.69 0.87
N GLU A 98 -3.67 -13.52 1.90
CA GLU A 98 -3.17 -13.13 3.21
C GLU A 98 -1.67 -12.89 3.16
N ASP A 99 -0.95 -13.89 2.67
CA ASP A 99 0.50 -13.79 2.56
C ASP A 99 0.87 -12.44 1.94
N ALA A 100 -0.04 -11.93 1.13
CA ALA A 100 0.18 -10.64 0.49
C ALA A 100 -0.20 -9.51 1.45
N ILE A 101 -1.26 -9.74 2.19
CA ILE A 101 -1.73 -8.76 3.15
C ILE A 101 -0.75 -8.69 4.32
N GLU A 102 -0.29 -9.86 4.73
CA GLU A 102 0.66 -9.96 5.84
C GLU A 102 1.98 -9.28 5.46
N HIS A 103 2.41 -9.55 4.24
CA HIS A 103 3.65 -8.98 3.75
C HIS A 103 3.51 -7.46 3.62
N PHE A 104 2.30 -7.04 3.34
CA PHE A 104 2.01 -5.62 3.19
C PHE A 104 1.68 -4.98 4.54
N MET A 105 1.11 -5.80 5.42
CA MET A 105 0.75 -5.32 6.75
C MET A 105 1.97 -5.23 7.65
N LYS A 106 2.91 -6.15 7.44
CA LYS A 106 4.13 -6.16 8.23
C LYS A 106 5.11 -5.13 7.68
N LEU A 107 5.29 -5.17 6.36
CA LEU A 107 6.19 -4.25 5.70
C LEU A 107 5.87 -2.82 6.15
N TYR A 108 4.61 -2.45 5.98
CA TYR A 108 4.16 -1.13 6.37
C TYR A 108 4.26 -0.92 7.88
N GLU A 109 4.54 -2.02 8.56
CA GLU A 109 4.68 -1.98 10.01
C GLU A 109 6.15 -1.88 10.41
N GLU A 110 7.00 -2.28 9.48
CA GLU A 110 8.44 -2.25 9.72
C GLU A 110 8.97 -0.83 9.54
N LYS A 111 8.47 -0.17 8.51
CA LYS A 111 8.89 1.20 8.22
C LYS A 111 8.39 2.13 9.33
N THR A 112 7.07 2.26 9.41
CA THR A 112 6.46 3.11 10.41
C THR A 112 6.74 2.57 11.81
N GLY A 113 6.72 1.25 11.91
CA GLY A 113 6.97 0.59 13.19
C GLY A 113 5.66 0.24 13.89
N ASN A 114 4.59 0.90 13.46
CA ASN A 114 3.28 0.67 14.03
C ASN A 114 2.50 -0.30 13.15
N ALA A 115 1.48 -0.90 13.72
CA ALA A 115 0.65 -1.84 13.00
C ALA A 115 -0.24 -1.08 12.02
N TRP A 116 -0.55 -1.75 10.90
CA TRP A 116 -1.39 -1.15 9.89
C TRP A 116 -2.66 -0.62 10.57
N HIS A 117 -3.13 -1.39 11.54
CA HIS A 117 -4.33 -1.01 12.27
C HIS A 117 -4.23 -1.51 13.71
N SER A 118 -3.72 -0.64 14.57
CA SER A 118 -3.56 -0.98 15.97
C SER A 118 -4.32 0.03 16.85
N LYS A 119 -3.76 1.24 16.91
CA LYS A 119 -4.37 2.30 17.70
C LYS A 119 -3.54 3.58 17.53
N ASN A 120 -4.17 4.56 16.89
CA ASN A 120 -3.50 5.84 16.66
C ASN A 120 -2.13 5.59 16.04
N PHE A 121 -1.44 6.69 15.77
CA PHE A 121 -0.12 6.61 15.17
C PHE A 121 0.93 7.23 16.09
N THR A 122 2.12 6.63 16.08
CA THR A 122 3.22 7.09 16.91
C THR A 122 4.41 7.51 16.03
N LYS A 123 4.56 8.81 15.86
CA LYS A 123 5.64 9.33 15.06
C LYS A 123 6.98 9.07 15.75
N TYR A 124 7.66 8.04 15.29
CA TYR A 124 8.94 7.66 15.87
C TYR A 124 10.10 8.25 15.05
N PRO A 125 11.31 8.18 15.65
CA PRO A 125 12.51 8.70 14.99
C PRO A 125 12.97 7.75 13.89
N LYS A 126 13.04 8.28 12.68
CA LYS A 126 13.46 7.49 11.54
C LYS A 126 12.25 6.79 10.92
N LYS A 127 11.32 6.42 11.80
CA LYS A 127 10.12 5.73 11.35
C LYS A 127 9.40 6.59 10.31
N PHE A 128 8.98 5.94 9.24
CA PHE A 128 8.28 6.63 8.17
C PHE A 128 6.81 6.88 8.54
N TYR A 129 6.31 8.02 8.10
CA TYR A 129 4.94 8.39 8.38
C TYR A 129 4.14 8.54 7.08
N PRO A 130 2.80 8.55 7.23
CA PRO A 130 1.91 8.70 6.08
C PRO A 130 1.89 10.15 5.59
N LEU A 131 2.18 10.29 4.30
CA LEU A 131 2.20 11.61 3.69
C LEU A 131 0.77 12.08 3.44
N GLU A 132 0.10 11.38 2.53
CA GLU A 132 -1.27 11.72 2.19
C GLU A 132 -2.23 11.10 3.21
N ILE A 133 -2.99 11.97 3.86
CA ILE A 133 -3.95 11.53 4.87
C ILE A 133 -5.36 11.87 4.40
N SER A 134 -6.27 10.94 4.62
CA SER A 134 -7.65 11.14 4.23
C SER A 134 -8.54 10.06 4.87
N GLY A 135 -8.88 10.31 6.13
CA GLY A 135 -9.72 9.37 6.87
C GLY A 135 -9.59 9.60 8.37
N PRO A 136 -10.61 9.07 9.13
CA PRO A 136 -10.62 9.22 10.57
C PRO A 136 -9.60 8.29 11.22
N SER A 137 -9.69 7.01 10.85
CA SER A 137 -8.80 6.01 11.39
C SER A 137 -8.94 5.94 12.91
N SER A 138 -9.92 5.14 13.34
CA SER A 138 -10.17 4.98 14.76
C SER A 138 -10.49 6.33 15.40
N GLY A 139 -11.08 6.27 16.58
CA GLY A 139 -11.42 7.48 17.31
C GLY A 139 -12.50 7.20 18.36
N GLY A 1 -3.98 39.68 -26.45
CA GLY A 1 -3.86 39.94 -25.02
C GLY A 1 -4.36 38.74 -24.20
N SER A 2 -4.20 38.85 -22.89
CA SER A 2 -4.64 37.80 -21.99
C SER A 2 -4.59 38.29 -20.55
N SER A 3 -5.14 37.48 -19.66
CA SER A 3 -5.16 37.82 -18.24
C SER A 3 -4.90 36.58 -17.40
N GLY A 4 -5.76 35.59 -17.56
CA GLY A 4 -5.63 34.35 -16.83
C GLY A 4 -6.60 34.31 -15.64
N SER A 5 -6.05 34.52 -14.46
CA SER A 5 -6.86 34.51 -13.24
C SER A 5 -7.39 33.10 -12.98
N SER A 6 -7.65 32.82 -11.71
CA SER A 6 -8.16 31.52 -11.32
C SER A 6 -8.37 31.47 -9.80
N GLY A 7 -9.02 30.41 -9.36
CA GLY A 7 -9.29 30.23 -7.94
C GLY A 7 -9.43 28.75 -7.59
N LYS A 8 -9.72 28.50 -6.32
CA LYS A 8 -9.88 27.14 -5.85
C LYS A 8 -10.63 27.16 -4.51
N SER A 9 -10.94 25.97 -4.03
CA SER A 9 -11.65 25.83 -2.77
C SER A 9 -11.63 24.37 -2.31
N GLU A 10 -12.11 24.16 -1.09
CA GLU A 10 -12.15 22.82 -0.53
C GLU A 10 -13.50 22.58 0.17
N LYS A 11 -13.74 21.33 0.50
CA LYS A 11 -14.97 20.95 1.17
C LYS A 11 -14.89 19.50 1.62
N ARG A 12 -15.72 19.17 2.60
CA ARG A 12 -15.75 17.82 3.14
C ARG A 12 -17.18 17.37 3.37
N MET A 13 -17.42 16.09 3.11
CA MET A 13 -18.75 15.52 3.29
C MET A 13 -18.68 14.00 3.44
N LYS A 14 -19.68 13.45 4.12
CA LYS A 14 -19.74 12.02 4.34
C LYS A 14 -20.31 11.34 3.09
N LEU A 15 -19.41 10.95 2.20
CA LEU A 15 -19.81 10.30 0.96
C LEU A 15 -18.79 9.23 0.61
N THR A 16 -19.23 7.98 0.66
CA THR A 16 -18.36 6.86 0.34
C THR A 16 -17.74 7.04 -1.04
N LEU A 17 -16.57 6.44 -1.21
CA LEU A 17 -15.86 6.53 -2.48
C LEU A 17 -15.98 5.21 -3.22
N LYS A 18 -15.58 4.14 -2.54
CA LYS A 18 -15.64 2.82 -3.11
C LYS A 18 -14.92 2.81 -4.46
N GLY A 19 -14.88 1.64 -5.09
CA GLY A 19 -14.23 1.50 -6.38
C GLY A 19 -12.85 0.86 -6.22
N GLY A 20 -11.96 1.60 -5.57
CA GLY A 20 -10.60 1.11 -5.35
C GLY A 20 -9.57 2.14 -5.83
N ALA A 21 -8.38 2.02 -5.28
CA ALA A 21 -7.29 2.92 -5.64
C ALA A 21 -6.74 2.54 -7.01
N ALA A 22 -5.98 3.45 -7.59
CA ALA A 22 -5.39 3.23 -8.89
C ALA A 22 -4.08 2.46 -8.72
N VAL A 23 -3.84 1.55 -9.65
CA VAL A 23 -2.62 0.75 -9.62
C VAL A 23 -1.53 1.45 -10.42
N ASP A 24 -0.29 1.11 -10.11
CA ASP A 24 0.85 1.70 -10.79
C ASP A 24 1.03 1.02 -12.15
N PRO A 25 1.37 1.85 -13.16
CA PRO A 25 1.58 1.35 -14.51
C PRO A 25 2.92 0.61 -14.62
N ASP A 26 3.85 1.00 -13.77
CA ASP A 26 5.16 0.39 -13.75
C ASP A 26 5.04 -1.06 -13.27
N SER A 27 3.94 -1.34 -12.61
CA SER A 27 3.68 -2.68 -12.10
C SER A 27 3.20 -3.59 -13.24
N GLY A 28 2.56 -2.97 -14.21
CA GLY A 28 2.04 -3.71 -15.36
C GLY A 28 0.78 -4.47 -14.99
N LEU A 29 0.33 -4.27 -13.75
CA LEU A 29 -0.87 -4.92 -13.27
C LEU A 29 -1.98 -3.89 -13.11
N GLU A 30 -1.79 -2.76 -13.76
CA GLU A 30 -2.78 -1.69 -13.70
C GLU A 30 -3.93 -1.96 -14.66
N HIS A 31 -3.69 -2.90 -15.57
CA HIS A 31 -4.69 -3.27 -16.55
C HIS A 31 -5.07 -4.74 -16.38
N SER A 32 -4.57 -5.32 -15.30
CA SER A 32 -4.85 -6.71 -15.01
C SER A 32 -5.35 -6.85 -13.58
N ALA A 33 -4.55 -6.34 -12.65
CA ALA A 33 -4.91 -6.41 -11.24
C ALA A 33 -5.35 -5.03 -10.76
N HIS A 34 -5.74 -4.96 -9.50
CA HIS A 34 -6.18 -3.71 -8.91
C HIS A 34 -5.72 -3.64 -7.45
N VAL A 35 -5.74 -2.42 -6.93
CA VAL A 35 -5.33 -2.20 -5.55
C VAL A 35 -6.12 -3.14 -4.63
N LEU A 36 -5.39 -4.03 -3.98
CA LEU A 36 -6.01 -4.98 -3.07
C LEU A 36 -6.80 -4.22 -2.01
N GLU A 37 -8.11 -4.45 -2.04
CA GLU A 37 -9.00 -3.79 -1.09
C GLU A 37 -9.47 -4.78 -0.02
N LYS A 38 -9.64 -4.28 1.19
CA LYS A 38 -10.09 -5.11 2.29
C LYS A 38 -10.76 -4.23 3.34
N GLY A 39 -11.77 -4.81 4.00
CA GLY A 39 -12.50 -4.09 5.03
C GLY A 39 -12.89 -2.68 4.55
N GLY A 40 -13.40 -2.63 3.32
CA GLY A 40 -13.81 -1.37 2.73
C GLY A 40 -12.67 -0.35 2.78
N LYS A 41 -11.45 -0.86 2.64
CA LYS A 41 -10.28 0.00 2.66
C LYS A 41 -9.42 -0.29 1.43
N VAL A 42 -8.39 0.52 1.26
CA VAL A 42 -7.49 0.36 0.13
C VAL A 42 -6.06 0.17 0.65
N PHE A 43 -5.36 -0.76 0.01
CA PHE A 43 -3.98 -1.05 0.39
C PHE A 43 -3.01 -0.15 -0.35
N SER A 44 -3.23 1.16 -0.22
CA SER A 44 -2.38 2.13 -0.86
C SER A 44 -1.96 3.20 0.14
N ALA A 45 -0.75 3.06 0.65
CA ALA A 45 -0.22 4.01 1.62
C ALA A 45 1.12 4.55 1.13
N THR A 46 1.25 5.86 1.16
CA THR A 46 2.47 6.51 0.71
C THR A 46 3.25 7.05 1.91
N LEU A 47 4.28 6.31 2.29
CA LEU A 47 5.11 6.69 3.41
C LEU A 47 6.13 7.74 2.95
N GLY A 48 6.60 8.52 3.91
CA GLY A 48 7.57 9.56 3.62
C GLY A 48 8.40 9.90 4.86
N LEU A 49 9.69 9.65 4.75
CA LEU A 49 10.60 9.92 5.86
C LEU A 49 11.75 10.79 5.35
N VAL A 50 12.16 11.74 6.19
CA VAL A 50 13.24 12.63 5.86
C VAL A 50 14.04 12.97 7.11
N ASP A 51 15.35 12.86 6.98
CA ASP A 51 16.23 13.15 8.10
C ASP A 51 16.44 14.66 8.21
N ILE A 52 16.55 15.12 9.45
CA ILE A 52 16.75 16.54 9.70
C ILE A 52 18.25 16.81 9.88
N VAL A 53 18.93 15.85 10.47
CA VAL A 53 20.37 15.99 10.69
C VAL A 53 21.11 15.58 9.42
N LYS A 54 20.94 14.33 9.05
CA LYS A 54 21.59 13.79 7.85
C LYS A 54 21.10 14.56 6.63
N GLY A 55 20.01 15.30 6.82
CA GLY A 55 19.42 16.08 5.75
C GLY A 55 19.13 15.19 4.53
N THR A 56 18.81 13.94 4.82
CA THR A 56 18.51 12.99 3.77
C THR A 56 17.01 12.68 3.74
N ASN A 57 16.38 13.01 2.62
CA ASN A 57 14.96 12.77 2.47
C ASN A 57 14.73 11.35 1.96
N SER A 58 13.55 10.84 2.22
CA SER A 58 13.20 9.49 1.80
C SER A 58 11.69 9.39 1.57
N TYR A 59 11.30 8.42 0.76
CA TYR A 59 9.90 8.20 0.45
C TYR A 59 9.63 6.73 0.11
N TYR A 60 8.70 6.14 0.86
CA TYR A 60 8.35 4.75 0.64
C TYR A 60 6.90 4.63 0.13
N LYS A 61 6.68 3.59 -0.65
CA LYS A 61 5.36 3.35 -1.21
C LYS A 61 4.99 1.87 -1.01
N LEU A 62 3.78 1.66 -0.52
CA LEU A 62 3.30 0.32 -0.28
C LEU A 62 1.92 0.15 -0.93
N GLN A 63 1.89 -0.72 -1.95
CA GLN A 63 0.65 -0.98 -2.65
C GLN A 63 0.49 -2.48 -2.91
N LEU A 64 -0.55 -3.04 -2.32
CA LEU A 64 -0.82 -4.46 -2.47
C LEU A 64 -1.78 -4.66 -3.66
N LEU A 65 -1.21 -5.18 -4.75
CA LEU A 65 -1.99 -5.43 -5.95
C LEU A 65 -2.64 -6.81 -5.85
N GLU A 66 -3.77 -6.94 -6.51
CA GLU A 66 -4.50 -8.20 -6.50
C GLU A 66 -5.13 -8.45 -7.88
N ASP A 67 -5.12 -9.72 -8.26
CA ASP A 67 -5.69 -10.11 -9.55
C ASP A 67 -7.17 -9.72 -9.60
N ASP A 68 -7.61 -9.35 -10.78
CA ASP A 68 -9.00 -8.96 -10.97
C ASP A 68 -9.91 -10.15 -10.70
N LYS A 69 -9.33 -11.33 -10.85
CA LYS A 69 -10.09 -12.56 -10.63
C LYS A 69 -9.83 -13.05 -9.20
N GLU A 70 -9.18 -12.20 -8.43
CA GLU A 70 -8.87 -12.54 -7.05
C GLU A 70 -8.35 -13.97 -6.95
N ASN A 71 -7.04 -14.10 -7.06
CA ASN A 71 -6.40 -15.40 -6.98
C ASN A 71 -4.89 -15.21 -6.81
N ARG A 72 -4.33 -14.39 -7.67
CA ARG A 72 -2.90 -14.12 -7.62
C ARG A 72 -2.65 -12.65 -7.25
N TYR A 73 -1.92 -12.48 -6.15
CA TYR A 73 -1.61 -11.14 -5.68
C TYR A 73 -0.13 -10.80 -5.94
N TRP A 74 0.17 -9.52 -5.82
CA TRP A 74 1.53 -9.05 -6.04
C TRP A 74 1.88 -8.06 -4.92
N ILE A 75 3.17 -7.88 -4.71
CA ILE A 75 3.64 -6.96 -3.69
C ILE A 75 4.51 -5.88 -4.34
N PHE A 76 3.89 -4.75 -4.60
CA PHE A 76 4.59 -3.63 -5.21
C PHE A 76 5.18 -2.70 -4.14
N ARG A 77 6.50 -2.74 -4.05
CA ARG A 77 7.21 -1.91 -3.09
C ARG A 77 8.20 -0.99 -3.80
N SER A 78 8.10 0.30 -3.48
CA SER A 78 8.98 1.29 -4.08
C SER A 78 9.65 2.12 -2.99
N TRP A 79 10.92 2.43 -3.22
CA TRP A 79 11.68 3.22 -2.26
C TRP A 79 12.52 4.22 -3.05
N GLY A 80 13.44 4.86 -2.34
CA GLY A 80 14.32 5.84 -2.96
C GLY A 80 14.25 7.17 -2.21
N ARG A 81 15.36 7.90 -2.27
CA ARG A 81 15.45 9.19 -1.62
C ARG A 81 14.74 10.26 -2.45
N VAL A 82 14.66 11.46 -1.87
CA VAL A 82 14.00 12.56 -2.54
C VAL A 82 15.03 13.68 -2.79
N GLY A 83 15.36 13.86 -4.06
CA GLY A 83 16.32 14.88 -4.44
C GLY A 83 17.68 14.26 -4.79
N THR A 84 17.66 12.95 -4.94
CA THR A 84 18.88 12.22 -5.27
C THR A 84 18.73 11.52 -6.63
N VAL A 85 19.60 10.55 -6.86
CA VAL A 85 19.57 9.81 -8.11
C VAL A 85 18.93 8.43 -7.87
N ILE A 86 18.84 8.08 -6.60
CA ILE A 86 18.25 6.80 -6.22
C ILE A 86 16.87 6.66 -6.89
N GLY A 87 16.34 5.46 -6.81
CA GLY A 87 15.03 5.18 -7.39
C GLY A 87 14.96 3.74 -7.89
N SER A 88 13.95 3.02 -7.38
CA SER A 88 13.75 1.64 -7.75
C SER A 88 12.49 1.09 -7.09
N ASN A 89 11.95 0.05 -7.70
CA ASN A 89 10.75 -0.58 -7.18
C ASN A 89 10.94 -2.10 -7.11
N LYS A 90 9.90 -2.78 -6.68
CA LYS A 90 9.95 -4.24 -6.56
C LYS A 90 8.55 -4.81 -6.78
N LEU A 91 8.50 -5.89 -7.54
CA LEU A 91 7.23 -6.55 -7.82
C LEU A 91 7.39 -8.06 -7.66
N GLU A 92 6.61 -8.61 -6.75
CA GLU A 92 6.65 -10.04 -6.49
C GLU A 92 5.23 -10.59 -6.27
N GLN A 93 5.01 -11.78 -6.81
CA GLN A 93 3.71 -12.41 -6.69
C GLN A 93 3.62 -13.18 -5.37
N MET A 94 2.49 -13.03 -4.71
CA MET A 94 2.26 -13.71 -3.44
C MET A 94 1.52 -15.02 -3.65
N PRO A 95 1.78 -15.98 -2.71
CA PRO A 95 1.14 -17.29 -2.78
C PRO A 95 -0.33 -17.21 -2.35
N SER A 96 -0.54 -16.67 -1.16
CA SER A 96 -1.89 -16.54 -0.64
C SER A 96 -2.26 -15.06 -0.55
N LYS A 97 -3.56 -14.81 -0.39
CA LYS A 97 -4.07 -13.45 -0.28
C LYS A 97 -3.55 -12.82 1.02
N GLU A 98 -3.57 -13.63 2.07
CA GLU A 98 -3.13 -13.17 3.37
C GLU A 98 -1.63 -12.87 3.34
N ASP A 99 -0.87 -13.87 2.91
CA ASP A 99 0.58 -13.74 2.83
C ASP A 99 0.92 -12.42 2.13
N ALA A 100 -0.01 -11.97 1.31
CA ALA A 100 0.19 -10.72 0.58
C ALA A 100 -0.20 -9.55 1.47
N ILE A 101 -1.26 -9.75 2.25
CA ILE A 101 -1.74 -8.72 3.15
C ILE A 101 -0.78 -8.61 4.34
N GLU A 102 -0.42 -9.76 4.89
CA GLU A 102 0.49 -9.79 6.02
C GLU A 102 1.80 -9.09 5.68
N HIS A 103 2.28 -9.37 4.48
CA HIS A 103 3.53 -8.76 4.01
C HIS A 103 3.35 -7.25 3.89
N PHE A 104 2.18 -6.86 3.39
CA PHE A 104 1.88 -5.45 3.21
C PHE A 104 1.46 -4.81 4.54
N MET A 105 1.04 -5.66 5.47
CA MET A 105 0.62 -5.20 6.78
C MET A 105 1.81 -5.06 7.73
N LYS A 106 2.68 -6.06 7.65
CA LYS A 106 3.87 -6.07 8.50
C LYS A 106 4.86 -5.03 7.99
N LEU A 107 5.05 -5.01 6.68
CA LEU A 107 5.96 -4.08 6.06
C LEU A 107 5.66 -2.66 6.55
N TYR A 108 4.39 -2.27 6.39
CA TYR A 108 3.96 -0.95 6.82
C TYR A 108 4.06 -0.80 8.34
N GLU A 109 4.33 -1.93 8.98
CA GLU A 109 4.45 -1.94 10.43
C GLU A 109 5.93 -1.87 10.84
N GLU A 110 6.79 -2.25 9.91
CA GLU A 110 8.22 -2.23 10.15
C GLU A 110 8.81 -0.87 9.77
N LYS A 111 8.22 -0.28 8.75
CA LYS A 111 8.67 1.02 8.27
C LYS A 111 8.29 2.09 9.29
N THR A 112 6.99 2.25 9.48
CA THR A 112 6.48 3.23 10.42
C THR A 112 6.70 2.76 11.87
N GLY A 113 6.54 1.45 12.05
CA GLY A 113 6.72 0.86 13.37
C GLY A 113 5.37 0.56 14.02
N ASN A 114 4.33 1.19 13.47
CA ASN A 114 2.98 1.00 14.00
C ASN A 114 2.21 0.07 13.05
N ALA A 115 1.34 -0.74 13.65
CA ALA A 115 0.54 -1.67 12.88
C ALA A 115 -0.31 -0.89 11.88
N TRP A 116 -0.69 -1.58 10.81
CA TRP A 116 -1.50 -0.96 9.76
C TRP A 116 -2.71 -0.31 10.43
N HIS A 117 -3.34 -1.07 11.32
CA HIS A 117 -4.50 -0.58 12.03
C HIS A 117 -4.31 -0.80 13.53
N SER A 118 -3.65 0.16 14.17
CA SER A 118 -3.39 0.09 15.60
C SER A 118 -3.94 1.34 16.28
N LYS A 119 -5.19 1.65 15.98
CA LYS A 119 -5.84 2.80 16.56
C LYS A 119 -4.92 4.03 16.42
N ASN A 120 -5.17 4.80 15.37
CA ASN A 120 -4.39 5.99 15.12
C ASN A 120 -2.92 5.60 14.92
N PHE A 121 -2.14 6.54 14.43
CA PHE A 121 -0.73 6.31 14.19
C PHE A 121 0.13 7.19 15.09
N THR A 122 1.34 6.71 15.36
CA THR A 122 2.26 7.44 16.21
C THR A 122 3.52 7.81 15.42
N LYS A 123 3.70 9.12 15.24
CA LYS A 123 4.84 9.63 14.51
C LYS A 123 6.11 9.41 15.35
N TYR A 124 6.97 8.54 14.86
CA TYR A 124 8.21 8.24 15.54
C TYR A 124 9.41 8.74 14.75
N PRO A 125 10.57 8.81 15.45
CA PRO A 125 11.80 9.27 14.81
C PRO A 125 12.38 8.21 13.89
N LYS A 126 12.57 8.60 12.63
CA LYS A 126 13.11 7.69 11.64
C LYS A 126 12.00 6.75 11.15
N LYS A 127 10.83 6.94 11.72
CA LYS A 127 9.68 6.12 11.36
C LYS A 127 8.95 6.77 10.17
N PHE A 128 8.72 5.97 9.16
CA PHE A 128 8.04 6.44 7.97
C PHE A 128 6.54 6.64 8.23
N TYR A 129 6.09 7.86 7.97
CA TYR A 129 4.69 8.20 8.18
C TYR A 129 3.97 8.40 6.85
N PRO A 130 2.61 8.39 6.92
CA PRO A 130 1.80 8.57 5.73
C PRO A 130 1.79 10.03 5.29
N LEU A 131 2.28 10.25 4.08
CA LEU A 131 2.34 11.59 3.52
C LEU A 131 0.92 12.08 3.24
N GLU A 132 0.84 13.15 2.47
CA GLU A 132 -0.45 13.73 2.12
C GLU A 132 -1.28 13.99 3.37
N ILE A 133 -0.78 14.92 4.19
CA ILE A 133 -1.47 15.27 5.41
C ILE A 133 -1.57 16.79 5.52
N SER A 134 -2.44 17.23 6.42
CA SER A 134 -2.64 18.65 6.63
C SER A 134 -3.01 18.92 8.09
N GLY A 135 -1.98 19.20 8.88
CA GLY A 135 -2.17 19.48 10.29
C GLY A 135 -2.15 18.19 11.12
N PRO A 136 -1.39 18.25 12.24
CA PRO A 136 -1.26 17.09 13.11
C PRO A 136 -2.55 16.90 13.94
N SER A 137 -2.64 15.72 14.55
CA SER A 137 -3.80 15.40 15.36
C SER A 137 -3.66 13.98 15.92
N SER A 138 -3.65 13.90 17.25
CA SER A 138 -3.53 12.62 17.91
C SER A 138 -3.82 12.77 19.41
N GLY A 139 -5.04 12.38 19.78
CA GLY A 139 -5.47 12.47 21.16
C GLY A 139 -4.91 13.74 21.82
N GLY A 1 8.22 2.33 -25.28
CA GLY A 1 8.36 3.27 -24.17
C GLY A 1 7.01 3.86 -23.78
N SER A 2 7.04 4.72 -22.77
CA SER A 2 5.83 5.35 -22.29
C SER A 2 6.17 6.42 -21.25
N SER A 3 5.18 7.22 -20.91
CA SER A 3 5.37 8.28 -19.93
C SER A 3 4.04 8.58 -19.22
N GLY A 4 4.14 9.30 -18.12
CA GLY A 4 2.97 9.66 -17.34
C GLY A 4 3.17 11.00 -16.63
N SER A 5 2.17 11.38 -15.85
CA SER A 5 2.22 12.63 -15.12
C SER A 5 1.38 12.53 -13.84
N SER A 6 1.72 13.36 -12.88
CA SER A 6 1.01 13.37 -11.61
C SER A 6 0.95 14.80 -11.05
N GLY A 7 0.12 14.96 -10.04
CA GLY A 7 -0.04 16.27 -9.41
C GLY A 7 0.99 16.46 -8.29
N LYS A 8 0.58 17.19 -7.26
CA LYS A 8 1.45 17.46 -6.13
C LYS A 8 0.60 17.88 -4.93
N SER A 9 0.07 16.88 -4.24
CA SER A 9 -0.76 17.14 -3.08
C SER A 9 -0.02 16.71 -1.81
N GLU A 10 -0.34 17.39 -0.72
CA GLU A 10 0.27 17.09 0.56
C GLU A 10 -0.33 17.94 1.67
N LYS A 11 -0.96 17.27 2.62
CA LYS A 11 -1.60 17.95 3.74
C LYS A 11 -2.29 16.93 4.63
N ARG A 12 -2.85 17.43 5.72
CA ARG A 12 -3.54 16.56 6.67
C ARG A 12 -5.03 16.45 6.29
N MET A 13 -5.52 15.22 6.29
CA MET A 13 -6.91 14.96 5.95
C MET A 13 -7.25 13.48 6.12
N LYS A 14 -8.50 13.23 6.47
CA LYS A 14 -8.97 11.87 6.66
C LYS A 14 -10.25 11.65 5.86
N LEU A 15 -10.27 10.55 5.12
CA LEU A 15 -11.42 10.22 4.31
C LEU A 15 -11.32 8.76 3.86
N THR A 16 -12.47 8.08 3.90
CA THR A 16 -12.52 6.68 3.51
C THR A 16 -12.58 6.55 1.98
N LEU A 17 -13.28 7.50 1.37
CA LEU A 17 -13.43 7.51 -0.07
C LEU A 17 -14.19 6.26 -0.51
N LYS A 18 -14.72 6.32 -1.72
CA LYS A 18 -15.47 5.20 -2.27
C LYS A 18 -14.89 4.84 -3.64
N GLY A 19 -14.58 3.55 -3.79
CA GLY A 19 -14.02 3.06 -5.04
C GLY A 19 -12.65 2.42 -4.81
N GLY A 20 -12.08 1.93 -5.90
CA GLY A 20 -10.77 1.29 -5.83
C GLY A 20 -9.66 2.29 -6.17
N ALA A 21 -8.45 1.95 -5.73
CA ALA A 21 -7.30 2.80 -5.97
C ALA A 21 -6.68 2.43 -7.32
N ALA A 22 -5.81 3.31 -7.80
CA ALA A 22 -5.14 3.09 -9.07
C ALA A 22 -3.87 2.29 -8.83
N VAL A 23 -3.66 1.29 -9.68
CA VAL A 23 -2.49 0.43 -9.56
C VAL A 23 -1.33 1.08 -10.31
N ASP A 24 -0.13 0.79 -9.84
CA ASP A 24 1.07 1.34 -10.45
C ASP A 24 1.39 0.56 -11.73
N PRO A 25 1.87 1.31 -12.75
CA PRO A 25 2.22 0.70 -14.03
C PRO A 25 3.53 -0.08 -13.93
N ASP A 26 4.31 0.26 -12.91
CA ASP A 26 5.58 -0.41 -12.69
C ASP A 26 5.33 -1.85 -12.24
N SER A 27 4.15 -2.06 -11.67
CA SER A 27 3.78 -3.38 -11.19
C SER A 27 3.40 -4.28 -12.37
N GLY A 28 2.87 -3.65 -13.40
CA GLY A 28 2.46 -4.36 -14.60
C GLY A 28 1.01 -4.84 -14.48
N LEU A 29 0.54 -4.89 -13.25
CA LEU A 29 -0.83 -5.32 -12.98
C LEU A 29 -1.75 -4.09 -12.97
N GLU A 30 -1.26 -3.01 -13.55
CA GLU A 30 -2.01 -1.78 -13.61
C GLU A 30 -3.30 -1.99 -14.40
N HIS A 31 -3.22 -2.90 -15.37
CA HIS A 31 -4.37 -3.19 -16.20
C HIS A 31 -4.74 -4.68 -16.05
N SER A 32 -4.08 -5.32 -15.10
CA SER A 32 -4.32 -6.73 -14.85
C SER A 32 -4.97 -6.91 -13.48
N ALA A 33 -4.29 -6.40 -12.47
CA ALA A 33 -4.78 -6.49 -11.11
C ALA A 33 -5.23 -5.10 -10.64
N HIS A 34 -5.77 -5.08 -9.43
CA HIS A 34 -6.25 -3.83 -8.85
C HIS A 34 -5.82 -3.74 -7.38
N VAL A 35 -5.80 -2.52 -6.88
CA VAL A 35 -5.41 -2.28 -5.50
C VAL A 35 -6.26 -3.17 -4.58
N LEU A 36 -5.57 -4.07 -3.89
CA LEU A 36 -6.24 -4.98 -2.97
C LEU A 36 -7.06 -4.17 -1.97
N GLU A 37 -8.37 -4.37 -2.03
CA GLU A 37 -9.27 -3.67 -1.13
C GLU A 37 -9.81 -4.63 -0.06
N LYS A 38 -9.98 -4.08 1.13
CA LYS A 38 -10.48 -4.87 2.25
C LYS A 38 -11.22 -3.95 3.22
N GLY A 39 -12.27 -4.51 3.82
CA GLY A 39 -13.06 -3.75 4.78
C GLY A 39 -13.35 -2.34 4.26
N GLY A 40 -13.67 -2.26 2.98
CA GLY A 40 -13.97 -0.98 2.36
C GLY A 40 -12.76 -0.04 2.47
N LYS A 41 -11.58 -0.63 2.43
CA LYS A 41 -10.36 0.15 2.52
C LYS A 41 -9.44 -0.22 1.35
N VAL A 42 -8.50 0.68 1.08
CA VAL A 42 -7.55 0.46 -0.02
C VAL A 42 -6.16 0.25 0.56
N PHE A 43 -5.45 -0.72 -0.01
CA PHE A 43 -4.10 -1.03 0.44
C PHE A 43 -3.08 -0.12 -0.25
N SER A 44 -3.36 1.18 -0.20
CA SER A 44 -2.48 2.15 -0.81
C SER A 44 -2.11 3.24 0.21
N ALA A 45 -0.93 3.09 0.79
CA ALA A 45 -0.45 4.05 1.77
C ALA A 45 0.87 4.64 1.31
N THR A 46 1.00 5.95 1.47
CA THR A 46 2.21 6.65 1.08
C THR A 46 2.97 7.13 2.32
N LEU A 47 4.20 6.65 2.44
CA LEU A 47 5.03 7.04 3.56
C LEU A 47 6.08 8.05 3.09
N GLY A 48 6.77 8.62 4.06
CA GLY A 48 7.81 9.61 3.77
C GLY A 48 8.68 9.87 5.00
N LEU A 49 9.98 9.68 4.81
CA LEU A 49 10.93 9.89 5.89
C LEU A 49 12.01 10.87 5.42
N VAL A 50 12.39 11.76 6.32
CA VAL A 50 13.40 12.75 6.02
C VAL A 50 14.47 12.74 7.11
N ASP A 51 15.72 12.81 6.68
CA ASP A 51 16.84 12.81 7.62
C ASP A 51 17.17 14.25 8.00
N ILE A 52 17.51 14.42 9.27
CA ILE A 52 17.85 15.74 9.78
C ILE A 52 19.37 15.93 9.70
N VAL A 53 20.09 14.84 9.93
CA VAL A 53 21.54 14.87 9.88
C VAL A 53 22.00 14.73 8.44
N LYS A 54 21.65 13.61 7.83
CA LYS A 54 22.02 13.34 6.46
C LYS A 54 21.35 14.37 5.54
N GLY A 55 20.32 15.00 6.09
CA GLY A 55 19.59 16.01 5.33
C GLY A 55 19.03 15.42 4.03
N THR A 56 18.71 14.14 4.08
CA THR A 56 18.18 13.45 2.92
C THR A 56 16.66 13.33 3.03
N ASN A 57 16.06 12.78 1.99
CA ASN A 57 14.62 12.59 1.95
C ASN A 57 14.29 11.23 1.34
N SER A 58 13.48 10.47 2.06
CA SER A 58 13.09 9.14 1.61
C SER A 58 11.56 9.05 1.53
N TYR A 59 11.11 8.09 0.74
CA TYR A 59 9.67 7.89 0.57
C TYR A 59 9.37 6.43 0.22
N TYR A 60 8.61 5.79 1.11
CA TYR A 60 8.24 4.40 0.91
C TYR A 60 6.76 4.27 0.56
N LYS A 61 6.51 3.79 -0.65
CA LYS A 61 5.15 3.61 -1.12
C LYS A 61 4.78 2.13 -1.07
N LEU A 62 3.62 1.86 -0.51
CA LEU A 62 3.14 0.49 -0.40
C LEU A 62 1.83 0.35 -1.17
N GLN A 63 1.71 -0.78 -1.86
CA GLN A 63 0.52 -1.05 -2.65
C GLN A 63 0.35 -2.57 -2.86
N LEU A 64 -0.71 -3.09 -2.28
CA LEU A 64 -0.99 -4.52 -2.39
C LEU A 64 -1.94 -4.75 -3.57
N LEU A 65 -1.37 -5.28 -4.64
CA LEU A 65 -2.15 -5.56 -5.84
C LEU A 65 -2.81 -6.93 -5.71
N GLU A 66 -3.97 -7.06 -6.35
CA GLU A 66 -4.71 -8.31 -6.31
C GLU A 66 -5.47 -8.52 -7.61
N ASP A 67 -5.20 -9.65 -8.25
CA ASP A 67 -5.84 -9.98 -9.51
C ASP A 67 -7.35 -10.06 -9.29
N ASP A 68 -8.09 -9.61 -10.30
CA ASP A 68 -9.55 -9.63 -10.24
C ASP A 68 -10.07 -10.91 -10.89
N LYS A 69 -9.69 -11.08 -12.16
CA LYS A 69 -10.11 -12.24 -12.91
C LYS A 69 -9.72 -13.52 -12.15
N GLU A 70 -8.42 -13.80 -12.18
CA GLU A 70 -7.91 -14.98 -11.49
C GLU A 70 -7.72 -14.69 -10.01
N ASN A 71 -6.76 -15.39 -9.42
CA ASN A 71 -6.47 -15.21 -8.01
C ASN A 71 -4.95 -15.09 -7.81
N ARG A 72 -4.48 -13.85 -7.85
CA ARG A 72 -3.06 -13.59 -7.68
C ARG A 72 -2.85 -12.21 -7.02
N TYR A 73 -1.70 -12.07 -6.38
CA TYR A 73 -1.37 -10.83 -5.71
C TYR A 73 0.12 -10.51 -5.87
N TRP A 74 0.45 -9.25 -5.62
CA TRP A 74 1.83 -8.81 -5.73
C TRP A 74 2.08 -7.77 -4.62
N ILE A 75 3.31 -7.75 -4.14
CA ILE A 75 3.69 -6.82 -3.10
C ILE A 75 4.64 -5.77 -3.67
N PHE A 76 4.07 -4.62 -4.00
CA PHE A 76 4.85 -3.53 -4.56
C PHE A 76 5.37 -2.61 -3.46
N ARG A 77 6.71 -2.53 -3.39
CA ARG A 77 7.35 -1.70 -2.38
C ARG A 77 8.34 -0.75 -3.04
N SER A 78 8.04 0.54 -2.95
CA SER A 78 8.90 1.56 -3.54
C SER A 78 9.69 2.26 -2.44
N TRP A 79 10.89 2.70 -2.81
CA TRP A 79 11.76 3.39 -1.87
C TRP A 79 12.83 4.14 -2.68
N GLY A 80 12.80 5.45 -2.53
CA GLY A 80 13.76 6.29 -3.24
C GLY A 80 13.90 7.65 -2.55
N ARG A 81 14.61 8.55 -3.22
CA ARG A 81 14.82 9.88 -2.70
C ARG A 81 13.82 10.86 -3.30
N VAL A 82 13.37 11.79 -2.47
CA VAL A 82 12.41 12.79 -2.90
C VAL A 82 13.13 13.84 -3.75
N GLY A 83 12.43 14.27 -4.79
CA GLY A 83 12.98 15.27 -5.70
C GLY A 83 14.31 14.80 -6.29
N THR A 84 14.27 13.60 -6.85
CA THR A 84 15.46 13.02 -7.45
C THR A 84 15.08 11.99 -8.51
N VAL A 85 16.10 11.44 -9.16
CA VAL A 85 15.88 10.45 -10.19
C VAL A 85 16.04 9.04 -9.60
N ILE A 86 16.71 9.00 -8.46
CA ILE A 86 16.94 7.73 -7.77
C ILE A 86 15.60 7.14 -7.37
N GLY A 87 15.34 5.93 -7.86
CA GLY A 87 14.10 5.25 -7.55
C GLY A 87 14.30 3.73 -7.52
N SER A 88 14.01 3.15 -6.37
CA SER A 88 14.15 1.71 -6.21
C SER A 88 12.81 1.09 -5.80
N ASN A 89 12.41 0.08 -6.57
CA ASN A 89 11.15 -0.60 -6.30
C ASN A 89 11.40 -2.11 -6.29
N LYS A 90 10.35 -2.84 -5.90
CA LYS A 90 10.44 -4.29 -5.83
C LYS A 90 9.06 -4.89 -6.08
N LEU A 91 9.05 -6.00 -6.81
CA LEU A 91 7.80 -6.67 -7.14
C LEU A 91 7.97 -8.17 -6.87
N GLU A 92 7.02 -8.71 -6.11
CA GLU A 92 7.05 -10.13 -5.79
C GLU A 92 5.63 -10.71 -5.82
N GLN A 93 5.54 -11.91 -6.35
CA GLN A 93 4.25 -12.59 -6.44
C GLN A 93 3.96 -13.35 -5.14
N MET A 94 2.76 -13.12 -4.62
CA MET A 94 2.35 -13.77 -3.38
C MET A 94 1.64 -15.10 -3.69
N PRO A 95 1.76 -16.04 -2.72
CA PRO A 95 1.13 -17.35 -2.87
C PRO A 95 -0.38 -17.26 -2.63
N SER A 96 -0.74 -16.73 -1.48
CA SER A 96 -2.15 -16.59 -1.13
C SER A 96 -2.47 -15.11 -0.87
N LYS A 97 -3.76 -14.83 -0.82
CA LYS A 97 -4.22 -13.47 -0.59
C LYS A 97 -3.70 -12.98 0.76
N GLU A 98 -3.78 -13.86 1.75
CA GLU A 98 -3.33 -13.54 3.09
C GLU A 98 -1.84 -13.20 3.08
N ASP A 99 -1.05 -14.16 2.63
CA ASP A 99 0.39 -13.97 2.56
C ASP A 99 0.69 -12.59 1.98
N ALA A 100 -0.23 -12.11 1.15
CA ALA A 100 -0.07 -10.81 0.53
C ALA A 100 -0.42 -9.71 1.55
N ILE A 101 -1.56 -9.90 2.20
CA ILE A 101 -2.02 -8.94 3.19
C ILE A 101 -0.98 -8.84 4.32
N GLU A 102 -0.44 -10.00 4.68
CA GLU A 102 0.56 -10.05 5.74
C GLU A 102 1.85 -9.34 5.29
N HIS A 103 2.19 -9.56 4.02
CA HIS A 103 3.38 -8.95 3.47
C HIS A 103 3.13 -7.46 3.20
N PHE A 104 1.90 -7.05 3.49
CA PHE A 104 1.52 -5.66 3.29
C PHE A 104 1.28 -4.96 4.63
N MET A 105 0.82 -5.75 5.60
CA MET A 105 0.55 -5.21 6.92
C MET A 105 1.83 -5.13 7.75
N LYS A 106 2.72 -6.10 7.53
CA LYS A 106 3.98 -6.15 8.24
C LYS A 106 4.94 -5.15 7.62
N LEU A 107 5.03 -5.19 6.30
CA LEU A 107 5.91 -4.30 5.57
C LEU A 107 5.72 -2.87 6.07
N TYR A 108 4.48 -2.39 5.92
CA TYR A 108 4.15 -1.04 6.35
C TYR A 108 4.38 -0.88 7.86
N GLU A 109 4.58 -2.00 8.52
CA GLU A 109 4.82 -1.99 9.95
C GLU A 109 6.32 -1.99 10.24
N GLU A 110 7.08 -2.41 9.25
CA GLU A 110 8.53 -2.46 9.38
C GLU A 110 9.14 -1.08 9.11
N LYS A 111 8.46 -0.32 8.27
CA LYS A 111 8.92 1.01 7.91
C LYS A 111 8.43 2.00 8.98
N THR A 112 7.12 2.16 9.04
CA THR A 112 6.52 3.07 9.99
C THR A 112 6.85 2.63 11.43
N GLY A 113 6.89 1.32 11.62
CA GLY A 113 7.20 0.76 12.93
C GLY A 113 5.91 0.45 13.69
N ASN A 114 4.82 1.04 13.22
CA ASN A 114 3.53 0.83 13.86
C ASN A 114 2.70 -0.14 13.00
N ALA A 115 1.70 -0.72 13.64
CA ALA A 115 0.82 -1.66 12.96
C ALA A 115 -0.10 -0.89 11.99
N TRP A 116 -0.46 -1.56 10.91
CA TRP A 116 -1.33 -0.95 9.92
C TRP A 116 -2.70 -0.71 10.57
N HIS A 117 -3.29 -1.79 11.04
CA HIS A 117 -4.59 -1.71 11.69
C HIS A 117 -4.41 -1.34 13.16
N SER A 118 -3.91 -0.13 13.38
CA SER A 118 -3.69 0.37 14.72
C SER A 118 -4.62 1.55 15.01
N LYS A 119 -5.19 1.53 16.21
CA LYS A 119 -6.10 2.59 16.61
C LYS A 119 -5.51 3.94 16.21
N ASN A 120 -4.57 4.42 17.02
CA ASN A 120 -3.92 5.69 16.76
C ASN A 120 -2.53 5.44 16.19
N PHE A 121 -1.97 6.49 15.60
CA PHE A 121 -0.64 6.40 15.02
C PHE A 121 0.34 7.36 15.71
N THR A 122 1.29 6.76 16.40
CA THR A 122 2.30 7.54 17.11
C THR A 122 3.47 7.88 16.18
N LYS A 123 3.72 9.17 16.06
CA LYS A 123 4.81 9.64 15.21
C LYS A 123 6.14 9.21 15.82
N TYR A 124 6.94 8.54 15.00
CA TYR A 124 8.25 8.08 15.45
C TYR A 124 9.37 8.92 14.82
N PRO A 125 10.61 8.67 15.31
CA PRO A 125 11.77 9.37 14.81
C PRO A 125 12.18 8.86 13.43
N LYS A 126 13.14 7.94 13.44
CA LYS A 126 13.62 7.36 12.20
C LYS A 126 12.62 6.31 11.70
N LYS A 127 11.38 6.76 11.53
CA LYS A 127 10.32 5.89 11.06
C LYS A 127 9.65 6.53 9.85
N PHE A 128 8.91 5.70 9.12
CA PHE A 128 8.20 6.16 7.94
C PHE A 128 6.72 6.37 8.23
N TYR A 129 6.33 7.64 8.25
CA TYR A 129 4.94 7.99 8.51
C TYR A 129 4.20 8.31 7.21
N PRO A 130 2.84 8.36 7.32
CA PRO A 130 2.01 8.65 6.16
C PRO A 130 2.08 10.14 5.81
N LEU A 131 2.34 10.40 4.54
CA LEU A 131 2.44 11.77 4.05
C LEU A 131 1.02 12.32 3.85
N GLU A 132 0.24 11.57 3.09
CA GLU A 132 -1.13 11.98 2.80
C GLU A 132 -2.06 10.76 2.83
N ILE A 133 -2.94 10.76 3.82
CA ILE A 133 -3.89 9.66 3.96
C ILE A 133 -4.78 9.59 2.72
N SER A 134 -5.62 10.59 2.58
CA SER A 134 -6.53 10.66 1.45
C SER A 134 -7.40 11.92 1.53
N GLY A 135 -8.00 12.26 0.41
CA GLY A 135 -8.86 13.43 0.35
C GLY A 135 -8.05 14.72 0.48
N PRO A 136 -8.36 15.69 -0.41
CA PRO A 136 -7.66 16.98 -0.40
C PRO A 136 -8.12 17.84 0.76
N SER A 137 -7.22 18.70 1.21
CA SER A 137 -7.52 19.59 2.32
C SER A 137 -7.94 20.96 1.79
N SER A 138 -8.59 21.72 2.66
CA SER A 138 -9.05 23.05 2.29
C SER A 138 -10.27 22.94 1.38
N GLY A 139 -10.07 22.30 0.25
CA GLY A 139 -11.15 22.12 -0.72
C GLY A 139 -11.93 23.41 -0.91
N GLY A 1 -15.22 -35.55 39.26
CA GLY A 1 -16.25 -35.21 38.30
C GLY A 1 -16.40 -33.70 38.15
N SER A 2 -16.32 -33.25 36.91
CA SER A 2 -16.45 -31.83 36.61
C SER A 2 -16.70 -31.62 35.13
N SER A 3 -17.15 -30.41 34.79
CA SER A 3 -17.44 -30.08 33.41
C SER A 3 -17.55 -28.56 33.25
N GLY A 4 -17.32 -28.10 32.04
CA GLY A 4 -17.39 -26.68 31.75
C GLY A 4 -17.36 -26.43 30.24
N SER A 5 -17.83 -25.25 29.86
CA SER A 5 -17.86 -24.87 28.46
C SER A 5 -18.01 -23.36 28.33
N SER A 6 -17.68 -22.86 27.14
CA SER A 6 -17.77 -21.44 26.88
C SER A 6 -18.40 -21.19 25.51
N GLY A 7 -17.74 -21.73 24.48
CA GLY A 7 -18.22 -21.58 23.12
C GLY A 7 -17.40 -20.55 22.35
N LYS A 8 -17.36 -20.73 21.04
CA LYS A 8 -16.62 -19.82 20.18
C LYS A 8 -17.28 -19.76 18.81
N SER A 9 -17.18 -18.60 18.18
CA SER A 9 -17.76 -18.40 16.87
C SER A 9 -17.33 -17.05 16.30
N GLU A 10 -17.19 -17.01 14.98
CA GLU A 10 -16.79 -15.79 14.31
C GLU A 10 -16.82 -15.98 12.79
N LYS A 11 -17.09 -14.89 12.10
CA LYS A 11 -17.16 -14.93 10.64
C LYS A 11 -17.06 -13.51 10.09
N ARG A 12 -16.24 -13.35 9.06
CA ARG A 12 -16.05 -12.05 8.44
C ARG A 12 -15.96 -12.20 6.92
N MET A 13 -16.63 -11.29 6.23
CA MET A 13 -16.64 -11.31 4.77
C MET A 13 -17.34 -10.06 4.22
N LYS A 14 -16.52 -9.06 3.91
CA LYS A 14 -17.04 -7.82 3.37
C LYS A 14 -16.60 -7.67 1.90
N LEU A 15 -17.56 -7.87 1.01
CA LEU A 15 -17.28 -7.77 -0.41
C LEU A 15 -17.33 -6.30 -0.83
N THR A 16 -16.40 -5.94 -1.70
CA THR A 16 -16.32 -4.57 -2.18
C THR A 16 -15.88 -4.54 -3.65
N LEU A 17 -16.47 -3.63 -4.40
CA LEU A 17 -16.14 -3.50 -5.81
C LEU A 17 -16.87 -2.28 -6.39
N LYS A 18 -16.08 -1.29 -6.79
CA LYS A 18 -16.64 -0.08 -7.35
C LYS A 18 -15.52 0.75 -7.99
N GLY A 19 -14.58 1.15 -7.15
CA GLY A 19 -13.45 1.94 -7.62
C GLY A 19 -12.15 1.48 -6.96
N GLY A 20 -11.72 2.23 -5.96
CA GLY A 20 -10.51 1.92 -5.24
C GLY A 20 -9.37 2.83 -5.68
N ALA A 21 -8.15 2.29 -5.62
CA ALA A 21 -6.97 3.05 -6.01
C ALA A 21 -6.42 2.50 -7.32
N ALA A 22 -5.55 3.28 -7.94
CA ALA A 22 -4.94 2.88 -9.20
C ALA A 22 -3.72 2.01 -8.92
N VAL A 23 -3.43 1.14 -9.87
CA VAL A 23 -2.29 0.25 -9.75
C VAL A 23 -1.10 0.82 -10.52
N ASP A 24 0.08 0.36 -10.15
CA ASP A 24 1.30 0.81 -10.79
C ASP A 24 1.53 0.01 -12.07
N PRO A 25 1.99 0.73 -13.13
CA PRO A 25 2.24 0.09 -14.42
C PRO A 25 3.54 -0.73 -14.37
N ASP A 26 4.38 -0.40 -13.39
CA ASP A 26 5.64 -1.10 -13.23
C ASP A 26 5.39 -2.46 -12.59
N SER A 27 4.15 -2.65 -12.14
CA SER A 27 3.77 -3.91 -11.51
C SER A 27 3.38 -4.93 -12.58
N GLY A 28 2.82 -4.43 -13.67
CA GLY A 28 2.41 -5.28 -14.76
C GLY A 28 0.96 -5.74 -14.58
N LEU A 29 0.47 -5.57 -13.36
CA LEU A 29 -0.90 -5.96 -13.04
C LEU A 29 -1.80 -4.73 -13.06
N GLU A 30 -1.25 -3.65 -13.60
CA GLU A 30 -1.99 -2.40 -13.69
C GLU A 30 -3.26 -2.59 -14.52
N HIS A 31 -3.21 -3.58 -15.41
CA HIS A 31 -4.33 -3.87 -16.27
C HIS A 31 -4.80 -5.31 -16.02
N SER A 32 -4.29 -5.88 -14.94
CA SER A 32 -4.64 -7.25 -14.59
C SER A 32 -5.17 -7.29 -13.15
N ALA A 33 -4.34 -6.82 -12.24
CA ALA A 33 -4.71 -6.80 -10.83
C ALA A 33 -5.07 -5.37 -10.42
N HIS A 34 -5.73 -5.26 -9.28
CA HIS A 34 -6.14 -3.97 -8.77
C HIS A 34 -5.73 -3.83 -7.30
N VAL A 35 -5.67 -2.60 -6.85
CA VAL A 35 -5.29 -2.31 -5.47
C VAL A 35 -6.17 -3.13 -4.53
N LEU A 36 -5.53 -4.05 -3.83
CA LEU A 36 -6.24 -4.91 -2.89
C LEU A 36 -7.12 -4.04 -1.98
N GLU A 37 -8.42 -4.29 -2.04
CA GLU A 37 -9.36 -3.55 -1.23
C GLU A 37 -10.03 -4.46 -0.21
N LYS A 38 -10.08 -3.98 1.03
CA LYS A 38 -10.68 -4.75 2.10
C LYS A 38 -11.36 -3.79 3.08
N GLY A 39 -12.46 -4.27 3.66
CA GLY A 39 -13.21 -3.47 4.61
C GLY A 39 -13.29 -2.01 4.16
N GLY A 40 -13.67 -1.84 2.91
CA GLY A 40 -13.79 -0.50 2.35
C GLY A 40 -12.50 0.31 2.57
N LYS A 41 -11.38 -0.39 2.46
CA LYS A 41 -10.09 0.25 2.64
C LYS A 41 -9.14 -0.20 1.54
N VAL A 42 -8.45 0.77 0.95
CA VAL A 42 -7.51 0.48 -0.11
C VAL A 42 -6.11 0.27 0.48
N PHE A 43 -5.43 -0.75 -0.04
CA PHE A 43 -4.09 -1.07 0.43
C PHE A 43 -3.04 -0.20 -0.26
N SER A 44 -3.21 1.11 -0.11
CA SER A 44 -2.29 2.06 -0.72
C SER A 44 -1.91 3.14 0.29
N ALA A 45 -0.77 2.94 0.93
CA ALA A 45 -0.28 3.89 1.92
C ALA A 45 1.04 4.48 1.45
N THR A 46 1.11 5.81 1.49
CA THR A 46 2.31 6.51 1.08
C THR A 46 3.08 7.02 2.29
N LEU A 47 4.30 6.50 2.45
CA LEU A 47 5.15 6.89 3.56
C LEU A 47 6.14 7.96 3.09
N GLY A 48 6.76 8.62 4.06
CA GLY A 48 7.72 9.66 3.76
C GLY A 48 8.57 9.98 4.99
N LEU A 49 9.89 10.01 4.77
CA LEU A 49 10.82 10.31 5.84
C LEU A 49 11.97 11.15 5.29
N VAL A 50 12.32 12.18 6.05
CA VAL A 50 13.40 13.07 5.64
C VAL A 50 14.22 13.44 6.88
N ASP A 51 15.52 13.16 6.79
CA ASP A 51 16.42 13.46 7.88
C ASP A 51 16.76 14.95 7.86
N ILE A 52 16.82 15.52 9.06
CA ILE A 52 17.13 16.94 9.20
C ILE A 52 18.65 17.13 9.16
N VAL A 53 19.35 16.14 9.68
CA VAL A 53 20.79 16.18 9.72
C VAL A 53 21.35 15.71 8.37
N LYS A 54 21.06 14.46 8.06
CA LYS A 54 21.52 13.88 6.80
C LYS A 54 20.90 14.64 5.63
N GLY A 55 19.84 15.38 5.93
CA GLY A 55 19.15 16.16 4.93
C GLY A 55 18.73 15.29 3.75
N THR A 56 18.54 14.01 4.05
CA THR A 56 18.13 13.05 3.02
C THR A 56 16.63 12.80 3.09
N ASN A 57 15.96 13.00 1.96
CA ASN A 57 14.53 12.80 1.89
C ASN A 57 14.25 11.42 1.30
N SER A 58 13.39 10.69 1.98
CA SER A 58 13.02 9.35 1.53
C SER A 58 11.50 9.20 1.49
N TYR A 59 11.05 8.27 0.67
CA TYR A 59 9.62 8.03 0.52
C TYR A 59 9.34 6.56 0.25
N TYR A 60 8.44 6.00 1.04
CA TYR A 60 8.07 4.60 0.90
C TYR A 60 6.60 4.45 0.48
N LYS A 61 6.41 3.91 -0.72
CA LYS A 61 5.08 3.71 -1.24
C LYS A 61 4.68 2.25 -1.06
N LEU A 62 3.46 2.06 -0.57
CA LEU A 62 2.94 0.72 -0.34
C LEU A 62 1.72 0.50 -1.23
N GLN A 63 1.66 -0.69 -1.80
CA GLN A 63 0.55 -1.05 -2.68
C GLN A 63 0.44 -2.57 -2.81
N LEU A 64 -0.74 -3.07 -2.49
CA LEU A 64 -0.99 -4.51 -2.57
C LEU A 64 -1.96 -4.79 -3.70
N LEU A 65 -1.40 -5.27 -4.81
CA LEU A 65 -2.21 -5.58 -5.98
C LEU A 65 -2.91 -6.92 -5.77
N GLU A 66 -4.21 -6.92 -6.00
CA GLU A 66 -5.00 -8.13 -5.84
C GLU A 66 -5.54 -8.60 -7.20
N ASP A 67 -5.59 -9.91 -7.35
CA ASP A 67 -6.08 -10.51 -8.59
C ASP A 67 -7.52 -10.04 -8.84
N ASP A 68 -7.85 -9.89 -10.11
CA ASP A 68 -9.18 -9.46 -10.49
C ASP A 68 -10.21 -10.09 -9.56
N LYS A 69 -10.02 -11.39 -9.32
CA LYS A 69 -10.91 -12.13 -8.45
C LYS A 69 -10.15 -12.60 -7.21
N GLU A 70 -9.30 -13.60 -7.41
CA GLU A 70 -8.50 -14.14 -6.33
C GLU A 70 -7.77 -15.40 -6.79
N ASN A 71 -6.59 -15.19 -7.34
CA ASN A 71 -5.77 -16.29 -7.82
C ASN A 71 -4.33 -16.10 -7.35
N ARG A 72 -3.81 -14.92 -7.64
CA ARG A 72 -2.44 -14.59 -7.25
C ARG A 72 -2.32 -13.10 -6.92
N TYR A 73 -1.42 -12.81 -5.99
CA TYR A 73 -1.20 -11.44 -5.57
C TYR A 73 0.29 -11.08 -5.61
N TRP A 74 0.56 -9.79 -5.54
CA TRP A 74 1.92 -9.31 -5.57
C TRP A 74 2.10 -8.28 -4.44
N ILE A 75 3.35 -7.94 -4.18
CA ILE A 75 3.66 -6.97 -3.14
C ILE A 75 4.60 -5.90 -3.70
N PHE A 76 4.01 -4.76 -4.01
CA PHE A 76 4.78 -3.64 -4.55
C PHE A 76 5.30 -2.75 -3.42
N ARG A 77 6.61 -2.52 -3.47
CA ARG A 77 7.25 -1.68 -2.47
C ARG A 77 8.28 -0.76 -3.14
N SER A 78 7.99 0.54 -3.06
CA SER A 78 8.86 1.54 -3.64
C SER A 78 9.64 2.26 -2.54
N TRP A 79 10.79 2.79 -2.93
CA TRP A 79 11.63 3.51 -1.99
C TRP A 79 12.71 4.24 -2.79
N GLY A 80 13.18 5.35 -2.22
CA GLY A 80 14.20 6.15 -2.86
C GLY A 80 14.23 7.57 -2.30
N ARG A 81 14.89 8.45 -3.04
CA ARG A 81 14.99 9.84 -2.62
C ARG A 81 13.87 10.68 -3.26
N VAL A 82 13.65 11.84 -2.68
CA VAL A 82 12.62 12.73 -3.18
C VAL A 82 13.24 13.71 -4.19
N GLY A 83 12.52 13.92 -5.27
CA GLY A 83 12.99 14.83 -6.31
C GLY A 83 14.32 14.34 -6.90
N THR A 84 14.32 13.09 -7.33
CA THR A 84 15.51 12.49 -7.90
C THR A 84 15.14 11.56 -9.06
N VAL A 85 16.17 11.00 -9.67
CA VAL A 85 15.96 10.08 -10.79
C VAL A 85 16.06 8.64 -10.28
N ILE A 86 16.66 8.50 -9.12
CA ILE A 86 16.84 7.19 -8.51
C ILE A 86 15.46 6.64 -8.10
N GLY A 87 15.13 5.48 -8.66
CA GLY A 87 13.86 4.85 -8.37
C GLY A 87 14.05 3.36 -8.06
N SER A 88 13.92 3.04 -6.78
CA SER A 88 14.08 1.66 -6.34
C SER A 88 12.72 1.09 -5.90
N ASN A 89 12.37 -0.03 -6.51
CA ASN A 89 11.10 -0.68 -6.20
C ASN A 89 11.32 -2.19 -6.09
N LYS A 90 10.26 -2.88 -5.71
CA LYS A 90 10.33 -4.33 -5.57
C LYS A 90 8.94 -4.92 -5.84
N LEU A 91 8.95 -6.01 -6.60
CA LEU A 91 7.71 -6.68 -6.94
C LEU A 91 7.83 -8.17 -6.62
N GLU A 92 7.13 -8.58 -5.57
CA GLU A 92 7.15 -9.97 -5.15
C GLU A 92 5.84 -10.66 -5.51
N GLN A 93 5.92 -11.98 -5.67
CA GLN A 93 4.76 -12.76 -6.02
C GLN A 93 4.21 -13.48 -4.79
N MET A 94 2.97 -13.17 -4.45
CA MET A 94 2.32 -13.77 -3.29
C MET A 94 1.56 -15.04 -3.70
N PRO A 95 1.65 -16.06 -2.81
CA PRO A 95 0.97 -17.32 -3.06
C PRO A 95 -0.54 -17.20 -2.82
N SER A 96 -0.87 -16.63 -1.67
CA SER A 96 -2.27 -16.45 -1.31
C SER A 96 -2.55 -14.97 -1.06
N LYS A 97 -3.84 -14.65 -0.98
CA LYS A 97 -4.25 -13.28 -0.74
C LYS A 97 -3.77 -12.83 0.64
N GLU A 98 -3.89 -13.75 1.60
CA GLU A 98 -3.47 -13.47 2.96
C GLU A 98 -1.97 -13.14 2.99
N ASP A 99 -1.19 -14.08 2.48
CA ASP A 99 0.26 -13.92 2.45
C ASP A 99 0.60 -12.53 1.91
N ALA A 100 -0.31 -12.02 1.08
CA ALA A 100 -0.11 -10.70 0.48
C ALA A 100 -0.45 -9.63 1.52
N ILE A 101 -1.59 -9.81 2.17
CA ILE A 101 -2.04 -8.87 3.18
C ILE A 101 -1.00 -8.80 4.29
N GLU A 102 -0.60 -9.96 4.77
CA GLU A 102 0.39 -10.04 5.84
C GLU A 102 1.63 -9.23 5.47
N HIS A 103 2.08 -9.42 4.24
CA HIS A 103 3.25 -8.70 3.76
C HIS A 103 3.00 -7.20 3.81
N PHE A 104 1.94 -6.79 3.13
CA PHE A 104 1.57 -5.38 3.09
C PHE A 104 1.29 -4.85 4.50
N MET A 105 0.85 -5.76 5.36
CA MET A 105 0.53 -5.39 6.74
C MET A 105 1.81 -5.22 7.56
N LYS A 106 2.73 -6.15 7.35
CA LYS A 106 4.00 -6.11 8.07
C LYS A 106 4.91 -5.06 7.44
N LEU A 107 5.00 -5.12 6.12
CA LEU A 107 5.83 -4.18 5.38
C LEU A 107 5.57 -2.76 5.89
N TYR A 108 4.30 -2.36 5.82
CA TYR A 108 3.90 -1.04 6.26
C TYR A 108 4.33 -0.80 7.71
N GLU A 109 4.61 -1.91 8.41
CA GLU A 109 5.02 -1.82 9.79
C GLU A 109 6.56 -1.84 9.89
N GLU A 110 7.18 -2.33 8.82
CA GLU A 110 8.63 -2.40 8.78
C GLU A 110 9.23 -0.99 8.68
N LYS A 111 8.45 -0.09 8.09
CA LYS A 111 8.89 1.28 7.94
C LYS A 111 8.50 2.09 9.17
N THR A 112 7.19 2.22 9.37
CA THR A 112 6.67 2.97 10.50
C THR A 112 7.09 2.29 11.81
N GLY A 113 7.01 0.97 11.81
CA GLY A 113 7.37 0.21 12.99
C GLY A 113 6.12 -0.30 13.73
N ASN A 114 5.00 0.32 13.41
CA ASN A 114 3.73 -0.05 14.02
C ASN A 114 2.92 -0.90 13.03
N ALA A 115 1.92 -1.57 13.57
CA ALA A 115 1.06 -2.42 12.75
C ALA A 115 0.18 -1.53 11.88
N TRP A 116 -0.26 -2.11 10.76
CA TRP A 116 -1.11 -1.38 9.83
C TRP A 116 -2.43 -1.06 10.55
N HIS A 117 -3.12 -2.13 10.94
CA HIS A 117 -4.39 -1.97 11.64
C HIS A 117 -4.17 -1.25 12.96
N SER A 118 -3.21 -1.75 13.73
CA SER A 118 -2.89 -1.17 15.01
C SER A 118 -2.98 0.36 14.92
N LYS A 119 -3.99 0.91 15.59
CA LYS A 119 -4.19 2.34 15.59
C LYS A 119 -3.09 3.01 16.43
N ASN A 120 -3.32 4.27 16.74
CA ASN A 120 -2.36 5.03 17.55
C ASN A 120 -1.00 5.00 16.86
N PHE A 121 -0.68 6.10 16.20
CA PHE A 121 0.59 6.21 15.50
C PHE A 121 1.57 7.11 16.27
N THR A 122 2.74 6.56 16.53
CA THR A 122 3.77 7.30 17.25
C THR A 122 4.93 7.66 16.32
N LYS A 123 5.15 8.96 16.18
CA LYS A 123 6.23 9.45 15.32
C LYS A 123 7.57 9.09 15.95
N TYR A 124 8.09 7.94 15.54
CA TYR A 124 9.37 7.47 16.05
C TYR A 124 10.52 8.00 15.19
N PRO A 125 11.77 7.83 15.74
CA PRO A 125 12.95 8.28 15.03
C PRO A 125 13.29 7.35 13.87
N LYS A 126 13.31 7.92 12.68
CA LYS A 126 13.62 7.15 11.48
C LYS A 126 12.33 6.53 10.94
N LYS A 127 11.46 6.15 11.85
CA LYS A 127 10.19 5.55 11.47
C LYS A 127 9.49 6.44 10.44
N PHE A 128 9.00 5.79 9.39
CA PHE A 128 8.32 6.52 8.33
C PHE A 128 6.88 6.87 8.74
N TYR A 129 6.33 7.85 8.05
CA TYR A 129 4.97 8.29 8.33
C TYR A 129 4.20 8.54 7.04
N PRO A 130 2.85 8.61 7.19
CA PRO A 130 1.98 8.85 6.05
C PRO A 130 2.05 10.31 5.59
N LEU A 131 2.50 10.49 4.36
CA LEU A 131 2.62 11.82 3.79
C LEU A 131 1.23 12.44 3.68
N GLU A 132 0.35 11.74 2.99
CA GLU A 132 -1.01 12.22 2.80
C GLU A 132 -1.98 11.43 3.68
N ILE A 133 -2.76 12.17 4.46
CA ILE A 133 -3.72 11.55 5.36
C ILE A 133 -5.14 12.02 4.98
N SER A 134 -6.11 11.27 5.44
CA SER A 134 -7.50 11.60 5.17
C SER A 134 -8.42 10.91 6.19
N GLY A 135 -9.37 11.68 6.69
CA GLY A 135 -10.31 11.16 7.67
C GLY A 135 -11.71 11.04 7.07
N PRO A 136 -12.37 9.89 7.36
CA PRO A 136 -13.71 9.64 6.86
C PRO A 136 -14.75 10.45 7.63
N SER A 137 -16.01 10.14 7.37
CA SER A 137 -17.10 10.84 8.04
C SER A 137 -18.33 9.94 8.11
N SER A 138 -18.93 9.90 9.28
CA SER A 138 -20.11 9.08 9.49
C SER A 138 -21.15 9.37 8.40
N GLY A 139 -21.26 8.43 7.47
CA GLY A 139 -22.19 8.57 6.37
C GLY A 139 -22.43 7.23 5.67
N GLY A 1 15.49 -19.49 -37.00
CA GLY A 1 14.08 -19.13 -37.03
C GLY A 1 13.46 -19.17 -35.63
N SER A 2 12.39 -18.42 -35.46
CA SER A 2 11.71 -18.38 -34.18
C SER A 2 10.33 -17.73 -34.35
N SER A 3 9.45 -18.03 -33.41
CA SER A 3 8.10 -17.49 -33.44
C SER A 3 7.30 -18.00 -32.24
N GLY A 4 6.13 -17.40 -32.05
CA GLY A 4 5.27 -17.78 -30.95
C GLY A 4 3.82 -17.38 -31.22
N SER A 5 2.91 -18.17 -30.66
CA SER A 5 1.49 -17.90 -30.83
C SER A 5 0.73 -18.27 -29.57
N SER A 6 -0.49 -17.75 -29.46
CA SER A 6 -1.32 -18.01 -28.30
C SER A 6 -2.79 -18.08 -28.73
N GLY A 7 -3.58 -18.78 -27.92
CA GLY A 7 -4.99 -18.93 -28.19
C GLY A 7 -5.78 -19.18 -26.90
N LYS A 8 -6.95 -18.57 -26.83
CA LYS A 8 -7.81 -18.72 -25.66
C LYS A 8 -9.23 -19.06 -26.13
N SER A 9 -10.07 -19.39 -25.15
CA SER A 9 -11.45 -19.74 -25.44
C SER A 9 -12.22 -18.49 -25.85
N GLU A 10 -13.44 -18.71 -26.32
CA GLU A 10 -14.29 -17.61 -26.75
C GLU A 10 -14.24 -16.47 -25.73
N LYS A 11 -14.78 -15.34 -26.15
CA LYS A 11 -14.81 -14.16 -25.28
C LYS A 11 -16.21 -13.57 -25.28
N ARG A 12 -16.52 -12.83 -24.23
CA ARG A 12 -17.82 -12.19 -24.10
C ARG A 12 -17.68 -10.84 -23.39
N MET A 13 -18.02 -9.79 -24.12
CA MET A 13 -17.95 -8.45 -23.58
C MET A 13 -18.94 -8.26 -22.43
N LYS A 14 -18.41 -8.22 -21.21
CA LYS A 14 -19.24 -8.06 -20.04
C LYS A 14 -18.98 -6.68 -19.43
N LEU A 15 -20.02 -6.12 -18.82
CA LEU A 15 -19.92 -4.82 -18.20
C LEU A 15 -19.59 -4.98 -16.71
N THR A 16 -18.33 -4.75 -16.38
CA THR A 16 -17.87 -4.87 -15.01
C THR A 16 -18.05 -3.54 -14.28
N LEU A 17 -17.78 -3.59 -12.97
CA LEU A 17 -17.91 -2.40 -12.15
C LEU A 17 -17.06 -2.58 -10.89
N LYS A 18 -15.75 -2.48 -11.07
CA LYS A 18 -14.83 -2.62 -9.96
C LYS A 18 -13.64 -1.69 -10.17
N GLY A 19 -12.85 -1.53 -9.12
CA GLY A 19 -11.68 -0.66 -9.17
C GLY A 19 -11.69 0.35 -8.02
N GLY A 20 -10.58 0.40 -7.30
CA GLY A 20 -10.46 1.32 -6.19
C GLY A 20 -9.32 2.30 -6.42
N ALA A 21 -8.18 2.02 -5.79
CA ALA A 21 -7.02 2.87 -5.91
C ALA A 21 -6.36 2.62 -7.27
N ALA A 22 -5.47 3.54 -7.64
CA ALA A 22 -4.77 3.42 -8.91
C ALA A 22 -3.48 2.61 -8.70
N VAL A 23 -3.18 1.78 -9.68
CA VAL A 23 -1.99 0.95 -9.63
C VAL A 23 -0.89 1.57 -10.49
N ASP A 24 0.34 1.35 -10.05
CA ASP A 24 1.49 1.90 -10.77
C ASP A 24 1.77 1.03 -12.00
N PRO A 25 2.19 1.70 -13.09
CA PRO A 25 2.50 1.01 -14.33
C PRO A 25 3.84 0.26 -14.24
N ASP A 26 4.65 0.71 -13.28
CA ASP A 26 5.95 0.08 -13.07
C ASP A 26 5.76 -1.37 -12.67
N SER A 27 4.60 -1.64 -12.06
CA SER A 27 4.29 -2.98 -11.61
C SER A 27 3.83 -3.84 -12.81
N GLY A 28 3.30 -3.16 -13.81
CA GLY A 28 2.82 -3.84 -15.00
C GLY A 28 1.51 -4.57 -14.73
N LEU A 29 0.86 -4.15 -13.64
CA LEU A 29 -0.41 -4.77 -13.26
C LEU A 29 -1.49 -3.70 -13.23
N GLU A 30 -1.12 -2.50 -13.66
CA GLU A 30 -2.05 -1.39 -13.68
C GLU A 30 -3.23 -1.69 -14.61
N HIS A 31 -2.99 -2.63 -15.51
CA HIS A 31 -4.02 -3.04 -16.46
C HIS A 31 -4.35 -4.52 -16.28
N SER A 32 -3.85 -5.07 -15.19
CA SER A 32 -4.07 -6.47 -14.89
C SER A 32 -4.62 -6.62 -13.46
N ALA A 33 -3.83 -6.15 -12.51
CA ALA A 33 -4.22 -6.23 -11.11
C ALA A 33 -4.67 -4.85 -10.64
N HIS A 34 -5.20 -4.82 -9.42
CA HIS A 34 -5.68 -3.58 -8.85
C HIS A 34 -5.38 -3.56 -7.35
N VAL A 35 -5.37 -2.36 -6.79
CA VAL A 35 -5.10 -2.19 -5.37
C VAL A 35 -6.02 -3.11 -4.56
N LEU A 36 -5.41 -3.87 -3.67
CA LEU A 36 -6.16 -4.79 -2.83
C LEU A 36 -7.01 -3.99 -1.84
N GLU A 37 -8.31 -4.24 -1.91
CA GLU A 37 -9.25 -3.56 -1.03
C GLU A 37 -9.80 -4.53 0.01
N LYS A 38 -9.97 -4.02 1.22
CA LYS A 38 -10.48 -4.82 2.31
C LYS A 38 -11.20 -3.92 3.32
N GLY A 39 -12.19 -4.49 3.98
CA GLY A 39 -12.96 -3.76 4.97
C GLY A 39 -13.21 -2.32 4.50
N GLY A 40 -13.75 -2.21 3.29
CA GLY A 40 -14.04 -0.91 2.72
C GLY A 40 -12.84 0.03 2.84
N LYS A 41 -11.66 -0.55 2.67
CA LYS A 41 -10.43 0.21 2.75
C LYS A 41 -9.55 -0.11 1.54
N VAL A 42 -8.55 0.74 1.33
CA VAL A 42 -7.64 0.57 0.21
C VAL A 42 -6.23 0.31 0.76
N PHE A 43 -5.54 -0.61 0.11
CA PHE A 43 -4.18 -0.95 0.51
C PHE A 43 -3.16 -0.09 -0.23
N SER A 44 -3.39 1.21 -0.19
CA SER A 44 -2.50 2.15 -0.86
C SER A 44 -2.06 3.24 0.12
N ALA A 45 -0.88 3.05 0.68
CA ALA A 45 -0.34 4.00 1.63
C ALA A 45 0.99 4.55 1.09
N THR A 46 1.17 5.85 1.31
CA THR A 46 2.38 6.51 0.85
C THR A 46 3.13 7.13 2.03
N LEU A 47 4.13 6.39 2.51
CA LEU A 47 4.92 6.85 3.64
C LEU A 47 6.02 7.79 3.12
N GLY A 48 6.66 8.47 4.07
CA GLY A 48 7.72 9.41 3.73
C GLY A 48 8.50 9.84 4.97
N LEU A 49 9.79 10.03 4.79
CA LEU A 49 10.66 10.45 5.89
C LEU A 49 11.69 11.44 5.37
N VAL A 50 12.09 12.36 6.25
CA VAL A 50 13.07 13.36 5.90
C VAL A 50 13.98 13.61 7.09
N ASP A 51 15.27 13.72 6.80
CA ASP A 51 16.26 13.96 7.84
C ASP A 51 16.46 15.46 8.00
N ILE A 52 16.48 15.90 9.25
CA ILE A 52 16.68 17.31 9.56
C ILE A 52 18.17 17.61 9.61
N VAL A 53 18.93 16.63 10.06
CA VAL A 53 20.38 16.78 10.15
C VAL A 53 21.01 16.53 8.79
N LYS A 54 20.79 15.31 8.28
CA LYS A 54 21.33 14.93 7.00
C LYS A 54 20.66 15.76 5.89
N GLY A 55 19.56 16.40 6.28
CA GLY A 55 18.81 17.22 5.34
C GLY A 55 18.46 16.43 4.08
N THR A 56 18.33 15.13 4.25
CA THR A 56 18.00 14.26 3.14
C THR A 56 16.48 14.01 3.08
N ASN A 57 16.04 13.50 1.95
CA ASN A 57 14.63 13.21 1.76
C ASN A 57 14.44 11.72 1.50
N SER A 58 13.41 11.16 2.12
CA SER A 58 13.11 9.75 1.97
C SER A 58 11.62 9.56 1.70
N TYR A 59 11.33 8.60 0.83
CA TYR A 59 9.95 8.31 0.47
C TYR A 59 9.75 6.80 0.26
N TYR A 60 8.58 6.34 0.67
CA TYR A 60 8.25 4.92 0.53
C TYR A 60 6.80 4.74 0.08
N LYS A 61 6.59 3.74 -0.75
CA LYS A 61 5.27 3.44 -1.26
C LYS A 61 4.92 1.98 -0.98
N LEU A 62 3.67 1.76 -0.63
CA LEU A 62 3.21 0.41 -0.33
C LEU A 62 1.82 0.20 -0.95
N GLN A 63 1.77 -0.71 -1.90
CA GLN A 63 0.52 -1.02 -2.58
C GLN A 63 0.41 -2.53 -2.83
N LEU A 64 -0.68 -3.10 -2.32
CA LEU A 64 -0.91 -4.51 -2.48
C LEU A 64 -1.80 -4.75 -3.70
N LEU A 65 -1.16 -5.11 -4.80
CA LEU A 65 -1.87 -5.37 -6.03
C LEU A 65 -2.52 -6.75 -5.98
N GLU A 66 -3.76 -6.81 -6.44
CA GLU A 66 -4.50 -8.06 -6.44
C GLU A 66 -5.15 -8.28 -7.81
N ASP A 67 -5.43 -9.54 -8.09
CA ASP A 67 -6.05 -9.90 -9.36
C ASP A 67 -7.51 -9.43 -9.36
N ASP A 68 -7.87 -8.75 -10.44
CA ASP A 68 -9.22 -8.23 -10.57
C ASP A 68 -10.22 -9.38 -10.39
N LYS A 69 -9.76 -10.58 -10.73
CA LYS A 69 -10.59 -11.76 -10.61
C LYS A 69 -10.20 -12.53 -9.35
N GLU A 70 -9.48 -11.85 -8.47
CA GLU A 70 -9.03 -12.46 -7.23
C GLU A 70 -8.46 -13.85 -7.49
N ASN A 71 -7.15 -13.90 -7.62
CA ASN A 71 -6.47 -15.16 -7.88
C ASN A 71 -4.99 -15.03 -7.47
N ARG A 72 -4.29 -14.18 -8.20
CA ARG A 72 -2.87 -13.97 -7.92
C ARG A 72 -2.65 -12.55 -7.40
N TYR A 73 -1.81 -12.45 -6.39
CA TYR A 73 -1.50 -11.16 -5.79
C TYR A 73 -0.01 -10.86 -5.88
N TRP A 74 0.31 -9.57 -5.87
CA TRP A 74 1.69 -9.13 -5.95
C TRP A 74 1.93 -8.11 -4.84
N ILE A 75 3.21 -7.90 -4.54
CA ILE A 75 3.59 -6.96 -3.51
C ILE A 75 4.52 -5.90 -4.09
N PHE A 76 3.94 -4.76 -4.44
CA PHE A 76 4.70 -3.66 -5.01
C PHE A 76 5.24 -2.74 -3.91
N ARG A 77 6.54 -2.80 -3.71
CA ARG A 77 7.19 -1.98 -2.71
C ARG A 77 8.24 -1.07 -3.35
N SER A 78 8.04 0.23 -3.16
CA SER A 78 8.95 1.21 -3.73
C SER A 78 9.63 2.00 -2.60
N TRP A 79 10.90 2.31 -2.83
CA TRP A 79 11.67 3.05 -1.84
C TRP A 79 12.68 3.93 -2.59
N GLY A 80 13.59 4.50 -1.83
CA GLY A 80 14.61 5.36 -2.40
C GLY A 80 14.44 6.81 -1.93
N ARG A 81 15.57 7.51 -1.88
CA ARG A 81 15.55 8.90 -1.44
C ARG A 81 15.01 9.79 -2.55
N VAL A 82 14.90 11.07 -2.24
CA VAL A 82 14.40 12.05 -3.19
C VAL A 82 15.50 13.07 -3.51
N GLY A 83 15.67 13.32 -4.80
CA GLY A 83 16.69 14.27 -5.24
C GLY A 83 18.07 13.62 -5.26
N THR A 84 18.09 12.32 -5.01
CA THR A 84 19.33 11.58 -5.00
C THR A 84 19.39 10.63 -6.21
N VAL A 85 20.28 9.64 -6.10
CA VAL A 85 20.44 8.67 -7.16
C VAL A 85 19.71 7.39 -6.80
N ILE A 86 19.36 7.28 -5.53
CA ILE A 86 18.65 6.11 -5.04
C ILE A 86 17.23 6.10 -5.62
N GLY A 87 16.69 4.89 -5.75
CA GLY A 87 15.36 4.73 -6.29
C GLY A 87 15.20 3.35 -6.93
N SER A 88 14.23 2.60 -6.41
CA SER A 88 13.96 1.26 -6.92
C SER A 88 12.63 0.76 -6.38
N ASN A 89 12.19 -0.36 -6.93
CA ASN A 89 10.93 -0.96 -6.52
C ASN A 89 11.11 -2.47 -6.38
N LYS A 90 10.02 -3.14 -6.01
CA LYS A 90 10.04 -4.57 -5.84
C LYS A 90 8.68 -5.15 -6.21
N LEU A 91 8.70 -6.26 -6.93
CA LEU A 91 7.47 -6.92 -7.35
C LEU A 91 7.59 -8.42 -7.08
N GLU A 92 6.87 -8.85 -6.07
CA GLU A 92 6.87 -10.25 -5.70
C GLU A 92 5.46 -10.83 -5.74
N GLN A 93 5.32 -11.93 -6.46
CA GLN A 93 4.02 -12.59 -6.58
C GLN A 93 3.71 -13.41 -5.32
N MET A 94 2.63 -13.02 -4.67
CA MET A 94 2.21 -13.71 -3.45
C MET A 94 1.46 -14.99 -3.78
N PRO A 95 1.65 -16.02 -2.90
CA PRO A 95 1.00 -17.31 -3.10
C PRO A 95 -0.48 -17.23 -2.73
N SER A 96 -0.74 -16.68 -1.56
CA SER A 96 -2.10 -16.53 -1.08
C SER A 96 -2.42 -15.06 -0.82
N LYS A 97 -3.70 -14.76 -0.82
CA LYS A 97 -4.16 -13.40 -0.59
C LYS A 97 -3.63 -12.92 0.77
N GLU A 98 -3.77 -13.78 1.76
CA GLU A 98 -3.32 -13.46 3.10
C GLU A 98 -1.82 -13.16 3.10
N ASP A 99 -1.06 -14.13 2.60
CA ASP A 99 0.39 -13.99 2.54
C ASP A 99 0.73 -12.60 1.98
N ALA A 100 -0.18 -12.07 1.19
CA ALA A 100 0.02 -10.77 0.59
C ALA A 100 -0.32 -9.68 1.62
N ILE A 101 -1.47 -9.85 2.26
CA ILE A 101 -1.91 -8.90 3.26
C ILE A 101 -0.85 -8.80 4.36
N GLU A 102 -0.44 -9.96 4.85
CA GLU A 102 0.55 -10.01 5.90
C GLU A 102 1.77 -9.17 5.53
N HIS A 103 2.22 -9.35 4.29
CA HIS A 103 3.37 -8.62 3.80
C HIS A 103 3.07 -7.12 3.82
N PHE A 104 1.97 -6.76 3.18
CA PHE A 104 1.56 -5.36 3.12
C PHE A 104 1.28 -4.81 4.52
N MET A 105 0.93 -5.72 5.42
CA MET A 105 0.63 -5.35 6.79
C MET A 105 1.91 -5.25 7.62
N LYS A 106 2.80 -6.21 7.38
CA LYS A 106 4.07 -6.25 8.10
C LYS A 106 5.00 -5.17 7.54
N LEU A 107 5.07 -5.11 6.22
CA LEU A 107 5.92 -4.14 5.55
C LEU A 107 5.67 -2.76 6.16
N TYR A 108 4.43 -2.31 6.03
CA TYR A 108 4.05 -1.01 6.55
C TYR A 108 4.31 -0.93 8.06
N GLU A 109 4.55 -2.09 8.65
CA GLU A 109 4.80 -2.17 10.08
C GLU A 109 6.32 -2.17 10.34
N GLU A 110 7.06 -2.49 9.30
CA GLU A 110 8.52 -2.53 9.42
C GLU A 110 9.10 -1.14 9.15
N LYS A 111 8.40 -0.38 8.32
CA LYS A 111 8.84 0.96 7.97
C LYS A 111 8.42 1.93 9.08
N THR A 112 7.12 2.10 9.20
CA THR A 112 6.57 2.99 10.20
C THR A 112 6.82 2.43 11.61
N GLY A 113 7.03 1.12 11.66
CA GLY A 113 7.28 0.46 12.93
C GLY A 113 5.98 0.19 13.68
N ASN A 114 4.90 0.73 13.13
CA ASN A 114 3.59 0.56 13.74
C ASN A 114 2.72 -0.31 12.83
N ALA A 115 1.90 -1.13 13.46
CA ALA A 115 1.00 -2.01 12.72
C ALA A 115 0.09 -1.17 11.82
N TRP A 116 -0.37 -1.80 10.75
CA TRP A 116 -1.25 -1.13 9.81
C TRP A 116 -2.56 -0.81 10.53
N HIS A 117 -3.09 -1.82 11.21
CA HIS A 117 -4.33 -1.67 11.95
C HIS A 117 -4.04 -1.65 13.44
N SER A 118 -3.63 -0.48 13.93
CA SER A 118 -3.32 -0.32 15.34
C SER A 118 -3.76 1.07 15.81
N LYS A 119 -3.70 1.27 17.12
CA LYS A 119 -4.08 2.53 17.71
C LYS A 119 -3.29 3.66 17.05
N ASN A 120 -3.43 4.85 17.62
CA ASN A 120 -2.73 6.02 17.09
C ASN A 120 -1.32 5.61 16.68
N PHE A 121 -0.80 6.32 15.69
CA PHE A 121 0.54 6.06 15.19
C PHE A 121 1.59 6.87 15.97
N THR A 122 2.67 6.18 16.31
CA THR A 122 3.75 6.82 17.06
C THR A 122 4.89 7.19 16.12
N LYS A 123 5.05 8.49 15.90
CA LYS A 123 6.10 8.99 15.03
C LYS A 123 7.46 8.72 15.67
N TYR A 124 8.05 7.60 15.28
CA TYR A 124 9.35 7.21 15.81
C TYR A 124 10.48 7.77 14.94
N PRO A 125 11.72 7.69 15.50
CA PRO A 125 12.89 8.18 14.78
C PRO A 125 13.29 7.22 13.66
N LYS A 126 13.36 7.77 12.45
CA LYS A 126 13.72 6.97 11.29
C LYS A 126 12.47 6.33 10.71
N LYS A 127 11.58 5.90 11.60
CA LYS A 127 10.35 5.26 11.19
C LYS A 127 9.60 6.19 10.23
N PHE A 128 9.21 5.63 9.10
CA PHE A 128 8.48 6.39 8.10
C PHE A 128 7.05 6.67 8.56
N TYR A 129 6.54 7.81 8.12
CA TYR A 129 5.19 8.21 8.48
C TYR A 129 4.32 8.37 7.24
N PRO A 130 2.98 8.42 7.47
CA PRO A 130 2.03 8.57 6.38
C PRO A 130 2.02 10.01 5.86
N LEU A 131 2.31 10.14 4.57
CA LEU A 131 2.34 11.44 3.94
C LEU A 131 0.91 11.94 3.75
N GLU A 132 0.19 11.29 2.83
CA GLU A 132 -1.17 11.66 2.55
C GLU A 132 -2.08 11.33 3.74
N ILE A 133 -2.55 12.38 4.40
CA ILE A 133 -3.41 12.21 5.55
C ILE A 133 -4.86 12.07 5.08
N SER A 134 -5.65 11.39 5.90
CA SER A 134 -7.05 11.18 5.58
C SER A 134 -7.85 10.91 6.86
N GLY A 135 -9.16 11.10 6.76
CA GLY A 135 -10.04 10.89 7.89
C GLY A 135 -10.28 9.40 8.14
N PRO A 136 -10.18 9.00 9.43
CA PRO A 136 -10.38 7.61 9.80
C PRO A 136 -11.87 7.24 9.76
N SER A 137 -12.12 5.99 9.42
CA SER A 137 -13.49 5.51 9.35
C SER A 137 -13.63 4.19 10.12
N SER A 138 -14.76 4.05 10.78
CA SER A 138 -15.02 2.85 11.56
C SER A 138 -16.53 2.71 11.82
N GLY A 139 -17.06 1.57 11.38
CA GLY A 139 -18.48 1.30 11.55
C GLY A 139 -18.86 -0.02 10.90
N GLY A 1 -22.35 -1.48 -15.20
CA GLY A 1 -22.97 -0.45 -14.36
C GLY A 1 -22.14 0.84 -14.38
N SER A 2 -20.95 0.75 -13.82
CA SER A 2 -20.06 1.89 -13.76
C SER A 2 -20.65 2.97 -12.87
N SER A 3 -19.86 3.40 -11.89
CA SER A 3 -20.29 4.43 -10.97
C SER A 3 -19.09 4.97 -10.18
N GLY A 4 -19.24 6.20 -9.71
CA GLY A 4 -18.19 6.85 -8.95
C GLY A 4 -18.73 7.43 -7.64
N SER A 5 -17.82 7.99 -6.86
CA SER A 5 -18.20 8.59 -5.59
C SER A 5 -17.41 9.88 -5.36
N SER A 6 -17.83 10.63 -4.36
CA SER A 6 -17.18 11.89 -4.04
C SER A 6 -17.90 12.56 -2.86
N GLY A 7 -17.32 12.39 -1.68
CA GLY A 7 -17.89 12.98 -0.48
C GLY A 7 -16.80 13.58 0.42
N LYS A 8 -16.08 12.68 1.08
CA LYS A 8 -15.01 13.11 1.97
C LYS A 8 -15.60 13.89 3.13
N SER A 9 -15.53 13.29 4.32
CA SER A 9 -16.05 13.93 5.51
C SER A 9 -15.85 13.02 6.73
N GLU A 10 -16.47 11.84 6.64
CA GLU A 10 -16.37 10.87 7.72
C GLU A 10 -15.40 9.75 7.34
N LYS A 11 -15.08 8.92 8.32
CA LYS A 11 -14.17 7.80 8.09
C LYS A 11 -14.88 6.50 8.45
N ARG A 12 -15.37 5.83 7.42
CA ARG A 12 -16.07 4.58 7.62
C ARG A 12 -16.62 4.05 6.29
N MET A 13 -16.44 2.76 6.07
CA MET A 13 -16.90 2.13 4.85
C MET A 13 -16.62 0.62 4.86
N LYS A 14 -17.53 -0.12 4.25
CA LYS A 14 -17.39 -1.57 4.19
C LYS A 14 -18.41 -2.13 3.18
N LEU A 15 -17.94 -2.30 1.96
CA LEU A 15 -18.78 -2.83 0.90
C LEU A 15 -17.98 -2.91 -0.40
N THR A 16 -17.90 -4.12 -0.93
CA THR A 16 -17.16 -4.36 -2.17
C THR A 16 -17.99 -3.89 -3.37
N LEU A 17 -17.48 -2.85 -4.02
CA LEU A 17 -18.14 -2.30 -5.19
C LEU A 17 -17.10 -1.75 -6.15
N LYS A 18 -17.58 -1.32 -7.31
CA LYS A 18 -16.69 -0.77 -8.33
C LYS A 18 -15.94 0.42 -7.74
N GLY A 19 -14.69 0.54 -8.15
CA GLY A 19 -13.85 1.63 -7.68
C GLY A 19 -12.60 1.09 -6.96
N GLY A 20 -11.88 2.01 -6.34
CA GLY A 20 -10.67 1.65 -5.62
C GLY A 20 -9.50 2.56 -6.00
N ALA A 21 -8.30 2.11 -5.67
CA ALA A 21 -7.11 2.87 -5.97
C ALA A 21 -6.57 2.45 -7.33
N ALA A 22 -5.68 3.27 -7.87
CA ALA A 22 -5.08 3.00 -9.16
C ALA A 22 -3.78 2.21 -8.96
N VAL A 23 -3.53 1.29 -9.88
CA VAL A 23 -2.34 0.47 -9.81
C VAL A 23 -1.23 1.11 -10.63
N ASP A 24 0.00 0.80 -10.26
CA ASP A 24 1.16 1.36 -10.95
C ASP A 24 1.37 0.59 -12.26
N PRO A 25 1.80 1.36 -13.30
CA PRO A 25 2.05 0.78 -14.60
C PRO A 25 3.35 -0.04 -14.61
N ASP A 26 4.25 0.35 -13.72
CA ASP A 26 5.53 -0.33 -13.62
C ASP A 26 5.32 -1.72 -13.00
N SER A 27 4.16 -1.89 -12.41
CA SER A 27 3.81 -3.16 -11.78
C SER A 27 3.47 -4.20 -12.85
N GLY A 28 2.90 -3.70 -13.94
CA GLY A 28 2.52 -4.57 -15.05
C GLY A 28 1.19 -5.27 -14.76
N LEU A 29 0.55 -4.85 -13.67
CA LEU A 29 -0.72 -5.42 -13.28
C LEU A 29 -1.79 -4.34 -13.29
N GLU A 30 -1.39 -3.16 -13.75
CA GLU A 30 -2.31 -2.03 -13.82
C GLU A 30 -3.41 -2.31 -14.85
N HIS A 31 -3.14 -3.26 -15.72
CA HIS A 31 -4.09 -3.62 -16.75
C HIS A 31 -4.49 -5.09 -16.58
N SER A 32 -4.12 -5.65 -15.44
CA SER A 32 -4.44 -7.04 -15.15
C SER A 32 -5.04 -7.15 -13.73
N ALA A 33 -4.27 -6.67 -12.76
CA ALA A 33 -4.71 -6.71 -11.38
C ALA A 33 -5.13 -5.30 -10.94
N HIS A 34 -5.57 -5.21 -9.69
CA HIS A 34 -6.01 -3.94 -9.14
C HIS A 34 -5.64 -3.87 -7.66
N VAL A 35 -5.67 -2.66 -7.13
CA VAL A 35 -5.35 -2.44 -5.73
C VAL A 35 -6.22 -3.37 -4.87
N LEU A 36 -5.57 -4.00 -3.91
CA LEU A 36 -6.26 -4.91 -3.02
C LEU A 36 -7.04 -4.10 -1.98
N GLU A 37 -8.35 -4.35 -1.94
CA GLU A 37 -9.22 -3.65 -1.01
C GLU A 37 -9.71 -4.61 0.08
N LYS A 38 -9.90 -4.04 1.27
CA LYS A 38 -10.37 -4.83 2.39
C LYS A 38 -11.03 -3.92 3.41
N GLY A 39 -12.03 -4.45 4.10
CA GLY A 39 -12.75 -3.70 5.10
C GLY A 39 -13.00 -2.26 4.63
N GLY A 40 -13.54 -2.15 3.43
CA GLY A 40 -13.82 -0.84 2.86
C GLY A 40 -12.60 0.06 2.92
N LYS A 41 -11.44 -0.55 2.73
CA LYS A 41 -10.18 0.19 2.76
C LYS A 41 -9.35 -0.19 1.54
N VAL A 42 -8.39 0.66 1.24
CA VAL A 42 -7.50 0.43 0.10
C VAL A 42 -6.09 0.13 0.60
N PHE A 43 -5.41 -0.76 -0.09
CA PHE A 43 -4.07 -1.14 0.28
C PHE A 43 -3.04 -0.28 -0.47
N SER A 44 -3.26 1.02 -0.40
CA SER A 44 -2.36 1.96 -1.07
C SER A 44 -1.95 3.07 -0.09
N ALA A 45 -0.75 2.92 0.46
CA ALA A 45 -0.23 3.89 1.40
C ALA A 45 1.08 4.47 0.87
N THR A 46 1.33 5.71 1.23
CA THR A 46 2.55 6.39 0.79
C THR A 46 3.34 6.90 1.99
N LEU A 47 4.33 6.12 2.38
CA LEU A 47 5.17 6.47 3.51
C LEU A 47 6.24 7.46 3.06
N GLY A 48 6.68 8.28 4.01
CA GLY A 48 7.71 9.28 3.71
C GLY A 48 8.41 9.73 5.00
N LEU A 49 9.72 9.81 4.90
CA LEU A 49 10.53 10.23 6.04
C LEU A 49 11.70 11.07 5.55
N VAL A 50 11.91 12.20 6.23
CA VAL A 50 12.98 13.11 5.87
C VAL A 50 13.61 13.67 7.14
N ASP A 51 14.94 13.71 7.14
CA ASP A 51 15.67 14.22 8.30
C ASP A 51 15.96 15.71 8.09
N ILE A 52 15.80 16.47 9.16
CA ILE A 52 16.04 17.90 9.12
C ILE A 52 17.50 18.17 9.45
N VAL A 53 18.05 17.33 10.31
CA VAL A 53 19.43 17.48 10.72
C VAL A 53 20.35 16.87 9.65
N LYS A 54 20.07 15.62 9.31
CA LYS A 54 20.86 14.94 8.31
C LYS A 54 20.56 15.54 6.93
N GLY A 55 19.57 16.41 6.91
CA GLY A 55 19.17 17.05 5.67
C GLY A 55 18.91 16.03 4.56
N THR A 56 18.43 14.87 4.98
CA THR A 56 18.15 13.80 4.04
C THR A 56 16.63 13.61 3.91
N ASN A 57 16.23 13.17 2.73
CA ASN A 57 14.81 12.94 2.46
C ASN A 57 14.62 11.51 1.98
N SER A 58 13.56 10.88 2.47
CA SER A 58 13.25 9.51 2.10
C SER A 58 11.75 9.37 1.83
N TYR A 59 11.43 8.55 0.84
CA TYR A 59 10.05 8.32 0.47
C TYR A 59 9.81 6.85 0.11
N TYR A 60 8.80 6.28 0.73
CA TYR A 60 8.45 4.89 0.48
C TYR A 60 7.03 4.76 -0.05
N LYS A 61 6.78 3.66 -0.74
CA LYS A 61 5.47 3.40 -1.31
C LYS A 61 5.13 1.92 -1.12
N LEU A 62 3.86 1.67 -0.81
CA LEU A 62 3.38 0.31 -0.61
C LEU A 62 2.03 0.15 -1.29
N GLN A 63 1.88 -0.97 -1.99
CA GLN A 63 0.63 -1.26 -2.67
C GLN A 63 0.45 -2.78 -2.83
N LEU A 64 -0.72 -3.24 -2.42
CA LEU A 64 -1.03 -4.66 -2.50
C LEU A 64 -2.00 -4.89 -3.65
N LEU A 65 -1.45 -5.33 -4.78
CA LEU A 65 -2.26 -5.60 -5.95
C LEU A 65 -2.96 -6.95 -5.80
N GLU A 66 -4.09 -7.08 -6.47
CA GLU A 66 -4.86 -8.31 -6.41
C GLU A 66 -5.37 -8.69 -7.81
N ASP A 67 -5.03 -9.90 -8.21
CA ASP A 67 -5.44 -10.39 -9.52
C ASP A 67 -6.97 -10.50 -9.56
N ASP A 68 -7.53 -10.03 -10.67
CA ASP A 68 -8.97 -10.07 -10.85
C ASP A 68 -9.33 -11.09 -11.92
N LYS A 69 -8.91 -12.32 -11.69
CA LYS A 69 -9.16 -13.40 -12.63
C LYS A 69 -9.50 -14.68 -11.86
N GLU A 70 -8.49 -15.20 -11.18
CA GLU A 70 -8.65 -16.41 -10.40
C GLU A 70 -8.39 -16.13 -8.91
N ASN A 71 -7.11 -15.93 -8.61
CA ASN A 71 -6.70 -15.65 -7.24
C ASN A 71 -5.18 -15.47 -7.19
N ARG A 72 -4.76 -14.23 -7.27
CA ARG A 72 -3.34 -13.91 -7.23
C ARG A 72 -3.12 -12.51 -6.65
N TYR A 73 -1.96 -12.34 -6.03
CA TYR A 73 -1.62 -11.06 -5.44
C TYR A 73 -0.10 -10.86 -5.44
N TRP A 74 0.29 -9.59 -5.55
CA TRP A 74 1.70 -9.23 -5.56
C TRP A 74 1.94 -8.18 -4.47
N ILE A 75 3.20 -7.91 -4.22
CA ILE A 75 3.58 -6.94 -3.21
C ILE A 75 4.47 -5.87 -3.85
N PHE A 76 3.87 -4.71 -4.10
CA PHE A 76 4.60 -3.61 -4.70
C PHE A 76 5.23 -2.72 -3.63
N ARG A 77 6.55 -2.57 -3.74
CA ARG A 77 7.29 -1.76 -2.79
C ARG A 77 8.31 -0.89 -3.52
N SER A 78 8.11 0.42 -3.43
CA SER A 78 8.99 1.37 -4.08
C SER A 78 9.69 2.24 -3.03
N TRP A 79 10.95 2.53 -3.28
CA TRP A 79 11.73 3.36 -2.37
C TRP A 79 12.53 4.36 -3.21
N GLY A 80 13.45 5.03 -2.54
CA GLY A 80 14.30 6.02 -3.20
C GLY A 80 14.48 7.25 -2.33
N ARG A 81 15.73 7.64 -2.16
CA ARG A 81 16.07 8.80 -1.35
C ARG A 81 15.93 10.07 -2.19
N VAL A 82 14.95 10.89 -1.82
CA VAL A 82 14.71 12.14 -2.52
C VAL A 82 15.92 13.05 -2.35
N GLY A 83 16.58 13.35 -3.46
CA GLY A 83 17.74 14.21 -3.45
C GLY A 83 19.02 13.41 -3.74
N THR A 84 18.83 12.12 -3.91
CA THR A 84 19.96 11.24 -4.20
C THR A 84 19.73 10.49 -5.52
N VAL A 85 20.53 9.46 -5.72
CA VAL A 85 20.43 8.65 -6.93
C VAL A 85 19.64 7.38 -6.63
N ILE A 86 19.51 7.09 -5.34
CA ILE A 86 18.79 5.91 -4.92
C ILE A 86 17.34 5.99 -5.40
N GLY A 87 16.78 4.82 -5.70
CA GLY A 87 15.41 4.76 -6.18
C GLY A 87 15.19 3.49 -7.00
N SER A 88 14.08 2.81 -6.70
CA SER A 88 13.75 1.58 -7.40
C SER A 88 12.43 1.03 -6.87
N ASN A 89 12.00 -0.08 -7.46
CA ASN A 89 10.76 -0.72 -7.06
C ASN A 89 10.96 -2.23 -7.04
N LYS A 90 10.05 -2.91 -6.37
CA LYS A 90 10.11 -4.36 -6.25
C LYS A 90 8.70 -4.94 -6.37
N LEU A 91 8.61 -6.05 -7.08
CA LEU A 91 7.33 -6.72 -7.28
C LEU A 91 7.48 -8.21 -6.98
N GLU A 92 6.94 -8.60 -5.83
CA GLU A 92 7.01 -9.99 -5.41
C GLU A 92 5.60 -10.61 -5.41
N GLN A 93 5.50 -11.76 -6.06
CA GLN A 93 4.23 -12.46 -6.15
C GLN A 93 3.93 -13.15 -4.81
N MET A 94 2.64 -13.17 -4.48
CA MET A 94 2.21 -13.81 -3.24
C MET A 94 1.46 -15.10 -3.52
N PRO A 95 1.57 -16.06 -2.56
CA PRO A 95 0.91 -17.35 -2.69
C PRO A 95 -0.59 -17.22 -2.43
N SER A 96 -0.92 -16.65 -1.28
CA SER A 96 -2.31 -16.47 -0.91
C SER A 96 -2.59 -15.00 -0.61
N LYS A 97 -3.84 -14.61 -0.80
CA LYS A 97 -4.24 -13.24 -0.55
C LYS A 97 -3.71 -12.79 0.82
N GLU A 98 -3.90 -13.66 1.80
CA GLU A 98 -3.45 -13.37 3.15
C GLU A 98 -1.94 -13.08 3.16
N ASP A 99 -1.18 -14.05 2.70
CA ASP A 99 0.27 -13.92 2.64
C ASP A 99 0.62 -12.54 2.08
N ALA A 100 -0.27 -12.02 1.25
CA ALA A 100 -0.08 -10.72 0.64
C ALA A 100 -0.41 -9.63 1.65
N ILE A 101 -1.57 -9.77 2.27
CA ILE A 101 -2.02 -8.80 3.26
C ILE A 101 -0.95 -8.68 4.36
N GLU A 102 -0.53 -9.83 4.86
CA GLU A 102 0.47 -9.86 5.91
C GLU A 102 1.70 -9.04 5.50
N HIS A 103 2.16 -9.28 4.29
CA HIS A 103 3.31 -8.57 3.76
C HIS A 103 3.02 -7.07 3.76
N PHE A 104 1.95 -6.70 3.07
CA PHE A 104 1.56 -5.30 2.99
C PHE A 104 1.27 -4.73 4.37
N MET A 105 0.95 -5.62 5.29
CA MET A 105 0.64 -5.22 6.65
C MET A 105 1.91 -5.09 7.49
N LYS A 106 2.81 -6.04 7.29
CA LYS A 106 4.07 -6.04 8.01
C LYS A 106 5.01 -5.00 7.41
N LEU A 107 5.10 -5.03 6.09
CA LEU A 107 5.95 -4.10 5.37
C LEU A 107 5.68 -2.68 5.87
N TYR A 108 4.45 -2.25 5.70
CA TYR A 108 4.05 -0.92 6.14
C TYR A 108 4.28 -0.74 7.65
N GLU A 109 4.54 -1.86 8.31
CA GLU A 109 4.79 -1.84 9.74
C GLU A 109 6.29 -1.79 10.02
N GLU A 110 7.06 -2.26 9.04
CA GLU A 110 8.51 -2.28 9.17
C GLU A 110 9.06 -0.87 9.01
N LYS A 111 8.39 -0.08 8.19
CA LYS A 111 8.82 1.29 7.94
C LYS A 111 8.36 2.18 9.10
N THR A 112 7.06 2.18 9.32
CA THR A 112 6.49 2.98 10.40
C THR A 112 6.92 2.43 11.76
N GLY A 113 6.83 1.12 11.89
CA GLY A 113 7.21 0.46 13.13
C GLY A 113 5.97 0.00 13.91
N ASN A 114 4.81 0.40 13.40
CA ASN A 114 3.56 0.03 14.03
C ASN A 114 2.75 -0.86 13.08
N ALA A 115 1.70 -1.46 13.63
CA ALA A 115 0.85 -2.33 12.85
C ALA A 115 -0.07 -1.48 11.96
N TRP A 116 -0.28 -1.96 10.74
CA TRP A 116 -1.12 -1.26 9.80
C TRP A 116 -2.48 -1.02 10.46
N HIS A 117 -3.08 -2.11 10.93
CA HIS A 117 -4.37 -2.02 11.58
C HIS A 117 -4.18 -1.91 13.10
N SER A 118 -3.44 -0.88 13.49
CA SER A 118 -3.16 -0.63 14.90
C SER A 118 -4.17 0.37 15.46
N LYS A 119 -4.12 0.54 16.77
CA LYS A 119 -5.02 1.47 17.45
C LYS A 119 -4.71 2.88 16.98
N ASN A 120 -3.48 3.30 17.25
CA ASN A 120 -3.04 4.65 16.87
C ASN A 120 -1.64 4.56 16.26
N PHE A 121 -1.25 5.65 15.61
CA PHE A 121 0.06 5.71 14.99
C PHE A 121 1.06 6.40 15.91
N THR A 122 2.34 6.16 15.62
CA THR A 122 3.41 6.75 16.42
C THR A 122 4.61 7.08 15.53
N LYS A 123 4.83 8.38 15.34
CA LYS A 123 5.93 8.85 14.52
C LYS A 123 7.25 8.51 15.22
N TYR A 124 8.08 7.75 14.50
CA TYR A 124 9.37 7.35 15.04
C TYR A 124 10.51 7.81 14.12
N PRO A 125 11.71 7.96 14.73
CA PRO A 125 12.88 8.39 13.98
C PRO A 125 13.42 7.24 13.12
N LYS A 126 13.62 7.55 11.84
CA LYS A 126 14.13 6.56 10.91
C LYS A 126 12.97 5.80 10.28
N LYS A 127 11.90 5.67 11.05
CA LYS A 127 10.71 4.98 10.58
C LYS A 127 10.12 5.74 9.39
N PHE A 128 8.79 5.78 9.35
CA PHE A 128 8.10 6.47 8.28
C PHE A 128 6.67 6.80 8.69
N TYR A 129 6.05 7.69 7.91
CA TYR A 129 4.69 8.10 8.18
C TYR A 129 3.92 8.34 6.88
N PRO A 130 2.57 8.38 7.01
CA PRO A 130 1.71 8.60 5.85
C PRO A 130 1.76 10.05 5.40
N LEU A 131 2.21 10.24 4.17
CA LEU A 131 2.31 11.58 3.60
C LEU A 131 0.90 12.09 3.29
N GLU A 132 0.38 11.63 2.16
CA GLU A 132 -0.95 12.03 1.74
C GLU A 132 -2.02 11.21 2.46
N ILE A 133 -2.74 11.89 3.33
CA ILE A 133 -3.80 11.22 4.10
C ILE A 133 -5.12 11.38 3.36
N SER A 134 -5.86 10.28 3.30
CA SER A 134 -7.15 10.28 2.62
C SER A 134 -7.94 9.02 2.99
N GLY A 135 -9.22 9.20 3.20
CA GLY A 135 -10.09 8.09 3.56
C GLY A 135 -11.48 8.25 2.93
N PRO A 136 -12.20 7.10 2.83
CA PRO A 136 -13.54 7.10 2.26
C PRO A 136 -14.55 7.70 3.22
N SER A 137 -15.79 7.78 2.77
CA SER A 137 -16.86 8.33 3.58
C SER A 137 -18.01 7.32 3.68
N SER A 138 -18.93 7.61 4.59
CA SER A 138 -20.08 6.75 4.80
C SER A 138 -21.37 7.54 4.58
N GLY A 139 -22.47 6.79 4.49
CA GLY A 139 -23.77 7.40 4.29
C GLY A 139 -24.61 7.34 5.57
N GLY A 1 -24.09 -28.09 38.68
CA GLY A 1 -23.66 -26.95 37.92
C GLY A 1 -24.38 -26.89 36.57
N SER A 2 -23.59 -27.01 35.51
CA SER A 2 -24.14 -26.98 34.16
C SER A 2 -24.70 -25.59 33.85
N SER A 3 -24.57 -25.21 32.59
CA SER A 3 -25.06 -23.91 32.15
C SER A 3 -24.84 -23.75 30.64
N GLY A 4 -25.55 -22.79 30.07
CA GLY A 4 -25.44 -22.52 28.65
C GLY A 4 -25.61 -21.02 28.35
N SER A 5 -25.47 -20.69 27.08
CA SER A 5 -25.60 -19.32 26.65
C SER A 5 -25.80 -19.25 25.14
N SER A 6 -26.34 -18.13 24.69
CA SER A 6 -26.58 -17.93 23.27
C SER A 6 -26.25 -16.48 22.88
N GLY A 7 -25.73 -16.34 21.67
CA GLY A 7 -25.36 -15.03 21.16
C GLY A 7 -25.27 -15.04 19.64
N LYS A 8 -25.63 -13.91 19.05
CA LYS A 8 -25.59 -13.77 17.60
C LYS A 8 -24.33 -14.42 17.06
N SER A 9 -24.45 -14.99 15.86
CA SER A 9 -23.32 -15.65 15.22
C SER A 9 -23.41 -15.48 13.71
N GLU A 10 -22.34 -14.95 13.14
CA GLU A 10 -22.27 -14.73 11.71
C GLU A 10 -23.30 -13.69 11.29
N LYS A 11 -22.96 -12.94 10.25
CA LYS A 11 -23.85 -11.91 9.73
C LYS A 11 -23.76 -11.89 8.21
N ARG A 12 -24.81 -11.33 7.59
CA ARG A 12 -24.85 -11.23 6.15
C ARG A 12 -24.07 -10.02 5.67
N MET A 13 -23.38 -10.20 4.55
CA MET A 13 -22.59 -9.12 3.98
C MET A 13 -21.98 -9.55 2.63
N LYS A 14 -21.79 -8.56 1.77
CA LYS A 14 -21.22 -8.81 0.46
C LYS A 14 -20.67 -7.50 -0.11
N LEU A 15 -19.63 -7.65 -0.92
CA LEU A 15 -19.00 -6.49 -1.53
C LEU A 15 -17.84 -6.96 -2.42
N THR A 16 -18.09 -6.92 -3.72
CA THR A 16 -17.09 -7.35 -4.69
C THR A 16 -16.04 -6.26 -4.86
N LEU A 17 -16.51 -5.02 -4.96
CA LEU A 17 -15.62 -3.89 -5.13
C LEU A 17 -14.79 -4.08 -6.40
N LYS A 18 -15.43 -3.78 -7.53
CA LYS A 18 -14.77 -3.92 -8.81
C LYS A 18 -14.14 -2.57 -9.20
N GLY A 19 -13.03 -2.26 -8.55
CA GLY A 19 -12.32 -1.02 -8.81
C GLY A 19 -11.98 -0.30 -7.51
N GLY A 20 -10.75 0.18 -7.44
CA GLY A 20 -10.28 0.88 -6.26
C GLY A 20 -9.21 1.92 -6.63
N ALA A 21 -8.04 1.74 -6.05
CA ALA A 21 -6.93 2.66 -6.30
C ALA A 21 -6.30 2.31 -7.65
N ALA A 22 -5.50 3.24 -8.15
CA ALA A 22 -4.82 3.05 -9.41
C ALA A 22 -3.51 2.30 -9.18
N VAL A 23 -3.22 1.37 -10.09
CA VAL A 23 -2.01 0.58 -9.99
C VAL A 23 -0.91 1.24 -10.83
N ASP A 24 0.34 0.94 -10.46
CA ASP A 24 1.47 1.49 -11.17
C ASP A 24 1.81 0.61 -12.37
N PRO A 25 2.33 1.25 -13.44
CA PRO A 25 2.70 0.54 -14.65
C PRO A 25 4.00 -0.25 -14.45
N ASP A 26 4.73 0.14 -13.42
CA ASP A 26 5.99 -0.53 -13.10
C ASP A 26 5.71 -1.94 -12.59
N SER A 27 4.51 -2.10 -12.04
CA SER A 27 4.10 -3.39 -11.51
C SER A 27 3.74 -4.34 -12.65
N GLY A 28 3.24 -3.75 -13.73
CA GLY A 28 2.84 -4.52 -14.89
C GLY A 28 1.40 -5.00 -14.77
N LEU A 29 0.91 -5.01 -13.55
CA LEU A 29 -0.45 -5.43 -13.28
C LEU A 29 -1.39 -4.22 -13.31
N GLU A 30 -0.87 -3.13 -13.87
CA GLU A 30 -1.63 -1.90 -13.97
C GLU A 30 -2.89 -2.14 -14.82
N HIS A 31 -2.78 -3.06 -15.76
CA HIS A 31 -3.89 -3.38 -16.64
C HIS A 31 -4.28 -4.84 -16.44
N SER A 32 -3.66 -5.47 -15.45
CA SER A 32 -3.94 -6.86 -15.16
C SER A 32 -4.60 -6.99 -13.79
N ALA A 33 -3.92 -6.45 -12.78
CA ALA A 33 -4.43 -6.49 -11.42
C ALA A 33 -4.85 -5.07 -11.00
N HIS A 34 -5.26 -4.97 -9.74
CA HIS A 34 -5.68 -3.69 -9.20
C HIS A 34 -5.39 -3.64 -7.70
N VAL A 35 -5.33 -2.43 -7.18
CA VAL A 35 -5.06 -2.23 -5.77
C VAL A 35 -6.04 -3.06 -4.95
N LEU A 36 -5.50 -3.75 -3.95
CA LEU A 36 -6.32 -4.59 -3.08
C LEU A 36 -7.25 -3.70 -2.26
N GLU A 37 -8.34 -4.30 -1.82
CA GLU A 37 -9.33 -3.58 -1.02
C GLU A 37 -9.94 -4.50 0.03
N LYS A 38 -9.99 -3.99 1.25
CA LYS A 38 -10.55 -4.75 2.36
C LYS A 38 -11.20 -3.80 3.36
N GLY A 39 -12.20 -4.33 4.05
CA GLY A 39 -12.91 -3.54 5.05
C GLY A 39 -13.17 -2.12 4.53
N GLY A 40 -13.67 -2.05 3.31
CA GLY A 40 -13.96 -0.77 2.68
C GLY A 40 -12.75 0.17 2.76
N LYS A 41 -11.58 -0.41 2.52
CA LYS A 41 -10.34 0.35 2.55
C LYS A 41 -9.49 -0.01 1.34
N VAL A 42 -8.46 0.79 1.12
CA VAL A 42 -7.55 0.56 0.00
C VAL A 42 -6.15 0.28 0.53
N PHE A 43 -5.51 -0.71 -0.07
CA PHE A 43 -4.17 -1.08 0.33
C PHE A 43 -3.12 -0.23 -0.39
N SER A 44 -3.22 1.07 -0.15
CA SER A 44 -2.29 2.01 -0.77
C SER A 44 -1.85 3.06 0.25
N ALA A 45 -0.69 2.81 0.83
CA ALA A 45 -0.15 3.73 1.83
C ALA A 45 1.15 4.34 1.30
N THR A 46 1.28 5.64 1.49
CA THR A 46 2.46 6.35 1.04
C THR A 46 3.25 6.89 2.24
N LEU A 47 4.41 6.29 2.47
CA LEU A 47 5.26 6.69 3.57
C LEU A 47 6.26 7.74 3.07
N GLY A 48 6.76 8.53 4.02
CA GLY A 48 7.72 9.57 3.70
C GLY A 48 8.56 9.94 4.92
N LEU A 49 9.86 10.03 4.69
CA LEU A 49 10.78 10.37 5.76
C LEU A 49 11.87 11.30 5.22
N VAL A 50 12.20 12.31 6.02
CA VAL A 50 13.22 13.27 5.62
C VAL A 50 14.00 13.71 6.86
N ASP A 51 15.32 13.56 6.78
CA ASP A 51 16.18 13.95 7.88
C ASP A 51 16.64 15.40 7.69
N ILE A 52 16.68 16.13 8.79
CA ILE A 52 17.09 17.52 8.75
C ILE A 52 18.62 17.59 8.79
N VAL A 53 19.21 16.65 9.52
CA VAL A 53 20.65 16.59 9.64
C VAL A 53 21.24 15.90 8.41
N LYS A 54 20.73 14.72 8.13
CA LYS A 54 21.20 13.95 6.99
C LYS A 54 20.70 14.61 5.70
N GLY A 55 19.67 15.43 5.85
CA GLY A 55 19.09 16.12 4.71
C GLY A 55 18.73 15.14 3.60
N THR A 56 18.24 13.99 4.01
CA THR A 56 17.85 12.96 3.06
C THR A 56 16.33 12.73 3.10
N ASN A 57 15.68 13.02 1.99
CA ASN A 57 14.25 12.86 1.89
C ASN A 57 13.94 11.52 1.22
N SER A 58 13.38 10.61 2.00
CA SER A 58 13.02 9.29 1.49
C SER A 58 11.51 9.15 1.41
N TYR A 59 11.08 8.14 0.65
CA TYR A 59 9.66 7.89 0.48
C TYR A 59 9.40 6.41 0.20
N TYR A 60 8.52 5.84 1.01
CA TYR A 60 8.17 4.44 0.87
C TYR A 60 6.70 4.28 0.48
N LYS A 61 6.49 3.80 -0.74
CA LYS A 61 5.16 3.59 -1.25
C LYS A 61 4.74 2.14 -1.02
N LEU A 62 3.47 1.96 -0.68
CA LEU A 62 2.94 0.62 -0.43
C LEU A 62 1.70 0.41 -1.28
N GLN A 63 1.63 -0.77 -1.89
CA GLN A 63 0.50 -1.12 -2.74
C GLN A 63 0.40 -2.64 -2.89
N LEU A 64 -0.79 -3.15 -2.61
CA LEU A 64 -1.03 -4.57 -2.71
C LEU A 64 -1.99 -4.85 -3.88
N LEU A 65 -1.40 -5.27 -4.99
CA LEU A 65 -2.18 -5.56 -6.17
C LEU A 65 -2.85 -6.93 -6.02
N GLU A 66 -4.11 -6.99 -6.42
CA GLU A 66 -4.86 -8.23 -6.33
C GLU A 66 -5.45 -8.59 -7.69
N ASP A 67 -5.25 -9.85 -8.07
CA ASP A 67 -5.74 -10.35 -9.34
C ASP A 67 -7.26 -10.46 -9.29
N ASP A 68 -7.91 -9.78 -10.22
CA ASP A 68 -9.37 -9.79 -10.29
C ASP A 68 -9.83 -11.10 -10.94
N LYS A 69 -9.13 -11.46 -12.01
CA LYS A 69 -9.47 -12.68 -12.73
C LYS A 69 -8.95 -13.89 -11.95
N GLU A 70 -7.65 -14.08 -12.00
CA GLU A 70 -7.03 -15.19 -11.31
C GLU A 70 -6.88 -14.87 -9.82
N ASN A 71 -6.08 -15.68 -9.15
CA ASN A 71 -5.85 -15.50 -7.73
C ASN A 71 -4.35 -15.39 -7.46
N ARG A 72 -3.83 -14.19 -7.69
CA ARG A 72 -2.41 -13.94 -7.49
C ARG A 72 -2.19 -12.49 -7.09
N TYR A 73 -1.61 -12.32 -5.90
CA TYR A 73 -1.33 -10.98 -5.40
C TYR A 73 0.17 -10.67 -5.46
N TRP A 74 0.46 -9.39 -5.60
CA TRP A 74 1.85 -8.94 -5.68
C TRP A 74 2.08 -7.92 -4.58
N ILE A 75 3.32 -7.82 -4.15
CA ILE A 75 3.69 -6.88 -3.09
C ILE A 75 4.64 -5.82 -3.67
N PHE A 76 4.05 -4.68 -3.99
CA PHE A 76 4.82 -3.58 -4.55
C PHE A 76 5.35 -2.67 -3.45
N ARG A 77 6.68 -2.54 -3.41
CA ARG A 77 7.32 -1.70 -2.41
C ARG A 77 8.33 -0.77 -3.07
N SER A 78 8.05 0.51 -3.01
CA SER A 78 8.93 1.51 -3.59
C SER A 78 9.68 2.25 -2.49
N TRP A 79 10.90 2.67 -2.83
CA TRP A 79 11.74 3.38 -1.88
C TRP A 79 12.75 4.20 -2.68
N GLY A 80 13.39 5.13 -1.98
CA GLY A 80 14.39 5.99 -2.61
C GLY A 80 14.25 7.43 -2.13
N ARG A 81 15.29 8.21 -2.40
CA ARG A 81 15.29 9.61 -2.01
C ARG A 81 14.22 10.39 -2.77
N VAL A 82 14.14 11.67 -2.48
CA VAL A 82 13.17 12.54 -3.14
C VAL A 82 13.90 13.48 -4.09
N GLY A 83 14.76 14.31 -3.52
CA GLY A 83 15.51 15.27 -4.31
C GLY A 83 16.82 14.66 -4.81
N THR A 84 16.86 13.33 -4.79
CA THR A 84 18.04 12.61 -5.23
C THR A 84 17.68 11.66 -6.38
N VAL A 85 18.70 10.94 -6.85
CA VAL A 85 18.51 10.01 -7.93
C VAL A 85 18.06 8.66 -7.37
N ILE A 86 18.58 8.34 -6.19
CA ILE A 86 18.24 7.09 -5.53
C ILE A 86 16.74 6.83 -5.69
N GLY A 87 16.44 5.70 -6.33
CA GLY A 87 15.06 5.32 -6.56
C GLY A 87 14.97 3.88 -7.08
N SER A 88 14.27 3.05 -6.30
CA SER A 88 14.10 1.66 -6.67
C SER A 88 12.79 1.12 -6.09
N ASN A 89 12.36 -0.01 -6.64
CA ASN A 89 11.13 -0.63 -6.18
C ASN A 89 11.33 -2.14 -6.08
N LYS A 90 10.26 -2.83 -5.75
CA LYS A 90 10.31 -4.28 -5.61
C LYS A 90 8.93 -4.86 -5.92
N LEU A 91 8.94 -6.00 -6.59
CA LEU A 91 7.70 -6.67 -6.96
C LEU A 91 7.84 -8.17 -6.69
N GLU A 92 7.03 -8.66 -5.76
CA GLU A 92 7.06 -10.06 -5.40
C GLU A 92 5.66 -10.68 -5.57
N GLN A 93 5.65 -11.93 -5.99
CA GLN A 93 4.40 -12.64 -6.19
C GLN A 93 4.00 -13.38 -4.91
N MET A 94 2.74 -13.18 -4.53
CA MET A 94 2.22 -13.82 -3.34
C MET A 94 1.45 -15.10 -3.67
N PRO A 95 1.53 -16.10 -2.76
CA PRO A 95 0.85 -17.36 -2.96
C PRO A 95 -0.66 -17.22 -2.71
N SER A 96 -0.99 -16.69 -1.54
CA SER A 96 -2.37 -16.49 -1.17
C SER A 96 -2.63 -15.01 -0.87
N LYS A 97 -3.91 -14.66 -0.84
CA LYS A 97 -4.30 -13.29 -0.57
C LYS A 97 -3.74 -12.87 0.79
N GLU A 98 -3.87 -13.76 1.75
CA GLU A 98 -3.38 -13.50 3.09
C GLU A 98 -1.87 -13.20 3.06
N ASP A 99 -1.11 -14.19 2.62
CA ASP A 99 0.33 -14.04 2.53
C ASP A 99 0.66 -12.65 1.99
N ALA A 100 -0.25 -12.13 1.18
CA ALA A 100 -0.06 -10.82 0.59
C ALA A 100 -0.38 -9.74 1.63
N ILE A 101 -1.58 -9.84 2.20
CA ILE A 101 -2.01 -8.89 3.20
C ILE A 101 -0.97 -8.83 4.32
N GLU A 102 -0.55 -10.00 4.77
CA GLU A 102 0.44 -10.10 5.83
C GLU A 102 1.68 -9.27 5.47
N HIS A 103 2.15 -9.49 4.26
CA HIS A 103 3.33 -8.77 3.77
C HIS A 103 3.06 -7.26 3.80
N PHE A 104 2.00 -6.86 3.10
CA PHE A 104 1.63 -5.47 3.04
C PHE A 104 1.33 -4.91 4.44
N MET A 105 0.89 -5.80 5.31
CA MET A 105 0.56 -5.41 6.67
C MET A 105 1.83 -5.23 7.50
N LYS A 106 2.76 -6.16 7.32
CA LYS A 106 4.02 -6.11 8.06
C LYS A 106 4.93 -5.06 7.41
N LEU A 107 5.03 -5.13 6.09
CA LEU A 107 5.86 -4.20 5.36
C LEU A 107 5.60 -2.77 5.85
N TYR A 108 4.33 -2.38 5.77
CA TYR A 108 3.92 -1.06 6.21
C TYR A 108 4.33 -0.81 7.66
N GLU A 109 4.61 -1.91 8.36
CA GLU A 109 5.02 -1.82 9.75
C GLU A 109 6.55 -1.84 9.86
N GLU A 110 7.18 -2.32 8.79
CA GLU A 110 8.62 -2.39 8.76
C GLU A 110 9.23 -0.99 8.71
N LYS A 111 8.45 -0.06 8.17
CA LYS A 111 8.90 1.31 8.06
C LYS A 111 8.48 2.08 9.31
N THR A 112 7.19 2.38 9.39
CA THR A 112 6.65 3.10 10.53
C THR A 112 7.02 2.40 11.83
N GLY A 113 7.03 1.07 11.77
CA GLY A 113 7.36 0.27 12.93
C GLY A 113 6.10 -0.19 13.67
N ASN A 114 4.99 0.43 13.30
CA ASN A 114 3.70 0.09 13.90
C ASN A 114 2.90 -0.79 12.94
N ALA A 115 1.88 -1.44 13.49
CA ALA A 115 1.04 -2.32 12.70
C ALA A 115 0.13 -1.47 11.80
N TRP A 116 -0.30 -2.07 10.71
CA TRP A 116 -1.17 -1.39 9.77
C TRP A 116 -2.46 -1.02 10.50
N HIS A 117 -3.08 -2.04 11.08
CA HIS A 117 -4.32 -1.85 11.80
C HIS A 117 -4.04 -1.82 13.30
N SER A 118 -3.20 -0.87 13.70
CA SER A 118 -2.84 -0.72 15.10
C SER A 118 -3.68 0.38 15.75
N LYS A 119 -3.16 0.92 16.82
CA LYS A 119 -3.84 1.98 17.54
C LYS A 119 -2.85 3.09 17.90
N ASN A 120 -3.21 4.31 17.56
CA ASN A 120 -2.36 5.44 17.84
C ASN A 120 -1.04 5.29 17.08
N PHE A 121 -0.63 6.36 16.43
CA PHE A 121 0.61 6.36 15.67
C PHE A 121 1.68 7.22 16.35
N THR A 122 2.74 6.57 16.76
CA THR A 122 3.83 7.26 17.44
C THR A 122 4.96 7.56 16.43
N LYS A 123 5.18 8.85 16.22
CA LYS A 123 6.22 9.28 15.31
C LYS A 123 7.59 8.97 15.90
N TYR A 124 8.11 7.80 15.54
CA TYR A 124 9.41 7.38 16.03
C TYR A 124 10.54 7.94 15.18
N PRO A 125 11.78 7.82 15.71
CA PRO A 125 12.95 8.31 15.00
C PRO A 125 13.32 7.40 13.83
N LYS A 126 13.36 8.00 12.65
CA LYS A 126 13.69 7.26 11.44
C LYS A 126 12.42 6.63 10.87
N LYS A 127 11.60 6.10 11.76
CA LYS A 127 10.36 5.47 11.36
C LYS A 127 9.63 6.37 10.38
N PHE A 128 9.08 5.75 9.34
CA PHE A 128 8.37 6.49 8.32
C PHE A 128 6.92 6.78 8.77
N TYR A 129 6.30 7.71 8.05
CA TYR A 129 4.93 8.08 8.37
C TYR A 129 4.12 8.33 7.09
N PRO A 130 2.78 8.34 7.25
CA PRO A 130 1.89 8.57 6.12
C PRO A 130 1.87 10.04 5.71
N LEU A 131 2.40 10.29 4.52
CA LEU A 131 2.46 11.64 4.00
C LEU A 131 1.05 12.21 3.89
N GLU A 132 0.34 11.75 2.87
CA GLU A 132 -1.02 12.18 2.64
C GLU A 132 -1.98 11.49 3.61
N ILE A 133 -2.28 12.19 4.70
CA ILE A 133 -3.18 11.65 5.70
C ILE A 133 -4.57 11.45 5.10
N SER A 134 -5.15 10.31 5.37
CA SER A 134 -6.48 9.99 4.86
C SER A 134 -6.94 8.63 5.39
N GLY A 135 -7.81 8.68 6.39
CA GLY A 135 -8.34 7.48 6.99
C GLY A 135 -9.01 7.78 8.33
N PRO A 136 -10.22 7.18 8.50
CA PRO A 136 -10.99 7.38 9.72
C PRO A 136 -10.39 6.58 10.88
N SER A 137 -11.05 6.68 12.02
CA SER A 137 -10.60 5.98 13.21
C SER A 137 -11.74 5.15 13.80
N SER A 138 -11.36 4.14 14.58
CA SER A 138 -12.34 3.27 15.21
C SER A 138 -11.65 2.32 16.18
N GLY A 139 -10.74 1.52 15.64
CA GLY A 139 -10.01 0.56 16.45
C GLY A 139 -8.91 -0.11 15.63
N GLY A 1 -23.25 16.37 3.17
CA GLY A 1 -22.67 15.07 3.47
C GLY A 1 -23.18 14.55 4.83
N SER A 2 -22.77 13.33 5.14
CA SER A 2 -23.17 12.71 6.40
C SER A 2 -22.45 11.38 6.56
N SER A 3 -22.52 10.84 7.78
CA SER A 3 -21.89 9.58 8.09
C SER A 3 -22.17 9.18 9.53
N GLY A 4 -21.84 7.94 9.86
CA GLY A 4 -22.05 7.44 11.21
C GLY A 4 -20.80 6.72 11.72
N SER A 5 -20.98 6.01 12.82
CA SER A 5 -19.88 5.27 13.44
C SER A 5 -20.37 3.90 13.91
N SER A 6 -20.30 2.94 12.99
CA SER A 6 -20.72 1.59 13.30
C SER A 6 -20.51 0.69 12.07
N GLY A 7 -20.67 -0.61 12.30
CA GLY A 7 -20.50 -1.58 11.23
C GLY A 7 -21.26 -2.88 11.55
N LYS A 8 -21.33 -3.75 10.55
CA LYS A 8 -22.01 -5.01 10.71
C LYS A 8 -21.01 -6.07 11.14
N SER A 9 -21.52 -7.27 11.40
CA SER A 9 -20.69 -8.38 11.83
C SER A 9 -21.21 -9.68 11.22
N GLU A 10 -20.40 -10.72 11.36
CA GLU A 10 -20.75 -12.03 10.83
C GLU A 10 -21.14 -11.91 9.36
N LYS A 11 -20.13 -11.75 8.53
CA LYS A 11 -20.36 -11.63 7.09
C LYS A 11 -19.57 -12.72 6.36
N ARG A 12 -20.24 -13.36 5.41
CA ARG A 12 -19.61 -14.41 4.64
C ARG A 12 -20.04 -14.32 3.17
N MET A 13 -19.23 -13.61 2.40
CA MET A 13 -19.52 -13.44 0.98
C MET A 13 -18.29 -12.89 0.24
N LYS A 14 -18.33 -13.01 -1.08
CA LYS A 14 -17.24 -12.53 -1.91
C LYS A 14 -17.55 -11.12 -2.38
N LEU A 15 -18.54 -11.02 -3.27
CA LEU A 15 -18.95 -9.74 -3.81
C LEU A 15 -17.83 -9.19 -4.70
N THR A 16 -18.23 -8.66 -5.84
CA THR A 16 -17.27 -8.10 -6.78
C THR A 16 -17.68 -6.67 -7.16
N LEU A 17 -16.80 -5.73 -6.83
CA LEU A 17 -17.05 -4.33 -7.13
C LEU A 17 -15.84 -3.74 -7.83
N LYS A 18 -15.95 -2.47 -8.18
CA LYS A 18 -14.87 -1.78 -8.85
C LYS A 18 -14.59 -0.45 -8.14
N GLY A 19 -13.45 0.14 -8.48
CA GLY A 19 -13.05 1.41 -7.88
C GLY A 19 -12.02 1.19 -6.78
N GLY A 20 -11.25 2.24 -6.52
CA GLY A 20 -10.21 2.18 -5.51
C GLY A 20 -8.94 2.88 -5.98
N ALA A 21 -7.84 2.51 -5.34
CA ALA A 21 -6.55 3.10 -5.68
C ALA A 21 -6.07 2.52 -7.00
N ALA A 22 -5.08 3.17 -7.57
CA ALA A 22 -4.51 2.73 -8.85
C ALA A 22 -3.17 2.05 -8.59
N VAL A 23 -3.03 0.86 -9.19
CA VAL A 23 -1.80 0.09 -9.03
C VAL A 23 -0.65 0.83 -9.73
N ASP A 24 0.56 0.53 -9.28
CA ASP A 24 1.75 1.15 -9.85
C ASP A 24 2.08 0.48 -11.18
N PRO A 25 2.63 1.30 -12.12
CA PRO A 25 3.00 0.81 -13.43
C PRO A 25 4.28 -0.04 -13.36
N ASP A 26 5.04 0.19 -12.30
CA ASP A 26 6.28 -0.54 -12.11
C ASP A 26 5.95 -1.99 -11.70
N SER A 27 4.79 -2.15 -11.09
CA SER A 27 4.36 -3.46 -10.64
C SER A 27 3.83 -4.27 -11.83
N GLY A 28 3.32 -3.54 -12.82
CA GLY A 28 2.79 -4.18 -14.02
C GLY A 28 1.38 -4.70 -13.76
N LEU A 29 0.95 -4.59 -12.52
CA LEU A 29 -0.38 -5.05 -12.14
C LEU A 29 -1.38 -3.91 -12.31
N GLU A 30 -0.98 -2.94 -13.12
CA GLU A 30 -1.83 -1.79 -13.38
C GLU A 30 -2.80 -2.10 -14.52
N HIS A 31 -2.43 -3.08 -15.33
CA HIS A 31 -3.26 -3.48 -16.46
C HIS A 31 -3.64 -4.95 -16.31
N SER A 32 -3.35 -5.50 -15.13
CA SER A 32 -3.66 -6.89 -14.85
C SER A 32 -4.42 -7.00 -13.52
N ALA A 33 -3.75 -6.55 -12.46
CA ALA A 33 -4.35 -6.60 -11.14
C ALA A 33 -4.81 -5.19 -10.75
N HIS A 34 -5.20 -5.06 -9.49
CA HIS A 34 -5.67 -3.78 -8.98
C HIS A 34 -5.44 -3.72 -7.47
N VAL A 35 -5.38 -2.49 -6.97
CA VAL A 35 -5.17 -2.28 -5.55
C VAL A 35 -6.17 -3.12 -4.75
N LEU A 36 -5.65 -3.84 -3.76
CA LEU A 36 -6.49 -4.68 -2.93
C LEU A 36 -7.38 -3.80 -2.06
N GLU A 37 -8.50 -4.38 -1.64
CA GLU A 37 -9.45 -3.66 -0.81
C GLU A 37 -10.03 -4.58 0.26
N LYS A 38 -9.95 -4.13 1.50
CA LYS A 38 -10.46 -4.90 2.62
C LYS A 38 -11.07 -3.95 3.65
N GLY A 39 -12.11 -4.44 4.30
CA GLY A 39 -12.80 -3.65 5.31
C GLY A 39 -13.09 -2.24 4.80
N GLY A 40 -13.52 -2.18 3.54
CA GLY A 40 -13.83 -0.90 2.93
C GLY A 40 -12.63 0.04 2.95
N LYS A 41 -11.46 -0.54 2.73
CA LYS A 41 -10.23 0.23 2.72
C LYS A 41 -9.39 -0.16 1.51
N VAL A 42 -8.40 0.68 1.22
CA VAL A 42 -7.52 0.43 0.08
C VAL A 42 -6.09 0.25 0.59
N PHE A 43 -5.42 -0.74 0.02
CA PHE A 43 -4.04 -1.02 0.40
C PHE A 43 -3.06 -0.14 -0.37
N SER A 44 -3.27 1.16 -0.24
CA SER A 44 -2.42 2.13 -0.91
C SER A 44 -1.95 3.20 0.08
N ALA A 45 -0.74 3.01 0.58
CA ALA A 45 -0.17 3.94 1.54
C ALA A 45 1.12 4.53 0.95
N THR A 46 1.33 5.80 1.28
CA THR A 46 2.52 6.50 0.78
C THR A 46 3.35 7.01 1.96
N LEU A 47 4.37 6.24 2.31
CA LEU A 47 5.24 6.61 3.40
C LEU A 47 6.27 7.62 2.91
N GLY A 48 6.69 8.50 3.82
CA GLY A 48 7.66 9.52 3.50
C GLY A 48 8.39 10.00 4.75
N LEU A 49 9.71 10.04 4.66
CA LEU A 49 10.53 10.48 5.78
C LEU A 49 11.48 11.57 5.30
N VAL A 50 11.79 12.49 6.21
CA VAL A 50 12.68 13.58 5.90
C VAL A 50 13.51 13.93 7.14
N ASP A 51 14.82 13.83 6.98
CA ASP A 51 15.73 14.13 8.06
C ASP A 51 16.15 15.60 7.98
N ILE A 52 16.05 16.28 9.12
CA ILE A 52 16.42 17.69 9.20
C ILE A 52 17.90 17.80 9.54
N VAL A 53 18.37 16.85 10.34
CA VAL A 53 19.76 16.84 10.75
C VAL A 53 20.61 16.26 9.62
N LYS A 54 20.23 15.06 9.19
CA LYS A 54 20.95 14.38 8.13
C LYS A 54 20.73 15.15 6.82
N GLY A 55 19.60 15.83 6.74
CA GLY A 55 19.26 16.59 5.55
C GLY A 55 18.96 15.67 4.37
N THR A 56 18.24 14.60 4.67
CA THR A 56 17.89 13.62 3.64
C THR A 56 16.36 13.53 3.50
N ASN A 57 15.93 13.09 2.32
CA ASN A 57 14.52 12.95 2.06
C ASN A 57 14.24 11.55 1.48
N SER A 58 13.59 10.73 2.29
CA SER A 58 13.27 9.38 1.87
C SER A 58 11.76 9.24 1.68
N TYR A 59 11.40 8.32 0.80
CA TYR A 59 9.99 8.08 0.50
C TYR A 59 9.74 6.60 0.18
N TYR A 60 8.79 6.04 0.89
CA TYR A 60 8.44 4.64 0.68
C TYR A 60 6.98 4.49 0.25
N LYS A 61 6.79 3.75 -0.83
CA LYS A 61 5.46 3.52 -1.37
C LYS A 61 5.10 2.04 -1.23
N LEU A 62 3.84 1.79 -0.90
CA LEU A 62 3.36 0.43 -0.73
C LEU A 62 1.97 0.31 -1.34
N GLN A 63 1.80 -0.73 -2.14
CA GLN A 63 0.52 -0.97 -2.78
C GLN A 63 0.34 -2.46 -3.05
N LEU A 64 -0.77 -3.00 -2.53
CA LEU A 64 -1.07 -4.41 -2.70
C LEU A 64 -2.07 -4.57 -3.85
N LEU A 65 -1.72 -5.46 -4.77
CA LEU A 65 -2.57 -5.72 -5.91
C LEU A 65 -3.08 -7.17 -5.85
N GLU A 66 -4.34 -7.33 -6.24
CA GLU A 66 -4.95 -8.65 -6.23
C GLU A 66 -5.39 -9.05 -7.64
N ASP A 67 -5.15 -10.30 -7.97
CA ASP A 67 -5.52 -10.81 -9.29
C ASP A 67 -7.03 -10.70 -9.47
N ASP A 68 -7.42 -9.94 -10.48
CA ASP A 68 -8.84 -9.75 -10.77
C ASP A 68 -9.32 -10.88 -11.69
N LYS A 69 -8.96 -12.09 -11.31
CA LYS A 69 -9.36 -13.26 -12.08
C LYS A 69 -9.21 -14.51 -11.21
N GLU A 70 -8.01 -14.68 -10.67
CA GLU A 70 -7.73 -15.83 -9.83
C GLU A 70 -7.35 -15.37 -8.42
N ASN A 71 -6.87 -16.32 -7.63
CA ASN A 71 -6.48 -16.02 -6.26
C ASN A 71 -4.98 -15.72 -6.21
N ARG A 72 -4.59 -14.72 -7.00
CA ARG A 72 -3.19 -14.32 -7.07
C ARG A 72 -3.03 -12.88 -6.59
N TYR A 73 -1.86 -12.60 -6.05
CA TYR A 73 -1.56 -11.26 -5.55
C TYR A 73 -0.08 -10.92 -5.74
N TRP A 74 0.21 -9.63 -5.63
CA TRP A 74 1.58 -9.17 -5.79
C TRP A 74 1.90 -8.24 -4.61
N ILE A 75 3.17 -7.87 -4.51
CA ILE A 75 3.61 -7.00 -3.44
C ILE A 75 4.64 -6.00 -4.00
N PHE A 76 4.18 -4.77 -4.18
CA PHE A 76 5.04 -3.73 -4.69
C PHE A 76 5.51 -2.80 -3.58
N ARG A 77 6.83 -2.60 -3.54
CA ARG A 77 7.42 -1.74 -2.52
C ARG A 77 8.51 -0.86 -3.14
N SER A 78 8.29 0.44 -3.11
CA SER A 78 9.24 1.39 -3.65
C SER A 78 9.90 2.18 -2.52
N TRP A 79 11.16 2.54 -2.75
CA TRP A 79 11.91 3.30 -1.76
C TRP A 79 12.93 4.16 -2.51
N GLY A 80 13.76 4.84 -1.74
CA GLY A 80 14.77 5.70 -2.31
C GLY A 80 14.53 7.17 -1.92
N ARG A 81 15.61 7.95 -1.97
CA ARG A 81 15.53 9.35 -1.62
C ARG A 81 14.61 10.09 -2.59
N VAL A 82 14.12 11.23 -2.14
CA VAL A 82 13.23 12.03 -2.97
C VAL A 82 14.03 12.72 -4.07
N GLY A 83 15.18 13.27 -3.67
CA GLY A 83 16.04 13.96 -4.61
C GLY A 83 17.52 13.74 -4.26
N THR A 84 17.99 12.54 -4.58
CA THR A 84 19.37 12.19 -4.29
C THR A 84 19.93 11.28 -5.39
N VAL A 85 19.51 10.02 -5.34
CA VAL A 85 19.95 9.05 -6.33
C VAL A 85 19.19 7.73 -6.11
N ILE A 86 19.19 7.28 -4.87
CA ILE A 86 18.51 6.05 -4.52
C ILE A 86 17.06 6.13 -4.99
N GLY A 87 16.61 5.05 -5.62
CA GLY A 87 15.25 4.98 -6.11
C GLY A 87 15.02 3.70 -6.92
N SER A 88 14.36 2.74 -6.28
CA SER A 88 14.08 1.47 -6.91
C SER A 88 12.72 0.95 -6.46
N ASN A 89 12.27 -0.11 -7.12
CA ASN A 89 10.99 -0.71 -6.78
C ASN A 89 11.12 -2.24 -6.84
N LYS A 90 10.44 -2.89 -5.92
CA LYS A 90 10.47 -4.34 -5.84
C LYS A 90 9.04 -4.88 -5.95
N LEU A 91 8.91 -5.98 -6.69
CA LEU A 91 7.60 -6.61 -6.86
C LEU A 91 7.75 -8.12 -6.68
N GLU A 92 6.78 -8.68 -5.96
CA GLU A 92 6.79 -10.11 -5.70
C GLU A 92 5.37 -10.68 -5.81
N GLN A 93 5.29 -11.90 -6.31
CA GLN A 93 4.00 -12.56 -6.47
C GLN A 93 3.67 -13.38 -5.22
N MET A 94 2.57 -13.01 -4.58
CA MET A 94 2.13 -13.70 -3.38
C MET A 94 1.30 -14.93 -3.73
N PRO A 95 1.41 -15.97 -2.86
CA PRO A 95 0.68 -17.20 -3.07
C PRO A 95 -0.80 -17.03 -2.71
N SER A 96 -1.03 -16.65 -1.46
CA SER A 96 -2.39 -16.44 -0.99
C SER A 96 -2.64 -14.95 -0.74
N LYS A 97 -3.91 -14.60 -0.64
CA LYS A 97 -4.30 -13.22 -0.41
C LYS A 97 -3.71 -12.75 0.93
N GLU A 98 -3.84 -13.61 1.92
CA GLU A 98 -3.33 -13.31 3.25
C GLU A 98 -1.83 -13.05 3.20
N ASP A 99 -1.12 -14.00 2.60
CA ASP A 99 0.32 -13.90 2.48
C ASP A 99 0.68 -12.56 1.84
N ALA A 100 -0.24 -12.06 1.03
CA ALA A 100 -0.04 -10.78 0.35
C ALA A 100 -0.39 -9.64 1.31
N ILE A 101 -1.42 -9.88 2.10
CA ILE A 101 -1.87 -8.87 3.06
C ILE A 101 -0.86 -8.79 4.20
N GLU A 102 -0.55 -9.95 4.77
CA GLU A 102 0.40 -10.02 5.88
C GLU A 102 1.66 -9.24 5.53
N HIS A 103 2.24 -9.59 4.40
CA HIS A 103 3.47 -8.94 3.95
C HIS A 103 3.22 -7.43 3.83
N PHE A 104 2.12 -7.09 3.17
CA PHE A 104 1.76 -5.69 2.98
C PHE A 104 1.54 -5.00 4.33
N MET A 105 0.90 -5.73 5.23
CA MET A 105 0.61 -5.19 6.55
C MET A 105 1.88 -5.15 7.41
N LYS A 106 2.75 -6.10 7.16
CA LYS A 106 4.00 -6.20 7.90
C LYS A 106 5.00 -5.18 7.33
N LEU A 107 5.09 -5.17 6.00
CA LEU A 107 5.99 -4.27 5.32
C LEU A 107 5.77 -2.85 5.83
N TYR A 108 4.54 -2.38 5.68
CA TYR A 108 4.17 -1.05 6.11
C TYR A 108 4.30 -0.91 7.63
N GLU A 109 4.52 -2.06 8.28
CA GLU A 109 4.67 -2.08 9.73
C GLU A 109 6.15 -2.01 10.11
N GLU A 110 6.99 -2.37 9.15
CA GLU A 110 8.42 -2.35 9.37
C GLU A 110 8.97 -0.93 9.21
N LYS A 111 8.46 -0.25 8.20
CA LYS A 111 8.90 1.12 7.92
C LYS A 111 8.45 2.02 9.07
N THR A 112 7.14 2.14 9.22
CA THR A 112 6.57 2.97 10.26
C THR A 112 6.84 2.35 11.64
N GLY A 113 7.01 1.04 11.64
CA GLY A 113 7.27 0.32 12.88
C GLY A 113 5.96 0.02 13.62
N ASN A 114 4.89 0.64 13.16
CA ASN A 114 3.59 0.45 13.78
C ASN A 114 2.72 -0.42 12.86
N ALA A 115 1.86 -1.21 13.48
CA ALA A 115 0.97 -2.08 12.73
C ALA A 115 0.05 -1.24 11.87
N TRP A 116 -0.28 -1.79 10.70
CA TRP A 116 -1.16 -1.09 9.77
C TRP A 116 -2.45 -0.73 10.52
N HIS A 117 -2.70 -1.47 11.59
CA HIS A 117 -3.88 -1.24 12.39
C HIS A 117 -3.57 -1.50 13.86
N SER A 118 -3.17 -0.44 14.55
CA SER A 118 -2.83 -0.54 15.95
C SER A 118 -3.04 0.81 16.64
N LYS A 119 -4.28 1.06 17.02
CA LYS A 119 -4.63 2.30 17.69
C LYS A 119 -3.95 3.46 16.97
N ASN A 120 -3.92 4.61 17.65
CA ASN A 120 -3.31 5.80 17.08
C ASN A 120 -1.90 5.45 16.57
N PHE A 121 -1.30 6.43 15.92
CA PHE A 121 0.04 6.23 15.38
C PHE A 121 1.06 7.08 16.14
N THR A 122 2.25 6.51 16.30
CA THR A 122 3.32 7.20 17.01
C THR A 122 4.48 7.52 16.06
N LYS A 123 4.66 8.80 15.79
CA LYS A 123 5.73 9.23 14.90
C LYS A 123 7.08 8.97 15.55
N TYR A 124 7.63 7.80 15.23
CA TYR A 124 8.92 7.40 15.78
C TYR A 124 10.06 7.99 14.96
N PRO A 125 11.29 7.90 15.54
CA PRO A 125 12.47 8.43 14.88
C PRO A 125 12.91 7.50 13.74
N LYS A 126 13.00 8.06 12.55
CA LYS A 126 13.40 7.31 11.38
C LYS A 126 12.18 6.63 10.77
N LYS A 127 11.35 6.07 11.63
CA LYS A 127 10.14 5.40 11.19
C LYS A 127 9.42 6.28 10.17
N PHE A 128 8.93 5.63 9.13
CA PHE A 128 8.21 6.34 8.07
C PHE A 128 6.74 6.55 8.45
N TYR A 129 6.22 7.68 8.01
CA TYR A 129 4.83 8.02 8.29
C TYR A 129 4.04 8.23 7.00
N PRO A 130 2.68 8.20 7.15
CA PRO A 130 1.81 8.38 6.00
C PRO A 130 1.78 9.85 5.55
N LEU A 131 2.08 10.06 4.28
CA LEU A 131 2.10 11.39 3.73
C LEU A 131 0.66 11.80 3.34
N GLU A 132 0.02 10.92 2.58
CA GLU A 132 -1.34 11.17 2.14
C GLU A 132 -2.31 10.97 3.30
N ILE A 133 -2.24 11.88 4.26
CA ILE A 133 -3.11 11.82 5.42
C ILE A 133 -4.54 12.17 5.02
N SER A 134 -5.49 11.65 5.77
CA SER A 134 -6.90 11.90 5.49
C SER A 134 -7.66 12.06 6.81
N GLY A 135 -8.64 12.95 6.78
CA GLY A 135 -9.45 13.22 7.95
C GLY A 135 -8.59 13.58 9.16
N PRO A 136 -9.15 13.37 10.37
CA PRO A 136 -8.45 13.67 11.60
C PRO A 136 -7.37 12.61 11.88
N SER A 137 -6.67 12.81 13.00
CA SER A 137 -5.63 11.90 13.40
C SER A 137 -6.10 11.05 14.58
N SER A 138 -6.57 11.74 15.60
CA SER A 138 -7.06 11.06 16.80
C SER A 138 -8.23 10.15 16.45
N GLY A 139 -9.22 10.73 15.79
CA GLY A 139 -10.40 9.98 15.39
C GLY A 139 -11.15 9.46 16.61
N GLY A 1 11.38 -8.56 -52.59
CA GLY A 1 10.95 -7.24 -52.14
C GLY A 1 10.18 -7.35 -50.83
N SER A 2 8.86 -7.46 -50.97
CA SER A 2 7.99 -7.56 -49.81
C SER A 2 8.15 -6.33 -48.93
N SER A 3 7.16 -6.10 -48.08
CA SER A 3 7.17 -4.96 -47.19
C SER A 3 5.88 -4.92 -46.36
N GLY A 4 5.89 -4.05 -45.36
CA GLY A 4 4.73 -3.91 -44.50
C GLY A 4 4.82 -2.62 -43.67
N SER A 5 3.88 -2.49 -42.73
CA SER A 5 3.86 -1.32 -41.88
C SER A 5 2.76 -1.49 -40.82
N SER A 6 2.91 -0.72 -39.74
CA SER A 6 1.94 -0.78 -38.65
C SER A 6 2.09 0.46 -37.76
N GLY A 7 0.98 0.85 -37.16
CA GLY A 7 0.97 2.02 -36.29
C GLY A 7 0.24 1.71 -34.98
N LYS A 8 0.26 2.69 -34.09
CA LYS A 8 -0.39 2.54 -32.79
C LYS A 8 -1.12 3.83 -32.44
N SER A 9 -2.43 3.72 -32.30
CA SER A 9 -3.25 4.88 -31.96
C SER A 9 -3.71 4.78 -30.51
N GLU A 10 -3.15 5.66 -29.67
CA GLU A 10 -3.50 5.67 -28.27
C GLU A 10 -4.84 6.39 -28.06
N LYS A 11 -5.55 5.98 -27.02
CA LYS A 11 -6.84 6.56 -26.71
C LYS A 11 -6.78 7.18 -25.31
N ARG A 12 -6.84 8.51 -25.27
CA ARG A 12 -6.80 9.23 -24.01
C ARG A 12 -8.00 8.85 -23.15
N MET A 13 -7.71 8.25 -22.01
CA MET A 13 -8.76 7.83 -21.09
C MET A 13 -9.03 8.91 -20.04
N LYS A 14 -10.29 9.04 -19.68
CA LYS A 14 -10.69 10.02 -18.69
C LYS A 14 -9.78 9.93 -17.47
N LEU A 15 -9.90 10.92 -16.60
CA LEU A 15 -9.09 10.96 -15.40
C LEU A 15 -9.77 10.11 -14.31
N THR A 16 -8.98 9.74 -13.31
CA THR A 16 -9.48 8.94 -12.21
C THR A 16 -10.52 9.73 -11.42
N LEU A 17 -11.45 8.99 -10.82
CA LEU A 17 -12.50 9.61 -10.03
C LEU A 17 -12.38 9.14 -8.58
N LYS A 18 -12.58 10.07 -7.67
CA LYS A 18 -12.49 9.77 -6.24
C LYS A 18 -11.32 8.81 -5.99
N GLY A 19 -10.13 9.33 -6.21
CA GLY A 19 -8.92 8.54 -6.02
C GLY A 19 -9.02 7.70 -4.74
N GLY A 20 -9.09 6.39 -4.95
CA GLY A 20 -9.19 5.47 -3.83
C GLY A 20 -8.04 4.45 -3.87
N ALA A 21 -8.04 3.65 -4.93
CA ALA A 21 -7.01 2.64 -5.09
C ALA A 21 -6.44 2.71 -6.51
N ALA A 22 -5.26 3.30 -6.61
CA ALA A 22 -4.60 3.44 -7.89
C ALA A 22 -3.31 2.62 -7.89
N VAL A 23 -3.14 1.85 -8.95
CA VAL A 23 -1.95 1.02 -9.08
C VAL A 23 -0.93 1.72 -9.99
N ASP A 24 0.34 1.49 -9.70
CA ASP A 24 1.41 2.09 -10.48
C ASP A 24 1.57 1.32 -11.79
N PRO A 25 1.90 2.09 -12.87
CA PRO A 25 2.09 1.50 -14.17
C PRO A 25 3.42 0.75 -14.26
N ASP A 26 4.35 1.16 -13.41
CA ASP A 26 5.66 0.53 -13.37
C ASP A 26 5.52 -0.91 -12.91
N SER A 27 4.40 -1.19 -12.26
CA SER A 27 4.12 -2.52 -11.77
C SER A 27 3.55 -3.39 -12.88
N GLY A 28 2.89 -2.74 -13.82
CA GLY A 28 2.28 -3.43 -14.94
C GLY A 28 0.90 -3.97 -14.58
N LEU A 29 0.65 -4.06 -13.28
CA LEU A 29 -0.62 -4.55 -12.79
C LEU A 29 -1.67 -3.47 -12.94
N GLU A 30 -1.20 -2.24 -13.13
CA GLU A 30 -2.09 -1.11 -13.29
C GLU A 30 -3.35 -1.52 -14.06
N HIS A 31 -3.16 -2.43 -15.00
CA HIS A 31 -4.27 -2.93 -15.79
C HIS A 31 -4.49 -4.41 -15.51
N SER A 32 -3.47 -5.03 -14.92
CA SER A 32 -3.54 -6.44 -14.59
C SER A 32 -4.16 -6.62 -13.21
N ALA A 33 -3.37 -6.27 -12.19
CA ALA A 33 -3.82 -6.40 -10.82
C ALA A 33 -4.05 -5.00 -10.24
N HIS A 34 -4.99 -4.93 -9.31
CA HIS A 34 -5.31 -3.66 -8.67
C HIS A 34 -5.07 -3.77 -7.17
N VAL A 35 -4.90 -2.62 -6.54
CA VAL A 35 -4.66 -2.57 -5.10
C VAL A 35 -5.67 -3.46 -4.38
N LEU A 36 -5.31 -3.88 -3.19
CA LEU A 36 -6.19 -4.73 -2.40
C LEU A 36 -7.07 -3.85 -1.51
N GLU A 37 -8.37 -4.01 -1.70
CA GLU A 37 -9.34 -3.24 -0.92
C GLU A 37 -10.07 -4.16 0.06
N LYS A 38 -10.27 -3.64 1.27
CA LYS A 38 -10.96 -4.39 2.30
C LYS A 38 -11.63 -3.42 3.26
N GLY A 39 -12.74 -3.87 3.84
CA GLY A 39 -13.48 -3.06 4.78
C GLY A 39 -13.52 -1.60 4.33
N GLY A 40 -13.93 -1.39 3.09
CA GLY A 40 -14.00 -0.05 2.53
C GLY A 40 -12.69 0.71 2.74
N LYS A 41 -11.59 -0.02 2.63
CA LYS A 41 -10.28 0.57 2.81
C LYS A 41 -9.36 0.10 1.67
N VAL A 42 -8.44 0.99 1.29
CA VAL A 42 -7.51 0.69 0.23
C VAL A 42 -6.13 0.41 0.84
N PHE A 43 -5.46 -0.57 0.27
CA PHE A 43 -4.14 -0.96 0.75
C PHE A 43 -3.05 -0.12 0.05
N SER A 44 -3.40 1.13 -0.23
CA SER A 44 -2.46 2.03 -0.87
C SER A 44 -2.02 3.11 0.11
N ALA A 45 -0.84 2.89 0.69
CA ALA A 45 -0.29 3.83 1.64
C ALA A 45 1.01 4.41 1.08
N THR A 46 1.19 5.71 1.31
CA THR A 46 2.38 6.39 0.84
C THR A 46 3.21 6.90 2.03
N LEU A 47 4.22 6.12 2.37
CA LEU A 47 5.10 6.46 3.47
C LEU A 47 6.14 7.48 3.00
N GLY A 48 6.62 8.27 3.94
CA GLY A 48 7.61 9.29 3.63
C GLY A 48 8.42 9.66 4.87
N LEU A 49 9.72 9.81 4.67
CA LEU A 49 10.61 10.16 5.76
C LEU A 49 11.71 11.09 5.24
N VAL A 50 11.98 12.14 6.02
CA VAL A 50 12.99 13.10 5.64
C VAL A 50 13.70 13.61 6.90
N ASP A 51 15.02 13.45 6.91
CA ASP A 51 15.81 13.88 8.04
C ASP A 51 16.10 15.38 7.90
N ILE A 52 16.30 16.02 9.04
CA ILE A 52 16.59 17.44 9.07
C ILE A 52 18.10 17.64 9.15
N VAL A 53 18.76 16.72 9.81
CA VAL A 53 20.20 16.77 9.97
C VAL A 53 20.87 16.23 8.70
N LYS A 54 20.60 14.96 8.43
CA LYS A 54 21.16 14.30 7.26
C LYS A 54 20.65 15.00 6.00
N GLY A 55 19.62 15.82 6.18
CA GLY A 55 19.04 16.54 5.07
C GLY A 55 18.64 15.60 3.94
N THR A 56 18.47 14.33 4.30
CA THR A 56 18.10 13.32 3.33
C THR A 56 16.58 13.09 3.35
N ASN A 57 16.00 13.10 2.16
CA ASN A 57 14.57 12.90 2.03
C ASN A 57 14.30 11.53 1.41
N SER A 58 13.35 10.82 2.01
CA SER A 58 12.98 9.50 1.54
C SER A 58 11.48 9.41 1.32
N TYR A 59 11.08 8.44 0.51
CA TYR A 59 9.68 8.23 0.21
C TYR A 59 9.39 6.76 -0.11
N TYR A 60 8.55 6.17 0.72
CA TYR A 60 8.18 4.78 0.54
C TYR A 60 6.74 4.65 0.05
N LYS A 61 6.53 3.67 -0.82
CA LYS A 61 5.21 3.44 -1.38
C LYS A 61 4.86 1.95 -1.25
N LEU A 62 3.68 1.69 -0.72
CA LEU A 62 3.22 0.32 -0.54
C LEU A 62 1.83 0.16 -1.19
N GLN A 63 1.71 -0.88 -1.99
CA GLN A 63 0.46 -1.16 -2.66
C GLN A 63 0.29 -2.66 -2.90
N LEU A 64 -0.65 -3.24 -2.19
CA LEU A 64 -0.90 -4.67 -2.32
C LEU A 64 -1.91 -4.90 -3.45
N LEU A 65 -1.35 -5.21 -4.62
CA LEU A 65 -2.18 -5.46 -5.79
C LEU A 65 -2.73 -6.88 -5.73
N GLU A 66 -3.95 -7.04 -6.23
CA GLU A 66 -4.59 -8.34 -6.25
C GLU A 66 -4.99 -8.72 -7.67
N ASP A 67 -4.96 -10.02 -7.93
CA ASP A 67 -5.32 -10.53 -9.24
C ASP A 67 -6.79 -10.24 -9.51
N ASP A 68 -7.07 -9.78 -10.72
CA ASP A 68 -8.43 -9.47 -11.11
C ASP A 68 -9.32 -10.70 -10.91
N LYS A 69 -8.74 -11.85 -11.22
CA LYS A 69 -9.46 -13.11 -11.08
C LYS A 69 -9.38 -13.57 -9.62
N GLU A 70 -8.81 -12.72 -8.79
CA GLU A 70 -8.67 -13.04 -7.38
C GLU A 70 -8.11 -14.44 -7.20
N ASN A 71 -6.80 -14.50 -7.00
CA ASN A 71 -6.12 -15.77 -6.81
C ASN A 71 -4.64 -15.52 -6.54
N ARG A 72 -4.04 -14.69 -7.38
CA ARG A 72 -2.63 -14.36 -7.23
C ARG A 72 -2.46 -12.87 -6.93
N TYR A 73 -1.64 -12.59 -5.94
CA TYR A 73 -1.37 -11.22 -5.55
C TYR A 73 0.11 -10.88 -5.66
N TRP A 74 0.40 -9.58 -5.64
CA TRP A 74 1.77 -9.13 -5.74
C TRP A 74 2.06 -8.21 -4.54
N ILE A 75 3.33 -7.87 -4.38
CA ILE A 75 3.75 -7.01 -3.29
C ILE A 75 4.68 -5.93 -3.83
N PHE A 76 4.10 -4.77 -4.08
CA PHE A 76 4.86 -3.64 -4.59
C PHE A 76 5.40 -2.77 -3.45
N ARG A 77 6.62 -2.32 -3.62
CA ARG A 77 7.26 -1.48 -2.62
C ARG A 77 8.31 -0.58 -3.26
N SER A 78 8.05 0.72 -3.21
CA SER A 78 8.97 1.69 -3.78
C SER A 78 9.73 2.42 -2.67
N TRP A 79 10.96 2.78 -2.97
CA TRP A 79 11.79 3.49 -2.01
C TRP A 79 12.88 4.24 -2.78
N GLY A 80 13.56 5.13 -2.08
CA GLY A 80 14.62 5.91 -2.68
C GLY A 80 14.50 7.39 -2.28
N ARG A 81 15.62 8.09 -2.39
CA ARG A 81 15.66 9.50 -2.04
C ARG A 81 14.68 10.28 -2.91
N VAL A 82 14.44 11.52 -2.50
CA VAL A 82 13.52 12.38 -3.23
C VAL A 82 14.29 13.14 -4.31
N GLY A 83 15.14 14.05 -3.86
CA GLY A 83 15.94 14.85 -4.77
C GLY A 83 17.34 14.26 -4.93
N THR A 84 17.39 13.06 -5.50
CA THR A 84 18.65 12.37 -5.71
C THR A 84 18.55 11.42 -6.91
N VAL A 85 19.55 10.58 -7.04
CA VAL A 85 19.59 9.62 -8.13
C VAL A 85 18.94 8.31 -7.66
N ILE A 86 19.07 8.04 -6.38
CA ILE A 86 18.50 6.84 -5.79
C ILE A 86 17.05 6.70 -6.24
N GLY A 87 16.55 5.48 -6.16
CA GLY A 87 15.17 5.20 -6.55
C GLY A 87 15.06 3.80 -7.17
N SER A 88 14.20 3.00 -6.57
CA SER A 88 13.97 1.64 -7.04
C SER A 88 12.65 1.10 -6.50
N ASN A 89 12.22 0.00 -7.08
CA ASN A 89 10.97 -0.63 -6.67
C ASN A 89 11.19 -2.14 -6.49
N LYS A 90 10.16 -2.79 -5.99
CA LYS A 90 10.22 -4.23 -5.77
C LYS A 90 8.83 -4.84 -5.96
N LEU A 91 8.73 -5.73 -6.93
CA LEU A 91 7.47 -6.39 -7.22
C LEU A 91 7.61 -7.89 -6.98
N GLU A 92 6.89 -8.37 -5.98
CA GLU A 92 6.92 -9.79 -5.64
C GLU A 92 5.57 -10.43 -5.92
N GLN A 93 5.58 -11.75 -6.03
CA GLN A 93 4.37 -12.51 -6.30
C GLN A 93 4.00 -13.35 -5.07
N MET A 94 2.82 -13.07 -4.54
CA MET A 94 2.34 -13.79 -3.38
C MET A 94 1.53 -15.03 -3.80
N PRO A 95 1.64 -16.10 -2.96
CA PRO A 95 0.94 -17.33 -3.23
C PRO A 95 -0.55 -17.20 -2.92
N SER A 96 -0.83 -16.71 -1.72
CA SER A 96 -2.21 -16.52 -1.29
C SER A 96 -2.47 -15.04 -0.98
N LYS A 97 -3.74 -14.71 -0.87
CA LYS A 97 -4.13 -13.35 -0.57
C LYS A 97 -3.60 -12.94 0.81
N GLU A 98 -3.72 -13.88 1.73
CA GLU A 98 -3.25 -13.65 3.09
C GLU A 98 -1.75 -13.38 3.11
N ASP A 99 -1.00 -14.36 2.61
CA ASP A 99 0.44 -14.24 2.55
C ASP A 99 0.82 -12.84 2.06
N ALA A 100 -0.08 -12.26 1.28
CA ALA A 100 0.14 -10.93 0.75
C ALA A 100 -0.18 -9.89 1.81
N ILE A 101 -1.41 -9.98 2.33
CA ILE A 101 -1.86 -9.05 3.35
C ILE A 101 -0.85 -9.04 4.50
N GLU A 102 -0.47 -10.24 4.93
CA GLU A 102 0.48 -10.39 6.01
C GLU A 102 1.74 -9.57 5.73
N HIS A 103 2.29 -9.79 4.55
CA HIS A 103 3.50 -9.08 4.13
C HIS A 103 3.21 -7.58 4.06
N PHE A 104 2.15 -7.25 3.34
CA PHE A 104 1.75 -5.86 3.19
C PHE A 104 1.50 -5.20 4.55
N MET A 105 1.03 -6.01 5.48
CA MET A 105 0.74 -5.53 6.82
C MET A 105 2.02 -5.42 7.65
N LYS A 106 2.95 -6.31 7.37
CA LYS A 106 4.22 -6.33 8.08
C LYS A 106 5.14 -5.27 7.48
N LEU A 107 5.19 -5.24 6.16
CA LEU A 107 6.02 -4.27 5.46
C LEU A 107 5.77 -2.88 6.03
N TYR A 108 4.52 -2.44 5.92
CA TYR A 108 4.14 -1.14 6.41
C TYR A 108 4.33 -1.04 7.93
N GLU A 109 4.59 -2.20 8.53
CA GLU A 109 4.81 -2.26 9.96
C GLU A 109 6.30 -2.21 10.28
N GLU A 110 7.10 -2.49 9.26
CA GLU A 110 8.55 -2.47 9.43
C GLU A 110 9.09 -1.06 9.22
N LYS A 111 8.40 -0.30 8.37
CA LYS A 111 8.79 1.06 8.08
C LYS A 111 8.30 1.98 9.19
N THR A 112 6.99 2.12 9.26
CA THR A 112 6.38 2.96 10.27
C THR A 112 6.61 2.38 11.67
N GLY A 113 6.75 1.06 11.71
CA GLY A 113 6.98 0.37 12.96
C GLY A 113 5.65 -0.04 13.61
N ASN A 114 4.59 0.65 13.19
CA ASN A 114 3.26 0.37 13.72
C ASN A 114 2.49 -0.48 12.72
N ALA A 115 1.58 -1.29 13.24
CA ALA A 115 0.77 -2.15 12.40
C ALA A 115 -0.01 -1.30 11.40
N TRP A 116 -0.32 -1.91 10.27
CA TRP A 116 -1.05 -1.22 9.22
C TRP A 116 -2.19 -0.43 9.88
N HIS A 117 -3.01 -1.16 10.63
CA HIS A 117 -4.13 -0.55 11.33
C HIS A 117 -3.61 0.39 12.43
N SER A 118 -3.17 -0.23 13.52
CA SER A 118 -2.65 0.52 14.64
C SER A 118 -3.50 1.76 14.88
N LYS A 119 -4.50 1.60 15.75
CA LYS A 119 -5.39 2.69 16.07
C LYS A 119 -4.58 3.99 16.19
N ASN A 120 -3.74 4.03 17.21
CA ASN A 120 -2.91 5.21 17.45
C ASN A 120 -1.57 5.02 16.73
N PHE A 121 -1.11 6.12 16.14
CA PHE A 121 0.16 6.09 15.42
C PHE A 121 1.22 6.94 16.14
N THR A 122 2.25 6.25 16.61
CA THR A 122 3.32 6.93 17.31
C THR A 122 4.46 7.26 16.35
N LYS A 123 4.62 8.56 16.11
CA LYS A 123 5.66 9.03 15.21
C LYS A 123 7.03 8.76 15.84
N TYR A 124 7.60 7.62 15.47
CA TYR A 124 8.91 7.25 15.99
C TYR A 124 10.03 7.85 15.15
N PRO A 125 11.27 7.79 15.72
CA PRO A 125 12.43 8.33 15.03
C PRO A 125 12.87 7.41 13.89
N LYS A 126 12.91 7.98 12.70
CA LYS A 126 13.31 7.23 11.52
C LYS A 126 12.08 6.54 10.92
N LYS A 127 11.22 6.06 11.81
CA LYS A 127 10.01 5.38 11.38
C LYS A 127 9.29 6.24 10.34
N PHE A 128 8.84 5.59 9.28
CA PHE A 128 8.13 6.27 8.21
C PHE A 128 6.67 6.54 8.61
N TYR A 129 6.11 7.57 7.99
CA TYR A 129 4.72 7.94 8.28
C TYR A 129 3.95 8.17 6.98
N PRO A 130 2.60 8.20 7.11
CA PRO A 130 1.74 8.42 5.96
C PRO A 130 1.76 9.89 5.52
N LEU A 131 2.12 10.09 4.26
CA LEU A 131 2.18 11.42 3.71
C LEU A 131 0.77 11.95 3.47
N GLU A 132 0.00 11.17 2.72
CA GLU A 132 -1.37 11.53 2.41
C GLU A 132 -2.35 10.68 3.22
N ILE A 133 -3.28 11.34 3.87
CA ILE A 133 -4.27 10.65 4.68
C ILE A 133 -5.65 11.26 4.42
N SER A 134 -6.64 10.40 4.30
CA SER A 134 -8.00 10.84 4.05
C SER A 134 -8.83 10.72 5.34
N GLY A 135 -10.08 11.16 5.24
CA GLY A 135 -10.98 11.11 6.38
C GLY A 135 -11.52 9.69 6.58
N PRO A 136 -11.70 9.33 7.88
CA PRO A 136 -12.22 8.01 8.23
C PRO A 136 -13.72 7.92 7.96
N SER A 137 -14.26 6.73 8.18
CA SER A 137 -15.67 6.49 7.96
C SER A 137 -16.42 6.54 9.30
N SER A 138 -16.01 5.67 10.19
CA SER A 138 -16.62 5.60 11.51
C SER A 138 -15.88 4.59 12.39
N GLY A 139 -16.08 4.73 13.69
CA GLY A 139 -15.44 3.84 14.64
C GLY A 139 -14.66 4.63 15.70
N GLY A 1 -31.20 3.13 32.42
CA GLY A 1 -32.09 2.25 31.67
C GLY A 1 -31.76 2.29 30.17
N SER A 2 -32.38 1.39 29.44
CA SER A 2 -32.18 1.31 28.01
C SER A 2 -33.37 0.65 27.33
N SER A 3 -33.39 0.71 26.01
CA SER A 3 -34.46 0.13 25.24
C SER A 3 -34.05 -0.04 23.78
N GLY A 4 -34.88 -0.74 23.03
CA GLY A 4 -34.60 -0.96 21.62
C GLY A 4 -35.26 -2.26 21.14
N SER A 5 -34.79 -3.37 21.68
CA SER A 5 -35.33 -4.67 21.32
C SER A 5 -34.72 -5.13 19.99
N SER A 6 -35.00 -4.35 18.96
CA SER A 6 -34.49 -4.67 17.63
C SER A 6 -34.96 -3.62 16.63
N GLY A 7 -34.45 -3.73 15.41
CA GLY A 7 -34.80 -2.80 14.35
C GLY A 7 -33.86 -2.94 13.16
N LYS A 8 -33.22 -1.82 12.82
CA LYS A 8 -32.29 -1.81 11.71
C LYS A 8 -33.04 -2.13 10.42
N SER A 9 -32.39 -1.86 9.30
CA SER A 9 -32.98 -2.11 8.00
C SER A 9 -31.88 -2.42 6.97
N GLU A 10 -32.32 -2.80 5.78
CA GLU A 10 -31.39 -3.11 4.71
C GLU A 10 -31.97 -2.68 3.36
N LYS A 11 -31.26 -1.75 2.73
CA LYS A 11 -31.69 -1.24 1.44
C LYS A 11 -30.68 -1.67 0.36
N ARG A 12 -30.89 -1.17 -0.84
CA ARG A 12 -30.02 -1.49 -1.96
C ARG A 12 -29.68 -0.22 -2.74
N MET A 13 -28.38 -0.02 -2.92
CA MET A 13 -27.90 1.14 -3.65
C MET A 13 -26.59 0.84 -4.38
N LYS A 14 -26.40 1.51 -5.50
CA LYS A 14 -25.21 1.32 -6.30
C LYS A 14 -24.69 2.69 -6.77
N LEU A 15 -23.37 2.85 -6.66
CA LEU A 15 -22.74 4.09 -7.06
C LEU A 15 -21.27 3.83 -7.37
N THR A 16 -20.58 4.89 -7.77
CA THR A 16 -19.17 4.79 -8.11
C THR A 16 -18.47 6.13 -7.87
N LEU A 17 -17.14 6.08 -7.84
CA LEU A 17 -16.36 7.28 -7.63
C LEU A 17 -14.98 7.08 -8.25
N LYS A 18 -14.15 8.11 -8.13
CA LYS A 18 -12.81 8.07 -8.68
C LYS A 18 -11.80 8.00 -7.52
N GLY A 19 -10.54 7.74 -7.88
CA GLY A 19 -9.49 7.64 -6.89
C GLY A 19 -9.75 6.50 -5.91
N GLY A 20 -9.00 6.50 -4.83
CA GLY A 20 -9.15 5.48 -3.81
C GLY A 20 -7.99 4.48 -3.89
N ALA A 21 -8.02 3.67 -4.95
CA ALA A 21 -6.98 2.67 -5.14
C ALA A 21 -6.37 2.85 -6.53
N ALA A 22 -5.18 3.42 -6.54
CA ALA A 22 -4.47 3.66 -7.79
C ALA A 22 -3.20 2.81 -7.82
N VAL A 23 -3.05 2.06 -8.91
CA VAL A 23 -1.89 1.19 -9.07
C VAL A 23 -0.78 1.98 -9.78
N ASP A 24 0.46 1.59 -9.47
CA ASP A 24 1.61 2.24 -10.06
C ASP A 24 1.92 1.60 -11.41
N PRO A 25 2.47 2.43 -12.35
CA PRO A 25 2.82 1.94 -13.66
C PRO A 25 4.09 1.10 -13.62
N ASP A 26 4.84 1.27 -12.55
CA ASP A 26 6.08 0.54 -12.38
C ASP A 26 5.76 -0.93 -12.04
N SER A 27 4.53 -1.13 -11.58
CA SER A 27 4.09 -2.47 -11.22
C SER A 27 3.77 -3.28 -12.48
N GLY A 28 3.31 -2.57 -13.50
CA GLY A 28 2.98 -3.21 -14.76
C GLY A 28 1.61 -3.88 -14.69
N LEU A 29 0.92 -3.64 -13.57
CA LEU A 29 -0.40 -4.21 -13.37
C LEU A 29 -1.44 -3.08 -13.28
N GLU A 30 -0.95 -1.87 -13.49
CA GLU A 30 -1.81 -0.70 -13.43
C GLU A 30 -2.97 -0.85 -14.43
N HIS A 31 -2.74 -1.66 -15.44
CA HIS A 31 -3.74 -1.89 -16.46
C HIS A 31 -4.09 -3.38 -16.51
N SER A 32 -3.63 -4.09 -15.49
CA SER A 32 -3.90 -5.53 -15.40
C SER A 32 -4.55 -5.85 -14.06
N ALA A 33 -3.80 -5.64 -13.00
CA ALA A 33 -4.30 -5.91 -11.65
C ALA A 33 -4.64 -4.59 -10.97
N HIS A 34 -5.12 -4.70 -9.74
CA HIS A 34 -5.50 -3.53 -8.98
C HIS A 34 -5.12 -3.73 -7.50
N VAL A 35 -5.16 -2.64 -6.77
CA VAL A 35 -4.82 -2.68 -5.35
C VAL A 35 -5.82 -3.57 -4.61
N LEU A 36 -5.39 -4.05 -3.45
CA LEU A 36 -6.23 -4.92 -2.65
C LEU A 36 -7.09 -4.06 -1.71
N GLU A 37 -8.40 -4.25 -1.83
CA GLU A 37 -9.33 -3.50 -0.99
C GLU A 37 -10.04 -4.45 -0.01
N LYS A 38 -10.18 -3.97 1.21
CA LYS A 38 -10.83 -4.75 2.25
C LYS A 38 -11.47 -3.81 3.27
N GLY A 39 -12.56 -4.28 3.86
CA GLY A 39 -13.28 -3.50 4.85
C GLY A 39 -13.33 -2.02 4.44
N GLY A 40 -13.74 -1.79 3.20
CA GLY A 40 -13.84 -0.44 2.68
C GLY A 40 -12.52 0.32 2.87
N LYS A 41 -11.43 -0.41 2.69
CA LYS A 41 -10.11 0.18 2.84
C LYS A 41 -9.23 -0.22 1.65
N VAL A 42 -8.38 0.69 1.25
CA VAL A 42 -7.48 0.44 0.13
C VAL A 42 -6.06 0.20 0.66
N PHE A 43 -5.40 -0.79 0.07
CA PHE A 43 -4.05 -1.14 0.47
C PHE A 43 -3.03 -0.26 -0.23
N SER A 44 -3.38 1.02 -0.34
CA SER A 44 -2.50 1.97 -0.99
C SER A 44 -2.07 3.05 0.01
N ALA A 45 -0.89 2.86 0.57
CA ALA A 45 -0.36 3.80 1.55
C ALA A 45 0.94 4.42 1.00
N THR A 46 1.05 5.73 1.19
CA THR A 46 2.24 6.44 0.73
C THR A 46 3.04 6.96 1.92
N LEU A 47 4.09 6.22 2.25
CA LEU A 47 4.95 6.60 3.36
C LEU A 47 5.97 7.64 2.89
N GLY A 48 6.47 8.41 3.84
CA GLY A 48 7.43 9.45 3.53
C GLY A 48 8.31 9.76 4.76
N LEU A 49 9.59 9.45 4.61
CA LEU A 49 10.55 9.69 5.69
C LEU A 49 11.69 10.57 5.16
N VAL A 50 12.08 11.52 5.99
CA VAL A 50 13.15 12.43 5.63
C VAL A 50 13.94 12.80 6.88
N ASP A 51 15.26 12.88 6.72
CA ASP A 51 16.14 13.21 7.82
C ASP A 51 16.39 14.73 7.82
N ILE A 52 16.38 15.29 9.01
CA ILE A 52 16.60 16.72 9.17
C ILE A 52 18.08 16.98 9.43
N VAL A 53 18.70 16.03 10.13
CA VAL A 53 20.11 16.14 10.45
C VAL A 53 20.94 15.65 9.27
N LYS A 54 20.64 14.43 8.84
CA LYS A 54 21.34 13.83 7.73
C LYS A 54 20.96 14.56 6.43
N GLY A 55 19.92 15.37 6.53
CA GLY A 55 19.45 16.13 5.39
C GLY A 55 19.16 15.21 4.20
N THR A 56 18.68 14.02 4.51
CA THR A 56 18.37 13.04 3.49
C THR A 56 16.88 12.71 3.51
N ASN A 57 16.22 13.01 2.40
CA ASN A 57 14.80 12.74 2.27
C ASN A 57 14.59 11.33 1.71
N SER A 58 13.43 10.78 2.02
CA SER A 58 13.09 9.44 1.55
C SER A 58 11.59 9.30 1.41
N TYR A 59 11.17 8.31 0.62
CA TYR A 59 9.76 8.06 0.40
C TYR A 59 9.51 6.58 0.10
N TYR A 60 8.60 6.01 0.88
CA TYR A 60 8.25 4.61 0.71
C TYR A 60 6.80 4.45 0.28
N LYS A 61 6.61 3.70 -0.80
CA LYS A 61 5.27 3.46 -1.33
C LYS A 61 4.94 1.98 -1.19
N LEU A 62 3.69 1.72 -0.84
CA LEU A 62 3.22 0.35 -0.68
C LEU A 62 1.83 0.21 -1.30
N GLN A 63 1.70 -0.81 -2.15
CA GLN A 63 0.43 -1.06 -2.81
C GLN A 63 0.27 -2.56 -3.10
N LEU A 64 -0.68 -3.16 -2.40
CA LEU A 64 -0.94 -4.58 -2.56
C LEU A 64 -1.89 -4.78 -3.75
N LEU A 65 -1.32 -5.26 -4.85
CA LEU A 65 -2.10 -5.50 -6.05
C LEU A 65 -2.66 -6.92 -6.01
N GLU A 66 -3.86 -7.06 -6.55
CA GLU A 66 -4.53 -8.35 -6.58
C GLU A 66 -4.94 -8.70 -8.01
N ASP A 67 -4.33 -9.75 -8.52
CA ASP A 67 -4.62 -10.20 -9.88
C ASP A 67 -6.10 -10.58 -9.97
N ASP A 68 -6.77 -9.95 -10.94
CA ASP A 68 -8.19 -10.21 -11.14
C ASP A 68 -8.35 -11.33 -12.18
N LYS A 69 -7.69 -12.45 -11.89
CA LYS A 69 -7.76 -13.60 -12.78
C LYS A 69 -7.69 -14.88 -11.95
N GLU A 70 -6.47 -15.34 -11.73
CA GLU A 70 -6.26 -16.55 -10.96
C GLU A 70 -6.10 -16.22 -9.48
N ASN A 71 -6.93 -15.30 -9.02
CA ASN A 71 -6.88 -14.88 -7.62
C ASN A 71 -5.42 -14.80 -7.17
N ARG A 72 -4.69 -13.89 -7.81
CA ARG A 72 -3.30 -13.70 -7.48
C ARG A 72 -3.09 -12.33 -6.82
N TYR A 73 -1.87 -12.11 -6.35
CA TYR A 73 -1.52 -10.87 -5.70
C TYR A 73 -0.04 -10.56 -5.84
N TRP A 74 0.29 -9.28 -5.74
CA TRP A 74 1.67 -8.85 -5.86
C TRP A 74 1.97 -7.91 -4.69
N ILE A 75 3.25 -7.76 -4.40
CA ILE A 75 3.68 -6.89 -3.31
C ILE A 75 4.61 -5.80 -3.87
N PHE A 76 4.02 -4.65 -4.13
CA PHE A 76 4.77 -3.52 -4.66
C PHE A 76 5.31 -2.64 -3.53
N ARG A 77 6.61 -2.44 -3.54
CA ARG A 77 7.26 -1.61 -2.54
C ARG A 77 8.38 -0.78 -3.16
N SER A 78 8.17 0.52 -3.15
CA SER A 78 9.15 1.44 -3.71
C SER A 78 9.85 2.21 -2.59
N TRP A 79 11.05 2.68 -2.90
CA TRP A 79 11.82 3.44 -1.92
C TRP A 79 12.79 4.33 -2.69
N GLY A 80 13.51 5.16 -1.94
CA GLY A 80 14.47 6.08 -2.54
C GLY A 80 14.33 7.48 -1.95
N ARG A 81 15.28 8.33 -2.31
CA ARG A 81 15.27 9.70 -1.82
C ARG A 81 14.24 10.53 -2.59
N VAL A 82 14.25 11.83 -2.33
CA VAL A 82 13.32 12.74 -2.98
C VAL A 82 14.11 13.71 -3.87
N GLY A 83 14.34 13.28 -5.11
CA GLY A 83 15.07 14.09 -6.06
C GLY A 83 16.40 13.44 -6.44
N THR A 84 17.06 12.91 -5.43
CA THR A 84 18.34 12.25 -5.63
C THR A 84 18.23 11.19 -6.73
N VAL A 85 19.32 10.47 -6.93
CA VAL A 85 19.35 9.43 -7.95
C VAL A 85 18.77 8.14 -7.36
N ILE A 86 18.94 7.98 -6.06
CA ILE A 86 18.45 6.80 -5.38
C ILE A 86 16.93 6.69 -5.60
N GLY A 87 16.54 5.57 -6.16
CA GLY A 87 15.12 5.33 -6.43
C GLY A 87 14.93 4.00 -7.15
N SER A 88 14.28 3.07 -6.47
CA SER A 88 14.01 1.75 -7.04
C SER A 88 12.68 1.21 -6.51
N ASN A 89 12.17 0.21 -7.21
CA ASN A 89 10.91 -0.40 -6.83
C ASN A 89 11.04 -1.92 -6.95
N LYS A 90 10.34 -2.61 -6.06
CA LYS A 90 10.35 -4.06 -6.05
C LYS A 90 8.92 -4.59 -6.12
N LEU A 91 8.75 -5.62 -6.93
CA LEU A 91 7.43 -6.23 -7.09
C LEU A 91 7.57 -7.75 -7.07
N GLU A 92 6.81 -8.36 -6.18
CA GLU A 92 6.83 -9.81 -6.04
C GLU A 92 5.40 -10.37 -5.98
N GLN A 93 5.28 -11.63 -6.38
CA GLN A 93 3.98 -12.27 -6.37
C GLN A 93 3.81 -13.10 -5.11
N MET A 94 2.62 -13.00 -4.53
CA MET A 94 2.30 -13.72 -3.31
C MET A 94 1.54 -15.01 -3.63
N PRO A 95 1.71 -16.01 -2.71
CA PRO A 95 1.04 -17.29 -2.88
C PRO A 95 -0.44 -17.19 -2.54
N SER A 96 -0.71 -16.72 -1.33
CA SER A 96 -2.08 -16.57 -0.88
C SER A 96 -2.39 -15.10 -0.63
N LYS A 97 -3.68 -14.77 -0.69
CA LYS A 97 -4.12 -13.40 -0.47
C LYS A 97 -3.60 -12.92 0.89
N GLU A 98 -3.80 -13.75 1.89
CA GLU A 98 -3.37 -13.42 3.24
C GLU A 98 -1.86 -13.21 3.26
N ASP A 99 -1.14 -14.23 2.81
CA ASP A 99 0.32 -14.17 2.78
C ASP A 99 0.75 -12.80 2.22
N ALA A 100 -0.11 -12.23 1.40
CA ALA A 100 0.18 -10.94 0.81
C ALA A 100 -0.15 -9.83 1.81
N ILE A 101 -1.37 -9.89 2.34
CA ILE A 101 -1.82 -8.91 3.30
C ILE A 101 -0.84 -8.86 4.48
N GLU A 102 -0.52 -10.04 4.98
CA GLU A 102 0.41 -10.15 6.09
C GLU A 102 1.69 -9.36 5.80
N HIS A 103 2.25 -9.63 4.63
CA HIS A 103 3.47 -8.95 4.22
C HIS A 103 3.22 -7.45 4.13
N PHE A 104 2.14 -7.10 3.44
CA PHE A 104 1.78 -5.70 3.28
C PHE A 104 1.51 -5.04 4.63
N MET A 105 1.02 -5.85 5.56
CA MET A 105 0.71 -5.35 6.89
C MET A 105 1.99 -5.23 7.73
N LYS A 106 2.92 -6.15 7.49
CA LYS A 106 4.17 -6.16 8.22
C LYS A 106 5.12 -5.13 7.60
N LEU A 107 5.20 -5.17 6.28
CA LEU A 107 6.07 -4.24 5.55
C LEU A 107 5.78 -2.82 6.02
N TYR A 108 4.53 -2.41 5.85
CA TYR A 108 4.12 -1.07 6.25
C TYR A 108 4.25 -0.89 7.76
N GLU A 109 4.52 -1.99 8.45
CA GLU A 109 4.68 -1.97 9.88
C GLU A 109 6.16 -1.86 10.26
N GLU A 110 7.00 -2.23 9.30
CA GLU A 110 8.44 -2.18 9.52
C GLU A 110 8.96 -0.75 9.32
N LYS A 111 8.40 -0.10 8.31
CA LYS A 111 8.80 1.27 8.00
C LYS A 111 8.30 2.20 9.10
N THR A 112 6.98 2.32 9.18
CA THR A 112 6.37 3.18 10.18
C THR A 112 6.65 2.64 11.59
N GLY A 113 6.84 1.33 11.66
CA GLY A 113 7.12 0.68 12.92
C GLY A 113 5.81 0.32 13.65
N ASN A 114 4.73 0.90 13.17
CA ASN A 114 3.42 0.65 13.76
C ASN A 114 2.61 -0.24 12.82
N ALA A 115 1.80 -1.11 13.43
CA ALA A 115 0.97 -2.02 12.66
C ALA A 115 0.04 -1.21 11.76
N TRP A 116 -0.39 -1.85 10.67
CA TRP A 116 -1.29 -1.21 9.73
C TRP A 116 -2.62 -0.95 10.45
N HIS A 117 -3.16 -2.02 11.01
CA HIS A 117 -4.44 -1.93 11.72
C HIS A 117 -4.17 -1.80 13.22
N SER A 118 -3.63 -0.66 13.60
CA SER A 118 -3.31 -0.40 14.99
C SER A 118 -4.06 0.85 15.47
N LYS A 119 -4.06 1.85 14.61
CA LYS A 119 -4.72 3.11 14.94
C LYS A 119 -3.84 3.92 15.89
N ASN A 120 -4.11 5.22 15.93
CA ASN A 120 -3.35 6.11 16.78
C ASN A 120 -1.85 5.92 16.51
N PHE A 121 -1.46 6.15 15.27
CA PHE A 121 -0.08 5.99 14.88
C PHE A 121 0.82 6.96 15.66
N THR A 122 2.06 6.54 15.84
CA THR A 122 3.03 7.35 16.57
C THR A 122 4.21 7.71 15.67
N LYS A 123 4.36 8.99 15.43
CA LYS A 123 5.44 9.48 14.59
C LYS A 123 6.78 9.25 15.30
N TYR A 124 7.39 8.13 14.98
CA TYR A 124 8.67 7.78 15.57
C TYR A 124 9.83 8.32 14.73
N PRO A 125 11.04 8.33 15.37
CA PRO A 125 12.23 8.82 14.70
C PRO A 125 12.75 7.80 13.68
N LYS A 126 12.94 8.28 12.45
CA LYS A 126 13.42 7.42 11.39
C LYS A 126 12.29 6.50 10.93
N LYS A 127 11.13 6.69 11.52
CA LYS A 127 9.96 5.90 11.19
C LYS A 127 9.16 6.61 10.10
N PHE A 128 8.85 5.86 9.05
CA PHE A 128 8.09 6.41 7.94
C PHE A 128 6.63 6.68 8.34
N TYR A 129 6.09 7.76 7.80
CA TYR A 129 4.73 8.14 8.10
C TYR A 129 3.92 8.36 6.82
N PRO A 130 2.57 8.38 6.99
CA PRO A 130 1.69 8.58 5.85
C PRO A 130 1.70 10.05 5.39
N LEU A 131 2.12 10.24 4.15
CA LEU A 131 2.18 11.58 3.59
C LEU A 131 0.76 12.08 3.32
N GLU A 132 -0.04 11.21 2.73
CA GLU A 132 -1.42 11.54 2.41
C GLU A 132 -2.34 11.13 3.55
N ILE A 133 -2.47 12.03 4.52
CA ILE A 133 -3.32 11.77 5.66
C ILE A 133 -4.78 11.76 5.22
N SER A 134 -5.50 10.74 5.69
CA SER A 134 -6.90 10.59 5.35
C SER A 134 -7.77 11.39 6.34
N GLY A 135 -7.64 11.03 7.61
CA GLY A 135 -8.40 11.69 8.65
C GLY A 135 -7.78 11.44 10.02
N PRO A 136 -7.95 12.45 10.93
CA PRO A 136 -7.41 12.35 12.27
C PRO A 136 -8.23 11.39 13.13
N SER A 137 -7.98 10.11 12.93
CA SER A 137 -8.69 9.08 13.68
C SER A 137 -10.20 9.31 13.57
N SER A 138 -10.95 8.40 14.18
CA SER A 138 -12.41 8.49 14.15
C SER A 138 -13.01 7.30 14.89
N GLY A 139 -12.67 6.11 14.42
CA GLY A 139 -13.18 4.89 15.03
C GLY A 139 -14.51 4.47 14.40
N GLY A 1 -25.59 -52.82 -0.25
CA GLY A 1 -24.95 -51.52 -0.27
C GLY A 1 -25.98 -50.40 -0.41
N SER A 2 -25.49 -49.22 -0.74
CA SER A 2 -26.36 -48.07 -0.91
C SER A 2 -25.54 -46.87 -1.40
N SER A 3 -26.25 -45.80 -1.75
CA SER A 3 -25.61 -44.60 -2.23
C SER A 3 -26.65 -43.48 -2.39
N GLY A 4 -26.14 -42.28 -2.63
CA GLY A 4 -27.01 -41.13 -2.79
C GLY A 4 -26.21 -39.90 -3.26
N SER A 5 -26.94 -38.83 -3.53
CA SER A 5 -26.32 -37.61 -3.99
C SER A 5 -27.35 -36.47 -4.00
N SER A 6 -26.84 -35.26 -4.21
CA SER A 6 -27.70 -34.09 -4.24
C SER A 6 -26.89 -32.85 -4.64
N GLY A 7 -27.61 -31.79 -4.97
CA GLY A 7 -26.97 -30.54 -5.37
C GLY A 7 -28.00 -29.42 -5.48
N LYS A 8 -27.80 -28.40 -4.66
CA LYS A 8 -28.69 -27.25 -4.67
C LYS A 8 -27.92 -26.00 -5.09
N SER A 9 -28.67 -24.97 -5.47
CA SER A 9 -28.06 -23.72 -5.88
C SER A 9 -29.15 -22.67 -6.11
N GLU A 10 -28.71 -21.42 -6.20
CA GLU A 10 -29.63 -20.32 -6.42
C GLU A 10 -28.86 -19.01 -6.59
N LYS A 11 -29.47 -18.09 -7.31
CA LYS A 11 -28.86 -16.79 -7.55
C LYS A 11 -28.99 -15.92 -6.29
N ARG A 12 -28.18 -14.89 -6.24
CA ARG A 12 -28.19 -13.98 -5.11
C ARG A 12 -27.41 -12.70 -5.44
N MET A 13 -28.05 -11.57 -5.18
CA MET A 13 -27.42 -10.28 -5.44
C MET A 13 -26.16 -10.10 -4.60
N LYS A 14 -25.41 -9.07 -4.93
CA LYS A 14 -24.18 -8.77 -4.21
C LYS A 14 -23.73 -7.35 -4.54
N LEU A 15 -22.81 -6.85 -3.72
CA LEU A 15 -22.30 -5.50 -3.91
C LEU A 15 -20.79 -5.57 -4.19
N THR A 16 -20.39 -4.91 -5.26
CA THR A 16 -19.00 -4.88 -5.65
C THR A 16 -18.45 -3.45 -5.58
N LEU A 17 -17.14 -3.36 -5.37
CA LEU A 17 -16.48 -2.07 -5.28
C LEU A 17 -15.96 -1.66 -6.67
N LYS A 18 -15.85 -0.36 -6.87
CA LYS A 18 -15.38 0.17 -8.13
C LYS A 18 -14.18 1.09 -7.87
N GLY A 19 -14.46 2.18 -7.17
CA GLY A 19 -13.42 3.14 -6.86
C GLY A 19 -12.33 2.52 -5.98
N GLY A 20 -11.20 3.20 -5.91
CA GLY A 20 -10.08 2.73 -5.10
C GLY A 20 -8.79 3.43 -5.50
N ALA A 21 -7.70 2.67 -5.45
CA ALA A 21 -6.40 3.21 -5.81
C ALA A 21 -5.94 2.60 -7.13
N ALA A 22 -4.95 3.24 -7.73
CA ALA A 22 -4.41 2.76 -9.00
C ALA A 22 -3.03 2.14 -8.76
N VAL A 23 -2.88 0.93 -9.26
CA VAL A 23 -1.62 0.21 -9.10
C VAL A 23 -0.50 1.02 -9.74
N ASP A 24 0.71 0.80 -9.25
CA ASP A 24 1.88 1.51 -9.77
C ASP A 24 2.29 0.87 -11.11
N PRO A 25 2.85 1.74 -11.99
CA PRO A 25 3.30 1.27 -13.29
C PRO A 25 4.60 0.47 -13.18
N ASP A 26 5.27 0.65 -12.05
CA ASP A 26 6.52 -0.03 -11.81
C ASP A 26 6.24 -1.51 -11.53
N SER A 27 5.05 -1.78 -11.02
CA SER A 27 4.64 -3.14 -10.71
C SER A 27 4.18 -3.85 -11.98
N GLY A 28 3.70 -3.05 -12.92
CA GLY A 28 3.21 -3.57 -14.18
C GLY A 28 1.74 -3.99 -14.07
N LEU A 29 1.31 -4.19 -12.84
CA LEU A 29 -0.07 -4.59 -12.58
C LEU A 29 -1.00 -3.42 -12.89
N GLU A 30 -0.39 -2.26 -13.13
CA GLU A 30 -1.16 -1.07 -13.42
C GLU A 30 -2.24 -1.37 -14.45
N HIS A 31 -1.94 -2.33 -15.32
CA HIS A 31 -2.89 -2.72 -16.34
C HIS A 31 -3.23 -4.21 -16.18
N SER A 32 -2.53 -4.85 -15.27
CA SER A 32 -2.76 -6.26 -15.00
C SER A 32 -3.70 -6.42 -13.81
N ALA A 33 -3.17 -6.13 -12.63
CA ALA A 33 -3.95 -6.24 -11.40
C ALA A 33 -4.39 -4.84 -10.96
N HIS A 34 -4.94 -4.79 -9.76
CA HIS A 34 -5.41 -3.52 -9.21
C HIS A 34 -5.19 -3.52 -7.69
N VAL A 35 -5.17 -2.32 -7.13
CA VAL A 35 -4.98 -2.16 -5.71
C VAL A 35 -5.97 -3.06 -4.96
N LEU A 36 -5.46 -3.70 -3.92
CA LEU A 36 -6.29 -4.60 -3.12
C LEU A 36 -7.21 -3.77 -2.21
N GLU A 37 -8.36 -4.34 -1.90
CA GLU A 37 -9.33 -3.66 -1.05
C GLU A 37 -9.89 -4.65 -0.02
N LYS A 38 -9.96 -4.18 1.22
CA LYS A 38 -10.48 -4.99 2.30
C LYS A 38 -11.15 -4.09 3.34
N GLY A 39 -12.13 -4.66 4.02
CA GLY A 39 -12.85 -3.92 5.05
C GLY A 39 -13.11 -2.48 4.61
N GLY A 40 -13.62 -2.36 3.39
CA GLY A 40 -13.91 -1.04 2.83
C GLY A 40 -12.70 -0.12 2.94
N LYS A 41 -11.53 -0.69 2.66
CA LYS A 41 -10.30 0.07 2.73
C LYS A 41 -9.46 -0.22 1.48
N VAL A 42 -8.54 0.69 1.20
CA VAL A 42 -7.68 0.53 0.04
C VAL A 42 -6.23 0.30 0.52
N PHE A 43 -5.57 -0.63 -0.15
CA PHE A 43 -4.20 -0.96 0.18
C PHE A 43 -3.22 -0.02 -0.53
N SER A 44 -3.40 1.27 -0.30
CA SER A 44 -2.55 2.27 -0.90
C SER A 44 -2.13 3.31 0.14
N ALA A 45 -0.95 3.12 0.68
CA ALA A 45 -0.42 4.02 1.69
C ALA A 45 0.87 4.68 1.17
N THR A 46 0.95 5.98 1.37
CA THR A 46 2.11 6.74 0.93
C THR A 46 2.92 7.23 2.14
N LEU A 47 3.96 6.49 2.46
CA LEU A 47 4.83 6.85 3.57
C LEU A 47 5.96 7.75 3.08
N GLY A 48 6.47 8.56 3.99
CA GLY A 48 7.55 9.47 3.67
C GLY A 48 8.47 9.68 4.87
N LEU A 49 9.75 9.40 4.65
CA LEU A 49 10.74 9.55 5.70
C LEU A 49 11.84 10.50 5.22
N VAL A 50 12.34 11.30 6.16
CA VAL A 50 13.38 12.26 5.85
C VAL A 50 14.47 12.18 6.93
N ASP A 51 15.70 12.13 6.47
CA ASP A 51 16.83 12.06 7.39
C ASP A 51 17.19 13.47 7.86
N ILE A 52 17.37 13.60 9.17
CA ILE A 52 17.72 14.88 9.75
C ILE A 52 19.24 15.03 9.79
N VAL A 53 19.89 13.91 10.09
CA VAL A 53 21.35 13.91 10.16
C VAL A 53 21.93 13.86 8.75
N LYS A 54 21.47 12.87 8.00
CA LYS A 54 21.94 12.70 6.62
C LYS A 54 21.40 13.85 5.76
N GLY A 55 20.41 14.54 6.30
CA GLY A 55 19.80 15.65 5.60
C GLY A 55 19.31 15.22 4.22
N THR A 56 18.71 14.05 4.17
CA THR A 56 18.19 13.52 2.93
C THR A 56 16.69 13.25 3.04
N ASN A 57 16.08 12.97 1.90
CA ASN A 57 14.65 12.70 1.86
C ASN A 57 14.42 11.25 1.41
N SER A 58 13.28 10.72 1.81
CA SER A 58 12.94 9.35 1.46
C SER A 58 11.41 9.20 1.39
N TYR A 59 10.98 8.35 0.47
CA TYR A 59 9.55 8.11 0.29
C TYR A 59 9.27 6.63 0.07
N TYR A 60 8.55 6.05 1.00
CA TYR A 60 8.20 4.64 0.92
C TYR A 60 6.71 4.45 0.62
N LYS A 61 6.46 3.93 -0.57
CA LYS A 61 5.09 3.70 -1.01
C LYS A 61 4.79 2.20 -0.95
N LEU A 62 3.60 1.89 -0.45
CA LEU A 62 3.18 0.50 -0.34
C LEU A 62 1.80 0.33 -0.98
N GLN A 63 1.74 -0.54 -1.97
CA GLN A 63 0.50 -0.80 -2.67
C GLN A 63 0.36 -2.29 -2.99
N LEU A 64 -0.74 -2.86 -2.53
CA LEU A 64 -1.00 -4.27 -2.75
C LEU A 64 -1.93 -4.43 -3.94
N LEU A 65 -1.54 -5.30 -4.86
CA LEU A 65 -2.33 -5.55 -6.05
C LEU A 65 -2.85 -7.00 -6.02
N GLU A 66 -4.03 -7.18 -6.59
CA GLU A 66 -4.65 -8.49 -6.63
C GLU A 66 -5.15 -8.80 -8.05
N ASP A 67 -4.94 -10.04 -8.46
CA ASP A 67 -5.37 -10.46 -9.78
C ASP A 67 -6.89 -10.28 -9.91
N ASP A 68 -7.28 -9.63 -10.99
CA ASP A 68 -8.69 -9.38 -11.25
C ASP A 68 -9.47 -10.68 -11.07
N LYS A 69 -8.84 -11.78 -11.48
CA LYS A 69 -9.47 -13.08 -11.37
C LYS A 69 -9.08 -13.72 -10.04
N GLU A 70 -8.88 -12.86 -9.04
CA GLU A 70 -8.51 -13.33 -7.72
C GLU A 70 -7.57 -14.53 -7.82
N ASN A 71 -6.70 -14.48 -8.84
CA ASN A 71 -5.75 -15.55 -9.06
C ASN A 71 -4.63 -15.45 -8.02
N ARG A 72 -3.70 -14.55 -8.30
CA ARG A 72 -2.57 -14.35 -7.39
C ARG A 72 -2.41 -12.87 -7.06
N TYR A 73 -1.62 -12.60 -6.03
CA TYR A 73 -1.39 -11.24 -5.60
C TYR A 73 0.10 -10.88 -5.70
N TRP A 74 0.36 -9.58 -5.70
CA TRP A 74 1.72 -9.10 -5.79
C TRP A 74 1.96 -8.10 -4.65
N ILE A 75 3.22 -7.80 -4.41
CA ILE A 75 3.58 -6.86 -3.35
C ILE A 75 4.57 -5.85 -3.90
N PHE A 76 4.06 -4.65 -4.18
CA PHE A 76 4.89 -3.58 -4.70
C PHE A 76 5.48 -2.73 -3.57
N ARG A 77 6.79 -2.57 -3.61
CA ARG A 77 7.47 -1.78 -2.61
C ARG A 77 8.37 -0.74 -3.26
N SER A 78 8.03 0.52 -3.05
CA SER A 78 8.79 1.62 -3.62
C SER A 78 9.53 2.37 -2.50
N TRP A 79 10.72 2.84 -2.84
CA TRP A 79 11.54 3.57 -1.89
C TRP A 79 12.57 4.38 -2.67
N GLY A 80 13.34 5.18 -1.94
CA GLY A 80 14.36 6.01 -2.55
C GLY A 80 14.17 7.48 -2.18
N ARG A 81 15.11 8.29 -2.62
CA ARG A 81 15.06 9.72 -2.34
C ARG A 81 13.90 10.37 -3.09
N VAL A 82 13.60 11.60 -2.69
CA VAL A 82 12.51 12.34 -3.32
C VAL A 82 13.08 13.26 -4.40
N GLY A 83 13.87 14.23 -3.96
CA GLY A 83 14.48 15.18 -4.87
C GLY A 83 15.60 14.52 -5.68
N THR A 84 15.23 13.47 -6.38
CA THR A 84 16.19 12.74 -7.20
C THR A 84 15.47 12.00 -8.33
N VAL A 85 16.28 11.46 -9.24
CA VAL A 85 15.73 10.72 -10.37
C VAL A 85 15.74 9.22 -10.04
N ILE A 86 16.58 8.86 -9.10
CA ILE A 86 16.69 7.46 -8.69
C ILE A 86 15.33 6.99 -8.16
N GLY A 87 14.98 5.77 -8.55
CA GLY A 87 13.72 5.19 -8.12
C GLY A 87 13.78 3.66 -8.17
N SER A 88 13.84 3.05 -6.99
CA SER A 88 13.90 1.61 -6.89
C SER A 88 12.56 1.06 -6.40
N ASN A 89 12.15 -0.04 -6.99
CA ASN A 89 10.89 -0.68 -6.62
C ASN A 89 11.08 -2.19 -6.59
N LYS A 90 10.35 -2.83 -5.67
CA LYS A 90 10.43 -4.27 -5.52
C LYS A 90 9.03 -4.86 -5.67
N LEU A 91 8.94 -5.87 -6.52
CA LEU A 91 7.66 -6.54 -6.76
C LEU A 91 7.86 -8.06 -6.65
N GLU A 92 6.96 -8.68 -5.92
CA GLU A 92 7.02 -10.12 -5.72
C GLU A 92 5.62 -10.72 -5.82
N GLN A 93 5.57 -11.93 -6.35
CA GLN A 93 4.30 -12.64 -6.50
C GLN A 93 3.97 -13.43 -5.22
N MET A 94 2.87 -13.03 -4.59
CA MET A 94 2.44 -13.68 -3.37
C MET A 94 1.70 -14.99 -3.68
N PRO A 95 1.82 -15.96 -2.73
CA PRO A 95 1.17 -17.24 -2.89
C PRO A 95 -0.34 -17.13 -2.64
N SER A 96 -0.67 -16.55 -1.50
CA SER A 96 -2.06 -16.37 -1.12
C SER A 96 -2.35 -14.90 -0.86
N LYS A 97 -3.64 -14.56 -0.88
CA LYS A 97 -4.06 -13.19 -0.65
C LYS A 97 -3.53 -12.73 0.71
N GLU A 98 -3.68 -13.59 1.69
CA GLU A 98 -3.23 -13.27 3.04
C GLU A 98 -1.72 -13.01 3.04
N ASP A 99 -0.98 -13.99 2.55
CA ASP A 99 0.47 -13.88 2.50
C ASP A 99 0.84 -12.49 1.96
N ALA A 100 -0.05 -11.94 1.14
CA ALA A 100 0.18 -10.63 0.55
C ALA A 100 -0.17 -9.55 1.58
N ILE A 101 -1.36 -9.68 2.14
CA ILE A 101 -1.83 -8.73 3.14
C ILE A 101 -0.84 -8.71 4.32
N GLU A 102 -0.55 -9.90 4.81
CA GLU A 102 0.37 -10.04 5.94
C GLU A 102 1.65 -9.25 5.67
N HIS A 103 2.26 -9.54 4.53
CA HIS A 103 3.49 -8.86 4.14
C HIS A 103 3.24 -7.36 4.03
N PHE A 104 2.13 -7.02 3.40
CA PHE A 104 1.75 -5.63 3.22
C PHE A 104 1.47 -4.96 4.57
N MET A 105 1.03 -5.77 5.52
CA MET A 105 0.72 -5.27 6.84
C MET A 105 1.97 -5.18 7.70
N LYS A 106 2.89 -6.12 7.47
CA LYS A 106 4.13 -6.15 8.21
C LYS A 106 5.09 -5.09 7.64
N LEU A 107 5.20 -5.09 6.32
CA LEU A 107 6.07 -4.15 5.65
C LEU A 107 5.78 -2.74 6.15
N TYR A 108 4.51 -2.34 6.00
CA TYR A 108 4.09 -1.02 6.44
C TYR A 108 4.22 -0.88 7.96
N GLU A 109 4.50 -2.00 8.60
CA GLU A 109 4.66 -2.00 10.05
C GLU A 109 6.13 -1.90 10.43
N GLU A 110 6.99 -2.22 9.46
CA GLU A 110 8.42 -2.17 9.68
C GLU A 110 8.93 -0.74 9.46
N LYS A 111 8.42 -0.11 8.42
CA LYS A 111 8.82 1.25 8.09
C LYS A 111 8.37 2.20 9.21
N THR A 112 7.06 2.30 9.36
CA THR A 112 6.48 3.16 10.39
C THR A 112 6.78 2.60 11.77
N GLY A 113 6.71 1.28 11.87
CA GLY A 113 6.98 0.60 13.14
C GLY A 113 5.67 0.21 13.82
N ASN A 114 4.61 0.91 13.44
CA ASN A 114 3.29 0.64 14.01
C ASN A 114 2.50 -0.26 13.07
N ALA A 115 1.57 -1.00 13.65
CA ALA A 115 0.74 -1.91 12.87
C ALA A 115 -0.02 -1.11 11.82
N TRP A 116 -0.37 -1.79 10.73
CA TRP A 116 -1.10 -1.17 9.65
C TRP A 116 -2.32 -0.47 10.24
N HIS A 117 -3.10 -1.26 10.96
CA HIS A 117 -4.31 -0.75 11.60
C HIS A 117 -3.93 0.20 12.73
N SER A 118 -3.56 -0.40 13.85
CA SER A 118 -3.17 0.38 15.02
C SER A 118 -4.36 1.21 15.51
N LYS A 119 -4.11 1.96 16.57
CA LYS A 119 -5.14 2.80 17.16
C LYS A 119 -4.70 4.27 17.10
N ASN A 120 -3.54 4.52 17.69
CA ASN A 120 -2.99 5.86 17.71
C ASN A 120 -1.55 5.83 17.18
N PHE A 121 -1.39 6.35 15.97
CA PHE A 121 -0.08 6.39 15.35
C PHE A 121 0.91 7.21 16.18
N THR A 122 2.14 6.72 16.24
CA THR A 122 3.18 7.39 17.01
C THR A 122 4.37 7.72 16.10
N LYS A 123 4.55 9.01 15.87
CA LYS A 123 5.64 9.47 15.04
C LYS A 123 6.97 9.21 15.74
N TYR A 124 7.73 8.28 15.17
CA TYR A 124 9.02 7.93 15.74
C TYR A 124 10.17 8.43 14.85
N PRO A 125 11.39 8.45 15.45
CA PRO A 125 12.57 8.90 14.72
C PRO A 125 13.04 7.84 13.73
N LYS A 126 13.07 8.24 12.46
CA LYS A 126 13.50 7.35 11.41
C LYS A 126 12.30 6.54 10.91
N LYS A 127 11.29 6.45 11.76
CA LYS A 127 10.08 5.72 11.43
C LYS A 127 9.35 6.46 10.31
N PHE A 128 8.81 5.67 9.39
CA PHE A 128 8.08 6.23 8.26
C PHE A 128 6.64 6.58 8.66
N TYR A 129 6.14 7.66 8.07
CA TYR A 129 4.79 8.10 8.36
C TYR A 129 4.03 8.44 7.07
N PRO A 130 2.69 8.53 7.20
CA PRO A 130 1.84 8.84 6.05
C PRO A 130 1.95 10.32 5.69
N LEU A 131 2.37 10.56 4.45
CA LEU A 131 2.52 11.93 3.97
C LEU A 131 1.14 12.57 3.83
N GLU A 132 0.29 11.90 3.07
CA GLU A 132 -1.06 12.39 2.84
C GLU A 132 -2.09 11.36 3.32
N ILE A 133 -2.67 11.64 4.47
CA ILE A 133 -3.66 10.74 5.04
C ILE A 133 -4.94 11.53 5.34
N SER A 134 -4.78 12.58 6.13
CA SER A 134 -5.90 13.42 6.49
C SER A 134 -7.03 12.56 7.08
N GLY A 135 -7.06 12.51 8.40
CA GLY A 135 -8.07 11.73 9.09
C GLY A 135 -8.06 12.03 10.60
N PRO A 136 -9.18 11.67 11.26
CA PRO A 136 -9.31 11.90 12.70
C PRO A 136 -8.47 10.90 13.49
N SER A 137 -8.51 11.05 14.80
CA SER A 137 -7.77 10.17 15.68
C SER A 137 -8.34 10.21 17.10
N SER A 138 -8.27 9.08 17.77
CA SER A 138 -8.78 8.98 19.13
C SER A 138 -10.29 9.20 19.13
N GLY A 139 -10.68 10.47 19.05
CA GLY A 139 -12.08 10.83 19.04
C GLY A 139 -12.43 11.65 17.79
N GLY A 1 -18.26 -45.74 24.85
CA GLY A 1 -19.37 -44.82 24.64
C GLY A 1 -19.62 -44.60 23.16
N SER A 2 -20.22 -43.45 22.85
CA SER A 2 -20.52 -43.11 21.47
C SER A 2 -21.25 -41.76 21.41
N SER A 3 -20.64 -40.84 20.68
CA SER A 3 -21.21 -39.51 20.54
C SER A 3 -20.41 -38.70 19.52
N GLY A 4 -20.97 -37.55 19.15
CA GLY A 4 -20.32 -36.68 18.19
C GLY A 4 -21.30 -35.65 17.63
N SER A 5 -20.74 -34.57 17.11
CA SER A 5 -21.55 -33.50 16.55
C SER A 5 -20.65 -32.36 16.07
N SER A 6 -21.04 -31.76 14.96
CA SER A 6 -20.29 -30.66 14.38
C SER A 6 -21.12 -29.96 13.31
N GLY A 7 -20.76 -28.70 13.06
CA GLY A 7 -21.46 -27.91 12.06
C GLY A 7 -20.73 -26.60 11.79
N LYS A 8 -21.33 -25.78 10.94
CA LYS A 8 -20.75 -24.50 10.59
C LYS A 8 -19.44 -24.73 9.84
N SER A 9 -19.47 -24.42 8.55
CA SER A 9 -18.30 -24.58 7.72
C SER A 9 -18.51 -23.91 6.37
N GLU A 10 -17.42 -23.47 5.77
CA GLU A 10 -17.47 -22.79 4.48
C GLU A 10 -18.23 -21.48 4.60
N LYS A 11 -17.56 -20.41 4.21
CA LYS A 11 -18.17 -19.09 4.26
C LYS A 11 -18.03 -18.42 2.90
N ARG A 12 -16.78 -18.20 2.49
CA ARG A 12 -16.51 -17.56 1.22
C ARG A 12 -17.09 -16.15 1.19
N MET A 13 -16.57 -15.35 0.27
CA MET A 13 -17.02 -13.97 0.13
C MET A 13 -18.16 -13.87 -0.89
N LYS A 14 -18.80 -12.72 -0.90
CA LYS A 14 -19.90 -12.49 -1.83
C LYS A 14 -19.87 -11.02 -2.28
N LEU A 15 -20.06 -10.13 -1.30
CA LEU A 15 -20.07 -8.71 -1.59
C LEU A 15 -18.66 -8.27 -2.01
N THR A 16 -18.58 -7.79 -3.24
CA THR A 16 -17.31 -7.34 -3.78
C THR A 16 -17.54 -6.41 -4.98
N LEU A 17 -16.57 -5.55 -5.21
CA LEU A 17 -16.65 -4.61 -6.32
C LEU A 17 -15.25 -4.41 -6.92
N LYS A 18 -15.22 -3.72 -8.06
CA LYS A 18 -13.97 -3.45 -8.74
C LYS A 18 -13.70 -1.94 -8.74
N GLY A 19 -12.45 -1.59 -8.49
CA GLY A 19 -12.06 -0.20 -8.46
C GLY A 19 -11.82 0.27 -7.03
N GLY A 20 -11.09 1.37 -6.92
CA GLY A 20 -10.79 1.95 -5.61
C GLY A 20 -9.53 2.80 -5.67
N ALA A 21 -8.41 2.15 -5.96
CA ALA A 21 -7.14 2.84 -6.04
C ALA A 21 -6.49 2.55 -7.41
N ALA A 22 -5.50 3.36 -7.75
CA ALA A 22 -4.80 3.20 -9.00
C ALA A 22 -3.55 2.35 -8.79
N VAL A 23 -3.33 1.42 -9.72
CA VAL A 23 -2.17 0.55 -9.63
C VAL A 23 -1.00 1.18 -10.37
N ASP A 24 0.20 0.87 -9.89
CA ASP A 24 1.41 1.41 -10.49
C ASP A 24 1.71 0.65 -11.77
N PRO A 25 2.23 1.39 -12.78
CA PRO A 25 2.57 0.81 -14.07
C PRO A 25 3.87 -0.01 -13.97
N ASP A 26 4.65 0.31 -12.96
CA ASP A 26 5.91 -0.38 -12.74
C ASP A 26 5.62 -1.82 -12.28
N SER A 27 4.43 -2.00 -11.74
CA SER A 27 4.03 -3.32 -11.26
C SER A 27 3.65 -4.21 -12.44
N GLY A 28 3.16 -3.58 -13.50
CA GLY A 28 2.77 -4.31 -14.69
C GLY A 28 1.31 -4.79 -14.58
N LEU A 29 0.82 -4.81 -13.35
CA LEU A 29 -0.55 -5.25 -13.11
C LEU A 29 -1.47 -4.03 -13.10
N GLU A 30 -0.96 -2.94 -13.65
CA GLU A 30 -1.73 -1.70 -13.71
C GLU A 30 -2.95 -1.89 -14.60
N HIS A 31 -2.81 -2.78 -15.58
CA HIS A 31 -3.90 -3.05 -16.51
C HIS A 31 -4.30 -4.52 -16.39
N SER A 32 -3.79 -5.16 -15.35
CA SER A 32 -4.09 -6.57 -15.11
C SER A 32 -4.77 -6.73 -13.76
N ALA A 33 -4.06 -6.32 -12.72
CA ALA A 33 -4.58 -6.41 -11.36
C ALA A 33 -5.00 -5.02 -10.88
N HIS A 34 -5.56 -5.00 -9.68
CA HIS A 34 -6.01 -3.75 -9.09
C HIS A 34 -5.64 -3.71 -7.61
N VAL A 35 -5.64 -2.51 -7.06
CA VAL A 35 -5.30 -2.32 -5.66
C VAL A 35 -6.19 -3.25 -4.81
N LEU A 36 -5.55 -3.93 -3.87
CA LEU A 36 -6.27 -4.84 -3.00
C LEU A 36 -7.09 -4.03 -1.98
N GLU A 37 -8.38 -4.29 -1.98
CA GLU A 37 -9.28 -3.60 -1.08
C GLU A 37 -9.80 -4.56 0.00
N LYS A 38 -10.00 -4.01 1.18
CA LYS A 38 -10.49 -4.81 2.30
C LYS A 38 -11.15 -3.89 3.33
N GLY A 39 -12.13 -4.43 4.03
CA GLY A 39 -12.85 -3.68 5.03
C GLY A 39 -13.08 -2.23 4.58
N GLY A 40 -13.66 -2.12 3.39
CA GLY A 40 -13.95 -0.81 2.83
C GLY A 40 -12.72 0.10 2.89
N LYS A 41 -11.56 -0.50 2.65
CA LYS A 41 -10.32 0.24 2.68
C LYS A 41 -9.49 -0.12 1.45
N VAL A 42 -8.43 0.66 1.24
CA VAL A 42 -7.55 0.43 0.10
C VAL A 42 -6.14 0.16 0.60
N PHE A 43 -5.49 -0.81 -0.04
CA PHE A 43 -4.14 -1.18 0.33
C PHE A 43 -3.11 -0.31 -0.39
N SER A 44 -3.35 0.99 -0.35
CA SER A 44 -2.46 1.94 -1.00
C SER A 44 -2.10 3.07 -0.02
N ALA A 45 -0.94 2.92 0.60
CA ALA A 45 -0.47 3.92 1.54
C ALA A 45 0.86 4.50 1.05
N THR A 46 1.00 5.80 1.26
CA THR A 46 2.22 6.49 0.85
C THR A 46 3.01 6.96 2.07
N LEU A 47 4.06 6.22 2.38
CA LEU A 47 4.91 6.54 3.52
C LEU A 47 6.00 7.52 3.07
N GLY A 48 6.40 8.37 3.99
CA GLY A 48 7.44 9.36 3.71
C GLY A 48 8.39 9.49 4.89
N LEU A 49 9.68 9.47 4.58
CA LEU A 49 10.71 9.59 5.60
C LEU A 49 11.78 10.56 5.11
N VAL A 50 12.21 11.43 6.01
CA VAL A 50 13.23 12.41 5.68
C VAL A 50 14.08 12.68 6.93
N ASP A 51 15.38 12.78 6.71
CA ASP A 51 16.31 13.03 7.80
C ASP A 51 16.52 14.55 7.94
N ILE A 52 16.61 14.98 9.18
CA ILE A 52 16.83 16.39 9.46
C ILE A 52 18.32 16.66 9.63
N VAL A 53 19.02 15.67 10.17
CA VAL A 53 20.44 15.80 10.39
C VAL A 53 21.18 15.46 9.09
N LYS A 54 21.00 14.23 8.64
CA LYS A 54 21.64 13.78 7.41
C LYS A 54 21.11 14.60 6.24
N GLY A 55 20.02 15.31 6.49
CA GLY A 55 19.40 16.13 5.46
C GLY A 55 19.07 15.31 4.22
N THR A 56 18.69 14.07 4.46
CA THR A 56 18.34 13.16 3.37
C THR A 56 16.85 12.83 3.42
N ASN A 57 16.18 13.15 2.32
CA ASN A 57 14.75 12.89 2.22
C ASN A 57 14.53 11.52 1.59
N SER A 58 13.41 10.91 1.94
CA SER A 58 13.08 9.59 1.42
C SER A 58 11.55 9.42 1.37
N TYR A 59 11.12 8.45 0.58
CA TYR A 59 9.70 8.17 0.44
C TYR A 59 9.46 6.70 0.11
N TYR A 60 8.56 6.10 0.88
CA TYR A 60 8.23 4.70 0.67
C TYR A 60 6.75 4.53 0.32
N LYS A 61 6.51 3.91 -0.83
CA LYS A 61 5.15 3.69 -1.30
C LYS A 61 4.84 2.19 -1.21
N LEU A 62 3.65 1.90 -0.71
CA LEU A 62 3.22 0.52 -0.57
C LEU A 62 1.88 0.33 -1.30
N GLN A 63 1.76 -0.81 -1.96
CA GLN A 63 0.55 -1.13 -2.69
C GLN A 63 0.41 -2.64 -2.86
N LEU A 64 -0.74 -3.15 -2.42
CA LEU A 64 -1.02 -4.57 -2.51
C LEU A 64 -1.98 -4.82 -3.67
N LEU A 65 -1.42 -5.26 -4.79
CA LEU A 65 -2.21 -5.55 -5.97
C LEU A 65 -2.89 -6.90 -5.81
N GLU A 66 -4.06 -7.01 -6.40
CA GLU A 66 -4.83 -8.25 -6.33
C GLU A 66 -5.36 -8.62 -7.72
N ASP A 67 -5.15 -9.88 -8.07
CA ASP A 67 -5.61 -10.38 -9.36
C ASP A 67 -7.13 -10.22 -9.46
N ASP A 68 -7.59 -9.86 -10.64
CA ASP A 68 -9.00 -9.68 -10.88
C ASP A 68 -9.55 -10.86 -11.69
N LYS A 69 -8.99 -12.03 -11.41
CA LYS A 69 -9.39 -13.24 -12.10
C LYS A 69 -9.22 -14.44 -11.16
N GLU A 70 -7.98 -14.67 -10.76
CA GLU A 70 -7.67 -15.77 -9.87
C GLU A 70 -7.10 -15.24 -8.55
N ASN A 71 -6.47 -16.15 -7.81
CA ASN A 71 -5.87 -15.79 -6.54
C ASN A 71 -4.39 -15.46 -6.75
N ARG A 72 -4.15 -14.24 -7.21
CA ARG A 72 -2.78 -13.79 -7.46
C ARG A 72 -2.61 -12.35 -6.96
N TYR A 73 -1.55 -12.15 -6.20
CA TYR A 73 -1.24 -10.83 -5.66
C TYR A 73 0.23 -10.49 -5.83
N TRP A 74 0.55 -9.22 -5.65
CA TRP A 74 1.92 -8.75 -5.78
C TRP A 74 2.16 -7.71 -4.69
N ILE A 75 3.39 -7.71 -4.19
CA ILE A 75 3.77 -6.77 -3.14
C ILE A 75 4.73 -5.73 -3.72
N PHE A 76 4.16 -4.58 -4.06
CA PHE A 76 4.95 -3.49 -4.63
C PHE A 76 5.46 -2.57 -3.53
N ARG A 77 6.78 -2.46 -3.45
CA ARG A 77 7.41 -1.62 -2.46
C ARG A 77 8.40 -0.66 -3.12
N SER A 78 8.08 0.62 -3.05
CA SER A 78 8.93 1.65 -3.64
C SER A 78 9.70 2.38 -2.55
N TRP A 79 10.92 2.78 -2.89
CA TRP A 79 11.77 3.49 -1.95
C TRP A 79 12.77 4.34 -2.76
N GLY A 80 13.45 5.21 -2.04
CA GLY A 80 14.43 6.08 -2.67
C GLY A 80 14.29 7.52 -2.18
N ARG A 81 15.37 8.28 -2.32
CA ARG A 81 15.38 9.66 -1.89
C ARG A 81 14.38 10.48 -2.71
N VAL A 82 13.96 11.59 -2.13
CA VAL A 82 13.02 12.47 -2.81
C VAL A 82 13.70 13.15 -3.98
N GLY A 83 14.66 14.02 -3.65
CA GLY A 83 15.40 14.74 -4.67
C GLY A 83 16.89 14.40 -4.60
N THR A 84 17.25 13.32 -5.27
CA THR A 84 18.64 12.89 -5.30
C THR A 84 18.92 12.08 -6.57
N VAL A 85 18.44 10.85 -6.57
CA VAL A 85 18.64 9.98 -7.72
C VAL A 85 17.99 8.61 -7.43
N ILE A 86 18.35 8.06 -6.28
CA ILE A 86 17.82 6.77 -5.88
C ILE A 86 16.34 6.69 -6.24
N GLY A 87 15.88 5.47 -6.48
CA GLY A 87 14.49 5.25 -6.84
C GLY A 87 14.30 3.86 -7.46
N SER A 88 13.84 2.94 -6.62
CA SER A 88 13.62 1.58 -7.07
C SER A 88 12.35 1.01 -6.40
N ASN A 89 11.96 -0.16 -6.86
CA ASN A 89 10.79 -0.82 -6.31
C ASN A 89 11.06 -2.33 -6.19
N LYS A 90 10.06 -3.03 -5.69
CA LYS A 90 10.18 -4.47 -5.51
C LYS A 90 8.84 -5.14 -5.84
N LEU A 91 8.90 -6.11 -6.74
CA LEU A 91 7.70 -6.83 -7.15
C LEU A 91 7.84 -8.30 -6.78
N GLU A 92 7.00 -8.73 -5.86
CA GLU A 92 7.02 -10.12 -5.40
C GLU A 92 5.60 -10.69 -5.41
N GLN A 93 5.41 -11.71 -6.23
CA GLN A 93 4.12 -12.36 -6.34
C GLN A 93 3.85 -13.21 -5.09
N MET A 94 2.73 -12.89 -4.44
CA MET A 94 2.34 -13.61 -3.24
C MET A 94 1.60 -14.90 -3.59
N PRO A 95 1.75 -15.91 -2.68
CA PRO A 95 1.10 -17.19 -2.88
C PRO A 95 -0.39 -17.10 -2.59
N SER A 96 -0.71 -16.68 -1.37
CA SER A 96 -2.09 -16.54 -0.96
C SER A 96 -2.42 -15.07 -0.68
N LYS A 97 -3.69 -14.75 -0.79
CA LYS A 97 -4.15 -13.38 -0.55
C LYS A 97 -3.63 -12.91 0.81
N GLU A 98 -3.81 -13.77 1.81
CA GLU A 98 -3.37 -13.45 3.15
C GLU A 98 -1.86 -13.20 3.17
N ASP A 99 -1.12 -14.16 2.66
CA ASP A 99 0.33 -14.05 2.61
C ASP A 99 0.71 -12.70 2.00
N ALA A 100 -0.21 -12.16 1.23
CA ALA A 100 0.01 -10.88 0.58
C ALA A 100 -0.31 -9.75 1.56
N ILE A 101 -1.43 -9.91 2.25
CA ILE A 101 -1.86 -8.91 3.22
C ILE A 101 -0.80 -8.78 4.31
N GLU A 102 -0.42 -9.92 4.87
CA GLU A 102 0.58 -9.95 5.92
C GLU A 102 1.79 -9.10 5.52
N HIS A 103 2.25 -9.32 4.29
CA HIS A 103 3.40 -8.59 3.78
C HIS A 103 3.09 -7.09 3.78
N PHE A 104 2.01 -6.73 3.10
CA PHE A 104 1.60 -5.34 3.01
C PHE A 104 1.29 -4.77 4.40
N MET A 105 0.95 -5.68 5.32
CA MET A 105 0.64 -5.29 6.68
C MET A 105 1.91 -5.13 7.51
N LYS A 106 2.83 -6.07 7.31
CA LYS A 106 4.09 -6.05 8.04
C LYS A 106 5.01 -4.99 7.43
N LEU A 107 5.10 -5.02 6.11
CA LEU A 107 5.94 -4.08 5.40
C LEU A 107 5.66 -2.66 5.91
N TYR A 108 4.41 -2.25 5.76
CA TYR A 108 4.00 -0.93 6.21
C TYR A 108 4.22 -0.76 7.71
N GLU A 109 4.49 -1.89 8.36
CA GLU A 109 4.73 -1.88 9.80
C GLU A 109 6.23 -1.84 10.09
N GLU A 110 7.00 -2.27 9.09
CA GLU A 110 8.45 -2.29 9.23
C GLU A 110 9.02 -0.88 9.07
N LYS A 111 8.34 -0.09 8.26
CA LYS A 111 8.77 1.29 8.02
C LYS A 111 8.30 2.17 9.18
N THR A 112 6.98 2.26 9.30
CA THR A 112 6.38 3.07 10.35
C THR A 112 6.73 2.50 11.73
N GLY A 113 6.91 1.19 11.76
CA GLY A 113 7.25 0.51 13.00
C GLY A 113 5.99 0.10 13.76
N ASN A 114 4.86 0.64 13.31
CA ASN A 114 3.59 0.34 13.94
C ASN A 114 2.73 -0.49 12.97
N ALA A 115 1.84 -1.29 13.55
CA ALA A 115 0.97 -2.14 12.76
C ALA A 115 0.13 -1.26 11.83
N TRP A 116 -0.26 -1.85 10.71
CA TRP A 116 -1.06 -1.15 9.73
C TRP A 116 -2.40 -0.78 10.38
N HIS A 117 -3.02 -1.79 10.97
CA HIS A 117 -4.31 -1.59 11.63
C HIS A 117 -4.08 -1.36 13.12
N SER A 118 -3.46 -0.24 13.44
CA SER A 118 -3.18 0.11 14.82
C SER A 118 -3.61 1.55 15.09
N LYS A 119 -4.74 1.68 15.77
CA LYS A 119 -5.26 2.99 16.09
C LYS A 119 -4.14 3.85 16.69
N ASN A 120 -4.45 5.13 16.87
CA ASN A 120 -3.48 6.06 17.42
C ASN A 120 -2.10 5.78 16.83
N PHE A 121 -1.83 6.44 15.72
CA PHE A 121 -0.55 6.27 15.02
C PHE A 121 0.55 7.06 15.73
N THR A 122 1.56 6.32 16.19
CA THR A 122 2.68 6.94 16.87
C THR A 122 3.74 7.41 15.86
N LYS A 123 3.73 8.71 15.63
CA LYS A 123 4.69 9.30 14.69
C LYS A 123 6.10 9.17 15.25
N TYR A 124 6.91 8.40 14.53
CA TYR A 124 8.29 8.18 14.95
C TYR A 124 9.26 8.88 13.99
N PRO A 125 10.56 8.87 14.40
CA PRO A 125 11.59 9.50 13.59
C PRO A 125 11.93 8.65 12.38
N LYS A 126 13.09 7.99 12.46
CA LYS A 126 13.54 7.14 11.38
C LYS A 126 12.33 6.43 10.76
N LYS A 127 11.35 6.14 11.59
CA LYS A 127 10.14 5.47 11.15
C LYS A 127 9.50 6.29 10.01
N PHE A 128 8.64 5.62 9.27
CA PHE A 128 7.96 6.27 8.16
C PHE A 128 6.52 6.63 8.54
N TYR A 129 6.01 7.65 7.88
CA TYR A 129 4.65 8.10 8.14
C TYR A 129 3.91 8.40 6.83
N PRO A 130 2.56 8.50 6.94
CA PRO A 130 1.73 8.78 5.78
C PRO A 130 1.84 10.25 5.36
N LEU A 131 2.35 10.45 4.15
CA LEU A 131 2.51 11.79 3.63
C LEU A 131 1.15 12.46 3.52
N GLU A 132 0.18 11.70 3.01
CA GLU A 132 -1.17 12.20 2.86
C GLU A 132 -2.07 11.67 3.96
N ILE A 133 -2.41 12.55 4.89
CA ILE A 133 -3.27 12.18 6.01
C ILE A 133 -4.70 12.63 5.72
N SER A 134 -5.63 11.72 5.97
CA SER A 134 -7.05 12.01 5.74
C SER A 134 -7.91 10.97 6.45
N GLY A 135 -8.67 11.45 7.42
CA GLY A 135 -9.55 10.57 8.19
C GLY A 135 -9.27 10.68 9.68
N PRO A 136 -10.32 10.43 10.49
CA PRO A 136 -10.20 10.49 11.94
C PRO A 136 -9.46 9.26 12.47
N SER A 137 -9.40 9.17 13.79
CA SER A 137 -8.73 8.06 14.44
C SER A 137 -9.62 7.50 15.56
N SER A 138 -9.85 8.32 16.57
CA SER A 138 -10.67 7.91 17.69
C SER A 138 -12.00 7.34 17.19
N GLY A 139 -12.22 6.08 17.51
CA GLY A 139 -13.44 5.41 17.09
C GLY A 139 -13.71 4.19 17.98
N GLY A 1 5.73 -46.54 -10.95
CA GLY A 1 4.78 -46.47 -12.05
C GLY A 1 3.44 -45.91 -11.59
N SER A 2 2.97 -44.91 -12.33
CA SER A 2 1.70 -44.27 -12.01
C SER A 2 1.45 -43.11 -12.98
N SER A 3 0.24 -42.56 -12.88
CA SER A 3 -0.14 -41.46 -13.74
C SER A 3 -1.55 -40.97 -13.37
N GLY A 4 -1.84 -39.74 -13.74
CA GLY A 4 -3.13 -39.15 -13.45
C GLY A 4 -3.34 -37.87 -14.27
N SER A 5 -4.55 -37.34 -14.16
CA SER A 5 -4.89 -36.13 -14.89
C SER A 5 -6.11 -35.45 -14.23
N SER A 6 -5.90 -34.23 -13.78
CA SER A 6 -6.97 -33.48 -13.14
C SER A 6 -7.38 -32.30 -14.02
N GLY A 7 -8.43 -31.62 -13.59
CA GLY A 7 -8.93 -30.48 -14.33
C GLY A 7 -9.37 -30.88 -15.74
N LYS A 8 -10.21 -30.04 -16.33
CA LYS A 8 -10.71 -30.30 -17.67
C LYS A 8 -10.57 -29.02 -18.52
N SER A 9 -11.38 -28.03 -18.18
CA SER A 9 -11.36 -26.77 -18.88
C SER A 9 -12.48 -25.86 -18.36
N GLU A 10 -13.67 -26.43 -18.22
CA GLU A 10 -14.81 -25.69 -17.73
C GLU A 10 -14.41 -24.86 -16.50
N LYS A 11 -14.78 -23.59 -16.54
CA LYS A 11 -14.47 -22.68 -15.45
C LYS A 11 -14.98 -21.28 -15.80
N ARG A 12 -15.93 -20.82 -15.01
CA ARG A 12 -16.49 -19.49 -15.22
C ARG A 12 -16.92 -18.88 -13.88
N MET A 13 -16.12 -17.92 -13.44
CA MET A 13 -16.40 -17.24 -12.18
C MET A 13 -16.52 -15.72 -12.39
N LYS A 14 -17.75 -15.26 -12.33
CA LYS A 14 -18.03 -13.84 -12.52
C LYS A 14 -18.18 -13.18 -11.14
N LEU A 15 -18.07 -11.86 -11.15
CA LEU A 15 -18.20 -11.10 -9.92
C LEU A 15 -17.88 -9.62 -10.20
N THR A 16 -18.83 -8.77 -9.83
CA THR A 16 -18.66 -7.34 -10.03
C THR A 16 -17.76 -6.75 -8.95
N LEU A 17 -16.94 -5.80 -9.37
CA LEU A 17 -16.02 -5.14 -8.46
C LEU A 17 -16.27 -3.63 -8.48
N LYS A 18 -15.41 -2.91 -7.77
CA LYS A 18 -15.53 -1.46 -7.70
C LYS A 18 -14.14 -0.84 -7.82
N GLY A 19 -13.32 -1.12 -6.82
CA GLY A 19 -11.97 -0.59 -6.79
C GLY A 19 -11.85 0.58 -5.83
N GLY A 20 -10.82 1.39 -6.05
CA GLY A 20 -10.59 2.55 -5.21
C GLY A 20 -9.27 3.24 -5.58
N ALA A 21 -8.18 2.53 -5.35
CA ALA A 21 -6.86 3.05 -5.65
C ALA A 21 -6.37 2.45 -6.97
N ALA A 22 -5.35 3.09 -7.52
CA ALA A 22 -4.77 2.63 -8.78
C ALA A 22 -3.40 2.00 -8.52
N VAL A 23 -3.22 0.82 -9.07
CA VAL A 23 -1.96 0.10 -8.91
C VAL A 23 -0.83 0.92 -9.50
N ASP A 24 0.38 0.63 -9.03
CA ASP A 24 1.56 1.34 -9.51
C ASP A 24 1.96 0.79 -10.88
N PRO A 25 2.50 1.70 -11.73
CA PRO A 25 2.92 1.31 -13.07
C PRO A 25 4.24 0.54 -13.02
N ASP A 26 4.97 0.75 -11.94
CA ASP A 26 6.25 0.08 -11.75
C ASP A 26 6.01 -1.41 -11.53
N SER A 27 4.85 -1.72 -10.98
CA SER A 27 4.49 -3.10 -10.70
C SER A 27 4.08 -3.80 -12.00
N GLY A 28 3.66 -2.99 -12.96
CA GLY A 28 3.25 -3.52 -14.25
C GLY A 28 1.95 -4.31 -14.13
N LEU A 29 1.34 -4.21 -12.95
CA LEU A 29 0.08 -4.90 -12.70
C LEU A 29 -1.08 -3.93 -12.89
N GLU A 30 -0.73 -2.68 -13.15
CA GLU A 30 -1.73 -1.64 -13.35
C GLU A 30 -2.67 -2.04 -14.50
N HIS A 31 -2.22 -3.00 -15.29
CA HIS A 31 -3.00 -3.47 -16.42
C HIS A 31 -3.31 -4.97 -16.24
N SER A 32 -3.05 -5.45 -15.03
CA SER A 32 -3.29 -6.85 -14.72
C SER A 32 -4.04 -6.96 -13.40
N ALA A 33 -3.38 -6.55 -12.33
CA ALA A 33 -3.98 -6.60 -11.01
C ALA A 33 -4.42 -5.19 -10.59
N HIS A 34 -5.21 -5.15 -9.54
CA HIS A 34 -5.71 -3.87 -9.03
C HIS A 34 -5.45 -3.79 -7.53
N VAL A 35 -5.46 -2.56 -7.03
CA VAL A 35 -5.24 -2.32 -5.61
C VAL A 35 -6.14 -3.24 -4.79
N LEU A 36 -5.52 -3.99 -3.89
CA LEU A 36 -6.25 -4.90 -3.05
C LEU A 36 -7.07 -4.11 -2.03
N GLU A 37 -8.37 -4.38 -2.02
CA GLU A 37 -9.27 -3.70 -1.10
C GLU A 37 -9.81 -4.69 -0.07
N LYS A 38 -9.79 -4.24 1.18
CA LYS A 38 -10.29 -5.07 2.28
C LYS A 38 -10.97 -4.19 3.32
N GLY A 39 -11.90 -4.78 4.03
CA GLY A 39 -12.64 -4.06 5.06
C GLY A 39 -12.92 -2.62 4.62
N GLY A 40 -13.62 -2.51 3.50
CA GLY A 40 -13.96 -1.21 2.95
C GLY A 40 -12.77 -0.25 3.03
N LYS A 41 -11.60 -0.80 2.74
CA LYS A 41 -10.38 0.00 2.78
C LYS A 41 -9.55 -0.30 1.53
N VAL A 42 -8.51 0.50 1.34
CA VAL A 42 -7.63 0.34 0.19
C VAL A 42 -6.19 0.17 0.68
N PHE A 43 -5.50 -0.77 0.05
CA PHE A 43 -4.12 -1.05 0.41
C PHE A 43 -3.16 -0.14 -0.38
N SER A 44 -3.40 1.15 -0.25
CA SER A 44 -2.57 2.13 -0.93
C SER A 44 -2.15 3.23 0.04
N ALA A 45 -0.95 3.09 0.57
CA ALA A 45 -0.42 4.06 1.51
C ALA A 45 0.86 4.68 0.93
N THR A 46 1.08 5.94 1.29
CA THR A 46 2.25 6.66 0.81
C THR A 46 3.01 7.27 2.00
N LEU A 47 4.05 6.56 2.42
CA LEU A 47 4.86 7.02 3.52
C LEU A 47 5.95 7.97 3.01
N GLY A 48 6.53 8.72 3.93
CA GLY A 48 7.57 9.67 3.58
C GLY A 48 8.47 9.97 4.77
N LEU A 49 9.74 9.65 4.61
CA LEU A 49 10.71 9.88 5.67
C LEU A 49 11.85 10.76 5.14
N VAL A 50 12.27 11.70 5.97
CA VAL A 50 13.34 12.60 5.60
C VAL A 50 14.17 12.94 6.84
N ASP A 51 15.47 12.96 6.66
CA ASP A 51 16.38 13.27 7.75
C ASP A 51 16.71 14.76 7.72
N ILE A 52 16.82 15.33 8.92
CA ILE A 52 17.13 16.74 9.05
C ILE A 52 18.64 16.92 9.23
N VAL A 53 19.24 15.99 9.94
CA VAL A 53 20.67 16.03 10.19
C VAL A 53 21.41 15.54 8.95
N LYS A 54 21.04 14.33 8.51
CA LYS A 54 21.65 13.74 7.33
C LYS A 54 21.26 14.54 6.09
N GLY A 55 20.23 15.35 6.25
CA GLY A 55 19.74 16.18 5.15
C GLY A 55 19.35 15.32 3.95
N THR A 56 18.87 14.11 4.26
CA THR A 56 18.47 13.19 3.21
C THR A 56 16.96 12.93 3.28
N ASN A 57 16.33 12.96 2.12
CA ASN A 57 14.90 12.73 2.04
C ASN A 57 14.64 11.32 1.49
N SER A 58 13.54 10.74 1.94
CA SER A 58 13.17 9.41 1.51
C SER A 58 11.65 9.28 1.45
N TYR A 59 11.19 8.33 0.65
CA TYR A 59 9.76 8.09 0.50
C TYR A 59 9.49 6.63 0.14
N TYR A 60 8.70 5.98 0.99
CA TYR A 60 8.35 4.60 0.78
C TYR A 60 6.87 4.45 0.42
N LYS A 61 6.62 3.79 -0.71
CA LYS A 61 5.26 3.58 -1.17
C LYS A 61 4.91 2.10 -1.04
N LEU A 62 3.66 1.86 -0.68
CA LEU A 62 3.18 0.50 -0.52
C LEU A 62 1.81 0.35 -1.19
N GLN A 63 1.70 -0.67 -2.02
CA GLN A 63 0.46 -0.94 -2.73
C GLN A 63 0.33 -2.43 -3.05
N LEU A 64 -0.80 -2.99 -2.65
CA LEU A 64 -1.06 -4.40 -2.88
C LEU A 64 -1.99 -4.55 -4.08
N LEU A 65 -1.59 -5.41 -5.00
CA LEU A 65 -2.39 -5.65 -6.20
C LEU A 65 -2.84 -7.11 -6.21
N GLU A 66 -4.10 -7.28 -6.59
CA GLU A 66 -4.68 -8.62 -6.64
C GLU A 66 -5.16 -8.93 -8.06
N ASP A 67 -5.27 -10.22 -8.35
CA ASP A 67 -5.71 -10.66 -9.67
C ASP A 67 -7.10 -10.10 -9.94
N ASP A 68 -7.28 -9.62 -11.16
CA ASP A 68 -8.55 -9.05 -11.56
C ASP A 68 -9.68 -9.90 -10.98
N LYS A 69 -9.40 -11.19 -10.82
CA LYS A 69 -10.38 -12.10 -10.27
C LYS A 69 -10.18 -12.21 -8.75
N GLU A 70 -9.38 -13.19 -8.36
CA GLU A 70 -9.11 -13.40 -6.95
C GLU A 70 -8.34 -14.72 -6.75
N ASN A 71 -7.10 -14.58 -6.33
CA ASN A 71 -6.25 -15.74 -6.09
C ASN A 71 -4.78 -15.33 -6.19
N ARG A 72 -4.49 -14.51 -7.19
CA ARG A 72 -3.13 -14.03 -7.40
C ARG A 72 -2.98 -12.60 -6.85
N TYR A 73 -1.86 -12.38 -6.19
CA TYR A 73 -1.57 -11.08 -5.62
C TYR A 73 -0.07 -10.75 -5.69
N TRP A 74 0.23 -9.46 -5.59
CA TRP A 74 1.60 -9.01 -5.66
C TRP A 74 1.83 -8.04 -4.50
N ILE A 75 3.10 -7.79 -4.22
CA ILE A 75 3.46 -6.87 -3.14
C ILE A 75 4.49 -5.87 -3.66
N PHE A 76 4.00 -4.68 -3.99
CA PHE A 76 4.87 -3.63 -4.50
C PHE A 76 5.37 -2.74 -3.36
N ARG A 77 6.66 -2.43 -3.41
CA ARG A 77 7.27 -1.60 -2.39
C ARG A 77 8.32 -0.68 -3.02
N SER A 78 8.03 0.62 -2.96
CA SER A 78 8.94 1.61 -3.52
C SER A 78 9.69 2.32 -2.40
N TRP A 79 10.86 2.84 -2.75
CA TRP A 79 11.69 3.54 -1.78
C TRP A 79 12.83 4.22 -2.54
N GLY A 80 12.94 5.53 -2.33
CA GLY A 80 13.98 6.31 -2.99
C GLY A 80 14.02 7.74 -2.44
N ARG A 81 15.08 8.44 -2.79
CA ARG A 81 15.25 9.81 -2.36
C ARG A 81 14.24 10.72 -3.05
N VAL A 82 13.96 11.85 -2.41
CA VAL A 82 13.03 12.81 -2.95
C VAL A 82 13.75 13.73 -3.94
N GLY A 83 12.99 14.28 -4.86
CA GLY A 83 13.54 15.17 -5.86
C GLY A 83 14.79 14.57 -6.50
N THR A 84 14.64 13.34 -6.97
CA THR A 84 15.74 12.64 -7.61
C THR A 84 15.22 11.68 -8.68
N VAL A 85 16.15 11.09 -9.40
CA VAL A 85 15.80 10.15 -10.45
C VAL A 85 15.90 8.72 -9.91
N ILE A 86 16.68 8.58 -8.84
CA ILE A 86 16.87 7.28 -8.21
C ILE A 86 15.52 6.76 -7.72
N GLY A 87 15.17 5.57 -8.20
CA GLY A 87 13.91 4.96 -7.81
C GLY A 87 14.07 3.44 -7.63
N SER A 88 14.08 3.02 -6.38
CA SER A 88 14.22 1.62 -6.06
C SER A 88 12.87 1.02 -5.69
N ASN A 89 12.46 0.03 -6.47
CA ASN A 89 11.18 -0.63 -6.24
C ASN A 89 11.41 -2.14 -6.18
N LYS A 90 10.44 -2.83 -5.58
CA LYS A 90 10.52 -4.27 -5.47
C LYS A 90 9.12 -4.87 -5.68
N LEU A 91 9.10 -5.98 -6.39
CA LEU A 91 7.85 -6.67 -6.68
C LEU A 91 8.00 -8.16 -6.37
N GLU A 92 6.98 -8.70 -5.72
CA GLU A 92 6.98 -10.11 -5.35
C GLU A 92 5.58 -10.68 -5.45
N GLN A 93 5.45 -11.74 -6.24
CA GLN A 93 4.16 -12.39 -6.43
C GLN A 93 3.80 -13.21 -5.19
N MET A 94 2.67 -12.86 -4.60
CA MET A 94 2.19 -13.55 -3.41
C MET A 94 1.40 -14.80 -3.78
N PRO A 95 1.49 -15.82 -2.88
CA PRO A 95 0.78 -17.08 -3.10
C PRO A 95 -0.71 -16.92 -2.84
N SER A 96 -1.02 -16.51 -1.62
CA SER A 96 -2.41 -16.32 -1.23
C SER A 96 -2.68 -14.84 -0.96
N LYS A 97 -3.96 -14.49 -0.95
CA LYS A 97 -4.36 -13.11 -0.70
C LYS A 97 -3.81 -12.66 0.64
N GLU A 98 -3.96 -13.52 1.64
CA GLU A 98 -3.49 -13.22 2.98
C GLU A 98 -1.97 -13.06 2.98
N ASP A 99 -1.30 -14.09 2.48
CA ASP A 99 0.15 -14.07 2.42
C ASP A 99 0.62 -12.72 1.88
N ALA A 100 -0.25 -12.11 1.08
CA ALA A 100 0.07 -10.82 0.49
C ALA A 100 -0.21 -9.71 1.50
N ILE A 101 -1.41 -9.76 2.06
CA ILE A 101 -1.80 -8.76 3.04
C ILE A 101 -0.81 -8.79 4.22
N GLU A 102 -0.63 -9.97 4.76
CA GLU A 102 0.29 -10.15 5.88
C GLU A 102 1.58 -9.36 5.63
N HIS A 103 2.21 -9.65 4.51
CA HIS A 103 3.44 -8.98 4.14
C HIS A 103 3.21 -7.47 4.06
N PHE A 104 2.12 -7.11 3.40
CA PHE A 104 1.77 -5.72 3.24
C PHE A 104 1.51 -5.05 4.60
N MET A 105 0.99 -5.85 5.52
CA MET A 105 0.70 -5.36 6.86
C MET A 105 1.97 -5.24 7.69
N LYS A 106 2.86 -6.21 7.49
CA LYS A 106 4.12 -6.24 8.22
C LYS A 106 5.09 -5.22 7.60
N LEU A 107 5.09 -5.20 6.27
CA LEU A 107 5.95 -4.29 5.54
C LEU A 107 5.71 -2.87 6.04
N TYR A 108 4.46 -2.43 5.94
CA TYR A 108 4.09 -1.10 6.38
C TYR A 108 4.29 -0.94 7.89
N GLU A 109 4.56 -2.06 8.53
CA GLU A 109 4.76 -2.07 9.97
C GLU A 109 6.25 -1.93 10.30
N GLU A 110 7.07 -2.24 9.30
CA GLU A 110 8.51 -2.16 9.47
C GLU A 110 9.00 -0.75 9.12
N LYS A 111 8.45 -0.22 8.04
CA LYS A 111 8.83 1.11 7.60
C LYS A 111 8.45 2.14 8.68
N THR A 112 7.20 2.05 9.11
CA THR A 112 6.70 2.95 10.13
C THR A 112 7.07 2.44 11.53
N GLY A 113 6.89 1.13 11.71
CA GLY A 113 7.20 0.51 12.98
C GLY A 113 5.92 0.11 13.72
N ASN A 114 4.84 0.80 13.38
CA ASN A 114 3.56 0.53 14.00
C ASN A 114 2.69 -0.29 13.04
N ALA A 115 1.74 -1.01 13.62
CA ALA A 115 0.84 -1.84 12.83
C ALA A 115 0.09 -0.96 11.83
N TRP A 116 -0.35 -1.58 10.75
CA TRP A 116 -1.09 -0.87 9.72
C TRP A 116 -2.53 -0.71 10.20
N HIS A 117 -3.19 -1.84 10.42
CA HIS A 117 -4.56 -1.83 10.88
C HIS A 117 -4.72 -0.80 12.00
N SER A 118 -3.84 -0.92 12.99
CA SER A 118 -3.87 0.00 14.12
C SER A 118 -4.18 1.42 13.65
N LYS A 119 -5.38 1.87 13.98
CA LYS A 119 -5.81 3.21 13.60
C LYS A 119 -4.84 4.23 14.17
N ASN A 120 -5.04 4.56 15.45
CA ASN A 120 -4.19 5.52 16.12
C ASN A 120 -2.74 5.26 15.74
N PHE A 121 -2.26 6.04 14.78
CA PHE A 121 -0.89 5.91 14.31
C PHE A 121 0.02 6.95 14.96
N THR A 122 0.98 6.47 15.73
CA THR A 122 1.91 7.35 16.41
C THR A 122 3.10 7.67 15.50
N LYS A 123 3.32 8.96 15.31
CA LYS A 123 4.42 9.40 14.45
C LYS A 123 5.75 9.08 15.15
N TYR A 124 6.50 8.18 14.52
CA TYR A 124 7.79 7.79 15.06
C TYR A 124 8.90 8.69 14.55
N PRO A 125 10.13 8.46 15.09
CA PRO A 125 11.28 9.24 14.70
C PRO A 125 11.78 8.84 13.31
N LYS A 126 12.75 7.94 13.29
CA LYS A 126 13.32 7.46 12.05
C LYS A 126 12.39 6.40 11.45
N LYS A 127 11.13 6.79 11.27
CA LYS A 127 10.15 5.88 10.71
C LYS A 127 9.48 6.55 9.49
N PHE A 128 8.78 5.73 8.73
CA PHE A 128 8.09 6.22 7.54
C PHE A 128 6.60 6.42 7.82
N TYR A 129 6.23 7.67 8.07
CA TYR A 129 4.85 8.00 8.34
C TYR A 129 4.08 8.28 7.04
N PRO A 130 2.72 8.28 7.16
CA PRO A 130 1.87 8.54 6.01
C PRO A 130 1.88 10.02 5.63
N LEU A 131 2.12 10.27 4.36
CA LEU A 131 2.15 11.64 3.86
C LEU A 131 0.72 12.12 3.61
N GLU A 132 -0.03 11.28 2.92
CA GLU A 132 -1.42 11.60 2.60
C GLU A 132 -2.27 11.56 3.87
N ILE A 133 -2.57 12.75 4.38
CA ILE A 133 -3.38 12.87 5.58
C ILE A 133 -4.65 13.65 5.26
N SER A 134 -5.74 13.23 5.89
CA SER A 134 -7.02 13.89 5.69
C SER A 134 -7.98 13.51 6.81
N GLY A 135 -8.84 14.46 7.16
CA GLY A 135 -9.81 14.25 8.22
C GLY A 135 -9.18 14.44 9.59
N PRO A 136 -10.05 14.42 10.64
CA PRO A 136 -9.59 14.59 12.00
C PRO A 136 -8.90 13.32 12.52
N SER A 137 -8.54 13.35 13.79
CA SER A 137 -7.88 12.22 14.41
C SER A 137 -7.18 12.65 15.69
N SER A 138 -6.14 13.45 15.51
CA SER A 138 -5.37 13.95 16.65
C SER A 138 -6.32 14.34 17.79
N GLY A 139 -5.84 14.12 19.00
CA GLY A 139 -6.63 14.44 20.18
C GLY A 139 -5.74 14.54 21.42
N GLY A 1 -2.16 -16.45 12.52
CA GLY A 1 -2.85 -17.69 12.84
C GLY A 1 -4.30 -17.42 13.24
N SER A 2 -4.68 -17.95 14.40
CA SER A 2 -6.03 -17.77 14.90
C SER A 2 -7.03 -18.47 13.97
N SER A 3 -7.23 -19.75 14.25
CA SER A 3 -8.16 -20.55 13.45
C SER A 3 -8.16 -22.00 13.94
N GLY A 4 -9.22 -22.70 13.59
CA GLY A 4 -9.35 -24.10 13.98
C GLY A 4 -10.73 -24.37 14.58
N SER A 5 -11.71 -24.50 13.70
CA SER A 5 -13.08 -24.76 14.12
C SER A 5 -13.94 -25.13 12.91
N SER A 6 -13.79 -26.38 12.47
CA SER A 6 -14.55 -26.86 11.33
C SER A 6 -14.35 -25.93 10.14
N GLY A 7 -14.86 -26.37 9.00
CA GLY A 7 -14.74 -25.59 7.77
C GLY A 7 -15.27 -24.16 7.98
N LYS A 8 -15.22 -23.39 6.91
CA LYS A 8 -15.68 -22.01 6.96
C LYS A 8 -15.69 -21.43 5.54
N SER A 9 -16.88 -21.05 5.10
CA SER A 9 -17.04 -20.48 3.77
C SER A 9 -18.47 -19.98 3.58
N GLU A 10 -19.41 -20.90 3.77
CA GLU A 10 -20.82 -20.57 3.62
C GLU A 10 -21.06 -19.84 2.29
N LYS A 11 -21.17 -20.63 1.24
CA LYS A 11 -21.40 -20.08 -0.09
C LYS A 11 -20.17 -19.27 -0.52
N ARG A 12 -20.06 -18.08 0.05
CA ARG A 12 -18.95 -17.20 -0.26
C ARG A 12 -19.06 -16.68 -1.70
N MET A 13 -19.43 -15.42 -1.81
CA MET A 13 -19.58 -14.80 -3.11
C MET A 13 -18.65 -13.60 -3.27
N LYS A 14 -18.33 -13.29 -4.51
CA LYS A 14 -17.45 -12.17 -4.80
C LYS A 14 -17.56 -11.81 -6.29
N LEU A 15 -17.88 -10.55 -6.53
CA LEU A 15 -18.03 -10.06 -7.89
C LEU A 15 -18.19 -8.54 -7.87
N THR A 16 -18.51 -8.00 -9.03
CA THR A 16 -18.70 -6.57 -9.17
C THR A 16 -17.85 -5.83 -8.13
N LEU A 17 -16.54 -5.90 -8.32
CA LEU A 17 -15.61 -5.24 -7.41
C LEU A 17 -16.00 -3.76 -7.28
N LYS A 18 -15.33 -3.09 -6.36
CA LYS A 18 -15.59 -1.68 -6.12
C LYS A 18 -14.35 -0.87 -6.53
N GLY A 19 -13.21 -1.25 -5.97
CA GLY A 19 -11.97 -0.57 -6.27
C GLY A 19 -11.80 0.66 -5.39
N GLY A 20 -10.78 1.45 -5.72
CA GLY A 20 -10.50 2.67 -4.97
C GLY A 20 -9.19 3.30 -5.43
N ALA A 21 -8.11 2.54 -5.27
CA ALA A 21 -6.79 3.02 -5.67
C ALA A 21 -6.40 2.38 -7.00
N ALA A 22 -5.39 2.97 -7.62
CA ALA A 22 -4.91 2.47 -8.91
C ALA A 22 -3.53 1.85 -8.72
N VAL A 23 -3.39 0.63 -9.20
CA VAL A 23 -2.12 -0.08 -9.10
C VAL A 23 -1.02 0.75 -9.75
N ASP A 24 0.19 0.57 -9.26
CA ASP A 24 1.33 1.28 -9.79
C ASP A 24 1.77 0.64 -11.11
N PRO A 25 2.29 1.52 -12.02
CA PRO A 25 2.74 1.05 -13.32
C PRO A 25 4.08 0.32 -13.21
N ASP A 26 4.81 0.63 -12.15
CA ASP A 26 6.09 0.01 -11.92
C ASP A 26 5.90 -1.48 -11.63
N SER A 27 4.72 -1.79 -11.12
CA SER A 27 4.39 -3.18 -10.81
C SER A 27 3.95 -3.91 -12.07
N GLY A 28 3.49 -3.13 -13.04
CA GLY A 28 3.04 -3.70 -14.30
C GLY A 28 1.69 -4.40 -14.13
N LEU A 29 1.17 -4.32 -12.92
CA LEU A 29 -0.12 -4.94 -12.62
C LEU A 29 -1.21 -3.88 -12.67
N GLU A 30 -0.91 -2.80 -13.39
CA GLU A 30 -1.87 -1.71 -13.53
C GLU A 30 -2.91 -2.07 -14.59
N HIS A 31 -2.55 -3.01 -15.45
CA HIS A 31 -3.45 -3.44 -16.51
C HIS A 31 -3.75 -4.93 -16.35
N SER A 32 -3.38 -5.45 -15.19
CA SER A 32 -3.61 -6.86 -14.90
C SER A 32 -4.34 -7.01 -13.56
N ALA A 33 -3.67 -6.55 -12.50
CA ALA A 33 -4.25 -6.62 -11.18
C ALA A 33 -4.74 -5.23 -10.76
N HIS A 34 -5.34 -5.19 -9.57
CA HIS A 34 -5.85 -3.93 -9.05
C HIS A 34 -5.57 -3.85 -7.55
N VAL A 35 -5.55 -2.62 -7.06
CA VAL A 35 -5.30 -2.39 -5.64
C VAL A 35 -6.22 -3.28 -4.81
N LEU A 36 -5.60 -4.00 -3.89
CA LEU A 36 -6.34 -4.90 -3.01
C LEU A 36 -7.11 -4.07 -1.98
N GLU A 37 -8.40 -4.36 -1.89
CA GLU A 37 -9.26 -3.66 -0.94
C GLU A 37 -9.77 -4.62 0.12
N LYS A 38 -9.93 -4.08 1.33
CA LYS A 38 -10.42 -4.88 2.44
C LYS A 38 -11.04 -3.95 3.49
N GLY A 39 -12.00 -4.51 4.22
CA GLY A 39 -12.69 -3.75 5.25
C GLY A 39 -12.95 -2.31 4.79
N GLY A 40 -13.55 -2.19 3.61
CA GLY A 40 -13.85 -0.89 3.05
C GLY A 40 -12.63 0.03 3.09
N LYS A 41 -11.47 -0.57 2.80
CA LYS A 41 -10.23 0.18 2.80
C LYS A 41 -9.42 -0.18 1.55
N VAL A 42 -8.40 0.62 1.29
CA VAL A 42 -7.55 0.39 0.14
C VAL A 42 -6.11 0.18 0.60
N PHE A 43 -5.45 -0.79 -0.02
CA PHE A 43 -4.08 -1.11 0.32
C PHE A 43 -3.10 -0.22 -0.45
N SER A 44 -3.28 1.08 -0.28
CA SER A 44 -2.42 2.04 -0.95
C SER A 44 -1.94 3.11 0.05
N ALA A 45 -0.73 2.90 0.55
CA ALA A 45 -0.15 3.82 1.51
C ALA A 45 1.13 4.42 0.91
N THR A 46 1.42 5.65 1.32
CA THR A 46 2.60 6.34 0.84
C THR A 46 3.42 6.88 2.02
N LEU A 47 4.44 6.11 2.36
CA LEU A 47 5.32 6.49 3.46
C LEU A 47 6.32 7.53 2.98
N GLY A 48 6.72 8.40 3.90
CA GLY A 48 7.67 9.45 3.58
C GLY A 48 8.36 9.97 4.84
N LEU A 49 9.68 9.98 4.78
CA LEU A 49 10.48 10.44 5.91
C LEU A 49 11.61 11.33 5.40
N VAL A 50 11.76 12.48 6.05
CA VAL A 50 12.80 13.42 5.67
C VAL A 50 13.42 14.03 6.94
N ASP A 51 14.74 13.88 7.04
CA ASP A 51 15.45 14.41 8.19
C ASP A 51 15.65 15.92 8.01
N ILE A 52 15.69 16.62 9.14
CA ILE A 52 15.87 18.06 9.12
C ILE A 52 17.35 18.38 9.33
N VAL A 53 18.00 17.54 10.11
CA VAL A 53 19.42 17.72 10.40
C VAL A 53 20.24 17.14 9.25
N LYS A 54 20.10 15.84 9.05
CA LYS A 54 20.82 15.15 7.99
C LYS A 54 20.39 15.72 6.64
N GLY A 55 19.30 16.47 6.66
CA GLY A 55 18.78 17.08 5.45
C GLY A 55 18.56 16.03 4.35
N THR A 56 18.35 14.80 4.79
CA THR A 56 18.13 13.69 3.88
C THR A 56 16.64 13.38 3.77
N ASN A 57 16.14 13.41 2.55
CA ASN A 57 14.74 13.13 2.30
C ASN A 57 14.58 11.66 1.90
N SER A 58 13.47 11.09 2.32
CA SER A 58 13.18 9.69 2.02
C SER A 58 11.69 9.51 1.73
N TYR A 59 11.41 8.65 0.77
CA TYR A 59 10.04 8.38 0.38
C TYR A 59 9.83 6.89 0.09
N TYR A 60 8.72 6.37 0.59
CA TYR A 60 8.40 4.96 0.40
C TYR A 60 6.97 4.80 -0.12
N LYS A 61 6.76 3.73 -0.88
CA LYS A 61 5.46 3.45 -1.45
C LYS A 61 5.13 1.96 -1.25
N LEU A 62 3.87 1.71 -0.94
CA LEU A 62 3.41 0.34 -0.73
C LEU A 62 1.99 0.19 -1.28
N GLN A 63 1.82 -0.85 -2.09
CA GLN A 63 0.53 -1.13 -2.69
C GLN A 63 0.38 -2.62 -2.97
N LEU A 64 -0.82 -3.13 -2.71
CA LEU A 64 -1.10 -4.54 -2.93
C LEU A 64 -2.06 -4.67 -4.11
N LEU A 65 -1.67 -5.53 -5.05
CA LEU A 65 -2.49 -5.77 -6.23
C LEU A 65 -2.95 -7.24 -6.24
N GLU A 66 -4.22 -7.41 -6.53
CA GLU A 66 -4.80 -8.74 -6.58
C GLU A 66 -5.24 -9.08 -8.01
N ASP A 67 -5.10 -10.36 -8.34
CA ASP A 67 -5.48 -10.82 -9.67
C ASP A 67 -6.97 -10.55 -9.89
N ASP A 68 -7.27 -9.98 -11.06
CA ASP A 68 -8.65 -9.67 -11.40
C ASP A 68 -9.49 -10.94 -11.31
N LYS A 69 -8.80 -12.07 -11.34
CA LYS A 69 -9.48 -13.36 -11.26
C LYS A 69 -9.57 -13.79 -9.80
N GLU A 70 -9.25 -12.86 -8.91
CA GLU A 70 -9.30 -13.13 -7.49
C GLU A 70 -8.75 -14.53 -7.20
N ASN A 71 -7.45 -14.57 -6.91
CA ASN A 71 -6.80 -15.83 -6.62
C ASN A 71 -5.30 -15.59 -6.40
N ARG A 72 -4.76 -14.67 -7.19
CA ARG A 72 -3.35 -14.34 -7.10
C ARG A 72 -3.18 -12.88 -6.64
N TYR A 73 -2.04 -12.62 -6.02
CA TYR A 73 -1.75 -11.28 -5.54
C TYR A 73 -0.25 -10.98 -5.66
N TRP A 74 0.05 -9.68 -5.64
CA TRP A 74 1.43 -9.24 -5.74
C TRP A 74 1.71 -8.25 -4.61
N ILE A 75 2.97 -7.91 -4.47
CA ILE A 75 3.38 -6.97 -3.43
C ILE A 75 4.29 -5.91 -4.02
N PHE A 76 3.76 -4.70 -4.13
CA PHE A 76 4.52 -3.59 -4.68
C PHE A 76 5.18 -2.76 -3.57
N ARG A 77 6.49 -2.64 -3.67
CA ARG A 77 7.25 -1.88 -2.68
C ARG A 77 8.36 -1.08 -3.38
N SER A 78 8.25 0.23 -3.29
CA SER A 78 9.23 1.12 -3.89
C SER A 78 9.83 2.03 -2.82
N TRP A 79 11.13 2.26 -2.94
CA TRP A 79 11.83 3.12 -2.01
C TRP A 79 12.70 4.09 -2.81
N GLY A 80 13.56 4.80 -2.09
CA GLY A 80 14.45 5.76 -2.71
C GLY A 80 14.34 7.13 -2.05
N ARG A 81 15.49 7.78 -1.92
CA ARG A 81 15.54 9.09 -1.30
C ARG A 81 15.07 10.17 -2.29
N VAL A 82 14.99 11.39 -1.78
CA VAL A 82 14.56 12.51 -2.61
C VAL A 82 15.63 13.60 -2.57
N GLY A 83 16.40 13.66 -3.66
CA GLY A 83 17.46 14.65 -3.76
C GLY A 83 18.82 14.04 -3.36
N THR A 84 18.81 12.73 -3.16
CA THR A 84 20.01 12.03 -2.78
C THR A 84 20.58 11.23 -3.96
N VAL A 85 19.94 10.11 -4.23
CA VAL A 85 20.36 9.25 -5.34
C VAL A 85 19.55 7.95 -5.31
N ILE A 86 19.54 7.32 -4.14
CA ILE A 86 18.81 6.07 -3.97
C ILE A 86 17.49 6.16 -4.71
N GLY A 87 17.12 5.05 -5.34
CA GLY A 87 15.88 4.98 -6.10
C GLY A 87 15.73 3.64 -6.80
N SER A 88 14.66 2.94 -6.47
CA SER A 88 14.40 1.64 -7.06
C SER A 88 13.06 1.10 -6.56
N ASN A 89 12.57 0.08 -7.25
CA ASN A 89 11.31 -0.54 -6.88
C ASN A 89 11.46 -2.07 -6.92
N LYS A 90 10.60 -2.73 -6.17
CA LYS A 90 10.63 -4.18 -6.11
C LYS A 90 9.19 -4.72 -6.09
N LEU A 91 8.99 -5.81 -6.80
CA LEU A 91 7.67 -6.44 -6.86
C LEU A 91 7.81 -7.94 -6.61
N GLU A 92 6.81 -8.47 -5.92
CA GLU A 92 6.80 -9.89 -5.59
C GLU A 92 5.38 -10.44 -5.68
N GLN A 93 5.28 -11.71 -6.04
CA GLN A 93 4.00 -12.38 -6.16
C GLN A 93 3.66 -13.12 -4.87
N MET A 94 2.38 -13.11 -4.53
CA MET A 94 1.92 -13.78 -3.33
C MET A 94 1.07 -14.99 -3.68
N PRO A 95 1.16 -16.04 -2.81
CA PRO A 95 0.41 -17.26 -3.02
C PRO A 95 -1.07 -17.06 -2.65
N SER A 96 -1.29 -16.67 -1.40
CA SER A 96 -2.63 -16.43 -0.92
C SER A 96 -2.85 -14.93 -0.66
N LYS A 97 -4.11 -14.54 -0.72
CA LYS A 97 -4.46 -13.14 -0.49
C LYS A 97 -3.85 -12.68 0.82
N GLU A 98 -4.07 -13.48 1.86
CA GLU A 98 -3.55 -13.16 3.18
C GLU A 98 -2.02 -13.02 3.12
N ASP A 99 -1.38 -14.08 2.63
CA ASP A 99 0.07 -14.08 2.53
C ASP A 99 0.54 -12.77 1.91
N ALA A 100 -0.35 -12.16 1.13
CA ALA A 100 -0.04 -10.91 0.47
C ALA A 100 -0.27 -9.75 1.46
N ILE A 101 -1.41 -9.79 2.11
CA ILE A 101 -1.77 -8.77 3.08
C ILE A 101 -0.73 -8.77 4.22
N GLU A 102 -0.59 -9.93 4.84
CA GLU A 102 0.36 -10.07 5.94
C GLU A 102 1.63 -9.29 5.65
N HIS A 103 2.22 -9.57 4.48
CA HIS A 103 3.44 -8.91 4.07
C HIS A 103 3.20 -7.40 4.00
N PHE A 104 2.14 -7.04 3.28
CA PHE A 104 1.78 -5.64 3.12
C PHE A 104 1.54 -4.98 4.48
N MET A 105 1.06 -5.78 5.42
CA MET A 105 0.77 -5.29 6.75
C MET A 105 2.05 -5.18 7.58
N LYS A 106 2.94 -6.15 7.37
CA LYS A 106 4.20 -6.18 8.09
C LYS A 106 5.16 -5.16 7.47
N LEU A 107 5.25 -5.20 6.15
CA LEU A 107 6.12 -4.30 5.42
C LEU A 107 5.88 -2.87 5.91
N TYR A 108 4.64 -2.42 5.74
CA TYR A 108 4.26 -1.08 6.16
C TYR A 108 4.42 -0.91 7.67
N GLU A 109 4.67 -2.03 8.34
CA GLU A 109 4.84 -2.02 9.78
C GLU A 109 6.33 -2.00 10.13
N GLU A 110 7.14 -2.41 9.16
CA GLU A 110 8.57 -2.45 9.36
C GLU A 110 9.17 -1.05 9.21
N LYS A 111 8.54 -0.25 8.35
CA LYS A 111 8.98 1.10 8.11
C LYS A 111 8.53 2.00 9.27
N THR A 112 7.23 2.20 9.35
CA THR A 112 6.65 3.03 10.40
C THR A 112 6.91 2.40 11.77
N GLY A 113 7.00 1.08 11.77
CA GLY A 113 7.24 0.34 13.00
C GLY A 113 5.92 0.00 13.71
N ASN A 114 4.88 0.73 13.32
CA ASN A 114 3.56 0.50 13.90
C ASN A 114 2.76 -0.43 13.00
N ALA A 115 1.72 -1.02 13.58
CA ALA A 115 0.87 -1.94 12.84
C ALA A 115 0.01 -1.15 11.87
N TRP A 116 -0.18 -1.72 10.69
CA TRP A 116 -0.99 -1.09 9.67
C TRP A 116 -2.39 -0.89 10.23
N HIS A 117 -2.91 -1.95 10.84
CA HIS A 117 -4.24 -1.89 11.42
C HIS A 117 -4.13 -1.69 12.93
N SER A 118 -3.54 -0.56 13.31
CA SER A 118 -3.38 -0.23 14.71
C SER A 118 -4.39 0.84 15.13
N LYS A 119 -4.44 1.08 16.43
CA LYS A 119 -5.35 2.06 16.97
C LYS A 119 -4.87 3.47 16.60
N ASN A 120 -3.76 3.84 17.21
CA ASN A 120 -3.17 5.15 16.95
C ASN A 120 -1.82 4.98 16.25
N PHE A 121 -1.28 6.10 15.80
CA PHE A 121 0.01 6.09 15.12
C PHE A 121 1.05 6.90 15.89
N THR A 122 2.09 6.21 16.33
CA THR A 122 3.15 6.85 17.09
C THR A 122 4.31 7.22 16.16
N LYS A 123 4.42 8.52 15.89
CA LYS A 123 5.47 9.02 15.03
C LYS A 123 6.83 8.84 15.73
N TYR A 124 7.46 7.71 15.45
CA TYR A 124 8.75 7.40 16.03
C TYR A 124 9.88 8.09 15.26
N PRO A 125 11.09 8.09 15.88
CA PRO A 125 12.26 8.70 15.26
C PRO A 125 12.80 7.83 14.13
N LYS A 126 12.84 8.42 12.94
CA LYS A 126 13.34 7.70 11.77
C LYS A 126 12.18 6.93 11.12
N LYS A 127 11.34 6.36 11.97
CA LYS A 127 10.20 5.60 11.49
C LYS A 127 9.47 6.41 10.43
N PHE A 128 9.10 5.73 9.36
CA PHE A 128 8.39 6.37 8.27
C PHE A 128 6.94 6.66 8.64
N TYR A 129 6.34 7.60 7.92
CA TYR A 129 4.96 7.97 8.17
C TYR A 129 4.21 8.22 6.87
N PRO A 130 2.85 8.24 6.97
CA PRO A 130 2.02 8.46 5.81
C PRO A 130 2.03 9.94 5.40
N LEU A 131 2.51 10.18 4.19
CA LEU A 131 2.59 11.53 3.68
C LEU A 131 1.17 12.10 3.53
N GLU A 132 0.43 11.50 2.61
CA GLU A 132 -0.93 11.93 2.36
C GLU A 132 -1.89 11.33 3.40
N ILE A 133 -2.64 12.21 4.04
CA ILE A 133 -3.58 11.79 5.06
C ILE A 133 -4.99 12.26 4.67
N SER A 134 -5.26 13.52 4.95
CA SER A 134 -6.56 14.10 4.63
C SER A 134 -7.62 13.56 5.59
N GLY A 135 -8.01 14.42 6.53
CA GLY A 135 -9.01 14.05 7.51
C GLY A 135 -8.43 14.10 8.92
N PRO A 136 -9.30 14.51 9.88
CA PRO A 136 -8.89 14.61 11.28
C PRO A 136 -8.78 13.22 11.91
N SER A 137 -8.26 13.20 13.13
CA SER A 137 -8.09 11.96 13.86
C SER A 137 -7.93 12.24 15.35
N SER A 138 -8.26 11.24 16.16
CA SER A 138 -8.16 11.36 17.59
C SER A 138 -8.87 12.64 18.06
N GLY A 139 -10.18 12.52 18.21
CA GLY A 139 -10.99 13.65 18.65
C GLY A 139 -11.63 14.36 17.45
#